data_1KQQ
#
_entry.id   1KQQ
#
loop_
_entity.id
_entity.type
_entity.pdbx_description
1 polymer "5'-D(*CP*CP*TP*GP*TP*AP*TP*TP*GP*AP*TP*GP*TP*GP*G)-3'"
2 polymer "5'-D(*CP*CP*AP*CP*AP*TP*CP*AP*AP*TP*AP*CP*AP*GP*G)-3'"
3 polymer 'DEAD RINGER PROTEIN'
#
loop_
_entity_poly.entity_id
_entity_poly.type
_entity_poly.pdbx_seq_one_letter_code
_entity_poly.pdbx_strand_id
1 'polydeoxyribonucleotide' (DC)(DC)(DT)(DG)(DT)(DA)(DT)(DT)(DG)(DA)(DT)(DG)(DT)(DG)(DG) B
2 'polydeoxyribonucleotide' (DC)(DC)(DA)(DC)(DA)(DT)(DC)(DA)(DA)(DT)(DA)(DC)(DA)(DG)(DG) C
3 'polypeptide(L)'
;GSGWSFEEQFKQVRQLYEINDDPKRKEFLDDLFSFMQKRGTPINRLPIMAKSVLDLYELYNLVIARGGLVDVINKKLWQE
IIKGLHLPSSITSAALTLRTQYMKYLYPYECEKKNLSTPAELQAAIDGNRREGRRSSYG
;
A
#
loop_
_chem_comp.id
_chem_comp.type
_chem_comp.name
_chem_comp.formula
DA DNA linking 2'-DEOXYADENOSINE-5'-MONOPHOSPHATE 'C10 H14 N5 O6 P'
DC DNA linking 2'-DEOXYCYTIDINE-5'-MONOPHOSPHATE 'C9 H14 N3 O7 P'
DG DNA linking 2'-DEOXYGUANOSINE-5'-MONOPHOSPHATE 'C10 H14 N5 O7 P'
DT DNA linking THYMIDINE-5'-MONOPHOSPHATE 'C10 H15 N2 O8 P'
#
# COMPACT_ATOMS: atom_id res chain seq x y z
N GLY C 3 -7.50 16.96 15.36
CA GLY C 3 -6.40 16.25 14.64
C GLY C 3 -7.00 15.24 13.65
N TRP C 4 -8.08 14.61 14.02
CA TRP C 4 -8.73 13.63 13.10
C TRP C 4 -10.11 14.14 12.68
N SER C 5 -10.17 14.89 11.61
CA SER C 5 -11.47 15.42 11.14
C SER C 5 -11.85 14.79 9.80
N PHE C 6 -13.09 14.41 9.64
CA PHE C 6 -13.51 13.75 8.38
C PHE C 6 -13.20 14.66 7.19
N GLU C 7 -13.38 15.95 7.33
CA GLU C 7 -13.08 16.86 6.19
C GLU C 7 -11.59 16.75 5.86
N GLU C 8 -10.75 16.76 6.86
CA GLU C 8 -9.28 16.66 6.60
C GLU C 8 -9.00 15.39 5.79
N GLN C 9 -9.68 14.32 6.10
CA GLN C 9 -9.48 13.05 5.35
C GLN C 9 -10.14 13.18 3.97
N PHE C 10 -11.24 13.87 3.88
CA PHE C 10 -11.93 14.01 2.56
C PHE C 10 -10.96 14.62 1.54
N LYS C 11 -10.31 15.68 1.88
CA LYS C 11 -9.35 16.29 0.92
C LYS C 11 -8.25 15.27 0.59
N GLN C 12 -7.87 14.49 1.56
CA GLN C 12 -6.81 13.47 1.33
C GLN C 12 -7.30 12.40 0.35
N VAL C 13 -8.46 11.84 0.57
CA VAL C 13 -8.95 10.79 -0.37
C VAL C 13 -9.40 11.47 -1.67
N ARG C 14 -9.95 12.64 -1.61
CA ARG C 14 -10.35 13.31 -2.87
C ARG C 14 -9.11 13.38 -3.76
N GLN C 15 -7.98 13.67 -3.17
CA GLN C 15 -6.73 13.71 -3.95
C GLN C 15 -6.51 12.34 -4.59
N LEU C 16 -6.92 11.30 -3.93
CA LEU C 16 -6.73 9.94 -4.50
C LEU C 16 -7.64 9.71 -5.72
N TYR C 17 -8.85 10.21 -5.71
CA TYR C 17 -9.73 9.98 -6.88
C TYR C 17 -9.37 10.93 -8.02
N GLU C 18 -8.94 12.12 -7.71
CA GLU C 18 -8.60 13.09 -8.79
C GLU C 18 -7.41 12.60 -9.60
N ILE C 19 -6.53 11.88 -8.97
CA ILE C 19 -5.32 11.38 -9.67
C ILE C 19 -5.64 11.01 -11.13
N ASN C 20 -6.78 10.41 -11.38
CA ASN C 20 -7.10 10.04 -12.79
C ASN C 20 -8.53 9.53 -12.90
N ASP C 21 -9.04 9.47 -14.10
CA ASP C 21 -10.43 9.00 -14.32
C ASP C 21 -10.45 7.49 -14.55
N ASP C 22 -10.09 6.73 -13.55
CA ASP C 22 -10.10 5.24 -13.71
C ASP C 22 -11.20 4.66 -12.80
N PRO C 23 -12.37 4.41 -13.33
CA PRO C 23 -13.51 3.85 -12.55
C PRO C 23 -13.09 2.65 -11.70
N LYS C 24 -12.30 1.77 -12.25
CA LYS C 24 -11.86 0.58 -11.47
C LYS C 24 -11.09 1.08 -10.23
N ARG C 25 -10.28 2.08 -10.41
CA ARG C 25 -9.50 2.64 -9.26
C ARG C 25 -10.45 3.17 -8.19
N LYS C 26 -11.52 3.79 -8.58
CA LYS C 26 -12.48 4.34 -7.58
C LYS C 26 -13.01 3.20 -6.70
N GLU C 27 -13.45 2.14 -7.31
CA GLU C 27 -13.98 0.99 -6.52
C GLU C 27 -12.94 0.57 -5.49
N PHE C 28 -11.69 0.59 -5.85
CA PHE C 28 -10.62 0.20 -4.89
C PHE C 28 -10.58 1.17 -3.72
N LEU C 29 -10.32 2.42 -3.99
CA LEU C 29 -10.26 3.42 -2.90
C LEU C 29 -11.58 3.38 -2.12
N ASP C 30 -12.68 3.38 -2.83
CA ASP C 30 -14.00 3.33 -2.14
C ASP C 30 -14.09 2.03 -1.34
N ASP C 31 -13.79 0.92 -1.95
CA ASP C 31 -13.87 -0.37 -1.23
C ASP C 31 -12.81 -0.42 -0.13
N LEU C 32 -11.62 0.04 -0.42
CA LEU C 32 -10.55 -0.01 0.61
C LEU C 32 -10.98 0.76 1.86
N PHE C 33 -11.45 1.96 1.72
CA PHE C 33 -11.86 2.70 2.94
C PHE C 33 -13.00 1.90 3.58
N SER C 34 -13.83 1.29 2.77
CA SER C 34 -14.95 0.48 3.33
C SER C 34 -14.39 -0.79 3.97
N PHE C 35 -13.62 -1.52 3.22
CA PHE C 35 -13.03 -2.80 3.72
C PHE C 35 -12.21 -2.54 4.99
N MET C 36 -11.41 -1.51 4.99
CA MET C 36 -10.59 -1.22 6.19
C MET C 36 -11.50 -1.07 7.40
N GLN C 37 -12.67 -0.53 7.22
CA GLN C 37 -13.59 -0.38 8.39
C GLN C 37 -13.76 -1.75 9.04
N LYS C 38 -13.90 -2.78 8.26
CA LYS C 38 -14.04 -4.15 8.82
C LYS C 38 -12.73 -4.56 9.51
N ARG C 39 -11.63 -4.22 8.90
CA ARG C 39 -10.32 -4.61 9.47
C ARG C 39 -10.11 -3.92 10.82
N GLY C 40 -10.66 -2.74 11.00
CA GLY C 40 -10.47 -2.05 12.29
C GLY C 40 -9.28 -1.09 12.15
N THR C 41 -8.70 -1.07 10.98
CA THR C 41 -7.55 -0.16 10.74
C THR C 41 -7.94 0.84 9.67
N PRO C 42 -8.58 1.91 10.04
CA PRO C 42 -9.03 2.95 9.08
C PRO C 42 -7.91 3.93 8.76
N ILE C 43 -7.85 4.44 7.56
CA ILE C 43 -6.75 5.37 7.21
C ILE C 43 -7.13 6.81 7.58
N ASN C 44 -6.56 7.33 8.64
CA ASN C 44 -6.87 8.72 9.03
C ASN C 44 -5.95 9.66 8.25
N ARG C 45 -4.98 9.10 7.59
CA ARG C 45 -4.02 9.91 6.79
C ARG C 45 -3.41 9.01 5.71
N LEU C 46 -3.62 9.30 4.46
CA LEU C 46 -3.02 8.41 3.41
C LEU C 46 -1.51 8.62 3.40
N PRO C 47 -0.72 7.58 3.27
CA PRO C 47 0.75 7.76 3.18
C PRO C 47 1.07 8.74 2.07
N ILE C 48 1.94 9.69 2.31
CA ILE C 48 2.26 10.68 1.24
C ILE C 48 3.63 10.38 0.65
N MET C 49 3.81 10.69 -0.60
CA MET C 49 5.12 10.45 -1.26
C MET C 49 5.41 11.61 -2.22
N ALA C 50 6.51 12.28 -2.01
CA ALA C 50 6.86 13.43 -2.87
C ALA C 50 5.79 14.51 -2.69
N LYS C 51 5.39 14.72 -1.48
CA LYS C 51 4.33 15.75 -1.18
C LYS C 51 3.05 15.39 -1.92
N SER C 52 2.83 14.12 -2.18
CA SER C 52 1.60 13.71 -2.90
C SER C 52 1.03 12.45 -2.24
N VAL C 53 -0.24 12.21 -2.36
CA VAL C 53 -0.84 11.00 -1.74
C VAL C 53 -0.36 9.75 -2.47
N LEU C 54 -0.21 8.66 -1.77
CA LEU C 54 0.27 7.41 -2.43
C LEU C 54 -0.93 6.69 -3.05
N ASP C 55 -0.83 6.35 -4.30
CA ASP C 55 -1.95 5.64 -4.99
C ASP C 55 -2.13 4.24 -4.37
N LEU C 56 -2.94 4.11 -3.35
CA LEU C 56 -3.13 2.78 -2.72
C LEU C 56 -3.55 1.77 -3.78
N TYR C 57 -4.16 2.22 -4.84
CA TYR C 57 -4.62 1.27 -5.89
C TYR C 57 -3.44 0.79 -6.74
N GLU C 58 -2.69 1.68 -7.32
CA GLU C 58 -1.57 1.22 -8.19
C GLU C 58 -0.57 0.41 -7.35
N LEU C 59 -0.35 0.79 -6.13
CA LEU C 59 0.59 0.00 -5.29
C LEU C 59 0.05 -1.42 -5.19
N TYR C 60 -1.21 -1.56 -4.96
CA TYR C 60 -1.83 -2.90 -4.86
C TYR C 60 -1.55 -3.70 -6.14
N ASN C 61 -2.13 -3.29 -7.24
CA ASN C 61 -1.93 -4.04 -8.52
C ASN C 61 -0.48 -4.47 -8.71
N LEU C 62 0.47 -3.63 -8.37
CA LEU C 62 1.88 -4.06 -8.55
C LEU C 62 2.18 -5.12 -7.49
N VAL C 63 1.76 -4.90 -6.28
CA VAL C 63 2.01 -5.91 -5.22
C VAL C 63 1.36 -7.25 -5.61
N ILE C 64 0.14 -7.25 -6.07
CA ILE C 64 -0.51 -8.53 -6.45
C ILE C 64 0.21 -9.08 -7.69
N ALA C 65 0.62 -8.20 -8.55
CA ALA C 65 1.29 -8.63 -9.81
C ALA C 65 2.47 -9.55 -9.47
N ARG C 66 3.05 -9.43 -8.31
CA ARG C 66 4.19 -10.32 -7.97
C ARG C 66 3.66 -11.58 -7.26
N GLY C 67 2.38 -11.62 -7.03
CA GLY C 67 1.77 -12.83 -6.40
C GLY C 67 1.84 -12.77 -4.86
N GLY C 68 2.00 -11.60 -4.27
CA GLY C 68 2.05 -11.54 -2.77
C GLY C 68 3.17 -10.62 -2.28
N LEU C 69 2.85 -9.75 -1.36
CA LEU C 69 3.84 -8.79 -0.81
C LEU C 69 5.13 -9.52 -0.40
N VAL C 70 5.01 -10.70 0.17
CA VAL C 70 6.24 -11.43 0.61
C VAL C 70 7.19 -11.69 -0.57
N ASP C 71 6.67 -12.08 -1.71
CA ASP C 71 7.56 -12.33 -2.88
C ASP C 71 8.38 -11.08 -3.17
N VAL C 72 7.78 -9.93 -3.05
CA VAL C 72 8.49 -8.65 -3.31
C VAL C 72 9.63 -8.48 -2.30
N ILE C 73 9.40 -8.76 -1.05
CA ILE C 73 10.48 -8.60 -0.05
C ILE C 73 11.61 -9.61 -0.33
N ASN C 74 11.30 -10.87 -0.35
CA ASN C 74 12.34 -11.90 -0.59
C ASN C 74 13.05 -11.64 -1.92
N LYS C 75 12.30 -11.31 -2.94
CA LYS C 75 12.93 -11.06 -4.26
C LYS C 75 13.22 -9.57 -4.47
N LYS C 76 12.77 -8.74 -3.57
CA LYS C 76 12.99 -7.26 -3.72
C LYS C 76 12.38 -6.76 -5.03
N LEU C 77 11.11 -6.94 -5.23
CA LEU C 77 10.50 -6.43 -6.48
C LEU C 77 9.97 -5.01 -6.22
N TRP C 78 10.37 -4.41 -5.13
CA TRP C 78 9.92 -3.02 -4.84
C TRP C 78 10.48 -2.09 -5.90
N GLN C 79 11.70 -2.31 -6.35
CA GLN C 79 12.25 -1.40 -7.39
C GLN C 79 11.22 -1.30 -8.52
N GLU C 80 10.60 -2.39 -8.87
CA GLU C 80 9.57 -2.34 -9.95
C GLU C 80 8.37 -1.54 -9.42
N ILE C 81 8.00 -1.75 -8.19
CA ILE C 81 6.86 -0.98 -7.61
C ILE C 81 7.27 0.48 -7.47
N ILE C 82 8.39 0.72 -6.84
CA ILE C 82 8.86 2.12 -6.64
C ILE C 82 8.90 2.83 -8.00
N LYS C 83 9.57 2.25 -8.96
CA LYS C 83 9.64 2.90 -10.31
C LYS C 83 8.29 2.78 -11.01
N GLY C 84 7.63 1.65 -10.88
CA GLY C 84 6.31 1.48 -11.56
C GLY C 84 5.41 2.67 -11.23
N LEU C 85 5.57 3.23 -10.06
CA LEU C 85 4.75 4.41 -9.68
C LEU C 85 5.48 5.69 -10.07
N HIS C 86 6.70 5.56 -10.53
CA HIS C 86 7.49 6.75 -10.95
C HIS C 86 7.78 7.64 -9.73
N LEU C 87 8.11 7.04 -8.62
CA LEU C 87 8.45 7.84 -7.42
C LEU C 87 9.81 8.50 -7.60
N PRO C 88 10.01 9.67 -7.03
CA PRO C 88 11.32 10.39 -7.15
C PRO C 88 12.41 9.76 -6.27
N SER C 89 13.62 9.71 -6.78
CA SER C 89 14.74 9.11 -5.99
C SER C 89 14.96 9.89 -4.69
N SER C 90 14.20 10.93 -4.47
CA SER C 90 14.41 11.75 -3.25
C SER C 90 14.06 10.92 -2.00
N ILE C 91 13.24 9.90 -2.14
CA ILE C 91 12.92 9.06 -0.95
C ILE C 91 13.79 7.81 -0.97
N THR C 92 14.77 7.74 -0.12
CA THR C 92 15.66 6.54 -0.07
C THR C 92 14.92 5.40 0.62
N SER C 93 13.98 5.73 1.47
CA SER C 93 13.20 4.68 2.18
C SER C 93 11.89 4.42 1.43
N ALA C 94 11.92 4.51 0.13
CA ALA C 94 10.67 4.26 -0.66
C ALA C 94 10.22 2.83 -0.39
N ALA C 95 11.01 1.86 -0.80
CA ALA C 95 10.62 0.44 -0.57
C ALA C 95 10.18 0.27 0.88
N LEU C 96 10.99 0.69 1.83
CA LEU C 96 10.60 0.52 3.26
C LEU C 96 9.27 1.26 3.50
N THR C 97 9.13 2.44 2.96
CA THR C 97 7.85 3.18 3.15
C THR C 97 6.73 2.35 2.56
N LEU C 98 6.98 1.74 1.44
CA LEU C 98 5.94 0.91 0.79
C LEU C 98 5.72 -0.36 1.61
N ARG C 99 6.76 -1.02 2.01
CA ARG C 99 6.61 -2.28 2.80
C ARG C 99 6.00 -1.98 4.16
N THR C 100 6.56 -1.06 4.88
CA THR C 100 6.01 -0.74 6.22
C THR C 100 4.53 -0.38 6.11
N GLN C 101 4.20 0.57 5.28
CA GLN C 101 2.77 0.98 5.16
C GLN C 101 1.90 -0.14 4.56
N TYR C 102 2.34 -0.83 3.53
CA TYR C 102 1.49 -1.92 2.97
C TYR C 102 1.14 -2.89 4.07
N MET C 103 2.08 -3.21 4.91
CA MET C 103 1.82 -4.17 6.01
C MET C 103 0.60 -3.71 6.83
N LYS C 104 0.59 -2.48 7.25
CA LYS C 104 -0.53 -1.99 8.11
C LYS C 104 -1.84 -1.81 7.34
N TYR C 105 -1.81 -1.07 6.26
CA TYR C 105 -3.09 -0.75 5.52
C TYR C 105 -3.52 -1.80 4.50
N LEU C 106 -2.68 -2.21 3.58
CA LEU C 106 -3.14 -3.17 2.53
C LEU C 106 -2.86 -4.64 2.86
N TYR C 107 -2.32 -4.95 4.00
CA TYR C 107 -2.06 -6.40 4.28
C TYR C 107 -3.39 -7.18 4.33
N PRO C 108 -4.44 -6.59 4.84
CA PRO C 108 -5.76 -7.27 4.91
C PRO C 108 -6.40 -7.51 3.53
N TYR C 109 -6.53 -6.47 2.76
CA TYR C 109 -7.14 -6.60 1.41
C TYR C 109 -6.33 -7.63 0.59
N GLU C 110 -5.02 -7.51 0.59
CA GLU C 110 -4.18 -8.47 -0.18
C GLU C 110 -4.23 -9.87 0.45
N CYS C 111 -4.13 -9.95 1.74
CA CYS C 111 -4.13 -11.29 2.39
C CYS C 111 -5.56 -11.82 2.56
N GLU C 112 -6.46 -11.01 3.03
CA GLU C 112 -7.84 -11.51 3.26
C GLU C 112 -8.54 -11.83 1.94
N LYS C 113 -8.56 -10.92 1.00
CA LYS C 113 -9.26 -11.19 -0.29
C LYS C 113 -8.49 -12.19 -1.17
N LYS C 114 -7.18 -12.17 -1.13
CA LYS C 114 -6.40 -13.09 -2.01
C LYS C 114 -5.61 -14.14 -1.20
N ASN C 115 -5.21 -13.83 0.00
CA ASN C 115 -4.45 -14.83 0.81
C ASN C 115 -3.19 -15.29 0.06
N LEU C 116 -2.46 -14.36 -0.51
CA LEU C 116 -1.23 -14.73 -1.26
C LEU C 116 -0.18 -15.30 -0.32
N SER C 117 -0.17 -14.86 0.91
CA SER C 117 0.86 -15.37 1.86
C SER C 117 0.37 -15.28 3.31
N THR C 118 1.25 -15.46 4.25
CA THR C 118 0.85 -15.41 5.69
C THR C 118 1.78 -14.44 6.46
N PRO C 119 1.36 -13.95 7.61
CA PRO C 119 2.21 -13.01 8.40
C PRO C 119 3.59 -13.60 8.72
N ALA C 120 3.66 -14.87 9.04
CA ALA C 120 4.98 -15.48 9.36
C ALA C 120 5.87 -15.43 8.12
N GLU C 121 5.31 -15.63 6.96
CA GLU C 121 6.15 -15.54 5.75
C GLU C 121 6.58 -14.09 5.60
N LEU C 122 5.66 -13.17 5.76
CA LEU C 122 5.99 -11.73 5.66
C LEU C 122 6.92 -11.32 6.79
N GLN C 123 6.56 -11.60 8.02
CA GLN C 123 7.46 -11.26 9.16
C GLN C 123 8.81 -11.94 8.94
N ALA C 124 8.80 -13.18 8.55
CA ALA C 124 10.10 -13.88 8.31
C ALA C 124 10.86 -13.16 7.19
N ALA C 125 10.16 -12.70 6.19
CA ALA C 125 10.83 -11.97 5.07
C ALA C 125 11.36 -10.65 5.60
N ILE C 126 10.63 -10.07 6.50
CA ILE C 126 11.06 -8.80 7.09
C ILE C 126 12.35 -9.05 7.87
N ASP C 127 12.35 -10.05 8.70
CA ASP C 127 13.59 -10.37 9.47
C ASP C 127 14.70 -10.72 8.48
N GLY C 128 14.36 -11.41 7.43
CA GLY C 128 15.38 -11.80 6.41
C GLY C 128 16.00 -10.55 5.80
N ASN C 129 15.24 -9.50 5.63
CA ASN C 129 15.83 -8.26 5.02
C ASN C 129 16.30 -7.31 6.12
N ARG C 130 15.66 -7.30 7.26
CA ARG C 130 16.11 -6.39 8.34
C ARG C 130 17.51 -6.79 8.80
N ARG C 131 18.32 -5.83 9.17
CA ARG C 131 19.70 -6.14 9.62
C ARG C 131 19.64 -6.98 10.89
N GLU C 132 20.50 -7.97 11.02
CA GLU C 132 20.49 -8.82 12.23
C GLU C 132 20.89 -7.99 13.44
N GLY C 133 21.54 -6.90 13.19
CA GLY C 133 21.98 -6.02 14.31
C GLY C 133 22.99 -4.99 13.79
N GLY C 3 -9.77 13.42 16.67
CA GLY C 3 -11.11 13.28 16.03
C GLY C 3 -11.06 13.84 14.60
N TRP C 4 -10.76 13.00 13.65
CA TRP C 4 -10.70 13.47 12.23
C TRP C 4 -12.03 13.20 11.54
N SER C 5 -12.80 14.21 11.26
CA SER C 5 -14.11 13.99 10.60
C SER C 5 -13.92 13.37 9.21
N PHE C 6 -14.94 12.74 8.70
CA PHE C 6 -14.82 12.09 7.36
C PHE C 6 -14.45 13.13 6.30
N GLU C 7 -14.82 14.36 6.50
CA GLU C 7 -14.48 15.40 5.48
C GLU C 7 -12.96 15.51 5.38
N GLU C 8 -12.29 15.60 6.49
CA GLU C 8 -10.80 15.72 6.44
C GLU C 8 -10.27 14.62 5.53
N GLN C 9 -10.84 13.44 5.61
CA GLN C 9 -10.40 12.32 4.73
C GLN C 9 -10.94 12.57 3.32
N PHE C 10 -12.14 13.11 3.21
CA PHE C 10 -12.73 13.36 1.87
C PHE C 10 -11.72 14.06 0.98
N LYS C 11 -11.16 15.15 1.44
CA LYS C 11 -10.16 15.87 0.61
C LYS C 11 -8.98 14.93 0.35
N GLN C 12 -8.58 14.19 1.34
CA GLN C 12 -7.42 13.25 1.16
C GLN C 12 -7.77 12.14 0.17
N VAL C 13 -8.88 11.49 0.32
CA VAL C 13 -9.21 10.41 -0.64
C VAL C 13 -9.56 11.04 -1.99
N ARG C 14 -10.24 12.16 -2.00
CA ARG C 14 -10.54 12.80 -3.31
C ARG C 14 -9.24 12.95 -4.07
N GLN C 15 -8.18 13.30 -3.39
CA GLN C 15 -6.87 13.42 -4.08
C GLN C 15 -6.54 12.07 -4.70
N LEU C 16 -6.97 11.00 -4.10
CA LEU C 16 -6.67 9.65 -4.67
C LEU C 16 -7.50 9.37 -5.93
N TYR C 17 -8.74 9.77 -5.97
CA TYR C 17 -9.56 9.48 -7.19
C TYR C 17 -9.17 10.45 -8.33
N GLU C 18 -8.80 11.65 -8.01
CA GLU C 18 -8.46 12.63 -9.08
C GLU C 18 -7.19 12.20 -9.81
N ILE C 19 -6.34 11.47 -9.15
CA ILE C 19 -5.07 11.04 -9.77
C ILE C 19 -5.29 10.69 -11.25
N ASN C 20 -6.40 10.08 -11.58
CA ASN C 20 -6.61 9.72 -13.01
C ASN C 20 -8.05 9.23 -13.22
N ASP C 21 -8.49 9.24 -14.45
CA ASP C 21 -9.87 8.78 -14.77
C ASP C 21 -9.86 7.28 -15.03
N ASP C 22 -9.57 6.51 -14.02
CA ASP C 22 -9.54 5.03 -14.19
C ASP C 22 -10.71 4.43 -13.38
N PRO C 23 -11.84 4.23 -14.01
CA PRO C 23 -13.04 3.67 -13.32
C PRO C 23 -12.69 2.46 -12.46
N LYS C 24 -11.81 1.62 -12.91
CA LYS C 24 -11.43 0.43 -12.11
C LYS C 24 -10.79 0.92 -10.80
N ARG C 25 -9.98 1.94 -10.88
CA ARG C 25 -9.30 2.47 -9.66
C ARG C 25 -10.34 2.95 -8.64
N LYS C 26 -11.41 3.54 -9.10
CA LYS C 26 -12.43 4.05 -8.15
C LYS C 26 -12.98 2.89 -7.32
N GLU C 27 -13.39 1.84 -7.97
CA GLU C 27 -13.93 0.66 -7.23
C GLU C 27 -12.93 0.21 -6.16
N PHE C 28 -11.67 0.25 -6.47
CA PHE C 28 -10.63 -0.17 -5.49
C PHE C 28 -10.67 0.72 -4.24
N LEU C 29 -10.40 1.98 -4.42
CA LEU C 29 -10.40 2.91 -3.25
C LEU C 29 -11.74 2.84 -2.54
N ASP C 30 -12.80 2.83 -3.29
CA ASP C 30 -14.14 2.75 -2.66
C ASP C 30 -14.26 1.46 -1.88
N ASP C 31 -13.89 0.35 -2.47
CA ASP C 31 -13.96 -0.95 -1.75
C ASP C 31 -12.95 -0.95 -0.60
N LEU C 32 -11.76 -0.47 -0.85
CA LEU C 32 -10.72 -0.47 0.21
C LEU C 32 -11.23 0.28 1.45
N PHE C 33 -11.69 1.49 1.29
CA PHE C 33 -12.18 2.20 2.50
C PHE C 33 -13.37 1.42 3.05
N SER C 34 -14.13 0.79 2.18
CA SER C 34 -15.29 0.00 2.63
C SER C 34 -14.82 -1.22 3.41
N PHE C 35 -14.00 -2.04 2.81
CA PHE C 35 -13.50 -3.26 3.50
C PHE C 35 -12.71 -2.88 4.75
N MET C 36 -11.90 -1.87 4.65
CA MET C 36 -11.10 -1.44 5.82
C MET C 36 -11.99 -1.05 7.00
N GLN C 37 -13.08 -0.38 6.75
CA GLN C 37 -13.98 0.03 7.87
C GLN C 37 -14.48 -1.22 8.60
N LYS C 38 -14.83 -2.24 7.88
CA LYS C 38 -15.33 -3.48 8.53
C LYS C 38 -14.25 -4.09 9.43
N ARG C 39 -13.06 -4.21 8.94
CA ARG C 39 -11.96 -4.83 9.76
C ARG C 39 -11.65 -3.99 10.98
N GLY C 40 -11.98 -2.74 10.98
CA GLY C 40 -11.67 -1.90 12.16
C GLY C 40 -10.37 -1.14 11.89
N THR C 41 -9.82 -1.29 10.70
CA THR C 41 -8.56 -0.55 10.38
C THR C 41 -8.83 0.41 9.21
N PRO C 42 -9.36 1.56 9.49
CA PRO C 42 -9.67 2.59 8.46
C PRO C 42 -8.51 3.55 8.24
N ILE C 43 -8.24 3.91 7.01
CA ILE C 43 -7.11 4.86 6.76
C ILE C 43 -7.53 6.26 7.19
N ASN C 44 -7.12 6.68 8.37
CA ASN C 44 -7.48 8.04 8.83
C ASN C 44 -6.81 9.04 7.89
N ARG C 45 -5.56 8.82 7.60
CA ARG C 45 -4.82 9.72 6.68
C ARG C 45 -4.05 8.86 5.68
N LEU C 46 -4.13 9.17 4.43
CA LEU C 46 -3.38 8.34 3.44
C LEU C 46 -1.88 8.62 3.59
N PRO C 47 -1.04 7.63 3.45
CA PRO C 47 0.42 7.85 3.54
C PRO C 47 0.87 8.69 2.35
N ILE C 48 1.68 9.70 2.58
CA ILE C 48 2.10 10.55 1.44
C ILE C 48 3.50 10.16 0.97
N MET C 49 3.73 10.27 -0.30
CA MET C 49 5.06 9.92 -0.85
C MET C 49 5.40 10.93 -1.96
N ALA C 50 6.46 11.67 -1.79
CA ALA C 50 6.84 12.69 -2.81
C ALA C 50 5.82 13.83 -2.77
N LYS C 51 5.45 14.24 -1.59
CA LYS C 51 4.45 15.34 -1.45
C LYS C 51 3.15 14.95 -2.16
N SER C 52 2.93 13.69 -2.37
CA SER C 52 1.68 13.25 -3.06
C SER C 52 1.08 12.06 -2.33
N VAL C 53 -0.21 11.88 -2.42
CA VAL C 53 -0.84 10.72 -1.72
C VAL C 53 -0.40 9.43 -2.39
N LEU C 54 -0.28 8.38 -1.63
CA LEU C 54 0.19 7.09 -2.21
C LEU C 54 -0.96 6.39 -2.94
N ASP C 55 -0.78 6.10 -4.19
CA ASP C 55 -1.86 5.42 -4.99
C ASP C 55 -2.14 4.03 -4.38
N LEU C 56 -3.08 3.94 -3.48
CA LEU C 56 -3.37 2.61 -2.86
C LEU C 56 -3.69 1.59 -3.96
N TYR C 57 -4.21 2.04 -5.07
CA TYR C 57 -4.56 1.08 -6.15
C TYR C 57 -3.33 0.64 -6.94
N GLU C 58 -2.61 1.55 -7.55
CA GLU C 58 -1.42 1.14 -8.34
C GLU C 58 -0.43 0.40 -7.44
N LEU C 59 -0.29 0.80 -6.21
CA LEU C 59 0.63 0.08 -5.31
C LEU C 59 0.10 -1.34 -5.16
N TYR C 60 -1.18 -1.48 -4.99
CA TYR C 60 -1.80 -2.81 -4.86
C TYR C 60 -1.58 -3.60 -6.15
N ASN C 61 -2.20 -3.18 -7.21
CA ASN C 61 -2.04 -3.91 -8.50
C ASN C 61 -0.57 -4.28 -8.69
N LEU C 62 0.33 -3.45 -8.23
CA LEU C 62 1.77 -3.79 -8.38
C LEU C 62 2.08 -4.92 -7.40
N VAL C 63 1.71 -4.74 -6.17
CA VAL C 63 1.99 -5.79 -5.15
C VAL C 63 1.37 -7.12 -5.59
N ILE C 64 0.17 -7.11 -6.08
CA ILE C 64 -0.44 -8.41 -6.52
C ILE C 64 0.32 -8.88 -7.77
N ALA C 65 0.74 -7.95 -8.59
CA ALA C 65 1.45 -8.32 -9.84
C ALA C 65 2.69 -9.16 -9.51
N ARG C 66 3.18 -9.09 -8.30
CA ARG C 66 4.38 -9.91 -7.95
C ARG C 66 3.91 -11.21 -7.31
N GLY C 67 2.62 -11.35 -7.17
CA GLY C 67 2.04 -12.61 -6.60
C GLY C 67 2.08 -12.62 -5.06
N GLY C 68 2.28 -11.50 -4.41
CA GLY C 68 2.29 -11.52 -2.91
C GLY C 68 3.37 -10.59 -2.34
N LEU C 69 2.99 -9.75 -1.40
CA LEU C 69 3.95 -8.80 -0.79
C LEU C 69 5.21 -9.52 -0.32
N VAL C 70 5.07 -10.68 0.27
CA VAL C 70 6.27 -11.42 0.76
C VAL C 70 7.22 -11.67 -0.42
N ASP C 71 6.69 -12.07 -1.54
CA ASP C 71 7.57 -12.32 -2.72
C ASP C 71 8.38 -11.06 -3.01
N VAL C 72 7.76 -9.92 -2.84
CA VAL C 72 8.47 -8.63 -3.08
C VAL C 72 9.59 -8.44 -2.07
N ILE C 73 9.34 -8.71 -0.82
CA ILE C 73 10.41 -8.51 0.19
C ILE C 73 11.55 -9.50 -0.05
N ASN C 74 11.26 -10.79 -0.05
CA ASN C 74 12.32 -11.80 -0.26
C ASN C 74 13.02 -11.56 -1.60
N LYS C 75 12.26 -11.27 -2.62
CA LYS C 75 12.88 -11.03 -3.95
C LYS C 75 13.17 -9.55 -4.17
N LYS C 76 12.69 -8.71 -3.30
CA LYS C 76 12.91 -7.24 -3.46
C LYS C 76 12.33 -6.77 -4.79
N LEU C 77 11.07 -6.97 -5.02
CA LEU C 77 10.47 -6.50 -6.29
C LEU C 77 9.93 -5.09 -6.09
N TRP C 78 10.28 -4.46 -4.99
CA TRP C 78 9.80 -3.08 -4.73
C TRP C 78 10.32 -2.18 -5.85
N GLN C 79 11.54 -2.37 -6.25
CA GLN C 79 12.07 -1.51 -7.35
C GLN C 79 11.06 -1.48 -8.49
N GLU C 80 10.47 -2.60 -8.79
CA GLU C 80 9.44 -2.61 -9.87
C GLU C 80 8.24 -1.80 -9.40
N ILE C 81 7.90 -1.91 -8.14
CA ILE C 81 6.77 -1.13 -7.58
C ILE C 81 7.19 0.33 -7.45
N ILE C 82 8.31 0.57 -6.80
CA ILE C 82 8.82 1.96 -6.60
C ILE C 82 8.92 2.65 -7.96
N LYS C 83 9.66 2.08 -8.89
CA LYS C 83 9.78 2.73 -10.22
C LYS C 83 8.43 2.69 -10.94
N GLY C 84 7.72 1.61 -10.84
CA GLY C 84 6.40 1.53 -11.53
C GLY C 84 5.56 2.74 -11.14
N LEU C 85 5.76 3.25 -9.95
CA LEU C 85 4.99 4.44 -9.50
C LEU C 85 5.76 5.71 -9.89
N HIS C 86 6.98 5.55 -10.36
CA HIS C 86 7.80 6.72 -10.76
C HIS C 86 8.07 7.61 -9.53
N LEU C 87 8.39 7.01 -8.42
CA LEU C 87 8.70 7.83 -7.21
C LEU C 87 10.07 8.48 -7.41
N PRO C 88 10.24 9.72 -7.02
CA PRO C 88 11.54 10.43 -7.16
C PRO C 88 12.62 9.88 -6.22
N SER C 89 13.84 9.81 -6.66
CA SER C 89 14.93 9.28 -5.80
C SER C 89 14.99 10.08 -4.49
N SER C 90 14.12 11.04 -4.33
CA SER C 90 14.15 11.87 -3.09
C SER C 90 13.77 11.02 -1.87
N ILE C 91 13.03 9.97 -2.06
CA ILE C 91 12.66 9.10 -0.89
C ILE C 91 13.54 7.85 -0.88
N THR C 92 14.47 7.77 0.03
CA THR C 92 15.35 6.58 0.09
C THR C 92 14.60 5.45 0.79
N SER C 93 13.64 5.78 1.61
CA SER C 93 12.86 4.74 2.34
C SER C 93 11.57 4.45 1.56
N ALA C 94 11.63 4.50 0.25
CA ALA C 94 10.40 4.22 -0.54
C ALA C 94 9.94 2.78 -0.25
N ALA C 95 10.74 1.82 -0.63
CA ALA C 95 10.35 0.39 -0.38
C ALA C 95 9.89 0.25 1.08
N LEU C 96 10.70 0.67 2.03
CA LEU C 96 10.30 0.54 3.45
C LEU C 96 8.99 1.30 3.68
N THR C 97 8.86 2.48 3.14
CA THR C 97 7.61 3.25 3.32
C THR C 97 6.46 2.45 2.69
N LEU C 98 6.71 1.85 1.56
CA LEU C 98 5.66 1.06 0.88
C LEU C 98 5.33 -0.19 1.69
N ARG C 99 6.34 -0.87 2.19
CA ARG C 99 6.09 -2.11 2.98
C ARG C 99 5.44 -1.79 4.32
N THR C 100 5.97 -0.87 5.05
CA THR C 100 5.36 -0.57 6.36
C THR C 100 3.87 -0.29 6.17
N GLN C 101 3.54 0.62 5.29
CA GLN C 101 2.10 0.94 5.06
C GLN C 101 1.34 -0.27 4.49
N TYR C 102 1.90 -0.99 3.55
CA TYR C 102 1.15 -2.14 3.00
C TYR C 102 0.82 -3.12 4.12
N MET C 103 1.75 -3.39 4.97
CA MET C 103 1.52 -4.34 6.08
C MET C 103 0.24 -3.98 6.86
N LYS C 104 0.16 -2.78 7.38
CA LYS C 104 -1.04 -2.43 8.20
C LYS C 104 -2.31 -2.23 7.34
N TYR C 105 -2.23 -1.40 6.34
CA TYR C 105 -3.45 -1.07 5.54
C TYR C 105 -3.80 -2.05 4.41
N LEU C 106 -2.87 -2.40 3.54
CA LEU C 106 -3.26 -3.29 2.39
C LEU C 106 -2.97 -4.79 2.63
N TYR C 107 -2.36 -5.18 3.71
CA TYR C 107 -2.13 -6.64 3.88
C TYR C 107 -3.47 -7.38 3.90
N PRO C 108 -4.47 -6.80 4.51
CA PRO C 108 -5.82 -7.44 4.60
C PRO C 108 -6.51 -7.56 3.23
N TYR C 109 -6.64 -6.47 2.52
CA TYR C 109 -7.29 -6.49 1.18
C TYR C 109 -6.51 -7.45 0.27
N GLU C 110 -5.21 -7.44 0.36
CA GLU C 110 -4.37 -8.34 -0.49
C GLU C 110 -4.49 -9.79 -0.02
N CYS C 111 -4.28 -10.02 1.24
CA CYS C 111 -4.36 -11.41 1.77
C CYS C 111 -5.81 -11.90 1.79
N GLU C 112 -6.72 -11.08 2.20
CA GLU C 112 -8.15 -11.53 2.27
C GLU C 112 -8.70 -11.79 0.86
N LYS C 113 -8.56 -10.85 -0.02
CA LYS C 113 -9.12 -11.03 -1.39
C LYS C 113 -8.28 -12.01 -2.22
N LYS C 114 -7.01 -12.12 -1.96
CA LYS C 114 -6.14 -13.02 -2.78
C LYS C 114 -5.43 -14.06 -1.91
N ASN C 115 -5.13 -13.75 -0.68
CA ASN C 115 -4.44 -14.74 0.21
C ASN C 115 -3.13 -15.21 -0.44
N LEU C 116 -2.34 -14.28 -0.94
CA LEU C 116 -1.05 -14.65 -1.58
C LEU C 116 -0.06 -15.22 -0.56
N SER C 117 -0.13 -14.77 0.67
CA SER C 117 0.84 -15.29 1.68
C SER C 117 0.27 -15.18 3.09
N THR C 118 1.11 -15.35 4.09
CA THR C 118 0.65 -15.28 5.51
C THR C 118 1.52 -14.30 6.30
N PRO C 119 1.03 -13.78 7.41
CA PRO C 119 1.83 -12.83 8.25
C PRO C 119 3.18 -13.43 8.67
N ALA C 120 3.22 -14.68 9.05
CA ALA C 120 4.51 -15.28 9.47
C ALA C 120 5.50 -15.28 8.31
N GLU C 121 5.02 -15.53 7.12
CA GLU C 121 5.97 -15.49 5.97
C GLU C 121 6.41 -14.04 5.82
N LEU C 122 5.50 -13.13 5.95
CA LEU C 122 5.83 -11.68 5.84
C LEU C 122 6.69 -11.24 7.03
N GLN C 123 6.25 -11.51 8.23
CA GLN C 123 7.05 -11.13 9.43
C GLN C 123 8.42 -11.79 9.35
N ALA C 124 8.46 -13.07 9.04
CA ALA C 124 9.75 -13.78 8.95
C ALA C 124 10.63 -13.16 7.86
N ALA C 125 10.06 -12.83 6.74
CA ALA C 125 10.86 -12.21 5.64
C ALA C 125 11.30 -10.83 6.09
N ILE C 126 10.46 -10.19 6.85
CA ILE C 126 10.80 -8.86 7.38
C ILE C 126 11.99 -9.02 8.33
N ASP C 127 11.93 -9.97 9.22
CA ASP C 127 13.07 -10.18 10.16
C ASP C 127 14.32 -10.59 9.37
N GLY C 128 14.14 -11.38 8.35
CA GLY C 128 15.30 -11.84 7.54
C GLY C 128 15.95 -10.67 6.79
N ASN C 129 15.19 -9.67 6.43
CA ASN C 129 15.79 -8.54 5.67
C ASN C 129 16.28 -7.42 6.59
N ARG C 130 15.64 -7.21 7.72
CA ARG C 130 16.11 -6.12 8.63
C ARG C 130 17.54 -6.41 9.11
N ARG C 131 18.30 -5.38 9.32
CA ARG C 131 19.70 -5.56 9.79
C ARG C 131 19.71 -6.23 11.17
N GLU C 132 20.71 -7.02 11.44
CA GLU C 132 20.79 -7.69 12.76
C GLU C 132 20.96 -6.65 13.85
N GLY C 133 21.35 -5.47 13.47
CA GLY C 133 21.55 -4.38 14.46
C GLY C 133 21.79 -3.06 13.72
N GLY C 3 -6.25 17.83 13.48
CA GLY C 3 -5.58 16.51 13.46
C GLY C 3 -6.44 15.50 12.71
N TRP C 4 -7.52 15.05 13.32
CA TRP C 4 -8.41 14.07 12.64
C TRP C 4 -9.77 14.73 12.38
N SER C 5 -9.90 15.46 11.30
CA SER C 5 -11.19 16.12 10.99
C SER C 5 -11.81 15.47 9.74
N PHE C 6 -13.10 15.28 9.75
CA PHE C 6 -13.76 14.63 8.59
C PHE C 6 -13.42 15.38 7.30
N GLU C 7 -13.34 16.68 7.37
CA GLU C 7 -13.02 17.46 6.12
C GLU C 7 -11.63 17.05 5.62
N GLU C 8 -10.69 16.91 6.51
CA GLU C 8 -9.32 16.53 6.07
C GLU C 8 -9.35 15.21 5.32
N GLN C 9 -10.23 14.31 5.70
CA GLN C 9 -10.31 13.00 5.00
C GLN C 9 -10.88 13.15 3.59
N PHE C 10 -12.03 13.76 3.46
CA PHE C 10 -12.61 13.91 2.08
C PHE C 10 -11.56 14.47 1.14
N LYS C 11 -10.87 15.49 1.57
CA LYS C 11 -9.81 16.08 0.70
C LYS C 11 -8.74 15.03 0.42
N GLN C 12 -8.38 14.25 1.41
CA GLN C 12 -7.32 13.21 1.21
C GLN C 12 -7.81 12.09 0.28
N VAL C 13 -8.94 11.50 0.58
CA VAL C 13 -9.45 10.41 -0.30
C VAL C 13 -9.87 10.99 -1.66
N ARG C 14 -10.42 12.17 -1.68
CA ARG C 14 -10.81 12.76 -2.98
C ARG C 14 -9.56 12.86 -3.85
N GLN C 15 -8.45 13.19 -3.26
CA GLN C 15 -7.20 13.27 -4.04
C GLN C 15 -6.91 11.90 -4.66
N LEU C 16 -7.31 10.86 -3.98
CA LEU C 16 -7.07 9.49 -4.53
C LEU C 16 -7.90 9.26 -5.80
N TYR C 17 -9.13 9.69 -5.84
CA TYR C 17 -9.93 9.44 -7.08
C TYR C 17 -9.47 10.39 -8.18
N GLU C 18 -9.11 11.59 -7.82
CA GLU C 18 -8.69 12.56 -8.87
C GLU C 18 -7.42 12.10 -9.57
N ILE C 19 -6.60 11.37 -8.89
CA ILE C 19 -5.34 10.90 -9.51
C ILE C 19 -5.55 10.54 -10.98
N ASN C 20 -6.64 9.90 -11.32
CA ASN C 20 -6.84 9.52 -12.74
C ASN C 20 -8.25 8.97 -12.97
N ASP C 21 -8.66 8.92 -14.19
CA ASP C 21 -10.02 8.41 -14.52
C ASP C 21 -9.95 6.90 -14.77
N ASP C 22 -9.71 6.14 -13.73
CA ASP C 22 -9.64 4.66 -13.89
C ASP C 22 -10.84 4.04 -13.16
N PRO C 23 -11.92 3.77 -13.86
CA PRO C 23 -13.14 3.19 -13.24
C PRO C 23 -12.82 2.01 -12.32
N LYS C 24 -11.96 1.13 -12.75
CA LYS C 24 -11.59 -0.02 -11.88
C LYS C 24 -10.91 0.51 -10.63
N ARG C 25 -10.07 1.50 -10.77
CA ARG C 25 -9.37 2.07 -9.60
C ARG C 25 -10.39 2.64 -8.61
N LYS C 26 -11.43 3.26 -9.10
CA LYS C 26 -12.45 3.83 -8.18
C LYS C 26 -13.03 2.70 -7.32
N GLU C 27 -13.42 1.63 -7.96
CA GLU C 27 -14.00 0.48 -7.19
C GLU C 27 -13.02 0.07 -6.09
N PHE C 28 -11.75 0.10 -6.37
CA PHE C 28 -10.73 -0.29 -5.35
C PHE C 28 -10.77 0.68 -4.16
N LEU C 29 -10.54 1.94 -4.40
CA LEU C 29 -10.55 2.91 -3.28
C LEU C 29 -11.91 2.83 -2.58
N ASP C 30 -12.97 2.81 -3.35
CA ASP C 30 -14.32 2.70 -2.72
C ASP C 30 -14.40 1.41 -1.91
N ASP C 31 -13.99 0.32 -2.49
CA ASP C 31 -14.02 -0.97 -1.77
C ASP C 31 -13.03 -0.94 -0.60
N LEU C 32 -11.85 -0.43 -0.82
CA LEU C 32 -10.85 -0.40 0.29
C LEU C 32 -11.40 0.37 1.48
N PHE C 33 -11.91 1.54 1.28
CA PHE C 33 -12.44 2.28 2.45
C PHE C 33 -13.54 1.43 3.08
N SER C 34 -14.32 0.77 2.27
CA SER C 34 -15.40 -0.09 2.83
C SER C 34 -14.80 -1.31 3.53
N PHE C 35 -13.90 -1.99 2.86
CA PHE C 35 -13.27 -3.21 3.45
C PHE C 35 -12.55 -2.86 4.76
N MET C 36 -11.79 -1.82 4.78
CA MET C 36 -11.04 -1.44 6.02
C MET C 36 -12.00 -1.26 7.20
N GLN C 37 -13.18 -0.74 6.95
CA GLN C 37 -14.14 -0.55 8.09
C GLN C 37 -14.34 -1.90 8.79
N LYS C 38 -14.32 -2.97 8.04
CA LYS C 38 -14.50 -4.31 8.65
C LYS C 38 -13.21 -4.70 9.35
N ARG C 39 -12.11 -4.28 8.80
CA ARG C 39 -10.79 -4.63 9.41
C ARG C 39 -10.65 -3.94 10.77
N GLY C 40 -11.23 -2.79 10.94
CA GLY C 40 -11.10 -2.10 12.25
C GLY C 40 -9.95 -1.10 12.13
N THR C 41 -9.35 -1.04 10.97
CA THR C 41 -8.24 -0.08 10.75
C THR C 41 -8.69 0.91 9.70
N PRO C 42 -9.38 1.94 10.10
CA PRO C 42 -9.87 2.97 9.15
C PRO C 42 -8.76 3.96 8.80
N ILE C 43 -8.68 4.36 7.56
CA ILE C 43 -7.57 5.28 7.18
C ILE C 43 -7.78 6.67 7.78
N ASN C 44 -7.23 6.89 8.94
CA ASN C 44 -7.37 8.24 9.58
C ASN C 44 -6.80 9.28 8.63
N ARG C 45 -5.82 8.90 7.86
CA ARG C 45 -5.20 9.85 6.90
C ARG C 45 -4.32 9.05 5.93
N LEU C 46 -4.33 9.40 4.67
CA LEU C 46 -3.50 8.63 3.70
C LEU C 46 -2.01 8.90 3.93
N PRO C 47 -1.18 7.92 3.76
CA PRO C 47 0.28 8.12 3.89
C PRO C 47 0.78 8.86 2.65
N ILE C 48 1.59 9.86 2.82
CA ILE C 48 2.05 10.63 1.62
C ILE C 48 3.48 10.25 1.26
N MET C 49 3.73 10.19 -0.02
CA MET C 49 5.08 9.84 -0.52
C MET C 49 5.43 10.79 -1.66
N ALA C 50 6.52 11.48 -1.55
CA ALA C 50 6.88 12.45 -2.62
C ALA C 50 5.83 13.56 -2.60
N LYS C 51 5.44 13.97 -1.42
CA LYS C 51 4.42 15.05 -1.26
C LYS C 51 3.14 14.67 -1.99
N SER C 52 2.92 13.39 -2.22
CA SER C 52 1.68 12.95 -2.90
C SER C 52 1.08 11.76 -2.15
N VAL C 53 -0.21 11.58 -2.21
CA VAL C 53 -0.82 10.44 -1.48
C VAL C 53 -0.35 9.14 -2.13
N LEU C 54 -0.13 8.12 -1.36
CA LEU C 54 0.36 6.84 -1.93
C LEU C 54 -0.80 6.14 -2.65
N ASP C 55 -0.63 5.85 -3.90
CA ASP C 55 -1.72 5.18 -4.67
C ASP C 55 -2.09 3.88 -3.97
N LEU C 56 -3.22 3.83 -3.29
CA LEU C 56 -3.60 2.57 -2.62
C LEU C 56 -3.85 1.52 -3.69
N TYR C 57 -4.28 1.94 -4.85
CA TYR C 57 -4.55 0.97 -5.93
C TYR C 57 -3.26 0.56 -6.64
N GLU C 58 -2.60 1.46 -7.31
CA GLU C 58 -1.36 1.05 -8.02
C GLU C 58 -0.44 0.35 -7.04
N LEU C 59 -0.36 0.83 -5.83
CA LEU C 59 0.51 0.12 -4.85
C LEU C 59 0.01 -1.32 -4.80
N TYR C 60 -1.27 -1.48 -4.66
CA TYR C 60 -1.88 -2.84 -4.61
C TYR C 60 -1.63 -3.56 -5.94
N ASN C 61 -2.22 -3.07 -7.00
CA ASN C 61 -2.07 -3.74 -8.33
C ASN C 61 -0.62 -4.16 -8.56
N LEU C 62 0.33 -3.35 -8.20
CA LEU C 62 1.74 -3.79 -8.43
C LEU C 62 2.06 -4.88 -7.41
N VAL C 63 1.73 -4.66 -6.17
CA VAL C 63 2.03 -5.71 -5.14
C VAL C 63 1.39 -7.05 -5.55
N ILE C 64 0.18 -7.05 -6.05
CA ILE C 64 -0.42 -8.34 -6.49
C ILE C 64 0.35 -8.82 -7.71
N ALA C 65 0.75 -7.89 -8.54
CA ALA C 65 1.48 -8.24 -9.78
C ALA C 65 2.76 -9.01 -9.47
N ARG C 66 3.24 -8.98 -8.26
CA ARG C 66 4.49 -9.74 -7.94
C ARG C 66 4.11 -11.09 -7.33
N GLY C 67 2.84 -11.38 -7.30
CA GLY C 67 2.37 -12.68 -6.75
C GLY C 67 2.28 -12.65 -5.21
N GLY C 68 2.37 -11.51 -4.58
CA GLY C 68 2.25 -11.48 -3.10
C GLY C 68 3.30 -10.56 -2.47
N LEU C 69 2.88 -9.74 -1.54
CA LEU C 69 3.81 -8.80 -0.86
C LEU C 69 5.08 -9.52 -0.38
N VAL C 70 4.94 -10.70 0.17
CA VAL C 70 6.15 -11.41 0.67
C VAL C 70 7.14 -11.63 -0.48
N ASP C 71 6.67 -11.96 -1.64
CA ASP C 71 7.59 -12.18 -2.79
C ASP C 71 8.41 -10.91 -3.05
N VAL C 72 7.79 -9.77 -2.96
CA VAL C 72 8.52 -8.49 -3.22
C VAL C 72 9.61 -8.27 -2.18
N ILE C 73 9.32 -8.45 -0.93
CA ILE C 73 10.36 -8.22 0.09
C ILE C 73 11.52 -9.21 -0.11
N ASN C 74 11.24 -10.49 -0.12
CA ASN C 74 12.31 -11.50 -0.30
C ASN C 74 13.04 -11.32 -1.62
N LYS C 75 12.32 -11.08 -2.70
CA LYS C 75 13.01 -10.92 -4.00
C LYS C 75 13.27 -9.43 -4.29
N LYS C 76 12.81 -8.57 -3.43
CA LYS C 76 13.00 -7.10 -3.64
C LYS C 76 12.37 -6.64 -4.95
N LEU C 77 11.11 -6.88 -5.16
CA LEU C 77 10.51 -6.40 -6.42
C LEU C 77 9.97 -4.98 -6.18
N TRP C 78 10.36 -4.37 -5.09
CA TRP C 78 9.91 -2.98 -4.81
C TRP C 78 10.46 -2.07 -5.89
N GLN C 79 11.68 -2.26 -6.31
CA GLN C 79 12.23 -1.39 -7.38
C GLN C 79 11.20 -1.32 -8.50
N GLU C 80 10.59 -2.44 -8.80
CA GLU C 80 9.55 -2.43 -9.86
C GLU C 80 8.36 -1.61 -9.37
N ILE C 81 8.04 -1.72 -8.10
CA ILE C 81 6.90 -0.92 -7.54
C ILE C 81 7.35 0.53 -7.39
N ILE C 82 8.47 0.74 -6.73
CA ILE C 82 8.98 2.12 -6.52
C ILE C 82 9.00 2.85 -7.87
N LYS C 83 9.60 2.26 -8.87
CA LYS C 83 9.65 2.91 -10.21
C LYS C 83 8.27 2.80 -10.87
N GLY C 84 7.59 1.71 -10.69
CA GLY C 84 6.24 1.55 -11.32
C GLY C 84 5.38 2.75 -10.92
N LEU C 85 5.58 3.26 -9.74
CA LEU C 85 4.78 4.43 -9.28
C LEU C 85 5.51 5.72 -9.66
N HIS C 86 6.72 5.59 -10.14
CA HIS C 86 7.51 6.79 -10.54
C HIS C 86 7.84 7.64 -9.32
N LEU C 87 8.17 7.02 -8.22
CA LEU C 87 8.53 7.80 -7.00
C LEU C 87 9.91 8.44 -7.23
N PRO C 88 10.10 9.68 -6.87
CA PRO C 88 11.42 10.36 -7.06
C PRO C 88 12.51 9.80 -6.15
N SER C 89 13.72 9.74 -6.63
CA SER C 89 14.84 9.20 -5.80
C SER C 89 14.97 10.03 -4.52
N SER C 90 14.13 11.00 -4.34
CA SER C 90 14.22 11.84 -3.12
C SER C 90 13.94 10.98 -1.88
N ILE C 91 13.05 10.03 -1.98
CA ILE C 91 12.78 9.16 -0.81
C ILE C 91 13.72 7.95 -0.88
N THR C 92 14.82 8.00 -0.16
CA THR C 92 15.79 6.87 -0.20
C THR C 92 15.15 5.63 0.44
N SER C 93 14.23 5.81 1.34
CA SER C 93 13.58 4.63 1.98
C SER C 93 12.19 4.42 1.37
N ALA C 94 12.09 4.43 0.07
CA ALA C 94 10.77 4.24 -0.58
C ALA C 94 10.28 2.81 -0.30
N ALA C 95 11.04 1.83 -0.73
CA ALA C 95 10.62 0.42 -0.51
C ALA C 95 10.18 0.22 0.95
N LEU C 96 10.98 0.62 1.90
CA LEU C 96 10.56 0.44 3.33
C LEU C 96 9.25 1.15 3.56
N THR C 97 9.11 2.36 3.07
CA THR C 97 7.84 3.10 3.27
C THR C 97 6.71 2.31 2.62
N LEU C 98 6.96 1.75 1.47
CA LEU C 98 5.93 0.97 0.77
C LEU C 98 5.68 -0.34 1.52
N ARG C 99 6.72 -1.02 1.93
CA ARG C 99 6.56 -2.32 2.63
C ARG C 99 5.90 -2.12 3.99
N THR C 100 6.44 -1.25 4.80
CA THR C 100 5.88 -1.03 6.15
C THR C 100 4.40 -0.65 6.05
N GLN C 101 4.08 0.34 5.27
CA GLN C 101 2.65 0.77 5.16
C GLN C 101 1.79 -0.36 4.58
N TYR C 102 2.27 -1.10 3.61
CA TYR C 102 1.43 -2.18 3.05
C TYR C 102 1.04 -3.13 4.18
N MET C 103 1.95 -3.44 5.06
CA MET C 103 1.63 -4.38 6.16
C MET C 103 0.40 -3.93 6.95
N LYS C 104 0.39 -2.73 7.44
CA LYS C 104 -0.76 -2.28 8.28
C LYS C 104 -2.03 -2.02 7.46
N TYR C 105 -1.95 -1.25 6.41
CA TYR C 105 -3.19 -0.89 5.65
C TYR C 105 -3.64 -1.93 4.60
N LEU C 106 -2.79 -2.34 3.69
CA LEU C 106 -3.25 -3.29 2.61
C LEU C 106 -2.90 -4.75 2.85
N TYR C 107 -2.47 -5.15 4.01
CA TYR C 107 -2.14 -6.59 4.19
C TYR C 107 -3.39 -7.48 4.11
N PRO C 108 -4.53 -7.06 4.65
CA PRO C 108 -5.76 -7.91 4.62
C PRO C 108 -6.46 -7.88 3.27
N TYR C 109 -6.53 -6.74 2.63
CA TYR C 109 -7.19 -6.67 1.30
C TYR C 109 -6.44 -7.65 0.37
N GLU C 110 -5.14 -7.66 0.44
CA GLU C 110 -4.33 -8.59 -0.42
C GLU C 110 -4.53 -10.04 0.04
N CYS C 111 -4.36 -10.30 1.31
CA CYS C 111 -4.50 -11.69 1.82
C CYS C 111 -5.97 -12.12 1.82
N GLU C 112 -6.85 -11.27 2.25
CA GLU C 112 -8.28 -11.64 2.32
C GLU C 112 -8.87 -11.85 0.91
N LYS C 113 -8.68 -10.92 0.03
CA LYS C 113 -9.25 -11.08 -1.34
C LYS C 113 -8.44 -12.07 -2.18
N LYS C 114 -7.17 -12.25 -1.89
CA LYS C 114 -6.35 -13.18 -2.72
C LYS C 114 -5.66 -14.25 -1.87
N ASN C 115 -5.33 -13.96 -0.63
CA ASN C 115 -4.66 -14.99 0.23
C ASN C 115 -3.34 -15.44 -0.41
N LEU C 116 -2.54 -14.51 -0.88
CA LEU C 116 -1.24 -14.88 -1.52
C LEU C 116 -0.26 -15.42 -0.50
N SER C 117 -0.30 -14.94 0.72
CA SER C 117 0.70 -15.43 1.71
C SER C 117 0.17 -15.34 3.15
N THR C 118 1.06 -15.51 4.09
CA THR C 118 0.65 -15.47 5.54
C THR C 118 1.56 -14.51 6.31
N PRO C 119 1.09 -13.97 7.41
CA PRO C 119 1.90 -13.02 8.24
C PRO C 119 3.26 -13.62 8.63
N ALA C 120 3.32 -14.88 8.97
CA ALA C 120 4.62 -15.49 9.35
C ALA C 120 5.55 -15.47 8.16
N GLU C 121 5.03 -15.68 6.98
CA GLU C 121 5.92 -15.62 5.79
C GLU C 121 6.37 -14.16 5.66
N LEU C 122 5.45 -13.24 5.78
CA LEU C 122 5.80 -11.80 5.69
C LEU C 122 6.69 -11.40 6.86
N GLN C 123 6.29 -11.70 8.06
CA GLN C 123 7.12 -11.37 9.25
C GLN C 123 8.49 -12.00 9.10
N ALA C 124 8.54 -13.26 8.76
CA ALA C 124 9.87 -13.95 8.60
C ALA C 124 10.67 -13.26 7.49
N ALA C 125 10.02 -12.87 6.43
CA ALA C 125 10.75 -12.20 5.30
C ALA C 125 11.22 -10.85 5.78
N ILE C 126 10.43 -10.22 6.58
CA ILE C 126 10.80 -8.91 7.14
C ILE C 126 12.02 -9.06 8.04
N ASP C 127 11.99 -10.02 8.92
CA ASP C 127 13.15 -10.24 9.83
C ASP C 127 14.36 -10.65 9.00
N GLY C 128 14.14 -11.43 7.97
CA GLY C 128 15.26 -11.89 7.12
C GLY C 128 15.93 -10.69 6.44
N ASN C 129 15.17 -9.70 6.07
CA ASN C 129 15.78 -8.52 5.38
C ASN C 129 16.11 -7.42 6.39
N ARG C 130 15.31 -7.23 7.40
CA ARG C 130 15.63 -6.18 8.41
C ARG C 130 16.89 -6.56 9.18
N ARG C 131 17.65 -5.58 9.60
CA ARG C 131 18.90 -5.90 10.35
C ARG C 131 18.55 -6.76 11.56
N GLU C 132 19.54 -7.26 12.23
CA GLU C 132 19.28 -8.11 13.44
C GLU C 132 19.73 -7.36 14.68
N GLY C 133 20.03 -8.06 15.73
CA GLY C 133 20.48 -7.39 16.99
C GLY C 133 21.97 -7.05 16.88
N GLY C 3 -8.06 18.17 13.93
CA GLY C 3 -7.14 16.99 13.93
C GLY C 3 -7.75 15.88 13.07
N TRP C 4 -8.81 15.26 13.55
CA TRP C 4 -9.45 14.17 12.76
C TRP C 4 -10.83 14.63 12.28
N SER C 5 -10.88 15.28 11.14
CA SER C 5 -12.20 15.76 10.61
C SER C 5 -12.53 15.03 9.31
N PHE C 6 -13.76 14.63 9.14
CA PHE C 6 -14.16 13.89 7.92
C PHE C 6 -13.83 14.70 6.67
N GLU C 7 -13.99 16.00 6.70
CA GLU C 7 -13.68 16.81 5.50
C GLU C 7 -12.18 16.71 5.19
N GLU C 8 -11.36 16.78 6.19
CA GLU C 8 -9.89 16.69 5.95
C GLU C 8 -9.59 15.41 5.17
N GLN C 9 -10.16 14.31 5.58
CA GLN C 9 -9.92 13.04 4.86
C GLN C 9 -10.55 13.14 3.46
N PHE C 10 -11.68 13.76 3.36
CA PHE C 10 -12.35 13.89 2.04
C PHE C 10 -11.36 14.48 1.02
N LYS C 11 -10.71 15.55 1.37
CA LYS C 11 -9.73 16.16 0.43
C LYS C 11 -8.60 15.15 0.16
N GLN C 12 -8.19 14.44 1.18
CA GLN C 12 -7.09 13.45 1.00
C GLN C 12 -7.54 12.31 0.06
N VAL C 13 -8.69 11.75 0.29
CA VAL C 13 -9.14 10.66 -0.62
C VAL C 13 -9.58 11.28 -1.94
N ARG C 14 -10.15 12.46 -1.92
CA ARG C 14 -10.53 13.09 -3.20
C ARG C 14 -9.29 13.14 -4.07
N GLN C 15 -8.16 13.46 -3.47
CA GLN C 15 -6.90 13.49 -4.26
C GLN C 15 -6.67 12.11 -4.85
N LEU C 16 -7.10 11.09 -4.17
CA LEU C 16 -6.91 9.71 -4.70
C LEU C 16 -7.82 9.46 -5.92
N TYR C 17 -9.01 9.98 -5.94
CA TYR C 17 -9.90 9.73 -7.11
C TYR C 17 -9.55 10.68 -8.26
N GLU C 18 -9.11 11.88 -7.97
CA GLU C 18 -8.79 12.84 -9.06
C GLU C 18 -7.58 12.37 -9.86
N ILE C 19 -6.68 11.69 -9.21
CA ILE C 19 -5.46 11.20 -9.89
C ILE C 19 -5.77 10.80 -11.34
N ASN C 20 -6.90 10.19 -11.58
CA ASN C 20 -7.23 9.78 -12.97
C ASN C 20 -8.66 9.23 -13.04
N ASP C 21 -9.18 9.09 -14.23
CA ASP C 21 -10.56 8.55 -14.37
C ASP C 21 -10.51 7.03 -14.58
N ASP C 22 -10.06 6.30 -13.61
CA ASP C 22 -10.00 4.81 -13.78
C ASP C 22 -11.25 4.20 -13.15
N PRO C 23 -11.82 3.18 -13.75
CA PRO C 23 -13.04 2.52 -13.21
C PRO C 23 -12.75 1.66 -11.97
N LYS C 24 -11.92 0.66 -12.12
CA LYS C 24 -11.60 -0.23 -10.97
C LYS C 24 -10.93 0.60 -9.85
N ARG C 25 -10.16 1.59 -10.20
CA ARG C 25 -9.49 2.41 -9.16
C ARG C 25 -10.52 2.97 -8.18
N LYS C 26 -11.62 3.49 -8.67
CA LYS C 26 -12.65 4.06 -7.75
C LYS C 26 -13.18 2.94 -6.85
N GLU C 27 -13.66 1.88 -7.43
CA GLU C 27 -14.18 0.75 -6.61
C GLU C 27 -13.12 0.35 -5.59
N PHE C 28 -11.88 0.36 -5.98
CA PHE C 28 -10.78 -0.01 -5.04
C PHE C 28 -10.77 0.96 -3.87
N LEU C 29 -10.54 2.21 -4.13
CA LEU C 29 -10.51 3.22 -3.04
C LEU C 29 -11.81 3.16 -2.25
N ASP C 30 -12.92 3.14 -2.93
CA ASP C 30 -14.24 3.08 -2.23
C ASP C 30 -14.33 1.80 -1.39
N ASP C 31 -14.03 0.67 -1.97
CA ASP C 31 -14.11 -0.60 -1.19
C ASP C 31 -13.03 -0.60 -0.10
N LEU C 32 -11.85 -0.15 -0.43
CA LEU C 32 -10.77 -0.16 0.59
C LEU C 32 -11.18 0.65 1.83
N PHE C 33 -11.62 1.87 1.65
CA PHE C 33 -12.02 2.64 2.86
C PHE C 33 -13.17 1.88 3.52
N SER C 34 -14.01 1.25 2.74
CA SER C 34 -15.14 0.47 3.33
C SER C 34 -14.60 -0.76 4.05
N PHE C 35 -13.81 -1.55 3.37
CA PHE C 35 -13.23 -2.78 3.98
C PHE C 35 -12.38 -2.43 5.20
N MET C 36 -11.64 -1.37 5.13
CA MET C 36 -10.77 -0.99 6.28
C MET C 36 -11.62 -0.75 7.53
N GLN C 37 -12.79 -0.17 7.40
CA GLN C 37 -13.63 0.08 8.60
C GLN C 37 -14.02 -1.24 9.27
N LYS C 38 -14.32 -2.25 8.49
CA LYS C 38 -14.69 -3.56 9.10
C LYS C 38 -13.44 -4.16 9.74
N ARG C 39 -12.31 -3.86 9.17
CA ARG C 39 -11.03 -4.39 9.73
C ARG C 39 -10.77 -3.75 11.09
N GLY C 40 -11.23 -2.55 11.28
CA GLY C 40 -10.99 -1.86 12.57
C GLY C 40 -9.80 -0.92 12.36
N THR C 41 -9.23 -0.94 11.18
CA THR C 41 -8.09 -0.05 10.88
C THR C 41 -8.48 0.89 9.74
N PRO C 42 -9.14 1.98 10.05
CA PRO C 42 -9.56 2.97 9.04
C PRO C 42 -8.43 3.93 8.70
N ILE C 43 -8.24 4.24 7.44
CA ILE C 43 -7.12 5.16 7.08
C ILE C 43 -7.48 6.58 7.47
N ASN C 44 -7.00 7.04 8.60
CA ASN C 44 -7.30 8.44 9.01
C ASN C 44 -6.61 9.38 8.01
N ARG C 45 -5.39 9.08 7.66
CA ARG C 45 -4.66 9.91 6.68
C ARG C 45 -3.96 8.99 5.68
N LEU C 46 -4.06 9.27 4.42
CA LEU C 46 -3.38 8.39 3.43
C LEU C 46 -1.87 8.60 3.56
N PRO C 47 -1.08 7.59 3.35
CA PRO C 47 0.39 7.73 3.40
C PRO C 47 0.85 8.61 2.23
N ILE C 48 1.60 9.64 2.50
CA ILE C 48 2.03 10.53 1.38
C ILE C 48 3.42 10.12 0.91
N MET C 49 3.66 10.22 -0.36
CA MET C 49 4.98 9.85 -0.92
C MET C 49 5.35 10.85 -2.00
N ALA C 50 6.47 11.48 -1.85
CA ALA C 50 6.89 12.49 -2.86
C ALA C 50 5.91 13.66 -2.80
N LYS C 51 5.54 14.05 -1.61
CA LYS C 51 4.60 15.19 -1.43
C LYS C 51 3.29 14.89 -2.16
N SER C 52 3.00 13.65 -2.40
CA SER C 52 1.74 13.29 -3.09
C SER C 52 1.10 12.08 -2.39
N VAL C 53 -0.19 11.91 -2.52
CA VAL C 53 -0.83 10.75 -1.83
C VAL C 53 -0.38 9.46 -2.50
N LEU C 54 -0.30 8.40 -1.73
CA LEU C 54 0.16 7.11 -2.31
C LEU C 54 -1.01 6.41 -3.00
N ASP C 55 -0.85 6.12 -4.27
CA ASP C 55 -1.95 5.44 -5.02
C ASP C 55 -2.17 4.04 -4.44
N LEU C 56 -3.03 3.91 -3.45
CA LEU C 56 -3.25 2.56 -2.86
C LEU C 56 -3.65 1.59 -3.96
N TYR C 57 -4.19 2.09 -5.03
CA TYR C 57 -4.61 1.19 -6.13
C TYR C 57 -3.42 0.73 -6.97
N GLU C 58 -2.66 1.65 -7.52
CA GLU C 58 -1.50 1.22 -8.36
C GLU C 58 -0.51 0.41 -7.54
N LEU C 59 -0.28 0.80 -6.32
CA LEU C 59 0.67 0.02 -5.47
C LEU C 59 0.13 -1.40 -5.36
N TYR C 60 -1.14 -1.53 -5.12
CA TYR C 60 -1.76 -2.87 -5.01
C TYR C 60 -1.46 -3.68 -6.28
N ASN C 61 -2.03 -3.27 -7.38
CA ASN C 61 -1.82 -4.01 -8.66
C ASN C 61 -0.35 -4.42 -8.82
N LEU C 62 0.58 -3.59 -8.46
CA LEU C 62 2.00 -4.02 -8.61
C LEU C 62 2.27 -5.11 -7.58
N VAL C 63 1.82 -4.90 -6.37
CA VAL C 63 2.04 -5.93 -5.31
C VAL C 63 1.40 -7.26 -5.72
N ILE C 64 0.19 -7.25 -6.23
CA ILE C 64 -0.44 -8.54 -6.62
C ILE C 64 0.32 -9.09 -7.83
N ALA C 65 0.78 -8.22 -8.68
CA ALA C 65 1.50 -8.67 -9.91
C ALA C 65 2.67 -9.59 -9.54
N ARG C 66 3.24 -9.46 -8.37
CA ARG C 66 4.37 -10.36 -8.00
C ARG C 66 3.81 -11.60 -7.31
N GLY C 67 2.52 -11.65 -7.16
CA GLY C 67 1.88 -12.85 -6.53
C GLY C 67 1.91 -12.77 -5.00
N GLY C 68 2.08 -11.61 -4.42
CA GLY C 68 2.08 -11.53 -2.93
C GLY C 68 3.18 -10.59 -2.41
N LEU C 69 2.82 -9.70 -1.52
CA LEU C 69 3.81 -8.74 -0.96
C LEU C 69 5.06 -9.48 -0.49
N VAL C 70 4.90 -10.64 0.10
CA VAL C 70 6.09 -11.39 0.59
C VAL C 70 7.05 -11.67 -0.59
N ASP C 71 6.54 -12.07 -1.72
CA ASP C 71 7.44 -12.33 -2.88
C ASP C 71 8.30 -11.10 -3.14
N VAL C 72 7.71 -9.94 -3.03
CA VAL C 72 8.45 -8.67 -3.26
C VAL C 72 9.56 -8.53 -2.22
N ILE C 73 9.31 -8.84 -0.99
CA ILE C 73 10.40 -8.69 0.04
C ILE C 73 11.52 -9.70 -0.23
N ASN C 74 11.22 -10.96 -0.24
CA ASN C 74 12.27 -11.99 -0.46
C ASN C 74 12.99 -11.73 -1.79
N LYS C 75 12.25 -11.39 -2.81
CA LYS C 75 12.91 -11.13 -4.12
C LYS C 75 13.22 -9.64 -4.28
N LYS C 76 12.73 -8.82 -3.41
CA LYS C 76 12.97 -7.34 -3.53
C LYS C 76 12.45 -6.83 -4.87
N LEU C 77 11.18 -6.97 -5.12
CA LEU C 77 10.64 -6.45 -6.40
C LEU C 77 10.12 -5.03 -6.18
N TRP C 78 10.53 -4.41 -5.11
CA TRP C 78 10.10 -3.00 -4.84
C TRP C 78 10.68 -2.11 -5.93
N GLN C 79 11.90 -2.34 -6.35
CA GLN C 79 12.46 -1.48 -7.41
C GLN C 79 11.44 -1.41 -8.55
N GLU C 80 10.77 -2.50 -8.83
CA GLU C 80 9.74 -2.48 -9.90
C GLU C 80 8.56 -1.64 -9.40
N ILE C 81 8.20 -1.79 -8.16
CA ILE C 81 7.07 -0.99 -7.58
C ILE C 81 7.51 0.47 -7.43
N ILE C 82 8.61 0.69 -6.76
CA ILE C 82 9.10 2.09 -6.56
C ILE C 82 9.16 2.80 -7.92
N LYS C 83 9.82 2.22 -8.88
CA LYS C 83 9.90 2.86 -10.23
C LYS C 83 8.54 2.82 -10.92
N GLY C 84 7.82 1.74 -10.77
CA GLY C 84 6.48 1.65 -11.42
C GLY C 84 5.63 2.85 -11.04
N LEU C 85 5.81 3.35 -9.84
CA LEU C 85 5.03 4.52 -9.39
C LEU C 85 5.78 5.80 -9.79
N HIS C 86 6.98 5.64 -10.27
CA HIS C 86 7.80 6.82 -10.69
C HIS C 86 8.10 7.71 -9.50
N LEU C 87 8.44 7.14 -8.38
CA LEU C 87 8.78 7.96 -7.18
C LEU C 87 10.15 8.62 -7.41
N PRO C 88 10.32 9.84 -6.97
CA PRO C 88 11.63 10.56 -7.14
C PRO C 88 12.74 9.98 -6.26
N SER C 89 13.94 9.94 -6.75
CA SER C 89 15.06 9.39 -5.94
C SER C 89 15.15 10.13 -4.60
N SER C 90 14.29 11.10 -4.41
CA SER C 90 14.34 11.90 -3.15
C SER C 90 14.02 11.00 -1.94
N ILE C 91 13.16 10.03 -2.11
CA ILE C 91 12.84 9.14 -0.96
C ILE C 91 13.79 7.93 -0.98
N THR C 92 14.85 7.98 -0.21
CA THR C 92 15.81 6.85 -0.19
C THR C 92 15.16 5.65 0.51
N SER C 93 14.17 5.91 1.31
CA SER C 93 13.47 4.80 2.03
C SER C 93 12.12 4.52 1.35
N ALA C 94 12.10 4.51 0.04
CA ALA C 94 10.81 4.26 -0.67
C ALA C 94 10.34 2.84 -0.37
N ALA C 95 11.11 1.85 -0.73
CA ALA C 95 10.71 0.44 -0.49
C ALA C 95 10.23 0.29 0.97
N LEU C 96 11.01 0.74 1.93
CA LEU C 96 10.58 0.58 3.35
C LEU C 96 9.24 1.29 3.54
N THR C 97 9.09 2.48 3.03
CA THR C 97 7.79 3.18 3.19
C THR C 97 6.71 2.31 2.54
N LEU C 98 7.00 1.74 1.41
CA LEU C 98 6.01 0.88 0.73
C LEU C 98 5.83 -0.41 1.53
N ARG C 99 6.89 -1.01 1.98
CA ARG C 99 6.78 -2.29 2.75
C ARG C 99 6.07 -2.05 4.09
N THR C 100 6.57 -1.14 4.86
CA THR C 100 5.96 -0.88 6.20
C THR C 100 4.48 -0.49 6.05
N GLN C 101 4.18 0.48 5.23
CA GLN C 101 2.76 0.91 5.07
C GLN C 101 1.89 -0.22 4.51
N TYR C 102 2.35 -0.92 3.52
CA TYR C 102 1.50 -2.01 2.96
C TYR C 102 1.14 -3.01 4.06
N MET C 103 2.07 -3.30 4.93
CA MET C 103 1.80 -4.29 6.00
C MET C 103 0.56 -3.90 6.82
N LYS C 104 0.51 -2.72 7.36
CA LYS C 104 -0.65 -2.35 8.23
C LYS C 104 -1.95 -2.12 7.43
N TYR C 105 -1.90 -1.27 6.45
CA TYR C 105 -3.16 -0.91 5.71
C TYR C 105 -3.55 -1.88 4.58
N LEU C 106 -2.66 -2.22 3.69
CA LEU C 106 -3.08 -3.11 2.54
C LEU C 106 -2.76 -4.60 2.76
N TYR C 107 -2.30 -5.01 3.90
CA TYR C 107 -2.00 -6.46 4.06
C TYR C 107 -3.29 -7.31 4.04
N PRO C 108 -4.38 -6.84 4.61
CA PRO C 108 -5.64 -7.63 4.64
C PRO C 108 -6.38 -7.57 3.29
N TYR C 109 -6.43 -6.43 2.67
CA TYR C 109 -7.12 -6.35 1.34
C TYR C 109 -6.41 -7.35 0.40
N GLU C 110 -5.10 -7.36 0.44
CA GLU C 110 -4.30 -8.30 -0.41
C GLU C 110 -4.48 -9.74 0.08
N CYS C 111 -4.37 -9.94 1.37
CA CYS C 111 -4.49 -11.33 1.90
C CYS C 111 -5.96 -11.76 1.94
N GLU C 112 -6.82 -10.91 2.42
CA GLU C 112 -8.26 -11.30 2.52
C GLU C 112 -8.87 -11.48 1.13
N LYS C 113 -8.64 -10.57 0.23
CA LYS C 113 -9.24 -10.70 -1.13
C LYS C 113 -8.48 -11.73 -1.97
N LYS C 114 -7.18 -11.85 -1.80
CA LYS C 114 -6.40 -12.81 -2.64
C LYS C 114 -5.70 -13.89 -1.79
N ASN C 115 -5.40 -13.60 -0.55
CA ASN C 115 -4.72 -14.64 0.31
C ASN C 115 -3.44 -15.14 -0.37
N LEU C 116 -2.64 -14.25 -0.88
CA LEU C 116 -1.37 -14.68 -1.55
C LEU C 116 -0.39 -15.27 -0.55
N SER C 117 -0.41 -14.82 0.67
CA SER C 117 0.56 -15.37 1.66
C SER C 117 0.05 -15.24 3.10
N THR C 118 0.91 -15.44 4.05
CA THR C 118 0.52 -15.35 5.49
C THR C 118 1.38 -14.30 6.19
N PRO C 119 0.86 -13.70 7.24
CA PRO C 119 1.62 -12.66 8.00
C PRO C 119 2.97 -13.18 8.49
N ALA C 120 3.04 -14.42 8.93
CA ALA C 120 4.34 -14.97 9.42
C ALA C 120 5.34 -14.99 8.27
N GLU C 121 4.90 -15.31 7.08
CA GLU C 121 5.86 -15.30 5.96
C GLU C 121 6.28 -13.84 5.75
N LEU C 122 5.34 -12.95 5.78
CA LEU C 122 5.66 -11.50 5.62
C LEU C 122 6.54 -11.03 6.78
N GLN C 123 6.12 -11.26 7.99
CA GLN C 123 6.93 -10.86 9.17
C GLN C 123 8.30 -11.53 9.11
N ALA C 124 8.33 -12.81 8.85
CA ALA C 124 9.64 -13.53 8.79
C ALA C 124 10.51 -12.93 7.67
N ALA C 125 9.91 -12.58 6.56
CA ALA C 125 10.70 -12.00 5.43
C ALA C 125 11.22 -10.64 5.88
N ILE C 126 10.45 -9.96 6.66
CA ILE C 126 10.89 -8.67 7.20
C ILE C 126 12.04 -8.91 8.16
N ASP C 127 11.90 -9.88 9.02
CA ASP C 127 13.00 -10.18 9.98
C ASP C 127 14.26 -10.53 9.19
N GLY C 128 14.10 -11.27 8.12
CA GLY C 128 15.27 -11.67 7.29
C GLY C 128 15.85 -10.46 6.54
N ASN C 129 15.05 -9.46 6.25
CA ASN C 129 15.61 -8.29 5.50
C ASN C 129 16.18 -7.24 6.48
N ARG C 130 15.62 -7.11 7.64
CA ARG C 130 16.15 -6.10 8.60
C ARG C 130 17.59 -6.44 8.99
N ARG C 131 18.41 -5.44 9.13
CA ARG C 131 19.84 -5.69 9.51
C ARG C 131 19.91 -6.24 10.94
N GLU C 132 20.88 -7.07 11.21
CA GLU C 132 21.01 -7.62 12.59
C GLU C 132 21.59 -6.54 13.49
N GLY C 133 21.94 -5.43 12.90
CA GLY C 133 22.52 -4.31 13.69
C GLY C 133 22.52 -3.04 12.83
N GLY C 3 -5.90 16.21 14.55
CA GLY C 3 -7.36 16.31 14.85
C GLY C 3 -8.15 15.45 13.86
N TRP C 4 -8.10 14.15 14.02
CA TRP C 4 -8.83 13.25 13.08
C TRP C 4 -10.18 13.86 12.70
N SER C 5 -10.21 14.61 11.64
CA SER C 5 -11.50 15.24 11.19
C SER C 5 -12.00 14.53 9.94
N PHE C 6 -13.27 14.23 9.90
CA PHE C 6 -13.85 13.50 8.73
C PHE C 6 -13.62 14.29 7.44
N GLU C 7 -13.77 15.59 7.46
CA GLU C 7 -13.58 16.38 6.20
C GLU C 7 -12.15 16.21 5.69
N GLU C 8 -11.19 16.24 6.57
CA GLU C 8 -9.78 16.11 6.13
C GLU C 8 -9.63 14.88 5.22
N GLN C 9 -10.36 13.83 5.49
CA GLN C 9 -10.23 12.61 4.63
C GLN C 9 -10.81 12.86 3.24
N PHE C 10 -11.93 13.52 3.12
CA PHE C 10 -12.52 13.74 1.76
C PHE C 10 -11.48 14.40 0.85
N LYS C 11 -10.86 15.45 1.30
CA LYS C 11 -9.83 16.12 0.44
C LYS C 11 -8.70 15.14 0.16
N GLN C 12 -8.27 14.41 1.15
CA GLN C 12 -7.16 13.43 0.94
C GLN C 12 -7.57 12.34 -0.04
N VAL C 13 -8.72 11.75 0.11
CA VAL C 13 -9.12 10.69 -0.86
C VAL C 13 -9.48 11.35 -2.19
N ARG C 14 -10.09 12.51 -2.17
CA ARG C 14 -10.41 13.18 -3.45
C ARG C 14 -9.11 13.26 -4.26
N GLN C 15 -8.02 13.56 -3.60
CA GLN C 15 -6.72 13.62 -4.31
C GLN C 15 -6.46 12.26 -4.94
N LEU C 16 -6.93 11.21 -4.30
CA LEU C 16 -6.69 9.84 -4.85
C LEU C 16 -7.56 9.57 -6.09
N TYR C 17 -8.77 10.07 -6.14
CA TYR C 17 -9.62 9.78 -7.34
C TYR C 17 -9.22 10.68 -8.51
N GLU C 18 -8.81 11.89 -8.24
CA GLU C 18 -8.45 12.82 -9.36
C GLU C 18 -7.21 12.33 -10.09
N ILE C 19 -6.38 11.59 -9.42
CA ILE C 19 -5.14 11.09 -10.05
C ILE C 19 -5.39 10.70 -11.51
N ASN C 20 -6.51 10.10 -11.81
CA ASN C 20 -6.76 9.70 -13.23
C ASN C 20 -8.21 9.20 -13.38
N ASP C 21 -8.66 9.14 -14.61
CA ASP C 21 -10.06 8.68 -14.88
C ASP C 21 -10.08 7.17 -15.08
N ASP C 22 -9.77 6.43 -14.05
CA ASP C 22 -9.79 4.94 -14.15
C ASP C 22 -10.92 4.39 -13.28
N PRO C 23 -12.07 4.13 -13.85
CA PRO C 23 -13.24 3.61 -13.08
C PRO C 23 -12.86 2.43 -12.17
N LYS C 24 -12.02 1.54 -12.65
CA LYS C 24 -11.61 0.40 -11.78
C LYS C 24 -10.93 0.94 -10.54
N ARG C 25 -10.10 1.94 -10.70
CA ARG C 25 -9.39 2.53 -9.53
C ARG C 25 -10.42 3.06 -8.53
N LYS C 26 -11.49 3.65 -9.01
CA LYS C 26 -12.52 4.19 -8.07
C LYS C 26 -13.05 3.04 -7.22
N GLU C 27 -13.45 1.97 -7.85
CA GLU C 27 -13.98 0.80 -7.09
C GLU C 27 -12.95 0.40 -6.03
N PHE C 28 -11.69 0.45 -6.37
CA PHE C 28 -10.63 0.09 -5.40
C PHE C 28 -10.67 1.06 -4.22
N LEU C 29 -10.43 2.31 -4.48
CA LEU C 29 -10.45 3.32 -3.38
C LEU C 29 -11.80 3.25 -2.67
N ASP C 30 -12.86 3.21 -3.42
CA ASP C 30 -14.21 3.15 -2.79
C ASP C 30 -14.34 1.86 -1.99
N ASP C 31 -14.06 0.74 -2.60
CA ASP C 31 -14.16 -0.55 -1.86
C ASP C 31 -13.12 -0.58 -0.75
N LEU C 32 -11.94 -0.10 -1.03
CA LEU C 32 -10.86 -0.12 0.00
C LEU C 32 -11.32 0.63 1.25
N PHE C 33 -11.72 1.87 1.13
CA PHE C 33 -12.15 2.59 2.35
C PHE C 33 -13.35 1.83 2.93
N SER C 34 -14.16 1.26 2.09
CA SER C 34 -15.34 0.50 2.59
C SER C 34 -14.90 -0.79 3.28
N PHE C 35 -14.11 -1.60 2.62
CA PHE C 35 -13.66 -2.89 3.21
C PHE C 35 -12.88 -2.69 4.51
N MET C 36 -12.00 -1.73 4.53
CA MET C 36 -11.18 -1.52 5.76
C MET C 36 -12.07 -1.25 6.98
N GLN C 37 -13.18 -0.59 6.81
CA GLN C 37 -14.05 -0.34 8.00
C GLN C 37 -14.34 -1.68 8.66
N LYS C 38 -14.57 -2.70 7.88
CA LYS C 38 -14.81 -4.05 8.46
C LYS C 38 -13.54 -4.56 9.13
N ARG C 39 -12.41 -4.28 8.53
CA ARG C 39 -11.12 -4.76 9.10
C ARG C 39 -10.90 -4.12 10.47
N GLY C 40 -11.37 -2.93 10.67
CA GLY C 40 -11.17 -2.26 11.98
C GLY C 40 -9.98 -1.33 11.85
N THR C 41 -9.34 -1.32 10.70
CA THR C 41 -8.18 -0.41 10.50
C THR C 41 -8.51 0.53 9.35
N PRO C 42 -9.18 1.62 9.64
CA PRO C 42 -9.57 2.63 8.61
C PRO C 42 -8.43 3.61 8.33
N ILE C 43 -8.29 4.03 7.10
CA ILE C 43 -7.18 4.97 6.79
C ILE C 43 -7.57 6.37 7.27
N ASN C 44 -7.16 6.73 8.45
CA ASN C 44 -7.48 8.09 8.96
C ASN C 44 -6.85 9.11 8.02
N ARG C 45 -5.70 8.77 7.50
CA ARG C 45 -4.98 9.67 6.57
C ARG C 45 -4.20 8.80 5.58
N LEU C 46 -4.23 9.12 4.33
CA LEU C 46 -3.48 8.28 3.35
C LEU C 46 -1.98 8.53 3.53
N PRO C 47 -1.17 7.53 3.35
CA PRO C 47 0.30 7.71 3.44
C PRO C 47 0.77 8.60 2.29
N ILE C 48 1.59 9.58 2.55
CA ILE C 48 2.03 10.48 1.45
C ILE C 48 3.43 10.10 1.00
N MET C 49 3.69 10.25 -0.26
CA MET C 49 5.03 9.91 -0.81
C MET C 49 5.36 10.91 -1.93
N ALA C 50 6.42 11.65 -1.76
CA ALA C 50 6.78 12.67 -2.79
C ALA C 50 5.78 13.83 -2.69
N LYS C 51 5.41 14.17 -1.49
CA LYS C 51 4.42 15.27 -1.29
C LYS C 51 3.13 14.96 -2.03
N SER C 52 2.89 13.71 -2.26
CA SER C 52 1.64 13.31 -2.99
C SER C 52 1.04 12.09 -2.27
N VAL C 53 -0.25 11.91 -2.41
CA VAL C 53 -0.89 10.73 -1.76
C VAL C 53 -0.40 9.45 -2.42
N LEU C 54 -0.24 8.41 -1.64
CA LEU C 54 0.24 7.13 -2.23
C LEU C 54 -0.90 6.44 -2.97
N ASP C 55 -0.70 6.16 -4.22
CA ASP C 55 -1.77 5.49 -5.02
C ASP C 55 -2.04 4.10 -4.42
N LEU C 56 -2.94 4.00 -3.46
CA LEU C 56 -3.21 2.67 -2.86
C LEU C 56 -3.55 1.68 -3.97
N TYR C 57 -4.04 2.17 -5.08
CA TYR C 57 -4.41 1.25 -6.18
C TYR C 57 -3.19 0.80 -6.98
N GLU C 58 -2.38 1.69 -7.45
CA GLU C 58 -1.20 1.26 -8.26
C GLU C 58 -0.25 0.44 -7.40
N LEU C 59 -0.08 0.79 -6.15
CA LEU C 59 0.82 -0.01 -5.29
C LEU C 59 0.28 -1.44 -5.26
N TYR C 60 -1.01 -1.56 -5.12
CA TYR C 60 -1.66 -2.88 -5.08
C TYR C 60 -1.32 -3.68 -6.34
N ASN C 61 -1.91 -3.33 -7.46
CA ASN C 61 -1.67 -4.09 -8.72
C ASN C 61 -0.21 -4.53 -8.86
N LEU C 62 0.72 -3.69 -8.52
CA LEU C 62 2.14 -4.13 -8.66
C LEU C 62 2.42 -5.17 -7.58
N VAL C 63 1.99 -4.91 -6.38
CA VAL C 63 2.23 -5.89 -5.29
C VAL C 63 1.58 -7.24 -5.64
N ILE C 64 0.35 -7.25 -6.10
CA ILE C 64 -0.28 -8.55 -6.45
C ILE C 64 0.42 -9.10 -7.68
N ALA C 65 0.81 -8.22 -8.57
CA ALA C 65 1.49 -8.67 -9.82
C ALA C 65 2.67 -9.57 -9.46
N ARG C 66 3.22 -9.46 -8.28
CA ARG C 66 4.37 -10.34 -7.90
C ARG C 66 3.83 -11.59 -7.21
N GLY C 67 2.54 -11.65 -7.06
CA GLY C 67 1.91 -12.85 -6.44
C GLY C 67 1.97 -12.83 -4.91
N GLY C 68 2.16 -11.68 -4.29
CA GLY C 68 2.19 -11.66 -2.79
C GLY C 68 3.24 -10.69 -2.26
N LEU C 69 2.83 -9.81 -1.38
CA LEU C 69 3.78 -8.82 -0.78
C LEU C 69 5.06 -9.53 -0.34
N VAL C 70 4.93 -10.71 0.22
CA VAL C 70 6.14 -11.45 0.69
C VAL C 70 7.09 -11.69 -0.49
N ASP C 71 6.56 -12.05 -1.63
CA ASP C 71 7.44 -12.31 -2.80
C ASP C 71 8.30 -11.07 -3.07
N VAL C 72 7.71 -9.91 -2.99
CA VAL C 72 8.47 -8.64 -3.23
C VAL C 72 9.56 -8.47 -2.18
N ILE C 73 9.28 -8.74 -0.94
CA ILE C 73 10.34 -8.58 0.09
C ILE C 73 11.47 -9.58 -0.13
N ASN C 74 11.18 -10.84 -0.17
CA ASN C 74 12.24 -11.87 -0.38
C ASN C 74 12.99 -11.62 -1.69
N LYS C 75 12.29 -11.26 -2.73
CA LYS C 75 12.99 -11.00 -4.02
C LYS C 75 13.31 -9.52 -4.16
N LYS C 76 12.78 -8.70 -3.29
CA LYS C 76 13.01 -7.23 -3.39
C LYS C 76 12.52 -6.72 -4.75
N LEU C 77 11.25 -6.89 -5.03
CA LEU C 77 10.73 -6.39 -6.32
C LEU C 77 10.18 -4.98 -6.11
N TRP C 78 10.51 -4.36 -5.01
CA TRP C 78 10.04 -2.98 -4.76
C TRP C 78 10.60 -2.07 -5.84
N GLN C 79 11.84 -2.27 -6.23
CA GLN C 79 12.41 -1.40 -7.29
C GLN C 79 11.41 -1.34 -8.45
N GLU C 80 10.78 -2.44 -8.77
CA GLU C 80 9.78 -2.42 -9.86
C GLU C 80 8.57 -1.63 -9.39
N ILE C 81 8.19 -1.80 -8.14
CA ILE C 81 7.02 -1.04 -7.59
C ILE C 81 7.42 0.43 -7.43
N ILE C 82 8.49 0.67 -6.72
CA ILE C 82 8.93 2.07 -6.51
C ILE C 82 9.02 2.78 -7.86
N LYS C 83 9.77 2.23 -8.78
CA LYS C 83 9.86 2.87 -10.13
C LYS C 83 8.52 2.73 -10.84
N GLY C 84 7.85 1.62 -10.66
CA GLY C 84 6.53 1.42 -11.34
C GLY C 84 5.62 2.59 -11.03
N LEU C 85 5.71 3.14 -9.85
CA LEU C 85 4.85 4.30 -9.48
C LEU C 85 5.56 5.58 -9.90
N HIS C 86 6.78 5.46 -10.33
CA HIS C 86 7.58 6.64 -10.77
C HIS C 86 7.86 7.56 -9.57
N LEU C 87 8.17 6.99 -8.44
CA LEU C 87 8.50 7.83 -7.26
C LEU C 87 9.89 8.45 -7.47
N PRO C 88 10.10 9.67 -7.05
CA PRO C 88 11.42 10.35 -7.20
C PRO C 88 12.49 9.75 -6.29
N SER C 89 13.71 9.69 -6.75
CA SER C 89 14.81 9.13 -5.92
C SER C 89 14.91 9.91 -4.60
N SER C 90 14.08 10.89 -4.43
CA SER C 90 14.14 11.71 -3.19
C SER C 90 13.80 10.84 -1.98
N ILE C 91 12.96 9.85 -2.14
CA ILE C 91 12.62 9.00 -0.97
C ILE C 91 13.53 7.77 -0.95
N THR C 92 14.59 7.82 -0.18
CA THR C 92 15.53 6.65 -0.12
C THR C 92 14.86 5.50 0.63
N SER C 93 13.92 5.81 1.48
CA SER C 93 13.22 4.73 2.24
C SER C 93 11.85 4.49 1.59
N ALA C 94 11.81 4.46 0.29
CA ALA C 94 10.51 4.24 -0.40
C ALA C 94 10.06 2.79 -0.15
N ALA C 95 10.85 1.84 -0.55
CA ALA C 95 10.45 0.41 -0.34
C ALA C 95 9.97 0.23 1.10
N LEU C 96 10.76 0.64 2.06
CA LEU C 96 10.33 0.48 3.47
C LEU C 96 9.01 1.24 3.69
N THR C 97 8.91 2.43 3.19
CA THR C 97 7.63 3.18 3.36
C THR C 97 6.50 2.40 2.71
N LEU C 98 6.75 1.81 1.58
CA LEU C 98 5.70 1.02 0.89
C LEU C 98 5.40 -0.25 1.70
N ARG C 99 6.42 -0.94 2.14
CA ARG C 99 6.19 -2.19 2.92
C ARG C 99 5.51 -1.90 4.24
N THR C 100 6.03 -0.98 4.99
CA THR C 100 5.39 -0.70 6.31
C THR C 100 3.91 -0.36 6.10
N GLN C 101 3.61 0.59 5.27
CA GLN C 101 2.18 0.96 5.04
C GLN C 101 1.40 -0.21 4.43
N TYR C 102 1.94 -0.92 3.50
CA TYR C 102 1.16 -2.05 2.90
C TYR C 102 0.76 -3.02 4.01
N MET C 103 1.67 -3.32 4.89
CA MET C 103 1.40 -4.26 5.99
C MET C 103 0.15 -3.88 6.79
N LYS C 104 0.11 -2.71 7.34
CA LYS C 104 -1.05 -2.32 8.19
C LYS C 104 -2.32 -2.05 7.38
N TYR C 105 -2.24 -1.22 6.36
CA TYR C 105 -3.46 -0.84 5.61
C TYR C 105 -3.86 -1.82 4.49
N LEU C 106 -2.95 -2.27 3.66
CA LEU C 106 -3.38 -3.17 2.53
C LEU C 106 -3.14 -4.67 2.81
N TYR C 107 -2.60 -5.06 3.93
CA TYR C 107 -2.39 -6.52 4.12
C TYR C 107 -3.73 -7.25 4.16
N PRO C 108 -4.75 -6.66 4.72
CA PRO C 108 -6.10 -7.30 4.81
C PRO C 108 -6.75 -7.45 3.42
N TYR C 109 -6.88 -6.35 2.72
CA TYR C 109 -7.49 -6.40 1.36
C TYR C 109 -6.66 -7.36 0.49
N GLU C 110 -5.36 -7.28 0.58
CA GLU C 110 -4.49 -8.18 -0.24
C GLU C 110 -4.53 -9.61 0.31
N CYS C 111 -4.34 -9.77 1.58
CA CYS C 111 -4.32 -11.15 2.15
C CYS C 111 -5.73 -11.70 2.29
N GLU C 112 -6.67 -10.93 2.76
CA GLU C 112 -8.04 -11.46 2.94
C GLU C 112 -8.69 -11.76 1.58
N LYS C 113 -8.68 -10.82 0.69
CA LYS C 113 -9.34 -11.06 -0.64
C LYS C 113 -8.51 -12.00 -1.53
N LYS C 114 -7.21 -11.94 -1.47
CA LYS C 114 -6.38 -12.80 -2.37
C LYS C 114 -5.64 -13.88 -1.57
N ASN C 115 -5.30 -13.64 -0.34
CA ASN C 115 -4.59 -14.68 0.47
C ASN C 115 -3.31 -15.15 -0.27
N LEU C 116 -2.55 -14.24 -0.80
CA LEU C 116 -1.30 -14.63 -1.52
C LEU C 116 -0.29 -15.23 -0.55
N SER C 117 -0.31 -14.81 0.68
CA SER C 117 0.67 -15.35 1.65
C SER C 117 0.12 -15.24 3.08
N THR C 118 0.97 -15.43 4.07
CA THR C 118 0.50 -15.36 5.49
C THR C 118 1.38 -14.38 6.27
N PRO C 119 0.92 -13.88 7.40
CA PRO C 119 1.72 -12.93 8.22
C PRO C 119 3.07 -13.53 8.65
N ALA C 120 3.10 -14.80 8.99
CA ALA C 120 4.40 -15.41 9.42
C ALA C 120 5.39 -15.39 8.26
N GLU C 121 4.93 -15.61 7.06
CA GLU C 121 5.88 -15.56 5.92
C GLU C 121 6.34 -14.12 5.79
N LEU C 122 5.43 -13.20 5.88
CA LEU C 122 5.78 -11.76 5.80
C LEU C 122 6.61 -11.34 7.02
N GLN C 123 6.14 -11.65 8.20
CA GLN C 123 6.91 -11.29 9.42
C GLN C 123 8.30 -11.93 9.36
N ALA C 124 8.37 -13.20 9.02
CA ALA C 124 9.70 -13.88 8.95
C ALA C 124 10.57 -13.22 7.88
N ALA C 125 9.98 -12.84 6.78
CA ALA C 125 10.76 -12.18 5.70
C ALA C 125 11.20 -10.81 6.17
N ILE C 126 10.37 -10.19 6.95
CA ILE C 126 10.70 -8.85 7.48
C ILE C 126 11.93 -8.98 8.37
N ASP C 127 11.89 -9.87 9.32
CA ASP C 127 13.06 -10.04 10.22
C ASP C 127 14.27 -10.46 9.39
N GLY C 128 14.04 -11.27 8.38
CA GLY C 128 15.17 -11.75 7.52
C GLY C 128 15.81 -10.56 6.79
N ASN C 129 15.05 -9.56 6.47
CA ASN C 129 15.64 -8.40 5.72
C ASN C 129 16.17 -7.33 6.70
N ARG C 130 15.50 -7.10 7.80
CA ARG C 130 15.99 -6.06 8.75
C ARG C 130 17.38 -6.41 9.27
N ARG C 131 18.21 -5.42 9.45
CA ARG C 131 19.59 -5.67 9.96
C ARG C 131 19.54 -6.09 11.43
N GLU C 132 20.63 -6.60 11.94
CA GLU C 132 20.66 -7.01 13.36
C GLU C 132 21.44 -5.99 14.17
N GLY C 133 20.75 -5.25 14.99
CA GLY C 133 21.43 -4.21 15.83
C GLY C 133 20.65 -2.90 15.73
N GLY C 3 -10.97 13.25 17.54
CA GLY C 3 -11.41 12.46 16.36
C GLY C 3 -11.07 13.22 15.08
N TRP C 4 -10.69 12.52 14.04
CA TRP C 4 -10.34 13.20 12.76
C TRP C 4 -11.61 13.75 12.11
N SER C 5 -11.49 14.73 11.27
CA SER C 5 -12.71 15.31 10.63
C SER C 5 -13.01 14.61 9.31
N PHE C 6 -14.23 14.21 9.12
CA PHE C 6 -14.62 13.50 7.88
C PHE C 6 -14.27 14.36 6.66
N GLU C 7 -14.36 15.65 6.78
CA GLU C 7 -14.02 16.52 5.62
C GLU C 7 -12.54 16.33 5.27
N GLU C 8 -11.70 16.27 6.27
CA GLU C 8 -10.24 16.10 6.01
C GLU C 8 -10.01 14.81 5.22
N GLN C 9 -10.62 13.73 5.62
CA GLN C 9 -10.43 12.45 4.88
C GLN C 9 -11.05 12.59 3.49
N PHE C 10 -12.18 13.24 3.40
CA PHE C 10 -12.84 13.42 2.08
C PHE C 10 -11.87 14.10 1.12
N LYS C 11 -11.27 15.19 1.51
CA LYS C 11 -10.31 15.86 0.60
C LYS C 11 -9.13 14.93 0.33
N GLN C 12 -8.66 14.24 1.35
CA GLN C 12 -7.51 13.33 1.14
C GLN C 12 -7.88 12.19 0.20
N VAL C 13 -8.99 11.53 0.40
CA VAL C 13 -9.37 10.45 -0.53
C VAL C 13 -9.75 11.08 -1.86
N ARG C 14 -10.38 12.22 -1.84
CA ARG C 14 -10.72 12.89 -3.12
C ARG C 14 -9.43 13.04 -3.92
N GLN C 15 -8.36 13.41 -3.28
CA GLN C 15 -7.07 13.54 -4.00
C GLN C 15 -6.73 12.19 -4.64
N LEU C 16 -7.15 11.11 -4.03
CA LEU C 16 -6.84 9.77 -4.60
C LEU C 16 -7.67 9.50 -5.87
N TYR C 17 -8.92 9.90 -5.91
CA TYR C 17 -9.73 9.60 -7.13
C TYR C 17 -9.35 10.56 -8.26
N GLU C 18 -9.00 11.78 -7.94
CA GLU C 18 -8.66 12.75 -9.03
C GLU C 18 -7.40 12.30 -9.76
N ILE C 19 -6.55 11.57 -9.11
CA ILE C 19 -5.30 11.11 -9.73
C ILE C 19 -5.53 10.73 -11.20
N ASN C 20 -6.62 10.09 -11.51
CA ASN C 20 -6.87 9.70 -12.93
C ASN C 20 -8.29 9.16 -13.11
N ASP C 21 -8.72 9.08 -14.34
CA ASP C 21 -10.10 8.60 -14.63
C ASP C 21 -10.08 7.08 -14.81
N ASP C 22 -9.82 6.35 -13.76
CA ASP C 22 -9.79 4.86 -13.85
C ASP C 22 -10.96 4.30 -13.06
N PRO C 23 -12.08 4.04 -13.70
CA PRO C 23 -13.28 3.49 -13.00
C PRO C 23 -12.94 2.29 -12.12
N LYS C 24 -12.09 1.41 -12.59
CA LYS C 24 -11.72 0.23 -11.75
C LYS C 24 -10.99 0.73 -10.50
N ARG C 25 -10.13 1.70 -10.67
CA ARG C 25 -9.38 2.25 -9.50
C ARG C 25 -10.38 2.78 -8.48
N LYS C 26 -11.45 3.38 -8.94
CA LYS C 26 -12.45 3.93 -8.00
C LYS C 26 -13.00 2.80 -7.14
N GLU C 27 -13.40 1.72 -7.76
CA GLU C 27 -13.94 0.57 -6.99
C GLU C 27 -12.92 0.14 -5.92
N PHE C 28 -11.65 0.19 -6.25
CA PHE C 28 -10.61 -0.21 -5.26
C PHE C 28 -10.60 0.74 -4.07
N LEU C 29 -10.35 2.00 -4.29
CA LEU C 29 -10.31 2.97 -3.17
C LEU C 29 -11.63 2.90 -2.40
N ASP C 30 -12.72 2.91 -3.10
CA ASP C 30 -14.04 2.83 -2.41
C ASP C 30 -14.14 1.50 -1.66
N ASP C 31 -13.78 0.42 -2.30
CA ASP C 31 -13.85 -0.90 -1.61
C ASP C 31 -12.82 -0.93 -0.48
N LEU C 32 -11.62 -0.47 -0.75
CA LEU C 32 -10.57 -0.50 0.31
C LEU C 32 -11.06 0.23 1.55
N PHE C 33 -11.55 1.43 1.41
CA PHE C 33 -12.04 2.14 2.62
C PHE C 33 -13.18 1.31 3.21
N SER C 34 -13.96 0.68 2.37
CA SER C 34 -15.09 -0.15 2.87
C SER C 34 -14.57 -1.43 3.54
N PHE C 35 -13.71 -2.17 2.86
CA PHE C 35 -13.18 -3.44 3.43
C PHE C 35 -12.44 -3.18 4.75
N MET C 36 -11.62 -2.17 4.78
CA MET C 36 -10.87 -1.88 6.03
C MET C 36 -11.83 -1.63 7.19
N GLN C 37 -12.97 -1.06 6.93
CA GLN C 37 -13.93 -0.81 8.04
C GLN C 37 -14.16 -2.12 8.79
N LYS C 38 -14.24 -3.21 8.07
CA LYS C 38 -14.44 -4.54 8.73
C LYS C 38 -13.17 -4.91 9.46
N ARG C 39 -12.05 -4.59 8.87
CA ARG C 39 -10.75 -4.93 9.48
C ARG C 39 -10.57 -4.16 10.79
N GLY C 40 -11.14 -2.99 10.90
CA GLY C 40 -10.99 -2.22 12.15
C GLY C 40 -9.82 -1.26 11.99
N THR C 41 -9.20 -1.27 10.83
CA THR C 41 -8.06 -0.34 10.59
C THR C 41 -8.45 0.60 9.46
N PRO C 42 -9.13 1.66 9.76
CA PRO C 42 -9.57 2.65 8.74
C PRO C 42 -8.46 3.66 8.43
N ILE C 43 -8.31 4.04 7.19
CA ILE C 43 -7.23 5.01 6.84
C ILE C 43 -7.64 6.41 7.27
N ASN C 44 -7.20 6.85 8.42
CA ASN C 44 -7.55 8.22 8.88
C ASN C 44 -6.84 9.21 7.95
N ARG C 45 -5.58 8.98 7.70
CA ARG C 45 -4.81 9.87 6.79
C ARG C 45 -4.09 9.01 5.75
N LEU C 46 -4.19 9.37 4.50
CA LEU C 46 -3.50 8.53 3.46
C LEU C 46 -1.98 8.69 3.58
N PRO C 47 -1.24 7.62 3.65
CA PRO C 47 0.24 7.74 3.70
C PRO C 47 0.70 8.59 2.52
N ILE C 48 1.44 9.62 2.74
CA ILE C 48 1.88 10.48 1.60
C ILE C 48 3.30 10.13 1.19
N MET C 49 3.55 10.16 -0.09
CA MET C 49 4.88 9.83 -0.61
C MET C 49 5.25 10.82 -1.71
N ALA C 50 6.36 11.49 -1.59
CA ALA C 50 6.75 12.49 -2.62
C ALA C 50 5.75 13.64 -2.54
N LYS C 51 5.37 14.02 -1.36
CA LYS C 51 4.40 15.14 -1.16
C LYS C 51 3.08 14.83 -1.90
N SER C 52 2.83 13.58 -2.16
CA SER C 52 1.56 13.22 -2.87
C SER C 52 0.93 12.00 -2.17
N VAL C 53 -0.36 11.85 -2.26
CA VAL C 53 -1.00 10.68 -1.60
C VAL C 53 -0.55 9.41 -2.30
N LEU C 54 -0.40 8.34 -1.56
CA LEU C 54 0.07 7.07 -2.18
C LEU C 54 -1.10 6.37 -2.88
N ASP C 55 -0.94 6.08 -4.14
CA ASP C 55 -2.02 5.41 -4.90
C ASP C 55 -2.26 4.01 -4.30
N LEU C 56 -3.11 3.89 -3.31
CA LEU C 56 -3.32 2.57 -2.68
C LEU C 56 -3.66 1.55 -3.78
N TYR C 57 -4.16 2.00 -4.89
CA TYR C 57 -4.52 1.05 -5.97
C TYR C 57 -3.31 0.62 -6.79
N GLU C 58 -2.60 1.55 -7.39
CA GLU C 58 -1.42 1.14 -8.21
C GLU C 58 -0.46 0.34 -7.36
N LEU C 59 -0.29 0.71 -6.12
CA LEU C 59 0.62 -0.08 -5.26
C LEU C 59 0.10 -1.52 -5.21
N TYR C 60 -1.15 -1.67 -4.88
CA TYR C 60 -1.76 -3.02 -4.83
C TYR C 60 -1.49 -3.77 -6.13
N ASN C 61 -2.05 -3.30 -7.21
CA ASN C 61 -1.87 -4.00 -8.52
C ASN C 61 -0.42 -4.44 -8.74
N LEU C 62 0.53 -3.62 -8.42
CA LEU C 62 1.95 -4.08 -8.62
C LEU C 62 2.23 -5.14 -7.55
N VAL C 63 1.78 -4.92 -6.36
CA VAL C 63 2.02 -5.91 -5.28
C VAL C 63 1.37 -7.26 -5.67
N ILE C 64 0.15 -7.24 -6.15
CA ILE C 64 -0.47 -8.54 -6.56
C ILE C 64 0.27 -9.05 -7.80
N ALA C 65 0.49 -8.17 -8.74
CA ALA C 65 1.20 -8.57 -9.98
C ALA C 65 2.61 -9.03 -9.64
N ARG C 66 3.01 -8.92 -8.40
CA ARG C 66 4.38 -9.37 -7.99
C ARG C 66 4.26 -10.74 -7.30
N GLY C 67 3.11 -11.33 -7.36
CA GLY C 67 2.90 -12.67 -6.75
C GLY C 67 2.67 -12.57 -5.23
N GLY C 68 2.50 -11.38 -4.71
CA GLY C 68 2.25 -11.25 -3.24
C GLY C 68 3.30 -10.35 -2.58
N LEU C 69 2.88 -9.56 -1.62
CA LEU C 69 3.82 -8.64 -0.92
C LEU C 69 5.04 -9.40 -0.40
N VAL C 70 4.87 -10.57 0.14
CA VAL C 70 6.05 -11.31 0.67
C VAL C 70 7.06 -11.51 -0.47
N ASP C 71 6.60 -11.83 -1.65
CA ASP C 71 7.55 -12.02 -2.78
C ASP C 71 8.33 -10.73 -3.00
N VAL C 72 7.69 -9.61 -2.87
CA VAL C 72 8.39 -8.30 -3.08
C VAL C 72 9.51 -8.14 -2.05
N ILE C 73 9.24 -8.40 -0.81
CA ILE C 73 10.31 -8.24 0.22
C ILE C 73 11.46 -9.21 -0.05
N ASN C 74 11.17 -10.49 -0.01
CA ASN C 74 12.23 -11.51 -0.25
C ASN C 74 12.86 -11.33 -1.62
N LYS C 75 12.08 -11.05 -2.63
CA LYS C 75 12.67 -10.88 -3.98
C LYS C 75 12.99 -9.40 -4.27
N LYS C 76 12.59 -8.51 -3.39
CA LYS C 76 12.85 -7.06 -3.64
C LYS C 76 12.25 -6.61 -4.96
N LEU C 77 10.97 -6.79 -5.15
CA LEU C 77 10.37 -6.32 -6.43
C LEU C 77 9.92 -4.87 -6.21
N TRP C 78 10.38 -4.27 -5.14
CA TRP C 78 10.00 -2.86 -4.85
C TRP C 78 10.53 -1.97 -5.97
N GLN C 79 11.74 -2.18 -6.41
CA GLN C 79 12.26 -1.31 -7.50
C GLN C 79 11.23 -1.28 -8.62
N GLU C 80 10.58 -2.37 -8.89
CA GLU C 80 9.53 -2.38 -9.94
C GLU C 80 8.35 -1.56 -9.43
N ILE C 81 8.01 -1.69 -8.18
CA ILE C 81 6.88 -0.91 -7.60
C ILE C 81 7.30 0.56 -7.46
N ILE C 82 8.39 0.80 -6.79
CA ILE C 82 8.85 2.20 -6.59
C ILE C 82 8.94 2.89 -7.96
N LYS C 83 9.64 2.30 -8.90
CA LYS C 83 9.74 2.93 -10.24
C LYS C 83 8.39 2.87 -10.95
N GLY C 84 7.69 1.76 -10.81
CA GLY C 84 6.36 1.63 -11.48
C GLY C 84 5.48 2.83 -11.11
N LEU C 85 5.64 3.32 -9.91
CA LEU C 85 4.82 4.49 -9.49
C LEU C 85 5.55 5.78 -9.90
N HIS C 86 6.76 5.64 -10.35
CA HIS C 86 7.56 6.83 -10.78
C HIS C 86 7.84 7.70 -9.55
N LEU C 87 8.14 7.09 -8.44
CA LEU C 87 8.46 7.88 -7.22
C LEU C 87 9.85 8.51 -7.38
N PRO C 88 10.03 9.74 -6.97
CA PRO C 88 11.36 10.42 -7.10
C PRO C 88 12.42 9.77 -6.18
N SER C 89 13.64 9.69 -6.64
CA SER C 89 14.71 9.08 -5.81
C SER C 89 14.89 9.88 -4.52
N SER C 90 14.12 10.90 -4.33
CA SER C 90 14.28 11.73 -3.10
C SER C 90 13.92 10.90 -1.87
N ILE C 91 13.10 9.88 -2.04
CA ILE C 91 12.76 9.02 -0.87
C ILE C 91 13.65 7.77 -0.89
N THR C 92 14.60 7.70 -0.02
CA THR C 92 15.50 6.50 0.01
C THR C 92 14.76 5.37 0.71
N SER C 93 13.79 5.72 1.52
CA SER C 93 13.01 4.69 2.26
C SER C 93 11.74 4.37 1.47
N ALA C 94 11.79 4.40 0.17
CA ALA C 94 10.58 4.11 -0.63
C ALA C 94 10.13 2.68 -0.35
N ALA C 95 10.93 1.72 -0.72
CA ALA C 95 10.53 0.29 -0.47
C ALA C 95 10.13 0.13 1.00
N LEU C 96 10.96 0.54 1.93
CA LEU C 96 10.58 0.39 3.36
C LEU C 96 9.27 1.13 3.61
N THR C 97 9.12 2.32 3.11
CA THR C 97 7.87 3.08 3.32
C THR C 97 6.71 2.30 2.71
N LEU C 98 6.91 1.74 1.55
CA LEU C 98 5.82 0.99 0.90
C LEU C 98 5.51 -0.30 1.67
N ARG C 99 6.53 -1.02 2.06
CA ARG C 99 6.29 -2.30 2.82
C ARG C 99 5.64 -2.00 4.17
N THR C 100 6.18 -1.09 4.92
CA THR C 100 5.60 -0.81 6.25
C THR C 100 4.12 -0.44 6.10
N GLN C 101 3.82 0.54 5.29
CA GLN C 101 2.39 0.95 5.10
C GLN C 101 1.56 -0.20 4.52
N TYR C 102 2.07 -0.90 3.55
CA TYR C 102 1.28 -2.01 2.95
C TYR C 102 0.88 -2.99 4.04
N MET C 103 1.80 -3.31 4.91
CA MET C 103 1.51 -4.28 5.99
C MET C 103 0.27 -3.85 6.79
N LYS C 104 0.27 -2.66 7.30
CA LYS C 104 -0.87 -2.21 8.14
C LYS C 104 -2.15 -1.96 7.33
N TYR C 105 -2.08 -1.09 6.35
CA TYR C 105 -3.30 -0.72 5.57
C TYR C 105 -3.67 -1.69 4.44
N LEU C 106 -2.80 -2.58 4.02
CA LEU C 106 -3.19 -3.48 2.87
C LEU C 106 -2.77 -4.93 3.09
N TYR C 107 -2.47 -5.36 4.29
CA TYR C 107 -2.08 -6.79 4.46
C TYR C 107 -3.31 -7.70 4.30
N PRO C 108 -4.47 -7.27 4.74
CA PRO C 108 -5.69 -8.11 4.64
C PRO C 108 -6.37 -8.01 3.27
N TYR C 109 -6.43 -6.85 2.67
CA TYR C 109 -7.06 -6.74 1.33
C TYR C 109 -6.31 -7.68 0.38
N GLU C 110 -5.01 -7.71 0.47
CA GLU C 110 -4.19 -8.61 -0.40
C GLU C 110 -4.38 -10.07 0.03
N CYS C 111 -4.21 -10.34 1.30
CA CYS C 111 -4.34 -11.74 1.78
C CYS C 111 -5.80 -12.17 1.83
N GLU C 112 -6.67 -11.34 2.32
CA GLU C 112 -8.10 -11.75 2.42
C GLU C 112 -8.71 -11.93 1.03
N LYS C 113 -8.49 -11.00 0.14
CA LYS C 113 -9.08 -11.12 -1.22
C LYS C 113 -8.32 -12.16 -2.05
N LYS C 114 -7.03 -12.28 -1.86
CA LYS C 114 -6.24 -13.23 -2.70
C LYS C 114 -5.53 -14.29 -1.84
N ASN C 115 -5.20 -14.00 -0.60
CA ASN C 115 -4.53 -15.02 0.25
C ASN C 115 -3.22 -15.49 -0.43
N LEU C 116 -2.44 -14.58 -0.94
CA LEU C 116 -1.17 -14.96 -1.62
C LEU C 116 -0.17 -15.53 -0.62
N SER C 117 -0.20 -15.10 0.60
CA SER C 117 0.81 -15.60 1.57
C SER C 117 0.29 -15.56 3.02
N THR C 118 1.17 -15.77 3.96
CA THR C 118 0.76 -15.79 5.40
C THR C 118 1.65 -14.81 6.20
N PRO C 119 1.24 -14.42 7.39
CA PRO C 119 2.06 -13.49 8.23
C PRO C 119 3.44 -14.05 8.53
N ALA C 120 3.54 -15.33 8.77
CA ALA C 120 4.88 -15.93 9.07
C ALA C 120 5.79 -15.75 7.87
N GLU C 121 5.26 -15.86 6.68
CA GLU C 121 6.12 -15.63 5.50
C GLU C 121 6.52 -14.16 5.53
N LEU C 122 5.55 -13.29 5.70
CA LEU C 122 5.83 -11.83 5.77
C LEU C 122 6.81 -11.54 6.91
N GLN C 123 6.47 -11.92 8.11
CA GLN C 123 7.37 -11.70 9.27
C GLN C 123 8.72 -12.36 9.00
N ALA C 124 8.71 -13.58 8.52
CA ALA C 124 10.01 -14.25 8.23
C ALA C 124 10.76 -13.41 7.18
N ALA C 125 10.04 -12.84 6.26
CA ALA C 125 10.70 -11.99 5.21
C ALA C 125 11.19 -10.72 5.85
N ILE C 126 10.46 -10.23 6.80
CA ILE C 126 10.86 -8.99 7.49
C ILE C 126 12.22 -9.23 8.15
N ASP C 127 12.33 -10.27 8.92
CA ASP C 127 13.63 -10.58 9.58
C ASP C 127 14.66 -10.90 8.50
N GLY C 128 14.26 -11.59 7.48
CA GLY C 128 15.21 -11.95 6.40
C GLY C 128 15.82 -10.69 5.76
N ASN C 129 15.09 -9.60 5.73
CA ASN C 129 15.65 -8.36 5.10
C ASN C 129 16.31 -7.46 6.15
N ARG C 130 15.81 -7.44 7.35
CA ARG C 130 16.44 -6.56 8.38
C ARG C 130 17.88 -6.99 8.62
N ARG C 131 18.74 -6.05 8.85
CA ARG C 131 20.18 -6.38 9.07
C ARG C 131 20.38 -6.96 10.47
N GLU C 132 21.38 -7.80 10.63
CA GLU C 132 21.64 -8.40 11.96
C GLU C 132 22.62 -7.50 12.72
N GLY C 133 22.14 -6.78 13.67
CA GLY C 133 23.03 -5.87 14.46
C GLY C 133 22.28 -4.59 14.81
N GLY C 3 -10.60 11.75 16.27
CA GLY C 3 -10.14 13.16 16.34
C GLY C 3 -10.03 13.73 14.92
N TRP C 4 -9.76 12.91 13.95
CA TRP C 4 -9.64 13.41 12.56
C TRP C 4 -10.99 13.97 12.10
N SER C 5 -10.96 14.93 11.20
CA SER C 5 -12.24 15.52 10.73
C SER C 5 -12.69 14.82 9.44
N PHE C 6 -13.95 14.51 9.35
CA PHE C 6 -14.47 13.81 8.15
C PHE C 6 -14.14 14.60 6.88
N GLU C 7 -14.23 15.90 6.94
CA GLU C 7 -13.91 16.70 5.74
C GLU C 7 -12.43 16.52 5.37
N GLU C 8 -11.57 16.52 6.35
CA GLU C 8 -10.11 16.36 6.05
C GLU C 8 -9.90 15.08 5.23
N GLN C 9 -10.54 14.01 5.60
CA GLN C 9 -10.38 12.75 4.82
C GLN C 9 -10.98 12.92 3.42
N PHE C 10 -12.09 13.61 3.34
CA PHE C 10 -12.73 13.82 2.01
C PHE C 10 -11.71 14.46 1.07
N LYS C 11 -11.07 15.51 1.50
CA LYS C 11 -10.05 16.17 0.62
C LYS C 11 -8.90 15.19 0.35
N GLN C 12 -8.50 14.45 1.35
CA GLN C 12 -7.37 13.49 1.15
C GLN C 12 -7.75 12.38 0.18
N VAL C 13 -8.90 11.77 0.35
CA VAL C 13 -9.29 10.69 -0.58
C VAL C 13 -9.61 11.30 -1.95
N ARG C 14 -10.23 12.45 -1.98
CA ARG C 14 -10.53 13.07 -3.31
C ARG C 14 -9.22 13.20 -4.08
N GLN C 15 -8.17 13.57 -3.38
CA GLN C 15 -6.86 13.69 -4.07
C GLN C 15 -6.52 12.32 -4.66
N LEU C 16 -7.01 11.26 -4.06
CA LEU C 16 -6.70 9.90 -4.59
C LEU C 16 -7.53 9.58 -5.86
N TYR C 17 -8.77 9.98 -5.91
CA TYR C 17 -9.59 9.66 -7.12
C TYR C 17 -9.19 10.55 -8.30
N GLU C 18 -8.82 11.78 -8.03
CA GLU C 18 -8.47 12.70 -9.15
C GLU C 18 -7.23 12.19 -9.87
N ILE C 19 -6.41 11.48 -9.18
CA ILE C 19 -5.16 10.97 -9.79
C ILE C 19 -5.42 10.50 -11.23
N ASN C 20 -6.53 9.85 -11.48
CA ASN C 20 -6.78 9.37 -12.87
C ASN C 20 -8.20 8.83 -13.00
N ASP C 21 -8.68 8.74 -14.21
CA ASP C 21 -10.06 8.23 -14.45
C ASP C 21 -10.01 6.72 -14.68
N ASP C 22 -9.61 5.97 -13.69
CA ASP C 22 -9.55 4.49 -13.83
C ASP C 22 -10.70 3.87 -13.03
N PRO C 23 -11.72 3.35 -13.70
CA PRO C 23 -12.88 2.74 -13.00
C PRO C 23 -12.46 1.78 -11.88
N LYS C 24 -11.60 0.84 -12.18
CA LYS C 24 -11.16 -0.11 -11.12
C LYS C 24 -10.47 0.66 -10.00
N ARG C 25 -9.75 1.69 -10.32
CA ARG C 25 -9.06 2.49 -9.27
C ARG C 25 -10.10 3.04 -8.30
N LYS C 26 -11.18 3.58 -8.81
CA LYS C 26 -12.23 4.13 -7.91
C LYS C 26 -12.80 3.02 -7.05
N GLU C 27 -13.24 1.95 -7.66
CA GLU C 27 -13.81 0.82 -6.87
C GLU C 27 -12.82 0.42 -5.78
N PHE C 28 -11.56 0.47 -6.08
CA PHE C 28 -10.53 0.09 -5.07
C PHE C 28 -10.59 1.04 -3.87
N LEU C 29 -10.34 2.30 -4.10
CA LEU C 29 -10.39 3.28 -2.99
C LEU C 29 -11.74 3.20 -2.29
N ASP C 30 -12.79 3.15 -3.07
CA ASP C 30 -14.15 3.06 -2.45
C ASP C 30 -14.24 1.77 -1.64
N ASP C 31 -13.83 0.67 -2.22
CA ASP C 31 -13.89 -0.62 -1.48
C ASP C 31 -12.91 -0.60 -0.31
N LEU C 32 -11.72 -0.12 -0.53
CA LEU C 32 -10.71 -0.09 0.57
C LEU C 32 -11.23 0.68 1.77
N PHE C 33 -11.72 1.87 1.59
CA PHE C 33 -12.22 2.61 2.78
C PHE C 33 -13.39 1.82 3.37
N SER C 34 -14.15 1.17 2.53
CA SER C 34 -15.30 0.37 3.04
C SER C 34 -14.82 -0.84 3.84
N PHE C 35 -13.98 -1.66 3.22
CA PHE C 35 -13.48 -2.87 3.91
C PHE C 35 -12.66 -2.53 5.17
N MET C 36 -11.89 -1.49 5.11
CA MET C 36 -11.06 -1.12 6.30
C MET C 36 -11.94 -0.88 7.52
N GLN C 37 -13.12 -0.34 7.35
CA GLN C 37 -14.00 -0.09 8.54
C GLN C 37 -14.21 -1.42 9.28
N LYS C 38 -14.34 -2.50 8.57
CA LYS C 38 -14.53 -3.82 9.24
C LYS C 38 -13.19 -4.28 9.80
N ARG C 39 -12.12 -3.86 9.18
CA ARG C 39 -10.78 -4.28 9.69
C ARG C 39 -10.53 -3.65 11.05
N GLY C 40 -11.06 -2.48 11.28
CA GLY C 40 -10.82 -1.81 12.59
C GLY C 40 -9.67 -0.84 12.41
N THR C 41 -9.11 -0.80 11.22
CA THR C 41 -8.00 0.14 10.94
C THR C 41 -8.43 1.09 9.83
N PRO C 42 -9.11 2.15 10.18
CA PRO C 42 -9.59 3.14 9.19
C PRO C 42 -8.49 4.15 8.84
N ILE C 43 -8.43 4.58 7.62
CA ILE C 43 -7.35 5.54 7.24
C ILE C 43 -7.74 6.96 7.66
N ASN C 44 -7.22 7.41 8.78
CA ASN C 44 -7.54 8.79 9.24
C ASN C 44 -6.70 9.79 8.44
N ARG C 45 -5.84 9.28 7.60
CA ARG C 45 -4.98 10.17 6.77
C ARG C 45 -4.15 9.27 5.84
N LEU C 46 -4.25 9.47 4.56
CA LEU C 46 -3.46 8.60 3.64
C LEU C 46 -1.98 8.95 3.78
N PRO C 47 -1.10 7.99 3.67
CA PRO C 47 0.35 8.25 3.74
C PRO C 47 0.79 9.05 2.51
N ILE C 48 1.65 10.02 2.68
CA ILE C 48 2.08 10.84 1.50
C ILE C 48 3.49 10.46 1.09
N MET C 49 3.73 10.46 -0.19
CA MET C 49 5.06 10.11 -0.73
C MET C 49 5.43 11.14 -1.80
N ALA C 50 6.56 11.77 -1.67
CA ALA C 50 6.93 12.80 -2.66
C ALA C 50 5.90 13.93 -2.58
N LYS C 51 5.51 14.25 -1.38
CA LYS C 51 4.51 15.34 -1.15
C LYS C 51 3.21 15.00 -1.87
N SER C 52 2.96 13.74 -2.11
CA SER C 52 1.70 13.34 -2.80
C SER C 52 1.11 12.10 -2.12
N VAL C 53 -0.17 11.90 -2.22
CA VAL C 53 -0.80 10.72 -1.57
C VAL C 53 -0.33 9.44 -2.24
N LEU C 54 -0.15 8.40 -1.48
CA LEU C 54 0.31 7.10 -2.05
C LEU C 54 -0.86 6.41 -2.76
N ASP C 55 -0.70 6.13 -4.02
CA ASP C 55 -1.81 5.46 -4.78
C ASP C 55 -2.11 4.10 -4.16
N LEU C 56 -3.04 4.03 -3.23
CA LEU C 56 -3.35 2.73 -2.60
C LEU C 56 -3.71 1.72 -3.70
N TYR C 57 -4.21 2.20 -4.81
CA TYR C 57 -4.58 1.25 -5.89
C TYR C 57 -3.36 0.77 -6.68
N GLU C 58 -2.67 1.65 -7.34
CA GLU C 58 -1.50 1.19 -8.13
C GLU C 58 -0.50 0.46 -7.24
N LEU C 59 -0.29 0.91 -6.04
CA LEU C 59 0.65 0.17 -5.16
C LEU C 59 0.15 -1.25 -5.01
N TYR C 60 -1.13 -1.39 -4.81
CA TYR C 60 -1.73 -2.73 -4.69
C TYR C 60 -1.48 -3.54 -5.97
N ASN C 61 -2.08 -3.12 -7.05
CA ASN C 61 -1.92 -3.87 -8.34
C ASN C 61 -0.46 -4.31 -8.54
N LEU C 62 0.49 -3.48 -8.25
CA LEU C 62 1.91 -3.93 -8.45
C LEU C 62 2.21 -4.99 -7.40
N VAL C 63 1.81 -4.76 -6.18
CA VAL C 63 2.06 -5.77 -5.12
C VAL C 63 1.43 -7.12 -5.49
N ILE C 64 0.22 -7.13 -5.96
CA ILE C 64 -0.42 -8.43 -6.33
C ILE C 64 0.26 -8.95 -7.59
N ALA C 65 0.67 -8.05 -8.45
CA ALA C 65 1.31 -8.47 -9.72
C ALA C 65 2.50 -9.39 -9.41
N ARG C 66 3.07 -9.30 -8.24
CA ARG C 66 4.22 -10.19 -7.91
C ARG C 66 3.69 -11.44 -7.22
N GLY C 67 2.41 -11.49 -7.00
CA GLY C 67 1.78 -12.70 -6.37
C GLY C 67 1.86 -12.67 -4.84
N GLY C 68 2.13 -11.54 -4.23
CA GLY C 68 2.18 -11.54 -2.73
C GLY C 68 3.23 -10.56 -2.20
N LEU C 69 2.83 -9.70 -1.30
CA LEU C 69 3.77 -8.71 -0.71
C LEU C 69 5.07 -9.41 -0.30
N VAL C 70 4.98 -10.60 0.22
CA VAL C 70 6.20 -11.33 0.66
C VAL C 70 7.14 -11.55 -0.52
N ASP C 71 6.63 -11.90 -1.67
CA ASP C 71 7.53 -12.12 -2.84
C ASP C 71 8.34 -10.86 -3.13
N VAL C 72 7.70 -9.71 -3.08
CA VAL C 72 8.42 -8.43 -3.34
C VAL C 72 9.55 -8.27 -2.33
N ILE C 73 9.30 -8.55 -1.09
CA ILE C 73 10.39 -8.40 -0.09
C ILE C 73 11.49 -9.43 -0.37
N ASN C 74 11.15 -10.68 -0.39
CA ASN C 74 12.18 -11.74 -0.65
C ASN C 74 12.86 -11.50 -1.99
N LYS C 75 12.11 -11.13 -3.00
CA LYS C 75 12.74 -10.90 -4.33
C LYS C 75 13.10 -9.41 -4.47
N LYS C 76 12.67 -8.59 -3.56
CA LYS C 76 12.96 -7.12 -3.67
C LYS C 76 12.42 -6.59 -4.98
N LEU C 77 11.15 -6.74 -5.24
CA LEU C 77 10.59 -6.21 -6.50
C LEU C 77 10.07 -4.78 -6.24
N TRP C 78 10.48 -4.19 -5.15
CA TRP C 78 10.03 -2.80 -4.85
C TRP C 78 10.57 -1.87 -5.92
N GLN C 79 11.79 -2.06 -6.36
CA GLN C 79 12.32 -1.16 -7.41
C GLN C 79 11.27 -1.08 -8.51
N GLU C 80 10.62 -2.17 -8.82
CA GLU C 80 9.58 -2.12 -9.88
C GLU C 80 8.38 -1.33 -9.33
N ILE C 81 8.04 -1.53 -8.08
CA ILE C 81 6.90 -0.77 -7.49
C ILE C 81 7.33 0.69 -7.33
N ILE C 82 8.43 0.91 -6.66
CA ILE C 82 8.90 2.31 -6.47
C ILE C 82 8.93 3.01 -7.83
N LYS C 83 9.59 2.43 -8.79
CA LYS C 83 9.63 3.05 -10.14
C LYS C 83 8.24 2.99 -10.78
N GLY C 84 7.54 1.90 -10.58
CA GLY C 84 6.19 1.77 -11.18
C GLY C 84 5.34 2.97 -10.78
N LEU C 85 5.54 3.48 -9.60
CA LEU C 85 4.76 4.67 -9.15
C LEU C 85 5.50 5.94 -9.60
N HIS C 86 6.69 5.78 -10.11
CA HIS C 86 7.47 6.96 -10.58
C HIS C 86 7.85 7.84 -9.39
N LEU C 87 8.19 7.25 -8.29
CA LEU C 87 8.60 8.05 -7.11
C LEU C 87 10.00 8.63 -7.35
N PRO C 88 10.29 9.80 -6.85
CA PRO C 88 11.64 10.43 -7.03
C PRO C 88 12.71 9.76 -6.15
N SER C 89 13.89 9.57 -6.67
CA SER C 89 14.97 8.94 -5.88
C SER C 89 15.21 9.72 -4.58
N SER C 90 14.47 10.78 -4.38
CA SER C 90 14.67 11.59 -3.15
C SER C 90 14.25 10.80 -1.91
N ILE C 91 13.38 9.82 -2.06
CA ILE C 91 12.98 9.02 -0.87
C ILE C 91 13.80 7.73 -0.83
N THR C 92 14.80 7.68 0.01
CA THR C 92 15.64 6.44 0.10
C THR C 92 14.83 5.35 0.81
N SER C 93 13.93 5.75 1.67
CA SER C 93 13.10 4.76 2.40
C SER C 93 11.82 4.50 1.61
N ALA C 94 11.87 4.61 0.32
CA ALA C 94 10.65 4.37 -0.50
C ALA C 94 10.19 2.94 -0.30
N ALA C 95 10.97 1.99 -0.72
CA ALA C 95 10.57 0.56 -0.55
C ALA C 95 10.14 0.34 0.91
N LEU C 96 10.97 0.73 1.85
CA LEU C 96 10.58 0.53 3.28
C LEU C 96 9.27 1.27 3.54
N THR C 97 9.14 2.46 3.04
CA THR C 97 7.87 3.22 3.25
C THR C 97 6.72 2.44 2.64
N LEU C 98 6.95 1.86 1.49
CA LEU C 98 5.88 1.09 0.82
C LEU C 98 5.61 -0.20 1.60
N ARG C 99 6.64 -0.93 1.97
CA ARG C 99 6.43 -2.20 2.71
C ARG C 99 5.84 -1.92 4.10
N THR C 100 6.41 -1.01 4.84
CA THR C 100 5.89 -0.73 6.20
C THR C 100 4.40 -0.35 6.11
N GLN C 101 4.07 0.63 5.31
CA GLN C 101 2.64 1.04 5.19
C GLN C 101 1.79 -0.10 4.63
N TYR C 102 2.26 -0.83 3.66
CA TYR C 102 1.44 -1.93 3.10
C TYR C 102 1.06 -2.90 4.20
N MET C 103 1.99 -3.19 5.07
CA MET C 103 1.71 -4.16 6.17
C MET C 103 0.46 -3.77 6.97
N LYS C 104 0.41 -2.57 7.47
CA LYS C 104 -0.76 -2.17 8.32
C LYS C 104 -2.05 -1.98 7.52
N TYR C 105 -2.03 -1.16 6.51
CA TYR C 105 -3.28 -0.84 5.76
C TYR C 105 -3.64 -1.85 4.65
N LEU C 106 -2.71 -2.25 3.82
CA LEU C 106 -3.09 -3.16 2.68
C LEU C 106 -2.85 -4.65 2.94
N TYR C 107 -2.22 -5.03 4.01
CA TYR C 107 -2.04 -6.50 4.22
C TYR C 107 -3.41 -7.17 4.29
N PRO C 108 -4.38 -6.54 4.90
CA PRO C 108 -5.76 -7.10 5.03
C PRO C 108 -6.48 -7.18 3.66
N TYR C 109 -6.51 -6.09 2.94
CA TYR C 109 -7.18 -6.09 1.60
C TYR C 109 -6.45 -7.09 0.70
N GLU C 110 -5.16 -7.15 0.81
CA GLU C 110 -4.35 -8.11 -0.02
C GLU C 110 -4.56 -9.54 0.49
N CYS C 111 -4.37 -9.76 1.76
CA CYS C 111 -4.52 -11.13 2.31
C CYS C 111 -5.98 -11.55 2.34
N GLU C 112 -6.86 -10.69 2.75
CA GLU C 112 -8.29 -11.08 2.83
C GLU C 112 -8.90 -11.29 1.44
N LYS C 113 -8.67 -10.40 0.52
CA LYS C 113 -9.26 -10.55 -0.82
C LYS C 113 -8.56 -11.63 -1.66
N LYS C 114 -7.27 -11.81 -1.50
CA LYS C 114 -6.56 -12.84 -2.33
C LYS C 114 -5.79 -13.85 -1.46
N ASN C 115 -5.41 -13.49 -0.28
CA ASN C 115 -4.67 -14.46 0.59
C ASN C 115 -3.36 -14.89 -0.07
N LEU C 116 -2.59 -13.96 -0.55
CA LEU C 116 -1.31 -14.31 -1.23
C LEU C 116 -0.30 -14.92 -0.25
N SER C 117 -0.30 -14.48 0.97
CA SER C 117 0.71 -15.04 1.93
C SER C 117 0.22 -14.92 3.38
N THR C 118 1.12 -15.12 4.32
CA THR C 118 0.73 -15.05 5.77
C THR C 118 1.71 -14.15 6.52
N PRO C 119 1.30 -13.59 7.65
CA PRO C 119 2.19 -12.72 8.47
C PRO C 119 3.54 -13.38 8.77
N ALA C 120 3.56 -14.64 9.12
CA ALA C 120 4.86 -15.30 9.43
C ALA C 120 5.73 -15.31 8.19
N GLU C 121 5.17 -15.52 7.04
CA GLU C 121 5.99 -15.49 5.81
C GLU C 121 6.49 -14.07 5.64
N LEU C 122 5.62 -13.12 5.85
CA LEU C 122 6.01 -11.68 5.72
C LEU C 122 6.98 -11.31 6.86
N GLN C 123 6.62 -11.61 8.08
CA GLN C 123 7.53 -11.29 9.21
C GLN C 123 8.88 -11.97 8.99
N ALA C 124 8.85 -13.23 8.63
CA ALA C 124 10.13 -13.96 8.39
C ALA C 124 10.92 -13.29 7.25
N ALA C 125 10.23 -12.88 6.21
CA ALA C 125 10.93 -12.22 5.07
C ALA C 125 11.45 -10.88 5.54
N ILE C 126 10.71 -10.26 6.40
CA ILE C 126 11.14 -8.96 6.94
C ILE C 126 12.40 -9.19 7.77
N ASP C 127 12.38 -10.16 8.63
CA ASP C 127 13.60 -10.45 9.43
C ASP C 127 14.73 -10.82 8.47
N GLY C 128 14.41 -11.54 7.43
CA GLY C 128 15.45 -11.94 6.44
C GLY C 128 16.03 -10.71 5.74
N ASN C 129 15.25 -9.68 5.53
CA ASN C 129 15.81 -8.49 4.83
C ASN C 129 16.33 -7.46 5.85
N ARG C 130 15.74 -7.38 7.00
CA ARG C 130 16.24 -6.42 8.02
C ARG C 130 17.65 -6.80 8.45
N ARG C 131 18.49 -5.84 8.70
CA ARG C 131 19.88 -6.15 9.12
C ARG C 131 19.87 -6.83 10.50
N GLU C 132 20.84 -7.66 10.77
CA GLU C 132 20.89 -8.36 12.08
C GLU C 132 21.56 -7.44 13.10
N GLY C 133 20.79 -6.72 13.85
CA GLY C 133 21.36 -5.81 14.87
C GLY C 133 20.27 -4.87 15.40
N GLY C 3 -11.47 11.91 16.01
CA GLY C 3 -10.16 12.62 15.99
C GLY C 3 -9.99 13.34 14.65
N TRP C 4 -9.77 12.60 13.60
CA TRP C 4 -9.58 13.24 12.27
C TRP C 4 -10.91 13.83 11.78
N SER C 5 -10.84 14.89 11.01
CA SER C 5 -12.09 15.52 10.51
C SER C 5 -12.46 14.91 9.15
N PHE C 6 -13.73 14.65 8.95
CA PHE C 6 -14.18 14.03 7.67
C PHE C 6 -13.74 14.90 6.49
N GLU C 7 -13.76 16.19 6.64
CA GLU C 7 -13.32 17.06 5.50
C GLU C 7 -11.84 16.77 5.19
N GLU C 8 -11.04 16.65 6.20
CA GLU C 8 -9.59 16.39 5.97
C GLU C 8 -9.44 15.13 5.11
N GLN C 9 -10.23 14.13 5.39
CA GLN C 9 -10.16 12.89 4.58
C GLN C 9 -10.77 13.17 3.20
N PHE C 10 -11.81 13.96 3.14
CA PHE C 10 -12.44 14.25 1.83
C PHE C 10 -11.40 14.87 0.89
N LYS C 11 -10.72 15.90 1.35
CA LYS C 11 -9.69 16.54 0.48
C LYS C 11 -8.57 15.53 0.19
N GLN C 12 -8.14 14.82 1.19
CA GLN C 12 -7.05 13.83 0.99
C GLN C 12 -7.50 12.69 0.08
N VAL C 13 -8.64 12.10 0.34
CA VAL C 13 -9.11 11.00 -0.55
C VAL C 13 -9.48 11.58 -1.91
N ARG C 14 -10.04 12.76 -1.95
CA ARG C 14 -10.36 13.34 -3.28
C ARG C 14 -9.07 13.41 -4.09
N GLN C 15 -7.97 13.75 -3.46
CA GLN C 15 -6.69 13.80 -4.20
C GLN C 15 -6.42 12.42 -4.80
N LEU C 16 -6.86 11.37 -4.13
CA LEU C 16 -6.63 9.99 -4.65
C LEU C 16 -7.50 9.70 -5.89
N TYR C 17 -8.74 10.12 -5.91
CA TYR C 17 -9.58 9.80 -7.10
C TYR C 17 -9.19 10.70 -8.28
N GLU C 18 -8.77 11.91 -8.02
CA GLU C 18 -8.41 12.83 -9.13
C GLU C 18 -7.17 12.33 -9.86
N ILE C 19 -6.33 11.59 -9.19
CA ILE C 19 -5.10 11.08 -9.82
C ILE C 19 -5.35 10.67 -11.27
N ASN C 20 -6.45 10.04 -11.55
CA ASN C 20 -6.74 9.63 -12.95
C ASN C 20 -8.16 9.08 -13.07
N ASP C 21 -8.64 8.95 -14.28
CA ASP C 21 -10.01 8.42 -14.49
C ASP C 21 -9.96 6.90 -14.66
N ASP C 22 -9.64 6.19 -13.61
CA ASP C 22 -9.57 4.70 -13.71
C ASP C 22 -10.72 4.10 -12.86
N PRO C 23 -11.77 3.62 -13.49
CA PRO C 23 -12.93 3.03 -12.77
C PRO C 23 -12.48 2.01 -11.72
N LYS C 24 -11.54 1.17 -12.05
CA LYS C 24 -11.06 0.17 -11.07
C LYS C 24 -10.43 0.90 -9.88
N ARG C 25 -9.75 1.98 -10.14
CA ARG C 25 -9.10 2.75 -9.04
C ARG C 25 -10.16 3.25 -8.06
N LYS C 26 -11.25 3.78 -8.57
CA LYS C 26 -12.31 4.30 -7.65
C LYS C 26 -12.88 3.15 -6.82
N GLU C 27 -13.31 2.11 -7.47
CA GLU C 27 -13.88 0.95 -6.72
C GLU C 27 -12.88 0.53 -5.64
N PHE C 28 -11.62 0.55 -5.95
CA PHE C 28 -10.60 0.16 -4.95
C PHE C 28 -10.61 1.14 -3.78
N LEU C 29 -10.37 2.40 -4.04
CA LEU C 29 -10.37 3.40 -2.95
C LEU C 29 -11.70 3.34 -2.21
N ASP C 30 -12.78 3.31 -2.94
CA ASP C 30 -14.11 3.24 -2.28
C ASP C 30 -14.22 1.93 -1.49
N ASP C 31 -13.86 0.83 -2.08
CA ASP C 31 -13.94 -0.46 -1.37
C ASP C 31 -12.92 -0.47 -0.23
N LEU C 32 -11.73 0.00 -0.49
CA LEU C 32 -10.69 0.00 0.58
C LEU C 32 -11.14 0.83 1.76
N PHE C 33 -11.57 2.05 1.56
CA PHE C 33 -12.01 2.84 2.74
C PHE C 33 -13.15 2.08 3.40
N SER C 34 -13.98 1.45 2.62
CA SER C 34 -15.13 0.69 3.18
C SER C 34 -14.63 -0.56 3.94
N PHE C 35 -13.82 -1.36 3.31
CA PHE C 35 -13.30 -2.60 3.94
C PHE C 35 -12.53 -2.31 5.22
N MET C 36 -11.69 -1.32 5.21
CA MET C 36 -10.88 -1.01 6.42
C MET C 36 -11.78 -0.74 7.64
N GLN C 37 -12.95 -0.20 7.44
CA GLN C 37 -13.82 0.06 8.63
C GLN C 37 -13.99 -1.24 9.41
N LYS C 38 -14.14 -2.34 8.72
CA LYS C 38 -14.28 -3.64 9.42
C LYS C 38 -12.97 -3.98 10.14
N ARG C 39 -11.87 -3.70 9.50
CA ARG C 39 -10.54 -4.01 10.09
C ARG C 39 -10.33 -3.20 11.37
N GLY C 40 -10.89 -2.03 11.46
CA GLY C 40 -10.69 -1.22 12.68
C GLY C 40 -9.49 -0.31 12.46
N THR C 41 -8.92 -0.38 11.27
CA THR C 41 -7.76 0.48 10.95
C THR C 41 -8.14 1.37 9.77
N PRO C 42 -8.79 2.45 10.04
CA PRO C 42 -9.24 3.40 8.98
C PRO C 42 -8.12 4.38 8.61
N ILE C 43 -8.05 4.77 7.37
CA ILE C 43 -6.97 5.72 6.97
C ILE C 43 -7.35 7.14 7.39
N ASN C 44 -6.89 7.57 8.54
CA ASN C 44 -7.22 8.95 8.97
C ASN C 44 -6.57 9.91 7.99
N ARG C 45 -5.35 9.64 7.63
CA ARG C 45 -4.63 10.49 6.65
C ARG C 45 -3.90 9.58 5.66
N LEU C 46 -3.99 9.85 4.39
CA LEU C 46 -3.29 8.97 3.43
C LEU C 46 -1.79 9.18 3.56
N PRO C 47 -1.00 8.14 3.64
CA PRO C 47 0.47 8.32 3.73
C PRO C 47 0.95 9.07 2.49
N ILE C 48 1.87 9.98 2.64
CA ILE C 48 2.34 10.77 1.46
C ILE C 48 3.72 10.31 1.01
N MET C 49 3.95 10.36 -0.28
CA MET C 49 5.26 9.95 -0.83
C MET C 49 5.59 10.86 -2.00
N ALA C 50 6.70 11.55 -1.93
CA ALA C 50 7.06 12.49 -3.03
C ALA C 50 6.07 13.66 -3.00
N LYS C 51 5.74 14.11 -1.81
CA LYS C 51 4.79 15.24 -1.66
C LYS C 51 3.47 14.91 -2.37
N SER C 52 3.21 13.64 -2.57
CA SER C 52 1.95 13.23 -3.24
C SER C 52 1.31 12.10 -2.41
N VAL C 53 0.01 11.98 -2.43
CA VAL C 53 -0.63 10.90 -1.62
C VAL C 53 -0.25 9.55 -2.22
N LEU C 54 -0.11 8.55 -1.41
CA LEU C 54 0.28 7.22 -1.92
C LEU C 54 -0.91 6.56 -2.62
N ASP C 55 -0.78 6.30 -3.89
CA ASP C 55 -1.90 5.67 -4.64
C ASP C 55 -2.19 4.29 -4.05
N LEU C 56 -3.11 4.21 -3.12
CA LEU C 56 -3.40 2.90 -2.50
C LEU C 56 -3.71 1.87 -3.58
N TYR C 57 -4.20 2.31 -4.70
CA TYR C 57 -4.54 1.34 -5.78
C TYR C 57 -3.30 0.89 -6.55
N GLU C 58 -2.57 1.79 -7.16
CA GLU C 58 -1.37 1.36 -7.93
C GLU C 58 -0.42 0.60 -7.01
N LEU C 59 -0.30 1.01 -5.79
CA LEU C 59 0.59 0.26 -4.86
C LEU C 59 0.07 -1.16 -4.79
N TYR C 60 -1.22 -1.29 -4.61
CA TYR C 60 -1.85 -2.63 -4.54
C TYR C 60 -1.62 -3.38 -5.86
N ASN C 61 -2.26 -2.94 -6.90
CA ASN C 61 -2.13 -3.62 -8.23
C ASN C 61 -0.68 -4.07 -8.46
N LEU C 62 0.29 -3.27 -8.10
CA LEU C 62 1.69 -3.72 -8.31
C LEU C 62 2.00 -4.82 -7.31
N VAL C 63 1.66 -4.60 -6.07
CA VAL C 63 1.95 -5.64 -5.04
C VAL C 63 1.31 -6.98 -5.42
N ILE C 64 0.09 -6.98 -5.89
CA ILE C 64 -0.53 -8.28 -6.29
C ILE C 64 0.16 -8.77 -7.55
N ALA C 65 0.54 -7.86 -8.40
CA ALA C 65 1.20 -8.26 -9.67
C ALA C 65 2.44 -9.10 -9.36
N ARG C 66 2.97 -9.03 -8.16
CA ARG C 66 4.16 -9.86 -7.84
C ARG C 66 3.68 -11.16 -7.20
N GLY C 67 2.39 -11.30 -7.05
CA GLY C 67 1.80 -12.55 -6.48
C GLY C 67 1.87 -12.58 -4.95
N GLY C 68 2.13 -11.49 -4.28
CA GLY C 68 2.16 -11.54 -2.78
C GLY C 68 3.19 -10.58 -2.19
N LEU C 69 2.76 -9.73 -1.29
CA LEU C 69 3.68 -8.74 -0.66
C LEU C 69 4.98 -9.44 -0.23
N VAL C 70 4.88 -10.62 0.32
CA VAL C 70 6.11 -11.33 0.78
C VAL C 70 7.04 -11.59 -0.40
N ASP C 71 6.51 -12.00 -1.52
CA ASP C 71 7.38 -12.27 -2.70
C ASP C 71 8.20 -11.02 -3.00
N VAL C 72 7.61 -9.88 -2.83
CA VAL C 72 8.34 -8.60 -3.09
C VAL C 72 9.47 -8.41 -2.10
N ILE C 73 9.26 -8.68 -0.84
CA ILE C 73 10.36 -8.49 0.15
C ILE C 73 11.50 -9.48 -0.11
N ASN C 74 11.21 -10.76 -0.07
CA ASN C 74 12.27 -11.78 -0.31
C ASN C 74 12.89 -11.59 -1.70
N LYS C 75 12.09 -11.29 -2.69
CA LYS C 75 12.66 -11.10 -4.05
C LYS C 75 12.99 -9.63 -4.29
N LYS C 76 12.56 -8.76 -3.42
CA LYS C 76 12.82 -7.29 -3.61
C LYS C 76 12.22 -6.82 -4.93
N LEU C 77 10.94 -7.01 -5.13
CA LEU C 77 10.33 -6.52 -6.40
C LEU C 77 9.85 -5.09 -6.18
N TRP C 78 10.32 -4.46 -5.12
CA TRP C 78 9.92 -3.05 -4.86
C TRP C 78 10.48 -2.17 -5.96
N GLN C 79 11.69 -2.41 -6.41
CA GLN C 79 12.20 -1.56 -7.51
C GLN C 79 11.15 -1.51 -8.61
N GLU C 80 10.49 -2.61 -8.85
CA GLU C 80 9.43 -2.61 -9.90
C GLU C 80 8.25 -1.77 -9.39
N ILE C 81 7.92 -1.90 -8.13
CA ILE C 81 6.80 -1.09 -7.56
C ILE C 81 7.26 0.37 -7.44
N ILE C 82 8.38 0.58 -6.82
CA ILE C 82 8.90 1.96 -6.63
C ILE C 82 8.94 2.70 -7.97
N LYS C 83 9.57 2.13 -8.97
CA LYS C 83 9.64 2.82 -10.29
C LYS C 83 8.25 2.78 -10.96
N GLY C 84 7.53 1.70 -10.81
CA GLY C 84 6.18 1.61 -11.44
C GLY C 84 5.33 2.80 -11.00
N LEU C 85 5.53 3.25 -9.79
CA LEU C 85 4.75 4.41 -9.29
C LEU C 85 5.48 5.70 -9.69
N HIS C 86 6.69 5.56 -10.18
CA HIS C 86 7.48 6.73 -10.63
C HIS C 86 7.85 7.62 -9.44
N LEU C 87 8.22 7.02 -8.35
CA LEU C 87 8.65 7.82 -7.16
C LEU C 87 10.03 8.40 -7.44
N PRO C 88 10.29 9.63 -7.04
CA PRO C 88 11.62 10.27 -7.25
C PRO C 88 12.71 9.65 -6.36
N SER C 89 13.90 9.50 -6.87
CA SER C 89 15.00 8.91 -6.05
C SER C 89 15.18 9.72 -4.75
N SER C 90 14.39 10.74 -4.57
CA SER C 90 14.55 11.57 -3.34
C SER C 90 14.25 10.72 -2.10
N ILE C 91 13.35 9.78 -2.19
CA ILE C 91 13.06 8.93 -0.99
C ILE C 91 13.94 7.69 -1.03
N THR C 92 15.00 7.67 -0.26
CA THR C 92 15.89 6.47 -0.26
C THR C 92 15.18 5.33 0.44
N SER C 93 14.31 5.63 1.37
CA SER C 93 13.59 4.56 2.10
C SER C 93 12.21 4.34 1.45
N ALA C 94 12.15 4.38 0.15
CA ALA C 94 10.84 4.18 -0.53
C ALA C 94 10.36 2.75 -0.24
N ALA C 95 11.09 1.76 -0.67
CA ALA C 95 10.66 0.35 -0.42
C ALA C 95 10.26 0.19 1.05
N LEU C 96 11.11 0.60 1.98
CA LEU C 96 10.73 0.45 3.42
C LEU C 96 9.42 1.20 3.66
N THR C 97 9.28 2.37 3.09
CA THR C 97 8.04 3.14 3.28
C THR C 97 6.86 2.37 2.68
N LEU C 98 7.07 1.79 1.53
CA LEU C 98 5.98 1.03 0.87
C LEU C 98 5.64 -0.24 1.66
N ARG C 99 6.64 -0.99 2.07
CA ARG C 99 6.37 -2.24 2.83
C ARG C 99 5.79 -1.93 4.20
N THR C 100 6.40 -1.03 4.92
CA THR C 100 5.89 -0.72 6.27
C THR C 100 4.42 -0.32 6.20
N GLN C 101 4.09 0.64 5.38
CA GLN C 101 2.67 1.08 5.27
C GLN C 101 1.78 -0.05 4.70
N TYR C 102 2.23 -0.78 3.72
CA TYR C 102 1.37 -1.85 3.16
C TYR C 102 0.99 -2.81 4.28
N MET C 103 1.94 -3.13 5.12
CA MET C 103 1.69 -4.07 6.23
C MET C 103 0.50 -3.63 7.10
N LYS C 104 0.54 -2.46 7.65
CA LYS C 104 -0.57 -2.04 8.56
C LYS C 104 -1.86 -1.75 7.79
N TYR C 105 -1.80 -0.95 6.77
CA TYR C 105 -3.05 -0.55 6.05
C TYR C 105 -3.50 -1.56 4.96
N LEU C 106 -2.63 -2.04 4.11
CA LEU C 106 -3.10 -2.96 3.02
C LEU C 106 -2.80 -4.44 3.28
N TYR C 107 -2.41 -4.83 4.45
CA TYR C 107 -2.12 -6.28 4.65
C TYR C 107 -3.41 -7.12 4.59
N PRO C 108 -4.52 -6.65 5.12
CA PRO C 108 -5.78 -7.44 5.12
C PRO C 108 -6.50 -7.38 3.76
N TYR C 109 -6.56 -6.23 3.14
CA TYR C 109 -7.22 -6.13 1.81
C TYR C 109 -6.51 -7.10 0.85
N GLU C 110 -5.21 -7.14 0.92
CA GLU C 110 -4.41 -8.06 0.04
C GLU C 110 -4.61 -9.52 0.48
N CYS C 111 -4.47 -9.78 1.75
CA CYS C 111 -4.62 -11.17 2.23
C CYS C 111 -6.09 -11.58 2.26
N GLU C 112 -6.95 -10.73 2.75
CA GLU C 112 -8.39 -11.08 2.84
C GLU C 112 -9.00 -11.23 1.45
N LYS C 113 -8.75 -10.32 0.55
CA LYS C 113 -9.34 -10.42 -0.81
C LYS C 113 -8.64 -11.50 -1.64
N LYS C 114 -7.36 -11.71 -1.46
CA LYS C 114 -6.64 -12.73 -2.31
C LYS C 114 -5.90 -13.77 -1.45
N ASN C 115 -5.52 -13.45 -0.24
CA ASN C 115 -4.80 -14.44 0.62
C ASN C 115 -3.51 -14.92 -0.05
N LEU C 116 -2.69 -13.99 -0.49
CA LEU C 116 -1.41 -14.37 -1.17
C LEU C 116 -0.41 -15.02 -0.21
N SER C 117 -0.42 -14.64 1.03
CA SER C 117 0.58 -15.24 1.96
C SER C 117 0.09 -15.21 3.41
N THR C 118 0.98 -15.46 4.34
CA THR C 118 0.61 -15.48 5.79
C THR C 118 1.49 -14.48 6.56
N PRO C 119 1.07 -14.06 7.74
CA PRO C 119 1.89 -13.11 8.55
C PRO C 119 3.27 -13.67 8.88
N ALA C 120 3.35 -14.94 9.19
CA ALA C 120 4.67 -15.54 9.53
C ALA C 120 5.61 -15.44 8.34
N GLU C 121 5.10 -15.61 7.16
CA GLU C 121 5.99 -15.47 5.97
C GLU C 121 6.41 -14.01 5.89
N LEU C 122 5.46 -13.12 5.98
CA LEU C 122 5.79 -11.67 5.93
C LEU C 122 6.67 -11.28 7.11
N GLN C 123 6.26 -11.59 8.32
CA GLN C 123 7.12 -11.28 9.51
C GLN C 123 8.48 -11.96 9.34
N ALA C 124 8.48 -13.20 8.93
CA ALA C 124 9.78 -13.92 8.76
C ALA C 124 10.67 -13.25 7.71
N ALA C 125 10.12 -12.88 6.59
CA ALA C 125 10.94 -12.21 5.53
C ALA C 125 11.34 -10.84 6.00
N ILE C 126 10.50 -10.23 6.77
CA ILE C 126 10.79 -8.89 7.29
C ILE C 126 12.01 -8.98 8.20
N ASP C 127 12.02 -9.90 9.11
CA ASP C 127 13.21 -10.04 9.99
C ASP C 127 14.37 -10.54 9.14
N GLY C 128 14.09 -11.39 8.18
CA GLY C 128 15.16 -11.94 7.31
C GLY C 128 15.77 -10.83 6.45
N ASN C 129 15.11 -9.72 6.29
CA ASN C 129 15.68 -8.63 5.43
C ASN C 129 16.46 -7.63 6.29
N ARG C 130 16.08 -7.42 7.52
CA ARG C 130 16.83 -6.45 8.36
C ARG C 130 18.29 -6.91 8.53
N ARG C 131 19.19 -5.98 8.60
CA ARG C 131 20.63 -6.34 8.78
C ARG C 131 20.84 -6.91 10.18
N GLU C 132 21.78 -7.80 10.34
CA GLU C 132 22.03 -8.40 11.69
C GLU C 132 22.78 -7.41 12.57
N GLY C 133 23.06 -6.25 12.06
CA GLY C 133 23.79 -5.23 12.86
C GLY C 133 23.92 -3.94 12.06
N GLY C 3 -5.83 15.64 14.18
CA GLY C 3 -6.11 16.09 12.79
C GLY C 3 -7.01 15.06 12.07
N TRP C 4 -8.08 14.67 12.71
CA TRP C 4 -9.00 13.67 12.09
C TRP C 4 -10.35 14.33 11.82
N SER C 5 -10.44 15.14 10.78
CA SER C 5 -11.74 15.81 10.46
C SER C 5 -12.26 15.30 9.11
N PHE C 6 -13.55 15.19 8.98
CA PHE C 6 -14.13 14.67 7.71
C PHE C 6 -13.63 15.49 6.52
N GLU C 7 -13.49 16.77 6.67
CA GLU C 7 -13.01 17.60 5.52
C GLU C 7 -11.60 17.16 5.12
N GLU C 8 -10.73 16.98 6.08
CA GLU C 8 -9.33 16.56 5.74
C GLU C 8 -9.36 15.21 5.03
N GLN C 9 -10.20 14.31 5.48
CA GLN C 9 -10.28 12.98 4.83
C GLN C 9 -10.89 13.11 3.43
N PHE C 10 -11.93 13.91 3.29
CA PHE C 10 -12.57 14.06 1.95
C PHE C 10 -11.53 14.57 0.94
N LYS C 11 -10.78 15.57 1.30
CA LYS C 11 -9.75 16.09 0.38
C LYS C 11 -8.72 15.00 0.07
N GLN C 12 -8.31 14.28 1.08
CA GLN C 12 -7.30 13.22 0.88
C GLN C 12 -7.86 12.08 0.02
N VAL C 13 -9.02 11.56 0.34
CA VAL C 13 -9.58 10.45 -0.48
C VAL C 13 -9.96 10.98 -1.86
N ARG C 14 -10.49 12.17 -1.95
CA ARG C 14 -10.83 12.69 -3.30
C ARG C 14 -9.53 12.79 -4.10
N GLN C 15 -8.45 13.19 -3.46
CA GLN C 15 -7.17 13.25 -4.20
C GLN C 15 -6.89 11.88 -4.80
N LEU C 16 -7.30 10.84 -4.14
CA LEU C 16 -7.05 9.47 -4.67
C LEU C 16 -7.83 9.21 -5.97
N TYR C 17 -9.06 9.63 -6.06
CA TYR C 17 -9.81 9.36 -7.33
C TYR C 17 -9.34 10.32 -8.42
N GLU C 18 -9.03 11.53 -8.08
CA GLU C 18 -8.60 12.51 -9.12
C GLU C 18 -7.23 12.16 -9.68
N ILE C 19 -6.60 11.16 -9.14
CA ILE C 19 -5.26 10.78 -9.64
C ILE C 19 -5.34 10.50 -11.15
N ASN C 20 -6.36 9.83 -11.59
CA ASN C 20 -6.48 9.52 -13.05
C ASN C 20 -7.85 8.91 -13.36
N ASP C 21 -8.19 8.85 -14.63
CA ASP C 21 -9.51 8.30 -15.01
C ASP C 21 -9.42 6.78 -15.23
N ASP C 22 -9.18 6.05 -14.18
CA ASP C 22 -9.12 4.56 -14.31
C ASP C 22 -10.33 3.96 -13.56
N PRO C 23 -11.40 3.68 -14.26
CA PRO C 23 -12.64 3.13 -13.64
C PRO C 23 -12.36 1.97 -12.69
N LYS C 24 -11.48 1.08 -13.06
CA LYS C 24 -11.18 -0.07 -12.16
C LYS C 24 -10.57 0.48 -10.86
N ARG C 25 -9.73 1.47 -10.97
CA ARG C 25 -9.10 2.06 -9.75
C ARG C 25 -10.18 2.60 -8.81
N LYS C 26 -11.23 3.15 -9.36
CA LYS C 26 -12.30 3.72 -8.50
C LYS C 26 -12.88 2.62 -7.62
N GLU C 27 -13.29 1.53 -8.20
CA GLU C 27 -13.87 0.40 -7.41
C GLU C 27 -12.91 0.01 -6.29
N PHE C 28 -11.63 0.03 -6.55
CA PHE C 28 -10.64 -0.35 -5.50
C PHE C 28 -10.67 0.64 -4.33
N LEU C 29 -10.41 1.89 -4.59
CA LEU C 29 -10.43 2.90 -3.49
C LEU C 29 -11.76 2.79 -2.75
N ASP C 30 -12.83 2.77 -3.49
CA ASP C 30 -14.17 2.64 -2.85
C ASP C 30 -14.24 1.32 -2.08
N ASP C 31 -13.81 0.25 -2.68
CA ASP C 31 -13.86 -1.05 -1.98
C ASP C 31 -12.90 -1.05 -0.79
N LEU C 32 -11.69 -0.60 -1.00
CA LEU C 32 -10.70 -0.58 0.13
C LEU C 32 -11.25 0.21 1.30
N PHE C 33 -11.77 1.38 1.08
CA PHE C 33 -12.31 2.14 2.24
C PHE C 33 -13.45 1.33 2.84
N SER C 34 -14.21 0.67 2.00
CA SER C 34 -15.34 -0.16 2.51
C SER C 34 -14.80 -1.39 3.23
N PHE C 35 -13.94 -2.14 2.58
CA PHE C 35 -13.38 -3.37 3.19
C PHE C 35 -12.64 -3.05 4.50
N MET C 36 -11.88 -2.00 4.52
CA MET C 36 -11.12 -1.65 5.75
C MET C 36 -12.07 -1.48 6.94
N GLN C 37 -13.25 -0.97 6.70
CA GLN C 37 -14.21 -0.78 7.83
C GLN C 37 -14.40 -2.11 8.56
N LYS C 38 -14.48 -3.19 7.84
CA LYS C 38 -14.65 -4.52 8.49
C LYS C 38 -13.34 -4.94 9.12
N ARG C 39 -12.25 -4.52 8.53
CA ARG C 39 -10.91 -4.90 9.09
C ARG C 39 -10.73 -4.27 10.47
N GLY C 40 -11.31 -3.13 10.69
CA GLY C 40 -11.12 -2.48 12.01
C GLY C 40 -9.94 -1.52 11.88
N THR C 41 -9.35 -1.47 10.71
CA THR C 41 -8.21 -0.56 10.48
C THR C 41 -8.62 0.44 9.41
N PRO C 42 -9.29 1.50 9.81
CA PRO C 42 -9.75 2.54 8.87
C PRO C 42 -8.63 3.55 8.57
N ILE C 43 -8.50 3.95 7.34
CA ILE C 43 -7.39 4.89 7.02
C ILE C 43 -7.71 6.30 7.55
N ASN C 44 -7.20 6.63 8.70
CA ASN C 44 -7.45 7.99 9.27
C ASN C 44 -6.90 9.03 8.30
N ARG C 45 -5.83 8.71 7.63
CA ARG C 45 -5.23 9.65 6.67
C ARG C 45 -4.35 8.87 5.69
N LEU C 46 -4.39 9.22 4.43
CA LEU C 46 -3.55 8.46 3.44
C LEU C 46 -2.08 8.79 3.63
N PRO C 47 -1.22 7.82 3.83
CA PRO C 47 0.23 8.10 3.94
C PRO C 47 0.65 8.93 2.72
N ILE C 48 1.49 9.91 2.90
CA ILE C 48 1.88 10.75 1.72
C ILE C 48 3.27 10.38 1.24
N MET C 49 3.47 10.48 -0.05
CA MET C 49 4.79 10.16 -0.63
C MET C 49 5.14 11.21 -1.67
N ALA C 50 6.28 11.80 -1.54
CA ALA C 50 6.67 12.89 -2.48
C ALA C 50 5.59 13.96 -2.42
N LYS C 51 5.16 14.27 -1.23
CA LYS C 51 4.11 15.31 -1.01
C LYS C 51 2.82 14.93 -1.76
N SER C 52 2.63 13.67 -2.02
CA SER C 52 1.39 13.23 -2.74
C SER C 52 0.81 12.00 -2.03
N VAL C 53 -0.48 11.78 -2.15
CA VAL C 53 -1.10 10.61 -1.48
C VAL C 53 -0.58 9.32 -2.13
N LEU C 54 -0.34 8.30 -1.35
CA LEU C 54 0.17 7.03 -1.92
C LEU C 54 -0.95 6.28 -2.64
N ASP C 55 -0.75 5.98 -3.89
CA ASP C 55 -1.80 5.27 -4.68
C ASP C 55 -2.10 3.92 -4.01
N LEU C 56 -3.16 3.83 -3.26
CA LEU C 56 -3.49 2.53 -2.60
C LEU C 56 -3.75 1.48 -3.67
N TYR C 57 -4.26 1.89 -4.80
CA TYR C 57 -4.56 0.91 -5.86
C TYR C 57 -3.31 0.52 -6.65
N GLU C 58 -2.67 1.45 -7.30
CA GLU C 58 -1.47 1.08 -8.08
C GLU C 58 -0.51 0.33 -7.16
N LEU C 59 -0.39 0.74 -5.93
CA LEU C 59 0.50 -0.01 -5.01
C LEU C 59 0.00 -1.44 -4.94
N TYR C 60 -1.28 -1.60 -4.76
CA TYR C 60 -1.88 -2.95 -4.69
C TYR C 60 -1.60 -3.70 -5.99
N ASN C 61 -2.16 -3.25 -7.07
CA ASN C 61 -1.98 -3.93 -8.38
C ASN C 61 -0.52 -4.38 -8.59
N LEU C 62 0.44 -3.56 -8.26
CA LEU C 62 1.84 -4.01 -8.46
C LEU C 62 2.15 -5.07 -7.42
N VAL C 63 1.75 -4.86 -6.19
CA VAL C 63 2.02 -5.87 -5.14
C VAL C 63 1.37 -7.21 -5.55
N ILE C 64 0.14 -7.18 -6.03
CA ILE C 64 -0.50 -8.46 -6.45
C ILE C 64 0.20 -8.96 -7.71
N ALA C 65 0.54 -8.06 -8.57
CA ALA C 65 1.20 -8.45 -9.85
C ALA C 65 2.44 -9.30 -9.58
N ARG C 66 2.98 -9.23 -8.39
CA ARG C 66 4.18 -10.06 -8.08
C ARG C 66 3.74 -11.36 -7.42
N GLY C 67 2.46 -11.51 -7.23
CA GLY C 67 1.92 -12.76 -6.65
C GLY C 67 1.94 -12.75 -5.11
N GLY C 68 2.16 -11.62 -4.47
CA GLY C 68 2.16 -11.62 -2.97
C GLY C 68 3.21 -10.66 -2.41
N LEU C 69 2.79 -9.84 -1.47
CA LEU C 69 3.73 -8.87 -0.85
C LEU C 69 4.97 -9.60 -0.34
N VAL C 70 4.81 -10.78 0.21
CA VAL C 70 5.99 -11.53 0.72
C VAL C 70 7.00 -11.70 -0.41
N ASP C 71 6.54 -12.04 -1.59
CA ASP C 71 7.48 -12.23 -2.72
C ASP C 71 8.25 -10.93 -2.99
N VAL C 72 7.60 -9.80 -2.90
CA VAL C 72 8.31 -8.52 -3.14
C VAL C 72 9.40 -8.33 -2.08
N ILE C 73 9.10 -8.59 -0.84
CA ILE C 73 10.13 -8.39 0.21
C ILE C 73 11.30 -9.36 -0.01
N ASN C 74 11.04 -10.64 0.06
CA ASN C 74 12.12 -11.64 -0.13
C ASN C 74 12.79 -11.47 -1.48
N LYS C 75 12.03 -11.23 -2.52
CA LYS C 75 12.65 -11.06 -3.85
C LYS C 75 12.98 -9.58 -4.10
N LYS C 76 12.52 -8.70 -3.26
CA LYS C 76 12.80 -7.25 -3.44
C LYS C 76 12.29 -6.75 -4.80
N LEU C 77 11.00 -6.86 -5.03
CA LEU C 77 10.46 -6.35 -6.32
C LEU C 77 9.93 -4.93 -6.11
N TRP C 78 10.30 -4.32 -5.01
CA TRP C 78 9.85 -2.93 -4.76
C TRP C 78 10.37 -2.02 -5.86
N GLN C 79 11.59 -2.21 -6.30
CA GLN C 79 12.10 -1.34 -7.40
C GLN C 79 11.05 -1.28 -8.50
N GLU C 80 10.41 -2.38 -8.77
CA GLU C 80 9.35 -2.37 -9.81
C GLU C 80 8.18 -1.53 -9.29
N ILE C 81 7.89 -1.64 -8.02
CA ILE C 81 6.78 -0.84 -7.42
C ILE C 81 7.24 0.60 -7.29
N ILE C 82 8.38 0.80 -6.67
CA ILE C 82 8.90 2.19 -6.49
C ILE C 82 8.90 2.89 -7.84
N LYS C 83 9.56 2.31 -8.82
CA LYS C 83 9.58 2.94 -10.17
C LYS C 83 8.20 2.78 -10.84
N GLY C 84 7.56 1.65 -10.62
CA GLY C 84 6.22 1.42 -11.25
C GLY C 84 5.31 2.61 -10.94
N LEU C 85 5.44 3.18 -9.79
CA LEU C 85 4.59 4.35 -9.43
C LEU C 85 5.30 5.63 -9.83
N HIS C 86 6.51 5.51 -10.30
CA HIS C 86 7.30 6.71 -10.71
C HIS C 86 7.59 7.57 -9.48
N LEU C 87 7.89 6.93 -8.39
CA LEU C 87 8.21 7.68 -7.15
C LEU C 87 9.61 8.30 -7.28
N PRO C 88 9.84 9.46 -6.71
CA PRO C 88 11.17 10.14 -6.78
C PRO C 88 12.23 9.42 -5.92
N SER C 89 13.42 9.26 -6.43
CA SER C 89 14.49 8.58 -5.64
C SER C 89 14.82 9.39 -4.39
N SER C 90 14.16 10.50 -4.19
CA SER C 90 14.47 11.34 -3.00
C SER C 90 14.12 10.57 -1.72
N ILE C 91 13.20 9.65 -1.80
CA ILE C 91 12.84 8.86 -0.61
C ILE C 91 13.67 7.57 -0.60
N THR C 92 14.74 7.54 0.17
CA THR C 92 15.58 6.32 0.22
C THR C 92 14.81 5.21 0.91
N SER C 93 13.94 5.56 1.82
CA SER C 93 13.13 4.54 2.53
C SER C 93 11.85 4.29 1.71
N ALA C 94 11.92 4.46 0.42
CA ALA C 94 10.72 4.24 -0.41
C ALA C 94 10.23 2.81 -0.23
N ALA C 95 10.99 1.85 -0.69
CA ALA C 95 10.56 0.44 -0.53
C ALA C 95 10.12 0.22 0.92
N LEU C 96 10.90 0.66 1.87
CA LEU C 96 10.51 0.47 3.30
C LEU C 96 9.18 1.18 3.56
N THR C 97 9.03 2.38 3.08
CA THR C 97 7.74 3.10 3.30
C THR C 97 6.63 2.30 2.63
N LEU C 98 6.90 1.78 1.47
CA LEU C 98 5.87 0.98 0.76
C LEU C 98 5.64 -0.36 1.50
N ARG C 99 6.70 -1.01 1.90
CA ARG C 99 6.54 -2.31 2.61
C ARG C 99 5.86 -2.11 3.97
N THR C 100 6.37 -1.22 4.75
CA THR C 100 5.80 -0.98 6.10
C THR C 100 4.31 -0.63 6.01
N GLN C 101 3.96 0.37 5.25
CA GLN C 101 2.52 0.77 5.14
C GLN C 101 1.68 -0.36 4.55
N TYR C 102 2.16 -1.04 3.54
CA TYR C 102 1.35 -2.13 2.95
C TYR C 102 0.99 -3.14 4.03
N MET C 103 1.93 -3.45 4.87
CA MET C 103 1.70 -4.45 5.93
C MET C 103 0.46 -4.10 6.78
N LYS C 104 0.40 -2.91 7.29
CA LYS C 104 -0.75 -2.53 8.18
C LYS C 104 -2.07 -2.38 7.39
N TYR C 105 -2.08 -1.55 6.39
CA TYR C 105 -3.34 -1.25 5.66
C TYR C 105 -3.71 -2.25 4.54
N LEU C 106 -2.80 -2.65 3.68
CA LEU C 106 -3.21 -3.55 2.54
C LEU C 106 -2.95 -5.05 2.81
N TYR C 107 -2.29 -5.42 3.86
CA TYR C 107 -2.06 -6.89 4.05
C TYR C 107 -3.41 -7.63 4.09
N PRO C 108 -4.42 -7.06 4.71
CA PRO C 108 -5.77 -7.68 4.81
C PRO C 108 -6.46 -7.84 3.44
N TYR C 109 -6.59 -6.78 2.70
CA TYR C 109 -7.24 -6.85 1.36
C TYR C 109 -6.46 -7.85 0.49
N GLU C 110 -5.16 -7.79 0.53
CA GLU C 110 -4.34 -8.74 -0.29
C GLU C 110 -4.51 -10.18 0.21
N CYS C 111 -4.28 -10.39 1.48
CA CYS C 111 -4.38 -11.76 2.03
C CYS C 111 -5.83 -12.23 2.11
N GLU C 112 -6.72 -11.41 2.57
CA GLU C 112 -8.12 -11.86 2.70
C GLU C 112 -8.76 -12.09 1.32
N LYS C 113 -8.64 -11.14 0.43
CA LYS C 113 -9.28 -11.31 -0.91
C LYS C 113 -8.46 -12.26 -1.80
N LYS C 114 -7.19 -12.42 -1.55
CA LYS C 114 -6.36 -13.31 -2.42
C LYS C 114 -5.62 -14.38 -1.60
N ASN C 115 -5.26 -14.08 -0.38
CA ASN C 115 -4.55 -15.11 0.46
C ASN C 115 -3.27 -15.58 -0.27
N LEU C 116 -2.49 -14.67 -0.77
CA LEU C 116 -1.24 -15.07 -1.50
C LEU C 116 -0.22 -15.68 -0.54
N SER C 117 -0.22 -15.27 0.70
CA SER C 117 0.79 -15.83 1.65
C SER C 117 0.30 -15.78 3.09
N THR C 118 1.19 -15.99 4.02
CA THR C 118 0.80 -16.00 5.46
C THR C 118 1.69 -15.02 6.26
N PRO C 119 1.21 -14.50 7.36
CA PRO C 119 2.00 -13.57 8.20
C PRO C 119 3.37 -14.13 8.57
N ALA C 120 3.46 -15.39 8.88
CA ALA C 120 4.80 -15.98 9.24
C ALA C 120 5.74 -15.87 8.05
N GLU C 121 5.26 -16.07 6.86
CA GLU C 121 6.18 -15.94 5.70
C GLU C 121 6.58 -14.47 5.65
N LEU C 122 5.63 -13.59 5.84
CA LEU C 122 5.93 -12.13 5.83
C LEU C 122 6.83 -11.77 7.01
N GLN C 123 6.42 -12.13 8.20
CA GLN C 123 7.27 -11.85 9.40
C GLN C 123 8.64 -12.47 9.16
N ALA C 124 8.66 -13.68 8.67
CA ALA C 124 9.99 -14.30 8.39
C ALA C 124 10.71 -13.43 7.36
N ALA C 125 9.95 -12.87 6.46
CA ALA C 125 10.55 -11.98 5.42
C ALA C 125 11.00 -10.69 6.07
N ILE C 126 10.27 -10.23 7.03
CA ILE C 126 10.63 -8.98 7.72
C ILE C 126 12.01 -9.15 8.33
N ASP C 127 12.20 -10.19 9.10
CA ASP C 127 13.54 -10.43 9.71
C ASP C 127 14.55 -10.77 8.62
N GLY C 128 14.12 -11.49 7.63
CA GLY C 128 15.04 -11.88 6.52
C GLY C 128 15.57 -10.62 5.80
N ASN C 129 14.79 -9.57 5.77
CA ASN C 129 15.26 -8.35 5.06
C ASN C 129 15.90 -7.36 6.04
N ARG C 130 15.38 -7.27 7.24
CA ARG C 130 15.96 -6.31 8.22
C ARG C 130 17.40 -6.71 8.56
N ARG C 131 18.23 -5.74 8.79
CA ARG C 131 19.66 -6.02 9.13
C ARG C 131 19.72 -6.72 10.49
N GLU C 132 20.64 -7.63 10.65
CA GLU C 132 20.76 -8.34 11.95
C GLU C 132 22.03 -7.87 12.66
N GLY C 133 22.59 -8.68 13.49
CA GLY C 133 23.82 -8.27 14.22
C GLY C 133 24.08 -9.23 15.39
N GLY C 3 -6.36 16.24 14.50
CA GLY C 3 -5.71 15.95 13.20
C GLY C 3 -6.52 14.90 12.45
N TRP C 4 -7.59 14.43 13.04
CA TRP C 4 -8.43 13.41 12.36
C TRP C 4 -9.80 14.03 12.07
N SER C 5 -9.90 14.81 11.03
CA SER C 5 -11.19 15.46 10.69
C SER C 5 -11.76 14.85 9.41
N PHE C 6 -13.05 14.67 9.37
CA PHE C 6 -13.68 14.06 8.17
C PHE C 6 -13.34 14.89 6.93
N GLU C 7 -13.40 16.19 7.03
CA GLU C 7 -13.07 17.03 5.84
C GLU C 7 -11.60 16.80 5.46
N GLU C 8 -10.71 16.82 6.42
CA GLU C 8 -9.28 16.59 6.09
C GLU C 8 -9.14 15.26 5.36
N GLN C 9 -9.86 14.27 5.80
CA GLN C 9 -9.82 12.95 5.13
C GLN C 9 -10.46 13.06 3.74
N PHE C 10 -11.51 13.83 3.63
CA PHE C 10 -12.18 13.99 2.31
C PHE C 10 -11.17 14.46 1.26
N LYS C 11 -10.42 15.47 1.57
CA LYS C 11 -9.41 15.96 0.59
C LYS C 11 -8.40 14.85 0.32
N GLN C 12 -8.04 14.11 1.33
CA GLN C 12 -7.04 13.01 1.16
C GLN C 12 -7.60 11.91 0.25
N VAL C 13 -8.77 11.40 0.55
CA VAL C 13 -9.35 10.31 -0.30
C VAL C 13 -9.78 10.91 -1.66
N ARG C 14 -10.27 12.11 -1.68
CA ARG C 14 -10.66 12.70 -3.00
C ARG C 14 -9.42 12.74 -3.88
N GLN C 15 -8.28 13.05 -3.31
CA GLN C 15 -7.02 13.08 -4.11
C GLN C 15 -6.80 11.68 -4.70
N LEU C 16 -7.22 10.67 -4.01
CA LEU C 16 -7.04 9.28 -4.54
C LEU C 16 -7.90 9.05 -5.79
N TYR C 17 -9.09 9.60 -5.85
CA TYR C 17 -9.91 9.37 -7.07
C TYR C 17 -9.50 10.31 -8.20
N GLU C 18 -9.19 11.55 -7.88
CA GLU C 18 -8.85 12.53 -8.95
C GLU C 18 -7.57 12.12 -9.67
N ILE C 19 -6.69 11.46 -8.98
CA ILE C 19 -5.40 11.05 -9.60
C ILE C 19 -5.62 10.62 -11.06
N ASN C 20 -6.72 9.98 -11.34
CA ASN C 20 -6.96 9.53 -12.75
C ASN C 20 -8.40 9.02 -12.89
N ASP C 21 -8.90 8.98 -14.09
CA ASP C 21 -10.28 8.49 -14.33
C ASP C 21 -10.25 7.00 -14.62
N ASP C 22 -9.85 6.20 -13.67
CA ASP C 22 -9.80 4.73 -13.89
C ASP C 22 -11.06 4.09 -13.26
N PRO C 23 -11.69 3.15 -13.93
CA PRO C 23 -12.91 2.49 -13.40
C PRO C 23 -12.59 1.54 -12.24
N LYS C 24 -11.81 0.54 -12.48
CA LYS C 24 -11.47 -0.42 -11.40
C LYS C 24 -10.78 0.32 -10.24
N ARG C 25 -9.96 1.29 -10.54
CA ARG C 25 -9.27 2.05 -9.46
C ARG C 25 -10.30 2.64 -8.52
N LYS C 26 -11.37 3.20 -9.04
CA LYS C 26 -12.40 3.80 -8.17
C LYS C 26 -12.98 2.71 -7.26
N GLU C 27 -13.44 1.64 -7.84
CA GLU C 27 -14.00 0.54 -7.02
C GLU C 27 -13.00 0.10 -5.95
N PHE C 28 -11.73 0.12 -6.28
CA PHE C 28 -10.67 -0.29 -5.31
C PHE C 28 -10.70 0.62 -4.09
N LEU C 29 -10.43 1.88 -4.27
CA LEU C 29 -10.39 2.82 -3.13
C LEU C 29 -11.73 2.80 -2.41
N ASP C 30 -12.80 2.81 -3.15
CA ASP C 30 -14.14 2.77 -2.50
C ASP C 30 -14.31 1.46 -1.75
N ASP C 31 -13.95 0.36 -2.35
CA ASP C 31 -14.07 -0.94 -1.64
C ASP C 31 -13.09 -0.97 -0.48
N LEU C 32 -11.88 -0.50 -0.70
CA LEU C 32 -10.87 -0.50 0.39
C LEU C 32 -11.39 0.26 1.60
N PHE C 33 -11.87 1.46 1.43
CA PHE C 33 -12.37 2.19 2.61
C PHE C 33 -13.51 1.38 3.22
N SER C 34 -14.28 0.73 2.40
CA SER C 34 -15.40 -0.10 2.93
C SER C 34 -14.82 -1.31 3.67
N PHE C 35 -13.92 -2.00 3.05
CA PHE C 35 -13.28 -3.20 3.67
C PHE C 35 -12.55 -2.83 4.95
N MET C 36 -11.83 -1.75 4.95
CA MET C 36 -11.08 -1.35 6.17
C MET C 36 -12.01 -1.17 7.36
N GLN C 37 -13.20 -0.67 7.15
CA GLN C 37 -14.13 -0.49 8.31
C GLN C 37 -14.37 -1.85 8.97
N LYS C 38 -14.51 -2.88 8.18
CA LYS C 38 -14.72 -4.24 8.76
C LYS C 38 -13.47 -4.65 9.53
N ARG C 39 -12.32 -4.36 9.00
CA ARG C 39 -11.04 -4.75 9.66
C ARG C 39 -10.89 -4.00 10.98
N GLY C 40 -11.43 -2.82 11.10
CA GLY C 40 -11.26 -2.07 12.37
C GLY C 40 -10.06 -1.15 12.23
N THR C 41 -9.45 -1.17 11.07
CA THR C 41 -8.28 -0.29 10.82
C THR C 41 -8.65 0.68 9.70
N PRO C 42 -9.27 1.77 10.04
CA PRO C 42 -9.70 2.78 9.04
C PRO C 42 -8.57 3.74 8.69
N ILE C 43 -8.53 4.25 7.48
CA ILE C 43 -7.43 5.17 7.11
C ILE C 43 -7.79 6.61 7.47
N ASN C 44 -7.27 7.11 8.56
CA ASN C 44 -7.57 8.50 8.95
C ASN C 44 -6.60 9.45 8.25
N ARG C 45 -5.71 8.90 7.47
CA ARG C 45 -4.73 9.75 6.74
C ARG C 45 -3.94 8.88 5.76
N LEU C 46 -4.01 9.19 4.49
CA LEU C 46 -3.26 8.38 3.49
C LEU C 46 -1.77 8.67 3.62
N PRO C 47 -0.96 7.69 3.94
CA PRO C 47 0.49 7.93 4.03
C PRO C 47 0.95 8.66 2.76
N ILE C 48 1.64 9.75 2.89
CA ILE C 48 2.07 10.51 1.69
C ILE C 48 3.48 10.12 1.28
N MET C 49 3.72 10.09 0.00
CA MET C 49 5.05 9.73 -0.53
C MET C 49 5.41 10.72 -1.63
N ALA C 50 6.51 11.41 -1.49
CA ALA C 50 6.88 12.42 -2.52
C ALA C 50 5.84 13.55 -2.48
N LYS C 51 5.44 13.90 -1.28
CA LYS C 51 4.43 15.00 -1.09
C LYS C 51 3.14 14.63 -1.83
N SER C 52 2.89 13.38 -2.05
CA SER C 52 1.64 12.97 -2.75
C SER C 52 1.03 11.76 -2.03
N VAL C 53 -0.26 11.59 -2.12
CA VAL C 53 -0.90 10.42 -1.44
C VAL C 53 -0.44 9.14 -2.12
N LEU C 54 -0.28 8.08 -1.37
CA LEU C 54 0.19 6.81 -1.96
C LEU C 54 -0.96 6.14 -2.74
N ASP C 55 -0.77 5.92 -4.01
CA ASP C 55 -1.84 5.29 -4.84
C ASP C 55 -2.11 3.88 -4.30
N LEU C 56 -3.04 3.74 -3.40
CA LEU C 56 -3.33 2.41 -2.83
C LEU C 56 -3.68 1.42 -3.95
N TYR C 57 -4.19 1.91 -5.04
CA TYR C 57 -4.56 0.98 -6.13
C TYR C 57 -3.35 0.58 -6.97
N GLU C 58 -2.63 1.51 -7.54
CA GLU C 58 -1.46 1.13 -8.37
C GLU C 58 -0.47 0.33 -7.52
N LEU C 59 -0.31 0.71 -6.29
CA LEU C 59 0.63 -0.06 -5.41
C LEU C 59 0.12 -1.49 -5.33
N TYR C 60 -1.14 -1.64 -5.12
CA TYR C 60 -1.75 -2.99 -5.04
C TYR C 60 -1.46 -3.76 -6.33
N ASN C 61 -2.02 -3.31 -7.42
CA ASN C 61 -1.82 -4.01 -8.74
C ASN C 61 -0.37 -4.46 -8.91
N LEU C 62 0.59 -3.66 -8.53
CA LEU C 62 1.99 -4.12 -8.70
C LEU C 62 2.26 -5.19 -7.64
N VAL C 63 1.81 -4.97 -6.44
CA VAL C 63 2.02 -5.98 -5.37
C VAL C 63 1.38 -7.32 -5.78
N ILE C 64 0.17 -7.30 -6.29
CA ILE C 64 -0.47 -8.59 -6.71
C ILE C 64 0.27 -9.12 -7.94
N ALA C 65 0.68 -8.22 -8.79
CA ALA C 65 1.37 -8.63 -10.04
C ALA C 65 2.57 -9.52 -9.72
N ARG C 66 3.10 -9.45 -8.53
CA ARG C 66 4.27 -10.32 -8.19
C ARG C 66 3.75 -11.60 -7.54
N GLY C 67 2.45 -11.71 -7.41
CA GLY C 67 1.84 -12.94 -6.83
C GLY C 67 1.87 -12.93 -5.30
N GLY C 68 2.07 -11.79 -4.67
CA GLY C 68 2.08 -11.78 -3.17
C GLY C 68 3.14 -10.82 -2.64
N LEU C 69 2.75 -9.96 -1.74
CA LEU C 69 3.70 -8.99 -1.15
C LEU C 69 4.97 -9.69 -0.66
N VAL C 70 4.83 -10.84 -0.04
CA VAL C 70 6.03 -11.56 0.46
C VAL C 70 7.01 -11.82 -0.69
N ASP C 71 6.52 -12.22 -1.82
CA ASP C 71 7.44 -12.48 -2.96
C ASP C 71 8.26 -11.21 -3.24
N VAL C 72 7.63 -10.07 -3.15
CA VAL C 72 8.36 -8.79 -3.39
C VAL C 72 9.43 -8.59 -2.32
N ILE C 73 9.13 -8.87 -1.08
CA ILE C 73 10.16 -8.66 -0.04
C ILE C 73 11.32 -9.64 -0.23
N ASN C 74 11.03 -10.92 -0.25
CA ASN C 74 12.11 -11.93 -0.44
C ASN C 74 12.85 -11.67 -1.75
N LYS C 75 12.14 -11.36 -2.80
CA LYS C 75 12.80 -11.10 -4.09
C LYS C 75 13.12 -9.61 -4.24
N LYS C 76 12.59 -8.79 -3.38
CA LYS C 76 12.82 -7.32 -3.48
C LYS C 76 12.33 -6.81 -4.83
N LEU C 77 11.08 -6.98 -5.13
CA LEU C 77 10.56 -6.47 -6.41
C LEU C 77 10.05 -5.04 -6.21
N TRP C 78 10.42 -4.43 -5.11
CA TRP C 78 9.98 -3.03 -4.85
C TRP C 78 10.56 -2.13 -5.93
N GLN C 79 11.77 -2.37 -6.36
CA GLN C 79 12.34 -1.49 -7.41
C GLN C 79 11.32 -1.35 -8.54
N GLU C 80 10.66 -2.43 -8.89
CA GLU C 80 9.64 -2.34 -9.95
C GLU C 80 8.45 -1.53 -9.43
N ILE C 81 8.10 -1.72 -8.19
CA ILE C 81 6.98 -0.93 -7.61
C ILE C 81 7.42 0.52 -7.43
N ILE C 82 8.52 0.72 -6.76
CA ILE C 82 9.02 2.10 -6.54
C ILE C 82 9.13 2.81 -7.90
N LYS C 83 9.81 2.20 -8.84
CA LYS C 83 9.93 2.83 -10.19
C LYS C 83 8.60 2.73 -10.93
N GLY C 84 7.92 1.60 -10.83
CA GLY C 84 6.63 1.43 -11.56
C GLY C 84 5.70 2.59 -11.22
N LEU C 85 5.77 3.09 -10.02
CA LEU C 85 4.90 4.22 -9.63
C LEU C 85 5.60 5.53 -9.98
N HIS C 86 6.84 5.44 -10.39
CA HIS C 86 7.62 6.66 -10.75
C HIS C 86 7.91 7.46 -9.48
N LEU C 87 8.15 6.79 -8.39
CA LEU C 87 8.47 7.50 -7.12
C LEU C 87 9.90 8.09 -7.21
N PRO C 88 10.06 9.39 -7.08
CA PRO C 88 11.42 10.01 -7.15
C PRO C 88 12.43 9.31 -6.23
N SER C 89 13.64 9.14 -6.69
CA SER C 89 14.67 8.46 -5.86
C SER C 89 14.94 9.29 -4.60
N SER C 90 14.26 10.39 -4.45
CA SER C 90 14.51 11.26 -3.27
C SER C 90 14.11 10.53 -1.99
N ILE C 91 13.22 9.58 -2.07
CA ILE C 91 12.83 8.83 -0.84
C ILE C 91 13.67 7.54 -0.77
N THR C 92 14.72 7.54 0.00
CA THR C 92 15.57 6.33 0.11
C THR C 92 14.77 5.23 0.84
N SER C 93 13.86 5.64 1.70
CA SER C 93 13.04 4.66 2.44
C SER C 93 11.77 4.37 1.64
N ALA C 94 11.86 4.44 0.34
CA ALA C 94 10.65 4.17 -0.49
C ALA C 94 10.19 2.73 -0.26
N ALA C 95 10.98 1.78 -0.67
CA ALA C 95 10.59 0.36 -0.47
C ALA C 95 10.13 0.16 0.99
N LEU C 96 10.91 0.58 1.95
CA LEU C 96 10.49 0.40 3.37
C LEU C 96 9.16 1.11 3.58
N THR C 97 9.02 2.31 3.10
CA THR C 97 7.74 3.02 3.27
C THR C 97 6.63 2.23 2.60
N LEU C 98 6.90 1.67 1.46
CA LEU C 98 5.88 0.88 0.75
C LEU C 98 5.65 -0.46 1.47
N ARG C 99 6.70 -1.13 1.87
CA ARG C 99 6.55 -2.44 2.56
C ARG C 99 5.87 -2.27 3.92
N THR C 100 6.39 -1.40 4.74
CA THR C 100 5.80 -1.19 6.09
C THR C 100 4.32 -0.81 5.98
N GLN C 101 4.01 0.19 5.21
CA GLN C 101 2.59 0.61 5.10
C GLN C 101 1.73 -0.51 4.51
N TYR C 102 2.21 -1.22 3.52
CA TYR C 102 1.38 -2.29 2.94
C TYR C 102 1.00 -3.28 4.03
N MET C 103 1.93 -3.57 4.92
CA MET C 103 1.66 -4.55 6.00
C MET C 103 0.39 -4.18 6.80
N LYS C 104 0.33 -3.01 7.36
CA LYS C 104 -0.84 -2.65 8.21
C LYS C 104 -2.12 -2.41 7.39
N TYR C 105 -2.06 -1.57 6.40
CA TYR C 105 -3.31 -1.21 5.64
C TYR C 105 -3.66 -2.19 4.50
N LEU C 106 -2.75 -2.50 3.62
CA LEU C 106 -3.13 -3.39 2.45
C LEU C 106 -2.80 -4.86 2.67
N TYR C 107 -2.36 -5.27 3.83
CA TYR C 107 -2.05 -6.72 3.99
C TYR C 107 -3.32 -7.58 3.95
N PRO C 108 -4.42 -7.13 4.51
CA PRO C 108 -5.67 -7.92 4.52
C PRO C 108 -6.41 -7.83 3.19
N TYR C 109 -6.45 -6.68 2.58
CA TYR C 109 -7.12 -6.55 1.26
C TYR C 109 -6.42 -7.51 0.29
N GLU C 110 -5.11 -7.59 0.37
CA GLU C 110 -4.34 -8.51 -0.52
C GLU C 110 -4.56 -9.96 -0.09
N CYS C 111 -4.32 -10.26 1.16
CA CYS C 111 -4.49 -11.65 1.64
C CYS C 111 -5.97 -12.04 1.68
N GLU C 112 -6.81 -11.17 2.18
CA GLU C 112 -8.25 -11.53 2.27
C GLU C 112 -8.87 -11.67 0.89
N LYS C 113 -8.64 -10.73 0.03
CA LYS C 113 -9.23 -10.80 -1.34
C LYS C 113 -8.49 -11.81 -2.22
N LYS C 114 -7.22 -12.04 -1.97
CA LYS C 114 -6.45 -12.98 -2.84
C LYS C 114 -5.77 -14.09 -2.01
N ASN C 115 -5.46 -13.85 -0.78
CA ASN C 115 -4.80 -14.90 0.05
C ASN C 115 -3.48 -15.35 -0.62
N LEU C 116 -2.69 -14.41 -1.06
CA LEU C 116 -1.39 -14.77 -1.73
C LEU C 116 -0.42 -15.38 -0.72
N SER C 117 -0.46 -14.96 0.50
CA SER C 117 0.51 -15.51 1.49
C SER C 117 0.00 -15.41 2.92
N THR C 118 0.88 -15.62 3.87
CA THR C 118 0.50 -15.57 5.32
C THR C 118 1.33 -14.49 6.02
N PRO C 119 0.82 -13.93 7.10
CA PRO C 119 1.56 -12.88 7.85
C PRO C 119 2.91 -13.38 8.37
N ALA C 120 2.99 -14.60 8.82
CA ALA C 120 4.29 -15.14 9.33
C ALA C 120 5.30 -15.17 8.20
N GLU C 121 4.88 -15.47 7.01
CA GLU C 121 5.84 -15.46 5.89
C GLU C 121 6.26 -14.01 5.68
N LEU C 122 5.32 -13.11 5.72
CA LEU C 122 5.63 -11.66 5.57
C LEU C 122 6.50 -11.20 6.73
N GLN C 123 6.08 -11.45 7.94
CA GLN C 123 6.90 -11.06 9.11
C GLN C 123 8.26 -11.74 9.02
N ALA C 124 8.28 -13.01 8.72
CA ALA C 124 9.57 -13.74 8.61
C ALA C 124 10.44 -13.12 7.51
N ALA C 125 9.86 -12.80 6.39
CA ALA C 125 10.66 -12.19 5.29
C ALA C 125 11.10 -10.81 5.73
N ILE C 126 10.30 -10.17 6.52
CA ILE C 126 10.67 -8.85 7.02
C ILE C 126 11.88 -9.00 7.93
N ASP C 127 11.83 -9.92 8.84
CA ASP C 127 12.99 -10.15 9.74
C ASP C 127 14.19 -10.56 8.90
N GLY C 128 13.97 -11.35 7.88
CA GLY C 128 15.09 -11.78 6.99
C GLY C 128 15.72 -10.58 6.30
N ASN C 129 14.96 -9.55 6.03
CA ASN C 129 15.54 -8.36 5.33
C ASN C 129 16.08 -7.34 6.35
N ARG C 130 15.45 -7.19 7.48
CA ARG C 130 15.95 -6.20 8.47
C ARG C 130 17.36 -6.58 8.90
N ARG C 131 18.16 -5.61 9.24
CA ARG C 131 19.56 -5.88 9.65
C ARG C 131 19.57 -6.59 11.01
N GLU C 132 20.40 -7.58 11.16
CA GLU C 132 20.46 -8.31 12.46
C GLU C 132 21.42 -7.58 13.39
N GLY C 133 21.96 -6.50 12.93
CA GLY C 133 22.91 -5.71 13.75
C GLY C 133 22.17 -4.53 14.39
N GLY C 3 -5.69 16.63 13.99
CA GLY C 3 -7.13 16.72 14.36
C GLY C 3 -7.97 15.87 13.40
N TRP C 4 -7.92 14.58 13.55
CA TRP C 4 -8.70 13.68 12.64
C TRP C 4 -10.07 14.30 12.35
N SER C 5 -10.16 15.07 11.30
CA SER C 5 -11.46 15.71 10.95
C SER C 5 -12.01 15.08 9.67
N PHE C 6 -13.29 14.87 9.62
CA PHE C 6 -13.90 14.23 8.41
C PHE C 6 -13.53 15.01 7.15
N GLU C 7 -13.54 16.32 7.21
CA GLU C 7 -13.18 17.11 6.00
C GLU C 7 -11.73 16.84 5.61
N GLU C 8 -10.84 16.80 6.58
CA GLU C 8 -9.41 16.56 6.27
C GLU C 8 -9.26 15.23 5.51
N GLN C 9 -10.00 14.24 5.90
CA GLN C 9 -9.91 12.92 5.20
C GLN C 9 -10.53 13.06 3.81
N PHE C 10 -11.60 13.81 3.69
CA PHE C 10 -12.26 13.97 2.36
C PHE C 10 -11.24 14.41 1.33
N LYS C 11 -10.48 15.43 1.63
CA LYS C 11 -9.46 15.90 0.65
C LYS C 11 -8.45 14.78 0.39
N GLN C 12 -8.12 14.02 1.40
CA GLN C 12 -7.13 12.92 1.23
C GLN C 12 -7.69 11.83 0.31
N VAL C 13 -8.86 11.32 0.60
CA VAL C 13 -9.45 10.26 -0.25
C VAL C 13 -9.93 10.87 -1.57
N ARG C 14 -10.44 12.05 -1.57
CA ARG C 14 -10.89 12.66 -2.85
C ARG C 14 -9.68 12.77 -3.78
N GLN C 15 -8.55 13.16 -3.25
CA GLN C 15 -7.33 13.26 -4.10
C GLN C 15 -7.04 11.89 -4.70
N LEU C 16 -7.39 10.85 -4.00
CA LEU C 16 -7.15 9.48 -4.54
C LEU C 16 -8.05 9.24 -5.75
N TYR C 17 -9.25 9.79 -5.77
CA TYR C 17 -10.12 9.55 -6.95
C TYR C 17 -9.79 10.51 -8.08
N GLU C 18 -9.54 11.75 -7.76
CA GLU C 18 -9.26 12.75 -8.84
C GLU C 18 -8.08 12.27 -9.66
N ILE C 19 -7.16 11.59 -9.03
CA ILE C 19 -5.98 11.11 -9.76
C ILE C 19 -6.41 10.50 -11.10
N ASN C 20 -7.46 9.73 -11.11
CA ASN C 20 -7.94 9.13 -12.39
C ASN C 20 -9.22 8.32 -12.14
N ASP C 21 -10.26 8.64 -12.83
CA ASP C 21 -11.55 7.92 -12.63
C ASP C 21 -11.61 6.67 -13.50
N ASP C 22 -10.80 5.69 -13.19
CA ASP C 22 -10.84 4.43 -13.98
C ASP C 22 -11.86 3.49 -13.30
N PRO C 23 -12.77 2.91 -14.04
CA PRO C 23 -13.80 2.01 -13.45
C PRO C 23 -13.24 1.09 -12.35
N LYS C 24 -12.35 0.21 -12.70
CA LYS C 24 -11.78 -0.71 -11.67
C LYS C 24 -11.01 0.08 -10.60
N ARG C 25 -10.28 1.09 -10.98
CA ARG C 25 -9.50 1.85 -9.97
C ARG C 25 -10.43 2.46 -8.92
N LYS C 26 -11.52 3.06 -9.33
CA LYS C 26 -12.44 3.65 -8.31
C LYS C 26 -12.95 2.53 -7.40
N GLU C 27 -13.39 1.45 -7.99
CA GLU C 27 -13.90 0.31 -7.19
C GLU C 27 -12.86 -0.10 -6.15
N PHE C 28 -11.61 0.14 -6.42
CA PHE C 28 -10.54 -0.23 -5.45
C PHE C 28 -10.57 0.68 -4.22
N LEU C 29 -10.35 1.95 -4.42
CA LEU C 29 -10.29 2.90 -3.28
C LEU C 29 -11.61 2.92 -2.52
N ASP C 30 -12.71 2.96 -3.21
CA ASP C 30 -14.02 2.99 -2.49
C ASP C 30 -14.20 1.69 -1.70
N ASP C 31 -13.94 0.59 -2.32
CA ASP C 31 -14.08 -0.72 -1.61
C ASP C 31 -13.06 -0.80 -0.48
N LEU C 32 -11.84 -0.41 -0.74
CA LEU C 32 -10.79 -0.47 0.31
C LEU C 32 -11.27 0.27 1.55
N PHE C 33 -11.75 1.48 1.40
CA PHE C 33 -12.24 2.21 2.60
C PHE C 33 -13.40 1.42 3.20
N SER C 34 -14.18 0.79 2.36
CA SER C 34 -15.34 0.00 2.86
C SER C 34 -14.84 -1.25 3.61
N PHE C 35 -14.05 -2.06 2.96
CA PHE C 35 -13.54 -3.30 3.61
C PHE C 35 -12.72 -2.97 4.86
N MET C 36 -11.95 -1.92 4.83
CA MET C 36 -11.13 -1.56 6.01
C MET C 36 -12.01 -1.29 7.24
N GLN C 37 -13.16 -0.70 7.05
CA GLN C 37 -14.04 -0.41 8.21
C GLN C 37 -14.37 -1.69 8.98
N LYS C 38 -14.63 -2.76 8.29
CA LYS C 38 -14.95 -4.05 8.98
C LYS C 38 -13.71 -4.49 9.75
N ARG C 39 -12.57 -4.27 9.15
CA ARG C 39 -11.29 -4.69 9.78
C ARG C 39 -11.04 -3.92 11.07
N GLY C 40 -11.52 -2.71 11.17
CA GLY C 40 -11.26 -1.94 12.40
C GLY C 40 -10.02 -1.09 12.17
N THR C 41 -9.47 -1.18 10.97
CA THR C 41 -8.27 -0.36 10.65
C THR C 41 -8.65 0.64 9.56
N PRO C 42 -9.20 1.76 9.93
CA PRO C 42 -9.61 2.81 8.98
C PRO C 42 -8.43 3.73 8.65
N ILE C 43 -8.32 4.17 7.43
CA ILE C 43 -7.17 5.04 7.08
C ILE C 43 -7.44 6.48 7.52
N ASN C 44 -6.90 6.88 8.64
CA ASN C 44 -7.12 8.28 9.11
C ASN C 44 -6.47 9.23 8.11
N ARG C 45 -5.26 8.95 7.71
CA ARG C 45 -4.57 9.82 6.73
C ARG C 45 -3.83 8.93 5.73
N LEU C 46 -3.95 9.21 4.46
CA LEU C 46 -3.23 8.35 3.48
C LEU C 46 -1.73 8.63 3.58
N PRO C 47 -0.91 7.64 3.33
CA PRO C 47 0.56 7.82 3.35
C PRO C 47 1.00 8.66 2.16
N ILE C 48 1.36 9.90 2.38
CA ILE C 48 1.77 10.75 1.23
C ILE C 48 3.18 10.41 0.80
N MET C 49 3.40 10.44 -0.49
CA MET C 49 4.74 10.11 -1.03
C MET C 49 5.11 11.17 -2.06
N ALA C 50 6.25 11.75 -1.91
CA ALA C 50 6.67 12.82 -2.85
C ALA C 50 5.63 13.94 -2.78
N LYS C 51 5.22 14.26 -1.58
CA LYS C 51 4.21 15.34 -1.36
C LYS C 51 2.91 15.01 -2.08
N SER C 52 2.65 13.75 -2.32
CA SER C 52 1.38 13.36 -3.01
C SER C 52 0.77 12.13 -2.33
N VAL C 53 -0.52 11.96 -2.43
CA VAL C 53 -1.16 10.77 -1.80
C VAL C 53 -0.69 9.51 -2.51
N LEU C 54 -0.52 8.44 -1.78
CA LEU C 54 -0.05 7.17 -2.41
C LEU C 54 -1.22 6.46 -3.11
N ASP C 55 -1.06 6.16 -4.38
CA ASP C 55 -2.15 5.48 -5.13
C ASP C 55 -2.32 4.06 -4.60
N LEU C 56 -3.14 3.87 -3.61
CA LEU C 56 -3.34 2.51 -3.04
C LEU C 56 -3.65 1.52 -4.16
N TYR C 57 -4.14 2.01 -5.26
CA TYR C 57 -4.48 1.08 -6.37
C TYR C 57 -3.23 0.64 -7.14
N GLU C 58 -2.45 1.56 -7.64
CA GLU C 58 -1.25 1.16 -8.42
C GLU C 58 -0.29 0.36 -7.55
N LEU C 59 -0.11 0.73 -6.32
CA LEU C 59 0.81 -0.04 -5.45
C LEU C 59 0.29 -1.47 -5.36
N TYR C 60 -0.99 -1.61 -5.20
CA TYR C 60 -1.60 -2.95 -5.12
C TYR C 60 -1.32 -3.74 -6.40
N ASN C 61 -1.87 -3.29 -7.49
CA ASN C 61 -1.68 -4.01 -8.79
C ASN C 61 -0.21 -4.45 -8.95
N LEU C 62 0.73 -3.65 -8.56
CA LEU C 62 2.14 -4.09 -8.72
C LEU C 62 2.41 -5.17 -7.67
N VAL C 63 1.98 -4.95 -6.46
CA VAL C 63 2.21 -5.99 -5.41
C VAL C 63 1.57 -7.31 -5.82
N ILE C 64 0.36 -7.30 -6.31
CA ILE C 64 -0.27 -8.60 -6.71
C ILE C 64 0.48 -9.15 -7.92
N ALA C 65 0.91 -8.26 -8.78
CA ALA C 65 1.63 -8.70 -10.01
C ALA C 65 2.81 -9.59 -9.64
N ARG C 66 3.35 -9.47 -8.47
CA ARG C 66 4.50 -10.35 -8.09
C ARG C 66 3.95 -11.61 -7.41
N GLY C 67 2.66 -11.67 -7.23
CA GLY C 67 2.05 -12.89 -6.61
C GLY C 67 2.07 -12.83 -5.08
N GLY C 68 2.25 -11.68 -4.48
CA GLY C 68 2.24 -11.63 -2.98
C GLY C 68 3.36 -10.73 -2.45
N LEU C 69 3.02 -9.87 -1.52
CA LEU C 69 4.02 -8.93 -0.93
C LEU C 69 5.27 -9.69 -0.47
N VAL C 70 5.11 -10.86 0.08
CA VAL C 70 6.29 -11.64 0.55
C VAL C 70 7.27 -11.83 -0.61
N ASP C 71 6.79 -12.16 -1.78
CA ASP C 71 7.71 -12.38 -2.93
C ASP C 71 8.54 -11.10 -3.18
N VAL C 72 7.92 -9.96 -3.06
CA VAL C 72 8.64 -8.68 -3.31
C VAL C 72 9.75 -8.49 -2.28
N ILE C 73 9.50 -8.76 -1.04
CA ILE C 73 10.57 -8.57 -0.02
C ILE C 73 11.72 -9.56 -0.27
N ASN C 74 11.43 -10.83 -0.26
CA ASN C 74 12.49 -11.84 -0.49
C ASN C 74 13.17 -11.61 -1.84
N LYS C 75 12.41 -11.30 -2.86
CA LYS C 75 13.02 -11.07 -4.19
C LYS C 75 13.34 -9.59 -4.39
N LYS C 76 12.88 -8.75 -3.50
CA LYS C 76 13.13 -7.28 -3.65
C LYS C 76 12.57 -6.79 -4.97
N LEU C 77 11.31 -6.97 -5.21
CA LEU C 77 10.74 -6.48 -6.49
C LEU C 77 10.23 -5.04 -6.26
N TRP C 78 10.64 -4.43 -5.18
CA TRP C 78 10.20 -3.03 -4.90
C TRP C 78 10.78 -2.11 -5.96
N GLN C 79 12.01 -2.31 -6.36
CA GLN C 79 12.57 -1.40 -7.40
C GLN C 79 11.56 -1.31 -8.53
N GLU C 80 10.93 -2.40 -8.87
CA GLU C 80 9.91 -2.36 -9.95
C GLU C 80 8.70 -1.56 -9.45
N ILE C 81 8.31 -1.78 -8.21
CA ILE C 81 7.15 -1.02 -7.66
C ILE C 81 7.56 0.44 -7.51
N ILE C 82 8.66 0.70 -6.86
CA ILE C 82 9.14 2.09 -6.66
C ILE C 82 9.15 2.81 -8.02
N LYS C 83 9.86 2.27 -8.97
CA LYS C 83 9.92 2.92 -10.31
C LYS C 83 8.57 2.78 -11.02
N GLY C 84 7.91 1.66 -10.86
CA GLY C 84 6.60 1.47 -11.54
C GLY C 84 5.68 2.66 -11.23
N LEU C 85 5.81 3.21 -10.06
CA LEU C 85 4.96 4.37 -9.69
C LEU C 85 5.68 5.67 -10.07
N HIS C 86 6.91 5.56 -10.48
CA HIS C 86 7.70 6.76 -10.87
C HIS C 86 8.00 7.63 -9.64
N LEU C 87 8.33 7.02 -8.54
CA LEU C 87 8.64 7.81 -7.33
C LEU C 87 10.00 8.52 -7.53
N PRO C 88 10.13 9.75 -7.10
CA PRO C 88 11.42 10.50 -7.25
C PRO C 88 12.52 9.96 -6.34
N SER C 89 13.74 9.93 -6.84
CA SER C 89 14.88 9.41 -6.02
C SER C 89 14.96 10.20 -4.71
N SER C 90 14.09 11.15 -4.51
CA SER C 90 14.16 11.97 -3.26
C SER C 90 13.82 11.10 -2.05
N ILE C 91 13.06 10.05 -2.23
CA ILE C 91 12.73 9.18 -1.07
C ILE C 91 13.65 7.95 -1.09
N THR C 92 14.65 7.93 -0.25
CA THR C 92 15.58 6.77 -0.21
C THR C 92 14.88 5.59 0.47
N SER C 93 13.96 5.88 1.34
CA SER C 93 13.23 4.80 2.05
C SER C 93 11.93 4.50 1.30
N ALA C 94 11.97 4.54 0.00
CA ALA C 94 10.73 4.25 -0.77
C ALA C 94 10.28 2.82 -0.48
N ALA C 95 11.07 1.85 -0.86
CA ALA C 95 10.68 0.44 -0.61
C ALA C 95 10.23 0.28 0.84
N LEU C 96 11.01 0.72 1.79
CA LEU C 96 10.60 0.58 3.21
C LEU C 96 9.26 1.29 3.43
N THR C 97 9.11 2.47 2.89
CA THR C 97 7.82 3.19 3.07
C THR C 97 6.72 2.38 2.40
N LEU C 98 6.99 1.83 1.25
CA LEU C 98 5.96 1.03 0.55
C LEU C 98 5.69 -0.25 1.34
N ARG C 99 6.73 -0.89 1.84
CA ARG C 99 6.54 -2.16 2.60
C ARG C 99 5.86 -1.91 3.93
N THR C 100 6.36 -0.98 4.70
CA THR C 100 5.74 -0.72 6.04
C THR C 100 4.24 -0.41 5.86
N GLN C 101 3.92 0.51 5.01
CA GLN C 101 2.48 0.87 4.81
C GLN C 101 1.68 -0.32 4.26
N TYR C 102 2.22 -1.06 3.33
CA TYR C 102 1.44 -2.20 2.78
C TYR C 102 1.09 -3.17 3.90
N MET C 103 2.00 -3.44 4.77
CA MET C 103 1.73 -4.40 5.86
C MET C 103 0.47 -4.02 6.64
N LYS C 104 0.39 -2.82 7.13
CA LYS C 104 -0.79 -2.43 7.97
C LYS C 104 -2.06 -2.21 7.12
N TYR C 105 -2.00 -1.36 6.13
CA TYR C 105 -3.24 -1.03 5.37
C TYR C 105 -3.59 -2.02 4.23
N LEU C 106 -2.66 -2.42 3.41
CA LEU C 106 -3.04 -3.33 2.27
C LEU C 106 -2.82 -4.82 2.58
N TYR C 107 -2.24 -5.18 3.68
CA TYR C 107 -2.06 -6.65 3.92
C TYR C 107 -3.42 -7.36 3.93
N PRO C 108 -4.44 -6.74 4.47
CA PRO C 108 -5.82 -7.34 4.53
C PRO C 108 -6.47 -7.47 3.14
N TYR C 109 -6.53 -6.39 2.40
CA TYR C 109 -7.14 -6.40 1.04
C TYR C 109 -6.39 -7.40 0.15
N GLU C 110 -5.09 -7.40 0.22
CA GLU C 110 -4.28 -8.33 -0.62
C GLU C 110 -4.47 -9.78 -0.15
N CYS C 111 -4.29 -10.02 1.12
CA CYS C 111 -4.45 -11.41 1.65
C CYS C 111 -5.92 -11.84 1.62
N GLU C 112 -6.80 -10.96 2.01
CA GLU C 112 -8.24 -11.34 2.04
C GLU C 112 -8.78 -11.58 0.62
N LYS C 113 -8.58 -10.65 -0.27
CA LYS C 113 -9.11 -10.82 -1.65
C LYS C 113 -8.30 -11.85 -2.44
N LYS C 114 -7.05 -12.05 -2.11
CA LYS C 114 -6.21 -13.00 -2.90
C LYS C 114 -5.56 -14.06 -1.99
N ASN C 115 -5.27 -13.74 -0.75
CA ASN C 115 -4.65 -14.75 0.15
C ASN C 115 -3.35 -15.29 -0.48
N LEU C 116 -2.53 -14.41 -1.00
CA LEU C 116 -1.25 -14.86 -1.64
C LEU C 116 -0.29 -15.46 -0.61
N SER C 117 -0.31 -14.97 0.60
CA SER C 117 0.64 -15.52 1.60
C SER C 117 0.13 -15.32 3.03
N THR C 118 1.00 -15.40 4.00
CA THR C 118 0.59 -15.24 5.43
C THR C 118 1.44 -14.14 6.09
N PRO C 119 1.03 -13.62 7.23
CA PRO C 119 1.81 -12.55 7.93
C PRO C 119 3.18 -13.06 8.38
N ALA C 120 3.26 -14.30 8.81
CA ALA C 120 4.58 -14.84 9.28
C ALA C 120 5.56 -14.83 8.12
N GLU C 121 5.10 -15.10 6.92
CA GLU C 121 6.03 -15.07 5.77
C GLU C 121 6.46 -13.62 5.58
N LEU C 122 5.52 -12.71 5.63
CA LEU C 122 5.84 -11.27 5.48
C LEU C 122 6.67 -10.81 6.68
N GLN C 123 6.22 -11.09 7.87
CA GLN C 123 7.00 -10.70 9.08
C GLN C 123 8.38 -11.36 9.02
N ALA C 124 8.42 -12.63 8.70
CA ALA C 124 9.74 -13.34 8.64
C ALA C 124 10.64 -12.70 7.58
N ALA C 125 10.09 -12.36 6.45
CA ALA C 125 10.92 -11.74 5.38
C ALA C 125 11.36 -10.37 5.85
N ILE C 126 10.54 -9.74 6.61
CA ILE C 126 10.88 -8.43 7.16
C ILE C 126 12.04 -8.60 8.14
N ASP C 127 11.92 -9.51 9.06
CA ASP C 127 13.01 -9.74 10.04
C ASP C 127 14.27 -10.24 9.31
N GLY C 128 14.09 -11.08 8.33
CA GLY C 128 15.28 -11.59 7.57
C GLY C 128 16.03 -10.43 6.92
N ASN C 129 15.34 -9.40 6.55
CA ASN C 129 16.03 -8.25 5.88
C ASN C 129 16.52 -7.24 6.92
N ARG C 130 15.90 -7.21 8.07
CA ARG C 130 16.35 -6.24 9.11
C ARG C 130 17.79 -6.57 9.54
N ARG C 131 18.60 -5.57 9.77
CA ARG C 131 20.00 -5.82 10.18
C ARG C 131 20.05 -6.47 11.56
N GLU C 132 21.05 -7.26 11.81
CA GLU C 132 21.16 -7.93 13.15
C GLU C 132 21.24 -6.88 14.24
N GLY C 133 21.62 -5.69 13.87
CA GLY C 133 21.72 -4.59 14.87
C GLY C 133 22.03 -3.27 14.15
N GLY C 3 -11.75 11.86 15.70
CA GLY C 3 -10.60 12.80 15.92
C GLY C 3 -10.35 13.61 14.64
N TRP C 4 -10.12 12.93 13.54
CA TRP C 4 -9.87 13.66 12.27
C TRP C 4 -11.19 14.19 11.71
N SER C 5 -11.18 15.37 11.13
CA SER C 5 -12.43 15.95 10.57
C SER C 5 -12.76 15.26 9.25
N PHE C 6 -14.01 14.90 9.07
CA PHE C 6 -14.41 14.21 7.81
C PHE C 6 -13.99 15.03 6.59
N GLU C 7 -14.05 16.33 6.67
CA GLU C 7 -13.64 17.15 5.50
C GLU C 7 -12.15 16.96 5.23
N GLU C 8 -11.35 16.93 6.26
CA GLU C 8 -9.88 16.76 6.06
C GLU C 8 -9.62 15.52 5.22
N GLN C 9 -10.28 14.43 5.51
CA GLN C 9 -10.05 13.20 4.70
C GLN C 9 -10.61 13.39 3.29
N PHE C 10 -11.72 14.07 3.15
CA PHE C 10 -12.33 14.29 1.82
C PHE C 10 -11.26 14.76 0.84
N LYS C 11 -10.49 15.76 1.21
CA LYS C 11 -9.44 16.26 0.30
C LYS C 11 -8.42 15.14 0.03
N GLN C 12 -8.10 14.39 1.04
CA GLN C 12 -7.11 13.28 0.88
C GLN C 12 -7.65 12.17 -0.03
N VAL C 13 -8.80 11.65 0.28
CA VAL C 13 -9.38 10.55 -0.54
C VAL C 13 -9.80 11.09 -1.91
N ARG C 14 -10.35 12.27 -1.99
CA ARG C 14 -10.74 12.79 -3.33
C ARG C 14 -9.49 12.87 -4.19
N GLN C 15 -8.39 13.29 -3.62
CA GLN C 15 -7.13 13.37 -4.41
C GLN C 15 -6.82 11.98 -4.98
N LEU C 16 -7.22 10.95 -4.29
CA LEU C 16 -6.95 9.57 -4.78
C LEU C 16 -7.79 9.25 -6.03
N TYR C 17 -9.03 9.65 -6.09
CA TYR C 17 -9.83 9.32 -7.31
C TYR C 17 -9.41 10.23 -8.46
N GLU C 18 -9.10 11.45 -8.18
CA GLU C 18 -8.73 12.40 -9.27
C GLU C 18 -7.48 11.93 -10.00
N ILE C 19 -6.63 11.23 -9.31
CA ILE C 19 -5.37 10.76 -9.93
C ILE C 19 -5.59 10.37 -11.40
N ASN C 20 -6.68 9.70 -11.71
CA ASN C 20 -6.91 9.33 -13.14
C ASN C 20 -8.31 8.72 -13.32
N ASP C 21 -8.74 8.57 -14.54
CA ASP C 21 -10.09 8.01 -14.81
C ASP C 21 -10.02 6.48 -14.95
N ASP C 22 -9.68 5.79 -13.91
CA ASP C 22 -9.61 4.30 -13.98
C ASP C 22 -10.91 3.72 -13.38
N PRO C 23 -11.50 2.72 -14.00
CA PRO C 23 -12.75 2.10 -13.49
C PRO C 23 -12.49 1.19 -12.27
N LYS C 24 -11.72 0.17 -12.44
CA LYS C 24 -11.43 -0.74 -11.29
C LYS C 24 -10.80 0.06 -10.15
N ARG C 25 -10.00 1.04 -10.46
CA ARG C 25 -9.36 1.84 -9.39
C ARG C 25 -10.42 2.47 -8.49
N LYS C 26 -11.47 2.99 -9.07
CA LYS C 26 -12.52 3.61 -8.21
C LYS C 26 -13.07 2.55 -7.26
N GLU C 27 -13.50 1.45 -7.81
CA GLU C 27 -14.05 0.35 -6.95
C GLU C 27 -13.02 0.00 -5.86
N PHE C 28 -11.76 0.07 -6.19
CA PHE C 28 -10.70 -0.27 -5.20
C PHE C 28 -10.70 0.72 -4.03
N LEU C 29 -10.45 1.97 -4.31
CA LEU C 29 -10.43 2.99 -3.22
C LEU C 29 -11.74 2.95 -2.44
N ASP C 30 -12.83 2.93 -3.13
CA ASP C 30 -14.15 2.89 -2.43
C ASP C 30 -14.24 1.60 -1.61
N ASP C 31 -13.90 0.48 -2.19
CA ASP C 31 -13.98 -0.80 -1.42
C ASP C 31 -12.93 -0.78 -0.32
N LEU C 32 -11.73 -0.34 -0.61
CA LEU C 32 -10.67 -0.32 0.43
C LEU C 32 -11.14 0.48 1.65
N PHE C 33 -11.63 1.67 1.45
CA PHE C 33 -12.09 2.43 2.64
C PHE C 33 -13.23 1.64 3.28
N SER C 34 -14.02 0.97 2.48
CA SER C 34 -15.14 0.17 3.04
C SER C 34 -14.58 -1.04 3.79
N PHE C 35 -13.75 -1.81 3.14
CA PHE C 35 -13.16 -3.01 3.78
C PHE C 35 -12.39 -2.61 5.04
N MET C 36 -11.61 -1.58 4.95
CA MET C 36 -10.82 -1.13 6.12
C MET C 36 -11.74 -0.81 7.30
N GLN C 37 -12.88 -0.23 7.05
CA GLN C 37 -13.81 0.10 8.16
C GLN C 37 -14.19 -1.16 8.93
N LYS C 38 -14.44 -2.24 8.24
CA LYS C 38 -14.82 -3.50 8.94
C LYS C 38 -13.64 -4.01 9.78
N ARG C 39 -12.47 -4.04 9.21
CA ARG C 39 -11.29 -4.56 9.94
C ARG C 39 -11.00 -3.72 11.18
N GLY C 40 -11.42 -2.49 11.20
CA GLY C 40 -11.14 -1.66 12.39
C GLY C 40 -9.90 -0.82 12.12
N THR C 41 -9.33 -0.94 10.95
CA THR C 41 -8.12 -0.13 10.62
C THR C 41 -8.46 0.80 9.47
N PRO C 42 -9.06 1.92 9.76
CA PRO C 42 -9.44 2.92 8.73
C PRO C 42 -8.30 3.89 8.43
N ILE C 43 -8.18 4.34 7.22
CA ILE C 43 -7.08 5.28 6.88
C ILE C 43 -7.47 6.69 7.32
N ASN C 44 -7.02 7.11 8.48
CA ASN C 44 -7.37 8.48 8.93
C ASN C 44 -6.77 9.47 7.95
N ARG C 45 -5.55 9.26 7.58
CA ARG C 45 -4.88 10.16 6.60
C ARG C 45 -4.07 9.30 5.63
N LEU C 46 -4.15 9.56 4.36
CA LEU C 46 -3.37 8.73 3.41
C LEU C 46 -1.88 9.04 3.56
N PRO C 47 -1.03 8.05 3.41
CA PRO C 47 0.44 8.28 3.47
C PRO C 47 0.91 9.00 2.21
N ILE C 48 1.41 10.18 2.34
CA ILE C 48 1.85 10.93 1.13
C ILE C 48 3.24 10.49 0.72
N MET C 49 3.47 10.43 -0.56
CA MET C 49 4.80 10.03 -1.07
C MET C 49 5.15 10.91 -2.25
N ALA C 50 6.28 11.54 -2.19
CA ALA C 50 6.67 12.47 -3.29
C ALA C 50 5.70 13.65 -3.26
N LYS C 51 5.37 14.11 -2.08
CA LYS C 51 4.43 15.26 -1.92
C LYS C 51 3.07 14.93 -2.55
N SER C 52 2.76 13.67 -2.68
CA SER C 52 1.44 13.29 -3.29
C SER C 52 0.85 12.09 -2.54
N VAL C 53 -0.45 11.91 -2.62
CA VAL C 53 -1.07 10.75 -1.91
C VAL C 53 -0.59 9.46 -2.58
N LEU C 54 -0.40 8.43 -1.80
CA LEU C 54 0.09 7.14 -2.37
C LEU C 54 -1.08 6.40 -3.04
N ASP C 55 -0.94 6.07 -4.29
CA ASP C 55 -2.03 5.36 -5.01
C ASP C 55 -2.21 3.97 -4.41
N LEU C 56 -3.07 3.84 -3.43
CA LEU C 56 -3.26 2.52 -2.79
C LEU C 56 -3.63 1.49 -3.86
N TYR C 57 -4.17 1.94 -4.95
CA TYR C 57 -4.56 0.99 -6.02
C TYR C 57 -3.35 0.56 -6.87
N GLU C 58 -2.66 1.48 -7.49
CA GLU C 58 -1.50 1.06 -8.32
C GLU C 58 -0.51 0.31 -7.45
N LEU C 59 -0.32 0.74 -6.24
CA LEU C 59 0.60 0.01 -5.34
C LEU C 59 0.09 -1.42 -5.23
N TYR C 60 -1.18 -1.57 -5.01
CA TYR C 60 -1.78 -2.92 -4.91
C TYR C 60 -1.53 -3.69 -6.20
N ASN C 61 -2.12 -3.24 -7.27
CA ASN C 61 -1.96 -3.95 -8.58
C ASN C 61 -0.51 -4.39 -8.77
N LEU C 62 0.45 -3.57 -8.43
CA LEU C 62 1.86 -4.03 -8.60
C LEU C 62 2.13 -5.11 -7.56
N VAL C 63 1.75 -4.89 -6.34
CA VAL C 63 2.00 -5.91 -5.28
C VAL C 63 1.37 -7.25 -5.70
N ILE C 64 0.16 -7.25 -6.18
CA ILE C 64 -0.46 -8.54 -6.60
C ILE C 64 0.30 -9.06 -7.82
N ALA C 65 0.71 -8.15 -8.66
CA ALA C 65 1.44 -8.54 -9.90
C ALA C 65 2.70 -9.33 -9.56
N ARG C 66 3.21 -9.21 -8.35
CA ARG C 66 4.44 -9.98 -7.99
C ARG C 66 4.01 -11.29 -7.33
N GLY C 67 2.73 -11.50 -7.23
CA GLY C 67 2.20 -12.76 -6.65
C GLY C 67 2.14 -12.70 -5.11
N GLY C 68 2.26 -11.55 -4.51
CA GLY C 68 2.18 -11.49 -3.01
C GLY C 68 3.24 -10.56 -2.42
N LEU C 69 2.85 -9.74 -1.48
CA LEU C 69 3.82 -8.79 -0.85
C LEU C 69 5.06 -9.54 -0.35
N VAL C 70 4.89 -10.71 0.21
CA VAL C 70 6.07 -11.45 0.72
C VAL C 70 7.07 -11.70 -0.41
N ASP C 71 6.59 -12.11 -1.55
CA ASP C 71 7.53 -12.36 -2.68
C ASP C 71 8.34 -11.08 -2.93
N VAL C 72 7.70 -9.95 -2.83
CA VAL C 72 8.42 -8.67 -3.05
C VAL C 72 9.49 -8.50 -1.98
N ILE C 73 9.20 -8.82 -0.75
CA ILE C 73 10.22 -8.65 0.31
C ILE C 73 11.39 -9.61 0.10
N ASN C 74 11.14 -10.89 0.13
CA ASN C 74 12.23 -11.88 -0.06
C ASN C 74 12.90 -11.66 -1.41
N LYS C 75 12.15 -11.36 -2.43
CA LYS C 75 12.78 -11.13 -3.76
C LYS C 75 13.11 -9.64 -3.96
N LYS C 76 12.62 -8.79 -3.10
CA LYS C 76 12.89 -7.33 -3.26
C LYS C 76 12.37 -6.84 -4.61
N LEU C 77 11.10 -6.98 -4.86
CA LEU C 77 10.56 -6.50 -6.16
C LEU C 77 10.03 -5.07 -5.99
N TRP C 78 10.36 -4.43 -4.89
CA TRP C 78 9.89 -3.05 -4.68
C TRP C 78 10.46 -2.16 -5.79
N GLN C 79 11.70 -2.35 -6.17
CA GLN C 79 12.24 -1.51 -7.27
C GLN C 79 11.24 -1.50 -8.41
N GLU C 80 10.64 -2.63 -8.69
CA GLU C 80 9.62 -2.67 -9.77
C GLU C 80 8.43 -1.82 -9.35
N ILE C 81 8.07 -1.89 -8.10
CA ILE C 81 6.93 -1.07 -7.59
C ILE C 81 7.36 0.38 -7.47
N ILE C 82 8.48 0.62 -6.82
CA ILE C 82 8.98 2.01 -6.65
C ILE C 82 9.03 2.72 -8.01
N LYS C 83 9.68 2.15 -8.97
CA LYS C 83 9.75 2.80 -10.31
C LYS C 83 8.39 2.69 -11.02
N GLY C 84 7.71 1.58 -10.89
CA GLY C 84 6.39 1.44 -11.58
C GLY C 84 5.50 2.62 -11.22
N LEU C 85 5.66 3.13 -10.03
CA LEU C 85 4.82 4.29 -9.61
C LEU C 85 5.55 5.59 -9.98
N HIS C 86 6.76 5.47 -10.43
CA HIS C 86 7.56 6.67 -10.84
C HIS C 86 7.85 7.56 -9.62
N LEU C 87 8.17 6.95 -8.51
CA LEU C 87 8.52 7.76 -7.31
C LEU C 87 9.90 8.39 -7.53
N PRO C 88 10.11 9.62 -7.10
CA PRO C 88 11.41 10.31 -7.28
C PRO C 88 12.49 9.78 -6.34
N SER C 89 13.71 9.70 -6.79
CA SER C 89 14.81 9.19 -5.93
C SER C 89 14.92 10.04 -4.66
N SER C 90 14.06 11.01 -4.52
CA SER C 90 14.14 11.89 -3.32
C SER C 90 13.79 11.10 -2.07
N ILE C 91 13.06 10.03 -2.20
CA ILE C 91 12.71 9.21 -0.99
C ILE C 91 13.58 7.95 -0.97
N THR C 92 14.55 7.89 -0.09
CA THR C 92 15.42 6.69 -0.01
C THR C 92 14.64 5.57 0.69
N SER C 93 13.73 5.93 1.54
CA SER C 93 12.92 4.91 2.26
C SER C 93 11.66 4.59 1.47
N ALA C 94 11.74 4.70 0.16
CA ALA C 94 10.53 4.40 -0.67
C ALA C 94 10.12 2.95 -0.40
N ALA C 95 10.96 2.01 -0.76
CA ALA C 95 10.61 0.58 -0.53
C ALA C 95 10.20 0.39 0.93
N LEU C 96 10.99 0.83 1.87
CA LEU C 96 10.60 0.65 3.30
C LEU C 96 9.27 1.36 3.54
N THR C 97 9.12 2.55 3.04
CA THR C 97 7.84 3.28 3.23
C THR C 97 6.73 2.43 2.63
N LEU C 98 6.99 1.85 1.49
CA LEU C 98 5.96 1.00 0.84
C LEU C 98 5.76 -0.28 1.68
N ARG C 99 6.83 -0.87 2.16
CA ARG C 99 6.69 -2.10 2.97
C ARG C 99 5.96 -1.81 4.28
N THR C 100 6.41 -0.83 5.00
CA THR C 100 5.76 -0.51 6.29
C THR C 100 4.27 -0.21 6.08
N GLN C 101 3.96 0.70 5.20
CA GLN C 101 2.53 1.05 4.97
C GLN C 101 1.74 -0.12 4.39
N TYR C 102 2.25 -0.83 3.42
CA TYR C 102 1.45 -1.95 2.86
C TYR C 102 1.12 -2.92 3.99
N MET C 103 2.08 -3.15 4.85
CA MET C 103 1.87 -4.10 5.97
C MET C 103 0.60 -3.77 6.77
N LYS C 104 0.51 -2.59 7.33
CA LYS C 104 -0.68 -2.28 8.17
C LYS C 104 -1.96 -2.05 7.35
N TYR C 105 -1.90 -1.22 6.35
CA TYR C 105 -3.15 -0.89 5.60
C TYR C 105 -3.50 -1.89 4.48
N LEU C 106 -2.59 -2.28 3.63
CA LEU C 106 -2.96 -3.21 2.50
C LEU C 106 -2.62 -4.68 2.76
N TYR C 107 -2.15 -5.04 3.93
CA TYR C 107 -1.83 -6.47 4.14
C TYR C 107 -3.10 -7.34 4.12
N PRO C 108 -4.21 -6.88 4.67
CA PRO C 108 -5.46 -7.69 4.69
C PRO C 108 -6.20 -7.66 3.34
N TYR C 109 -6.28 -6.53 2.71
CA TYR C 109 -6.98 -6.45 1.40
C TYR C 109 -6.26 -7.42 0.43
N GLU C 110 -4.96 -7.44 0.45
CA GLU C 110 -4.19 -8.36 -0.46
C GLU C 110 -4.32 -9.80 0.05
N CYS C 111 -4.19 -10.01 1.33
CA CYS C 111 -4.27 -11.39 1.86
C CYS C 111 -5.72 -11.86 1.99
N GLU C 112 -6.58 -11.04 2.53
CA GLU C 112 -8.00 -11.47 2.70
C GLU C 112 -8.67 -11.66 1.33
N LYS C 113 -8.49 -10.73 0.44
CA LYS C 113 -9.14 -10.86 -0.91
C LYS C 113 -8.41 -11.91 -1.77
N LYS C 114 -7.10 -12.01 -1.65
CA LYS C 114 -6.35 -12.96 -2.51
C LYS C 114 -5.61 -14.03 -1.68
N ASN C 115 -5.26 -13.73 -0.45
CA ASN C 115 -4.54 -14.74 0.39
C ASN C 115 -3.30 -15.25 -0.33
N LEU C 116 -2.52 -14.38 -0.89
CA LEU C 116 -1.27 -14.81 -1.60
C LEU C 116 -0.27 -15.40 -0.62
N SER C 117 -0.30 -14.97 0.61
CA SER C 117 0.68 -15.51 1.60
C SER C 117 0.13 -15.45 3.02
N THR C 118 0.98 -15.63 4.00
CA THR C 118 0.52 -15.63 5.42
C THR C 118 1.37 -14.65 6.25
N PRO C 119 0.87 -14.19 7.38
CA PRO C 119 1.64 -13.24 8.25
C PRO C 119 3.02 -13.79 8.65
N ALA C 120 3.11 -15.06 8.99
CA ALA C 120 4.43 -15.62 9.39
C ALA C 120 5.40 -15.54 8.22
N GLU C 121 4.92 -15.80 7.03
CA GLU C 121 5.86 -15.69 5.87
C GLU C 121 6.23 -14.23 5.75
N LEU C 122 5.27 -13.35 5.85
CA LEU C 122 5.54 -11.89 5.75
C LEU C 122 6.39 -11.43 6.95
N GLN C 123 5.98 -11.73 8.15
CA GLN C 123 6.78 -11.32 9.34
C GLN C 123 8.19 -11.92 9.23
N ALA C 124 8.29 -13.17 8.89
CA ALA C 124 9.63 -13.80 8.78
C ALA C 124 10.46 -13.09 7.70
N ALA C 125 9.84 -12.71 6.62
CA ALA C 125 10.58 -12.00 5.54
C ALA C 125 11.03 -10.65 6.04
N ILE C 126 10.21 -10.05 6.85
CA ILE C 126 10.56 -8.74 7.43
C ILE C 126 11.77 -8.92 8.34
N ASP C 127 11.71 -9.88 9.21
CA ASP C 127 12.86 -10.12 10.12
C ASP C 127 14.09 -10.47 9.28
N GLY C 128 13.89 -11.24 8.23
CA GLY C 128 15.03 -11.64 7.35
C GLY C 128 15.60 -10.44 6.60
N ASN C 129 14.81 -9.43 6.33
CA ASN C 129 15.36 -8.26 5.57
C ASN C 129 15.92 -7.21 6.54
N ARG C 130 15.38 -7.12 7.72
CA ARG C 130 15.91 -6.12 8.70
C ARG C 130 17.35 -6.47 9.04
N ARG C 131 18.19 -5.50 9.21
CA ARG C 131 19.61 -5.78 9.55
C ARG C 131 19.69 -6.36 10.97
N GLU C 132 20.60 -7.27 11.19
CA GLU C 132 20.73 -7.87 12.54
C GLU C 132 21.39 -6.87 13.49
N GLY C 133 21.70 -5.71 12.99
CA GLY C 133 22.34 -4.67 13.84
C GLY C 133 23.85 -4.95 13.94
N GLY C 3 -10.77 13.07 17.30
CA GLY C 3 -11.06 12.11 16.20
C GLY C 3 -10.81 12.80 14.86
N TRP C 4 -10.48 12.03 13.85
CA TRP C 4 -10.23 12.63 12.51
C TRP C 4 -11.54 13.20 11.94
N SER C 5 -11.45 14.20 11.10
CA SER C 5 -12.68 14.80 10.52
C SER C 5 -12.90 14.22 9.12
N PHE C 6 -14.13 13.90 8.80
CA PHE C 6 -14.43 13.31 7.46
C PHE C 6 -13.92 14.25 6.36
N GLU C 7 -14.04 15.54 6.54
CA GLU C 7 -13.56 16.47 5.49
C GLU C 7 -12.05 16.31 5.33
N GLU C 8 -11.34 16.20 6.43
CA GLU C 8 -9.87 16.03 6.33
C GLU C 8 -9.56 14.80 5.47
N GLN C 9 -10.31 13.76 5.62
CA GLN C 9 -10.08 12.54 4.80
C GLN C 9 -10.66 12.76 3.40
N PHE C 10 -11.78 13.42 3.29
CA PHE C 10 -12.39 13.64 1.95
C PHE C 10 -11.36 14.28 1.02
N LYS C 11 -10.71 15.33 1.47
CA LYS C 11 -9.68 15.97 0.60
C LYS C 11 -8.55 14.98 0.31
N GLN C 12 -8.15 14.25 1.32
CA GLN C 12 -7.05 13.27 1.12
C GLN C 12 -7.47 12.16 0.17
N VAL C 13 -8.61 11.56 0.37
CA VAL C 13 -9.03 10.47 -0.56
C VAL C 13 -9.42 11.10 -1.89
N ARG C 14 -10.02 12.27 -1.87
CA ARG C 14 -10.36 12.90 -3.18
C ARG C 14 -9.09 12.99 -4.00
N GLN C 15 -7.99 13.32 -3.38
CA GLN C 15 -6.71 13.38 -4.12
C GLN C 15 -6.44 12.01 -4.73
N LEU C 16 -6.88 10.97 -4.08
CA LEU C 16 -6.65 9.59 -4.63
C LEU C 16 -7.54 9.32 -5.85
N TYR C 17 -8.76 9.79 -5.88
CA TYR C 17 -9.62 9.49 -7.06
C TYR C 17 -9.23 10.42 -8.22
N GLU C 18 -8.81 11.62 -7.94
CA GLU C 18 -8.46 12.56 -9.04
C GLU C 18 -7.20 12.13 -9.76
N ILE C 19 -6.32 11.44 -9.10
CA ILE C 19 -5.05 11.00 -9.73
C ILE C 19 -5.29 10.65 -11.20
N ASN C 20 -6.41 10.05 -11.52
CA ASN C 20 -6.69 9.71 -12.94
C ASN C 20 -8.11 9.16 -13.07
N ASP C 21 -8.58 9.04 -14.29
CA ASP C 21 -9.95 8.52 -14.51
C ASP C 21 -9.93 7.01 -14.67
N ASP C 22 -9.74 6.29 -13.60
CA ASP C 22 -9.73 4.80 -13.68
C ASP C 22 -11.00 4.26 -13.03
N PRO C 23 -11.67 3.32 -13.65
CA PRO C 23 -12.94 2.74 -13.09
C PRO C 23 -12.67 1.81 -11.90
N LYS C 24 -11.92 0.77 -12.12
CA LYS C 24 -11.62 -0.19 -11.01
C LYS C 24 -10.94 0.56 -9.86
N ARG C 25 -10.13 1.55 -10.17
CA ARG C 25 -9.43 2.29 -9.09
C ARG C 25 -10.48 2.87 -8.13
N LYS C 26 -11.56 3.40 -8.63
CA LYS C 26 -12.58 3.98 -7.72
C LYS C 26 -13.11 2.87 -6.83
N GLU C 27 -13.58 1.80 -7.42
CA GLU C 27 -14.10 0.67 -6.60
C GLU C 27 -13.05 0.26 -5.58
N PHE C 28 -11.80 0.31 -5.97
CA PHE C 28 -10.70 -0.07 -5.03
C PHE C 28 -10.70 0.89 -3.84
N LEU C 29 -10.47 2.15 -4.09
CA LEU C 29 -10.42 3.15 -2.99
C LEU C 29 -11.73 3.08 -2.19
N ASP C 30 -12.83 3.05 -2.88
CA ASP C 30 -14.14 2.99 -2.17
C ASP C 30 -14.23 1.71 -1.32
N ASP C 31 -13.93 0.58 -1.90
CA ASP C 31 -13.99 -0.69 -1.13
C ASP C 31 -12.93 -0.70 -0.03
N LEU C 32 -11.73 -0.28 -0.36
CA LEU C 32 -10.65 -0.30 0.66
C LEU C 32 -11.07 0.48 1.90
N PHE C 33 -11.52 1.69 1.75
CA PHE C 33 -11.93 2.45 2.96
C PHE C 33 -13.10 1.72 3.62
N SER C 34 -13.93 1.09 2.84
CA SER C 34 -15.11 0.38 3.41
C SER C 34 -14.68 -0.82 4.26
N PHE C 35 -14.05 -1.79 3.66
CA PHE C 35 -13.64 -3.01 4.42
C PHE C 35 -12.62 -2.67 5.51
N MET C 36 -11.85 -1.63 5.32
CA MET C 36 -10.84 -1.25 6.36
C MET C 36 -11.52 -0.86 7.68
N GLN C 37 -12.61 -0.15 7.62
CA GLN C 37 -13.30 0.27 8.89
C GLN C 37 -13.76 -0.96 9.68
N LYS C 38 -14.19 -1.99 9.01
CA LYS C 38 -14.67 -3.21 9.72
C LYS C 38 -13.56 -3.79 10.60
N ARG C 39 -12.39 -4.00 10.06
CA ARG C 39 -11.29 -4.61 10.85
C ARG C 39 -10.89 -3.70 12.01
N GLY C 40 -11.21 -2.44 11.92
CA GLY C 40 -10.82 -1.52 13.02
C GLY C 40 -9.58 -0.76 12.57
N THR C 41 -9.14 -0.98 11.34
CA THR C 41 -7.94 -0.25 10.84
C THR C 41 -8.35 0.61 9.65
N PRO C 42 -8.86 1.79 9.90
CA PRO C 42 -9.29 2.75 8.86
C PRO C 42 -8.19 3.74 8.50
N ILE C 43 -8.15 4.22 7.29
CA ILE C 43 -7.10 5.19 6.93
C ILE C 43 -7.54 6.59 7.33
N ASN C 44 -7.09 7.07 8.46
CA ASN C 44 -7.49 8.44 8.89
C ASN C 44 -6.62 9.44 8.13
N ARG C 45 -5.59 8.95 7.52
CA ARG C 45 -4.68 9.82 6.74
C ARG C 45 -3.90 8.95 5.75
N LEU C 46 -3.98 9.24 4.49
CA LEU C 46 -3.24 8.38 3.51
C LEU C 46 -1.74 8.65 3.64
N PRO C 47 -0.93 7.65 3.42
CA PRO C 47 0.54 7.83 3.46
C PRO C 47 0.96 8.70 2.27
N ILE C 48 1.86 9.63 2.46
CA ILE C 48 2.27 10.50 1.32
C ILE C 48 3.66 10.11 0.83
N MET C 49 3.87 10.24 -0.44
CA MET C 49 5.20 9.89 -1.03
C MET C 49 5.52 10.87 -2.14
N ALA C 50 6.63 11.55 -2.03
CA ALA C 50 7.00 12.56 -3.06
C ALA C 50 6.02 13.73 -2.97
N LYS C 51 5.70 14.11 -1.76
CA LYS C 51 4.75 15.25 -1.54
C LYS C 51 3.42 14.95 -2.23
N SER C 52 3.13 13.70 -2.43
CA SER C 52 1.85 13.32 -3.09
C SER C 52 1.25 12.10 -2.36
N VAL C 53 -0.04 11.89 -2.48
CA VAL C 53 -0.66 10.73 -1.78
C VAL C 53 -0.21 9.44 -2.45
N LEU C 54 -0.12 8.38 -1.70
CA LEU C 54 0.34 7.09 -2.29
C LEU C 54 -0.84 6.40 -2.97
N ASP C 55 -0.70 6.08 -4.22
CA ASP C 55 -1.80 5.42 -4.98
C ASP C 55 -2.10 4.05 -4.38
N LEU C 56 -3.03 3.96 -3.46
CA LEU C 56 -3.33 2.64 -2.85
C LEU C 56 -3.63 1.63 -3.95
N TYR C 57 -4.10 2.09 -5.08
CA TYR C 57 -4.43 1.14 -6.18
C TYR C 57 -3.17 0.68 -6.92
N GLU C 58 -2.45 1.58 -7.55
CA GLU C 58 -1.25 1.15 -8.30
C GLU C 58 -0.31 0.39 -7.37
N LEU C 59 -0.22 0.80 -6.13
CA LEU C 59 0.66 0.06 -5.19
C LEU C 59 0.11 -1.37 -5.09
N TYR C 60 -1.17 -1.48 -4.95
CA TYR C 60 -1.81 -2.81 -4.86
C TYR C 60 -1.57 -3.59 -6.15
N ASN C 61 -2.15 -3.15 -7.23
CA ASN C 61 -1.96 -3.87 -8.53
C ASN C 61 -0.50 -4.28 -8.68
N LEU C 62 0.41 -3.45 -8.25
CA LEU C 62 1.84 -3.82 -8.36
C LEU C 62 2.12 -4.95 -7.38
N VAL C 63 1.75 -4.76 -6.15
CA VAL C 63 1.99 -5.81 -5.12
C VAL C 63 1.33 -7.12 -5.55
N ILE C 64 0.12 -7.08 -6.06
CA ILE C 64 -0.51 -8.36 -6.50
C ILE C 64 0.22 -8.86 -7.75
N ALA C 65 0.65 -7.94 -8.57
CA ALA C 65 1.35 -8.33 -9.83
C ALA C 65 2.54 -9.23 -9.54
N ARG C 66 3.11 -9.17 -8.37
CA ARG C 66 4.28 -10.03 -8.07
C ARG C 66 3.81 -11.33 -7.38
N GLY C 67 2.53 -11.48 -7.25
CA GLY C 67 1.97 -12.72 -6.65
C GLY C 67 1.97 -12.67 -5.12
N GLY C 68 2.10 -11.52 -4.51
CA GLY C 68 2.07 -11.46 -3.01
C GLY C 68 3.19 -10.57 -2.46
N LEU C 69 2.85 -9.74 -1.51
CA LEU C 69 3.85 -8.81 -0.92
C LEU C 69 5.08 -9.58 -0.42
N VAL C 70 4.90 -10.73 0.16
CA VAL C 70 6.08 -11.49 0.66
C VAL C 70 7.04 -11.74 -0.50
N ASP C 71 6.55 -12.10 -1.65
CA ASP C 71 7.45 -12.36 -2.81
C ASP C 71 8.27 -11.10 -3.09
N VAL C 72 7.67 -9.95 -3.01
CA VAL C 72 8.40 -8.68 -3.27
C VAL C 72 9.48 -8.46 -2.21
N ILE C 73 9.19 -8.71 -0.98
CA ILE C 73 10.22 -8.50 0.07
C ILE C 73 11.37 -9.49 -0.11
N ASN C 74 11.09 -10.76 -0.13
CA ASN C 74 12.16 -11.77 -0.30
C ASN C 74 12.94 -11.51 -1.59
N LYS C 75 12.25 -11.21 -2.66
CA LYS C 75 12.96 -10.95 -3.93
C LYS C 75 13.24 -9.45 -4.10
N LYS C 76 12.68 -8.64 -3.24
CA LYS C 76 12.88 -7.16 -3.36
C LYS C 76 12.38 -6.69 -4.73
N LEU C 77 11.14 -6.88 -5.03
CA LEU C 77 10.61 -6.40 -6.32
C LEU C 77 10.08 -4.99 -6.14
N TRP C 78 10.44 -4.35 -5.04
CA TRP C 78 9.98 -2.96 -4.81
C TRP C 78 10.53 -2.08 -5.92
N GLN C 79 11.75 -2.28 -6.33
CA GLN C 79 12.30 -1.44 -7.42
C GLN C 79 11.28 -1.38 -8.55
N GLU C 80 10.63 -2.47 -8.84
CA GLU C 80 9.60 -2.44 -9.91
C GLU C 80 8.42 -1.61 -9.41
N ILE C 81 8.06 -1.78 -8.18
CA ILE C 81 6.93 -0.99 -7.61
C ILE C 81 7.39 0.48 -7.48
N ILE C 82 8.50 0.68 -6.83
CA ILE C 82 9.02 2.07 -6.64
C ILE C 82 9.13 2.76 -8.00
N LYS C 83 9.84 2.16 -8.92
CA LYS C 83 9.99 2.77 -10.27
C LYS C 83 8.65 2.74 -11.00
N GLY C 84 7.93 1.66 -10.92
CA GLY C 84 6.62 1.57 -11.62
C GLY C 84 5.77 2.79 -11.27
N LEU C 85 5.94 3.30 -10.09
CA LEU C 85 5.16 4.49 -9.67
C LEU C 85 5.95 5.76 -10.03
N HIS C 86 7.17 5.58 -10.47
CA HIS C 86 8.02 6.75 -10.85
C HIS C 86 8.26 7.64 -9.63
N LEU C 87 8.54 7.05 -8.50
CA LEU C 87 8.82 7.87 -7.30
C LEU C 87 10.21 8.52 -7.47
N PRO C 88 10.37 9.76 -7.13
CA PRO C 88 11.68 10.46 -7.28
C PRO C 88 12.75 9.90 -6.33
N SER C 89 13.97 9.79 -6.79
CA SER C 89 15.06 9.25 -5.93
C SER C 89 15.16 10.05 -4.64
N SER C 90 14.30 11.03 -4.46
CA SER C 90 14.37 11.86 -3.23
C SER C 90 14.03 11.01 -2.00
N ILE C 91 13.28 9.95 -2.18
CA ILE C 91 12.95 9.09 -1.01
C ILE C 91 13.86 7.85 -1.02
N THR C 92 14.85 7.83 -0.18
CA THR C 92 15.76 6.65 -0.14
C THR C 92 15.07 5.50 0.59
N SER C 93 14.11 5.82 1.42
CA SER C 93 13.38 4.76 2.17
C SER C 93 12.04 4.50 1.49
N ALA C 94 12.03 4.49 0.18
CA ALA C 94 10.75 4.25 -0.54
C ALA C 94 10.27 2.83 -0.26
N ALA C 95 11.02 1.84 -0.66
CA ALA C 95 10.60 0.43 -0.42
C ALA C 95 10.12 0.28 1.03
N LEU C 96 10.92 0.70 1.99
CA LEU C 96 10.48 0.56 3.40
C LEU C 96 9.16 1.31 3.59
N THR C 97 9.05 2.49 3.05
CA THR C 97 7.78 3.25 3.20
C THR C 97 6.67 2.45 2.56
N LEU C 98 6.93 1.86 1.43
CA LEU C 98 5.90 1.06 0.75
C LEU C 98 5.62 -0.23 1.54
N ARG C 99 6.67 -0.89 2.00
CA ARG C 99 6.49 -2.16 2.77
C ARG C 99 5.81 -1.88 4.12
N THR C 100 6.35 -0.98 4.88
CA THR C 100 5.74 -0.71 6.21
C THR C 100 4.27 -0.35 6.02
N GLN C 101 3.97 0.55 5.14
CA GLN C 101 2.55 0.95 4.91
C GLN C 101 1.72 -0.22 4.36
N TYR C 102 2.22 -0.96 3.41
CA TYR C 102 1.42 -2.08 2.86
C TYR C 102 1.05 -3.04 4.00
N MET C 103 1.98 -3.30 4.87
CA MET C 103 1.72 -4.23 5.99
C MET C 103 0.44 -3.85 6.74
N LYS C 104 0.36 -2.65 7.22
CA LYS C 104 -0.83 -2.26 8.04
C LYS C 104 -2.09 -2.05 7.19
N TYR C 105 -2.02 -1.19 6.21
CA TYR C 105 -3.24 -0.84 5.42
C TYR C 105 -3.59 -1.80 4.27
N LEU C 106 -2.66 -2.20 3.44
CA LEU C 106 -3.04 -3.08 2.28
C LEU C 106 -2.80 -4.57 2.55
N TYR C 107 -2.23 -4.95 3.66
CA TYR C 107 -2.04 -6.42 3.88
C TYR C 107 -3.40 -7.10 3.95
N PRO C 108 -4.39 -6.47 4.52
CA PRO C 108 -5.76 -7.06 4.63
C PRO C 108 -6.41 -7.22 3.24
N TYR C 109 -6.46 -6.17 2.48
CA TYR C 109 -7.08 -6.24 1.13
C TYR C 109 -6.36 -7.31 0.29
N GLU C 110 -5.05 -7.29 0.26
CA GLU C 110 -4.30 -8.30 -0.54
C GLU C 110 -4.47 -9.69 0.07
N CYS C 111 -4.29 -9.82 1.36
CA CYS C 111 -4.41 -11.16 1.99
C CYS C 111 -5.88 -11.58 2.09
N GLU C 112 -6.74 -10.71 2.52
CA GLU C 112 -8.17 -11.09 2.67
C GLU C 112 -8.82 -11.36 1.31
N LYS C 113 -8.70 -10.45 0.38
CA LYS C 113 -9.34 -10.65 -0.95
C LYS C 113 -8.59 -11.68 -1.81
N LYS C 114 -7.29 -11.76 -1.67
CA LYS C 114 -6.51 -12.72 -2.52
C LYS C 114 -5.81 -13.80 -1.68
N ASN C 115 -5.45 -13.51 -0.46
CA ASN C 115 -4.79 -14.55 0.39
C ASN C 115 -3.56 -15.12 -0.32
N LEU C 116 -2.75 -14.29 -0.91
CA LEU C 116 -1.53 -14.78 -1.63
C LEU C 116 -0.53 -15.38 -0.65
N SER C 117 -0.52 -14.91 0.57
CA SER C 117 0.49 -15.47 1.53
C SER C 117 -0.02 -15.34 2.98
N THR C 118 0.87 -15.56 3.91
CA THR C 118 0.48 -15.49 5.36
C THR C 118 1.35 -14.46 6.08
N PRO C 119 0.86 -13.86 7.13
CA PRO C 119 1.64 -12.85 7.91
C PRO C 119 2.99 -13.40 8.38
N ALA C 120 3.05 -14.66 8.75
CA ALA C 120 4.36 -15.23 9.21
C ALA C 120 5.35 -15.19 8.05
N GLU C 121 4.90 -15.41 6.85
CA GLU C 121 5.85 -15.33 5.71
C GLU C 121 6.30 -13.88 5.61
N LEU C 122 5.36 -12.98 5.73
CA LEU C 122 5.69 -11.52 5.68
C LEU C 122 6.59 -11.17 6.87
N GLN C 123 6.18 -11.52 8.06
CA GLN C 123 7.02 -11.24 9.27
C GLN C 123 8.40 -11.90 9.10
N ALA C 124 8.41 -13.16 8.76
CA ALA C 124 9.72 -13.87 8.60
C ALA C 124 10.55 -13.20 7.48
N ALA C 125 9.92 -12.84 6.41
CA ALA C 125 10.66 -12.18 5.29
C ALA C 125 11.12 -10.81 5.75
N ILE C 126 10.33 -10.20 6.57
CA ILE C 126 10.70 -8.87 7.09
C ILE C 126 11.97 -9.03 7.93
N ASP C 127 11.97 -9.98 8.82
CA ASP C 127 13.20 -10.19 9.64
C ASP C 127 14.34 -10.58 8.70
N GLY C 128 14.03 -11.34 7.68
CA GLY C 128 15.08 -11.77 6.71
C GLY C 128 15.73 -10.55 6.04
N ASN C 129 14.97 -9.50 5.83
CA ASN C 129 15.58 -8.30 5.17
C ASN C 129 16.11 -7.32 6.22
N ARG C 130 15.52 -7.29 7.39
CA ARG C 130 16.00 -6.34 8.43
C ARG C 130 17.46 -6.66 8.79
N ARG C 131 18.25 -5.65 9.02
CA ARG C 131 19.68 -5.87 9.38
C ARG C 131 19.77 -6.36 10.82
N GLU C 132 20.83 -7.05 11.16
CA GLU C 132 20.97 -7.55 12.55
C GLU C 132 21.77 -6.54 13.37
N GLY C 133 21.12 -5.91 14.28
CA GLY C 133 21.81 -4.89 15.14
C GLY C 133 21.17 -4.86 16.53
N GLY C 3 -8.63 17.43 14.39
CA GLY C 3 -7.61 16.38 14.12
C GLY C 3 -8.20 15.32 13.20
N TRP C 4 -9.24 14.66 13.62
CA TRP C 4 -9.87 13.61 12.76
C TRP C 4 -11.24 14.10 12.30
N SER C 5 -11.29 14.89 11.25
CA SER C 5 -12.60 15.40 10.75
C SER C 5 -12.86 14.80 9.37
N PHE C 6 -14.08 14.42 9.11
CA PHE C 6 -14.41 13.81 7.79
C PHE C 6 -13.97 14.76 6.67
N GLU C 7 -14.06 16.03 6.88
CA GLU C 7 -13.65 16.99 5.80
C GLU C 7 -12.15 16.83 5.53
N GLU C 8 -11.36 16.77 6.57
CA GLU C 8 -9.88 16.63 6.36
C GLU C 8 -9.59 15.37 5.55
N GLN C 9 -10.17 14.26 5.90
CA GLN C 9 -9.92 13.01 5.12
C GLN C 9 -10.53 13.17 3.73
N PHE C 10 -11.65 13.82 3.62
CA PHE C 10 -12.29 13.99 2.29
C PHE C 10 -11.25 14.51 1.29
N LYS C 11 -10.51 15.51 1.66
CA LYS C 11 -9.48 16.04 0.75
C LYS C 11 -8.44 14.96 0.46
N GLN C 12 -8.05 14.22 1.46
CA GLN C 12 -7.02 13.17 1.25
C GLN C 12 -7.57 12.06 0.33
N VAL C 13 -8.73 11.53 0.64
CA VAL C 13 -9.30 10.46 -0.23
C VAL C 13 -9.75 11.05 -1.57
N ARG C 14 -10.28 12.25 -1.59
CA ARG C 14 -10.68 12.82 -2.90
C ARG C 14 -9.43 12.94 -3.77
N GLN C 15 -8.32 13.31 -3.17
CA GLN C 15 -7.07 13.42 -3.96
C GLN C 15 -6.77 12.06 -4.59
N LEU C 16 -7.19 11.00 -3.95
CA LEU C 16 -6.94 9.64 -4.51
C LEU C 16 -7.77 9.39 -5.77
N TYR C 17 -9.00 9.82 -5.81
CA TYR C 17 -9.82 9.55 -7.04
C TYR C 17 -9.39 10.50 -8.16
N GLU C 18 -9.03 11.70 -7.84
CA GLU C 18 -8.67 12.68 -8.91
C GLU C 18 -7.43 12.17 -9.65
N ILE C 19 -6.62 11.40 -8.99
CA ILE C 19 -5.39 10.89 -9.64
C ILE C 19 -5.68 10.50 -11.10
N ASN C 20 -6.80 9.88 -11.35
CA ASN C 20 -7.10 9.45 -12.74
C ASN C 20 -8.56 8.97 -12.81
N ASP C 21 -9.12 8.99 -13.99
CA ASP C 21 -10.52 8.52 -14.15
C ASP C 21 -10.51 7.05 -14.55
N ASP C 22 -10.01 6.20 -13.70
CA ASP C 22 -9.97 4.75 -14.03
C ASP C 22 -11.16 4.05 -13.37
N PRO C 23 -11.73 3.06 -14.01
CA PRO C 23 -12.89 2.32 -13.46
C PRO C 23 -12.50 1.44 -12.28
N LYS C 24 -11.61 0.51 -12.50
CA LYS C 24 -11.17 -0.38 -11.38
C LYS C 24 -10.53 0.46 -10.29
N ARG C 25 -9.81 1.49 -10.65
CA ARG C 25 -9.16 2.33 -9.61
C ARG C 25 -10.23 2.88 -8.67
N LYS C 26 -11.31 3.38 -9.20
CA LYS C 26 -12.38 3.94 -8.33
C LYS C 26 -12.93 2.83 -7.43
N GLU C 27 -13.40 1.77 -8.02
CA GLU C 27 -13.96 0.64 -7.20
C GLU C 27 -12.94 0.24 -6.13
N PHE C 28 -11.68 0.29 -6.44
CA PHE C 28 -10.65 -0.09 -5.44
C PHE C 28 -10.69 0.84 -4.23
N LEU C 29 -10.44 2.11 -4.43
CA LEU C 29 -10.45 3.07 -3.29
C LEU C 29 -11.77 2.94 -2.55
N ASP C 30 -12.85 2.91 -3.27
CA ASP C 30 -14.18 2.79 -2.60
C ASP C 30 -14.23 1.46 -1.85
N ASP C 31 -13.83 0.40 -2.48
CA ASP C 31 -13.85 -0.92 -1.80
C ASP C 31 -12.83 -0.94 -0.66
N LEU C 32 -11.65 -0.44 -0.88
CA LEU C 32 -10.61 -0.47 0.18
C LEU C 32 -11.10 0.27 1.43
N PHE C 33 -11.58 1.47 1.29
CA PHE C 33 -12.06 2.18 2.50
C PHE C 33 -13.24 1.39 3.07
N SER C 34 -14.03 0.80 2.21
CA SER C 34 -15.19 0.00 2.70
C SER C 34 -14.70 -1.26 3.40
N PHE C 35 -13.84 -2.01 2.75
CA PHE C 35 -13.32 -3.25 3.37
C PHE C 35 -12.59 -2.94 4.67
N MET C 36 -11.83 -1.90 4.69
CA MET C 36 -11.07 -1.52 5.93
C MET C 36 -12.02 -1.25 7.08
N GLN C 37 -13.15 -0.62 6.85
CA GLN C 37 -14.08 -0.35 7.97
C GLN C 37 -14.45 -1.68 8.64
N LYS C 38 -14.60 -2.71 7.86
CA LYS C 38 -14.96 -4.04 8.45
C LYS C 38 -13.79 -4.56 9.29
N ARG C 39 -12.60 -4.52 8.75
CA ARG C 39 -11.43 -5.07 9.49
C ARG C 39 -11.18 -4.27 10.78
N GLY C 40 -11.63 -3.06 10.86
CA GLY C 40 -11.39 -2.29 12.10
C GLY C 40 -10.14 -1.43 11.92
N THR C 41 -9.56 -1.48 10.75
CA THR C 41 -8.34 -0.65 10.49
C THR C 41 -8.69 0.36 9.40
N PRO C 42 -9.29 1.46 9.76
CA PRO C 42 -9.67 2.52 8.80
C PRO C 42 -8.51 3.48 8.54
N ILE C 43 -8.36 3.96 7.34
CA ILE C 43 -7.23 4.87 7.05
C ILE C 43 -7.59 6.30 7.47
N ASN C 44 -7.07 6.76 8.58
CA ASN C 44 -7.39 8.15 9.01
C ASN C 44 -6.74 9.11 8.02
N ARG C 45 -5.46 8.99 7.82
CA ARG C 45 -4.74 9.87 6.86
C ARG C 45 -3.95 9.00 5.89
N LEU C 46 -4.03 9.28 4.63
CA LEU C 46 -3.27 8.45 3.65
C LEU C 46 -1.78 8.74 3.78
N PRO C 47 -0.95 7.76 3.57
CA PRO C 47 0.52 7.97 3.62
C PRO C 47 0.94 8.80 2.40
N ILE C 48 1.73 9.82 2.58
CA ILE C 48 2.13 10.65 1.41
C ILE C 48 3.52 10.25 0.94
N MET C 49 3.71 10.24 -0.34
CA MET C 49 5.03 9.86 -0.90
C MET C 49 5.32 10.77 -2.09
N ALA C 50 6.41 11.49 -2.04
CA ALA C 50 6.74 12.41 -3.16
C ALA C 50 5.77 13.59 -3.13
N LYS C 51 5.47 14.06 -1.95
CA LYS C 51 4.55 15.22 -1.79
C LYS C 51 3.17 14.89 -2.40
N SER C 52 2.87 13.63 -2.55
CA SER C 52 1.55 13.24 -3.12
C SER C 52 1.01 12.02 -2.37
N VAL C 53 -0.28 11.79 -2.43
CA VAL C 53 -0.85 10.62 -1.70
C VAL C 53 -0.38 9.33 -2.38
N LEU C 54 -0.18 8.29 -1.62
CA LEU C 54 0.27 7.01 -2.24
C LEU C 54 -0.93 6.32 -2.87
N ASP C 55 -0.81 6.02 -4.14
CA ASP C 55 -1.94 5.37 -4.86
C ASP C 55 -2.25 3.99 -4.26
N LEU C 56 -3.24 3.90 -3.41
CA LEU C 56 -3.55 2.58 -2.81
C LEU C 56 -3.82 1.58 -3.93
N TYR C 57 -4.28 2.06 -5.06
CA TYR C 57 -4.58 1.14 -6.18
C TYR C 57 -3.31 0.69 -6.92
N GLU C 58 -2.56 1.59 -7.48
CA GLU C 58 -1.34 1.17 -8.22
C GLU C 58 -0.42 0.40 -7.29
N LEU C 59 -0.34 0.81 -6.06
CA LEU C 59 0.53 0.07 -5.10
C LEU C 59 0.05 -1.38 -5.05
N TYR C 60 -1.23 -1.55 -4.91
CA TYR C 60 -1.81 -2.92 -4.86
C TYR C 60 -1.54 -3.65 -6.18
N ASN C 61 -2.14 -3.20 -7.24
CA ASN C 61 -1.97 -3.89 -8.57
C ASN C 61 -0.52 -4.35 -8.76
N LEU C 62 0.45 -3.56 -8.39
CA LEU C 62 1.85 -4.03 -8.58
C LEU C 62 2.13 -5.09 -7.53
N VAL C 63 1.79 -4.85 -6.30
CA VAL C 63 2.05 -5.89 -5.26
C VAL C 63 1.42 -7.23 -5.69
N ILE C 64 0.22 -7.22 -6.19
CA ILE C 64 -0.39 -8.53 -6.63
C ILE C 64 0.38 -9.02 -7.84
N ALA C 65 0.79 -8.10 -8.67
CA ALA C 65 1.54 -8.46 -9.91
C ALA C 65 2.83 -9.20 -9.55
N ARG C 66 3.28 -9.16 -8.33
CA ARG C 66 4.54 -9.89 -7.96
C ARG C 66 4.15 -11.22 -7.32
N GLY C 67 2.87 -11.47 -7.25
CA GLY C 67 2.41 -12.76 -6.65
C GLY C 67 2.31 -12.68 -5.12
N GLY C 68 2.39 -11.51 -4.53
CA GLY C 68 2.27 -11.43 -3.03
C GLY C 68 3.33 -10.51 -2.43
N LEU C 69 2.94 -9.69 -1.48
CA LEU C 69 3.88 -8.75 -0.81
C LEU C 69 5.12 -9.50 -0.30
N VAL C 70 4.94 -10.66 0.26
CA VAL C 70 6.11 -11.42 0.79
C VAL C 70 7.11 -11.66 -0.35
N ASP C 71 6.63 -12.04 -1.50
CA ASP C 71 7.55 -12.29 -2.65
C ASP C 71 8.38 -11.03 -2.92
N VAL C 72 7.75 -9.89 -2.84
CA VAL C 72 8.48 -8.61 -3.09
C VAL C 72 9.59 -8.42 -2.05
N ILE C 73 9.32 -8.71 -0.81
CA ILE C 73 10.38 -8.53 0.22
C ILE C 73 11.52 -9.52 -0.02
N ASN C 74 11.24 -10.80 -0.02
CA ASN C 74 12.31 -11.81 -0.23
C ASN C 74 13.01 -11.59 -1.56
N LYS C 75 12.28 -11.25 -2.60
CA LYS C 75 12.94 -11.02 -3.92
C LYS C 75 13.25 -9.54 -4.09
N LYS C 76 12.75 -8.70 -3.22
CA LYS C 76 12.99 -7.23 -3.37
C LYS C 76 12.45 -6.75 -4.72
N LEU C 77 11.18 -6.92 -4.96
CA LEU C 77 10.63 -6.44 -6.26
C LEU C 77 10.07 -5.04 -6.06
N TRP C 78 10.44 -4.39 -4.98
CA TRP C 78 9.95 -3.01 -4.73
C TRP C 78 10.46 -2.09 -5.83
N GLN C 79 11.70 -2.24 -6.24
CA GLN C 79 12.20 -1.36 -7.33
C GLN C 79 11.19 -1.37 -8.47
N GLU C 80 10.61 -2.51 -8.75
CA GLU C 80 9.59 -2.58 -9.83
C GLU C 80 8.38 -1.77 -9.37
N ILE C 81 8.05 -1.86 -8.10
CA ILE C 81 6.90 -1.07 -7.57
C ILE C 81 7.31 0.39 -7.42
N ILE C 82 8.40 0.64 -6.77
CA ILE C 82 8.86 2.04 -6.58
C ILE C 82 8.90 2.75 -7.93
N LYS C 83 9.58 2.17 -8.89
CA LYS C 83 9.62 2.80 -10.24
C LYS C 83 8.25 2.70 -10.91
N GLY C 84 7.58 1.58 -10.72
CA GLY C 84 6.24 1.41 -11.34
C GLY C 84 5.35 2.59 -10.95
N LEU C 85 5.53 3.09 -9.75
CA LEU C 85 4.72 4.25 -9.30
C LEU C 85 5.41 5.54 -9.76
N HIS C 86 6.61 5.41 -10.27
CA HIS C 86 7.37 6.61 -10.75
C HIS C 86 7.67 7.54 -9.58
N LEU C 87 8.02 6.99 -8.45
CA LEU C 87 8.37 7.86 -7.29
C LEU C 87 9.76 8.47 -7.52
N PRO C 88 9.98 9.69 -7.11
CA PRO C 88 11.30 10.37 -7.28
C PRO C 88 12.37 9.74 -6.35
N SER C 89 13.58 9.64 -6.82
CA SER C 89 14.65 9.04 -5.97
C SER C 89 14.84 9.86 -4.69
N SER C 90 14.05 10.88 -4.50
CA SER C 90 14.22 11.72 -3.27
C SER C 90 13.85 10.91 -2.03
N ILE C 91 13.07 9.88 -2.17
CA ILE C 91 12.72 9.06 -0.98
C ILE C 91 13.59 7.80 -0.94
N THR C 92 14.55 7.75 -0.06
CA THR C 92 15.42 6.55 0.02
C THR C 92 14.67 5.44 0.77
N SER C 93 13.75 5.84 1.60
CA SER C 93 12.95 4.84 2.38
C SER C 93 11.66 4.52 1.62
N ALA C 94 11.70 4.57 0.31
CA ALA C 94 10.47 4.28 -0.48
C ALA C 94 10.05 2.83 -0.23
N ALA C 95 10.84 1.89 -0.65
CA ALA C 95 10.47 0.45 -0.42
C ALA C 95 10.02 0.28 1.03
N LEU C 96 10.82 0.71 1.97
CA LEU C 96 10.42 0.56 3.40
C LEU C 96 9.09 1.26 3.64
N THR C 97 8.93 2.45 3.12
CA THR C 97 7.65 3.18 3.31
C THR C 97 6.53 2.36 2.66
N LEU C 98 6.80 1.79 1.52
CA LEU C 98 5.77 0.98 0.83
C LEU C 98 5.46 -0.28 1.64
N ARG C 99 6.47 -0.96 2.11
CA ARG C 99 6.24 -2.21 2.90
C ARG C 99 5.59 -1.91 4.24
N THR C 100 6.12 -0.98 4.97
CA THR C 100 5.52 -0.68 6.30
C THR C 100 4.04 -0.36 6.13
N GLN C 101 3.71 0.58 5.29
CA GLN C 101 2.27 0.94 5.09
C GLN C 101 1.47 -0.23 4.51
N TYR C 102 2.00 -0.94 3.55
CA TYR C 102 1.20 -2.06 2.97
C TYR C 102 0.82 -3.03 4.09
N MET C 103 1.75 -3.32 4.96
CA MET C 103 1.50 -4.26 6.07
C MET C 103 0.26 -3.87 6.90
N LYS C 104 0.23 -2.68 7.43
CA LYS C 104 -0.92 -2.31 8.31
C LYS C 104 -2.22 -2.11 7.51
N TYR C 105 -2.17 -1.35 6.45
CA TYR C 105 -3.42 -1.02 5.71
C TYR C 105 -3.83 -2.06 4.64
N LEU C 106 -2.96 -2.43 3.74
CA LEU C 106 -3.38 -3.37 2.64
C LEU C 106 -3.02 -4.84 2.91
N TYR C 107 -2.61 -5.20 4.09
CA TYR C 107 -2.24 -6.64 4.30
C TYR C 107 -3.48 -7.56 4.18
N PRO C 108 -4.63 -7.14 4.65
CA PRO C 108 -5.85 -7.99 4.58
C PRO C 108 -6.55 -7.92 3.21
N TYR C 109 -6.60 -6.76 2.61
CA TYR C 109 -7.23 -6.64 1.27
C TYR C 109 -6.47 -7.59 0.31
N GLU C 110 -5.17 -7.62 0.43
CA GLU C 110 -4.35 -8.52 -0.44
C GLU C 110 -4.53 -9.97 -0.01
N CYS C 111 -4.41 -10.24 1.26
CA CYS C 111 -4.55 -11.65 1.75
C CYS C 111 -6.01 -12.09 1.73
N GLU C 112 -6.90 -11.27 2.21
CA GLU C 112 -8.34 -11.66 2.25
C GLU C 112 -8.90 -11.82 0.84
N LYS C 113 -8.67 -10.87 -0.02
CA LYS C 113 -9.22 -10.97 -1.40
C LYS C 113 -8.41 -11.95 -2.25
N LYS C 114 -7.14 -12.14 -1.97
CA LYS C 114 -6.31 -13.05 -2.81
C LYS C 114 -5.63 -14.15 -1.97
N ASN C 115 -5.33 -13.87 -0.72
CA ASN C 115 -4.67 -14.92 0.13
C ASN C 115 -3.34 -15.34 -0.49
N LEU C 116 -2.55 -14.38 -0.93
CA LEU C 116 -1.24 -14.72 -1.56
C LEU C 116 -0.27 -15.30 -0.53
N SER C 117 -0.33 -14.86 0.69
CA SER C 117 0.63 -15.39 1.70
C SER C 117 0.08 -15.31 3.13
N THR C 118 0.94 -15.49 4.09
CA THR C 118 0.49 -15.46 5.53
C THR C 118 1.39 -14.50 6.32
N PRO C 119 0.97 -14.08 7.51
CA PRO C 119 1.80 -13.15 8.35
C PRO C 119 3.16 -13.75 8.71
N ALA C 120 3.22 -15.02 9.02
CA ALA C 120 4.53 -15.63 9.38
C ALA C 120 5.47 -15.57 8.19
N GLU C 121 4.96 -15.76 7.01
CA GLU C 121 5.86 -15.66 5.83
C GLU C 121 6.30 -14.21 5.71
N LEU C 122 5.38 -13.29 5.86
CA LEU C 122 5.71 -11.84 5.79
C LEU C 122 6.61 -11.44 6.96
N GLN C 123 6.19 -11.73 8.17
CA GLN C 123 7.01 -11.40 9.35
C GLN C 123 8.40 -12.04 9.19
N ALA C 124 8.42 -13.28 8.81
CA ALA C 124 9.74 -13.98 8.63
C ALA C 124 10.55 -13.26 7.54
N ALA C 125 9.90 -12.83 6.50
CA ALA C 125 10.62 -12.12 5.40
C ALA C 125 11.13 -10.79 5.92
N ILE C 126 10.36 -10.20 6.77
CA ILE C 126 10.75 -8.90 7.35
C ILE C 126 12.00 -9.12 8.20
N ASP C 127 11.98 -10.09 9.06
CA ASP C 127 13.19 -10.37 9.89
C ASP C 127 14.35 -10.74 8.96
N GLY C 128 14.05 -11.46 7.91
CA GLY C 128 15.10 -11.88 6.95
C GLY C 128 15.71 -10.66 6.24
N ASN C 129 14.94 -9.63 6.01
CA ASN C 129 15.51 -8.44 5.29
C ASN C 129 16.00 -7.39 6.30
N ARG C 130 15.36 -7.26 7.42
CA ARG C 130 15.82 -6.25 8.42
C ARG C 130 17.23 -6.61 8.89
N ARG C 131 18.04 -5.62 9.12
CA ARG C 131 19.44 -5.87 9.59
C ARG C 131 19.40 -6.63 10.92
N GLU C 132 20.42 -7.37 11.24
CA GLU C 132 20.42 -8.13 12.51
C GLU C 132 20.97 -7.25 13.63
N GLY C 133 20.10 -6.81 14.48
CA GLY C 133 20.52 -5.95 15.63
C GLY C 133 19.67 -6.28 16.85
N GLY C 3 -8.32 12.56 15.60
CA GLY C 3 -9.39 13.60 15.41
C GLY C 3 -9.24 14.22 14.02
N TRP C 4 -9.07 13.41 13.01
CA TRP C 4 -8.93 13.96 11.64
C TRP C 4 -10.24 14.60 11.20
N SER C 5 -10.18 15.58 10.33
CA SER C 5 -11.43 16.24 9.87
C SER C 5 -11.89 15.61 8.55
N PHE C 6 -13.18 15.45 8.39
CA PHE C 6 -13.71 14.80 7.15
C PHE C 6 -13.22 15.53 5.90
N GLU C 7 -13.14 16.83 5.94
CA GLU C 7 -12.66 17.57 4.73
C GLU C 7 -11.22 17.15 4.43
N GLU C 8 -10.40 17.03 5.44
CA GLU C 8 -8.99 16.63 5.20
C GLU C 8 -8.96 15.30 4.44
N GLN C 9 -9.82 14.39 4.79
CA GLN C 9 -9.87 13.08 4.07
C GLN C 9 -10.45 13.27 2.68
N PHE C 10 -11.44 14.13 2.54
CA PHE C 10 -12.06 14.34 1.21
C PHE C 10 -11.00 14.82 0.22
N LYS C 11 -10.28 15.83 0.55
CA LYS C 11 -9.22 16.34 -0.36
C LYS C 11 -8.18 15.26 -0.60
N GLN C 12 -7.72 14.63 0.45
CA GLN C 12 -6.70 13.57 0.29
C GLN C 12 -7.23 12.40 -0.52
N VAL C 13 -8.37 11.87 -0.18
CA VAL C 13 -8.90 10.73 -0.98
C VAL C 13 -9.32 11.25 -2.36
N ARG C 14 -9.82 12.45 -2.45
CA ARG C 14 -10.18 12.99 -3.78
C ARG C 14 -8.91 13.07 -4.61
N GLN C 15 -7.83 13.47 -4.00
CA GLN C 15 -6.54 13.52 -4.76
C GLN C 15 -6.27 12.12 -5.31
N LEU C 16 -6.80 11.11 -4.67
CA LEU C 16 -6.57 9.71 -5.16
C LEU C 16 -7.47 9.37 -6.36
N TYR C 17 -8.70 9.83 -6.39
CA TYR C 17 -9.56 9.46 -7.55
C TYR C 17 -9.24 10.33 -8.76
N GLU C 18 -8.82 11.55 -8.55
CA GLU C 18 -8.52 12.44 -9.71
C GLU C 18 -7.37 11.86 -10.51
N ILE C 19 -6.49 11.17 -9.86
CA ILE C 19 -5.33 10.57 -10.56
C ILE C 19 -5.77 9.95 -11.90
N ASN C 20 -6.84 9.22 -11.88
CA ASN C 20 -7.36 8.61 -13.15
C ASN C 20 -8.62 7.81 -12.83
N ASP C 21 -9.69 8.10 -13.50
CA ASP C 21 -10.96 7.40 -13.19
C ASP C 21 -11.03 6.04 -13.88
N ASP C 22 -10.35 5.06 -13.34
CA ASP C 22 -10.40 3.69 -13.92
C ASP C 22 -11.43 2.88 -13.13
N PRO C 23 -12.42 2.31 -13.78
CA PRO C 23 -13.47 1.52 -13.09
C PRO C 23 -12.94 0.70 -11.90
N LYS C 24 -11.99 -0.14 -12.13
CA LYS C 24 -11.45 -0.97 -11.02
C LYS C 24 -10.79 -0.09 -9.94
N ARG C 25 -10.05 0.91 -10.34
CA ARG C 25 -9.38 1.77 -9.32
C ARG C 25 -10.38 2.46 -8.40
N LYS C 26 -11.44 3.02 -8.92
CA LYS C 26 -12.41 3.71 -8.02
C LYS C 26 -12.95 2.69 -7.02
N GLU C 27 -13.42 1.57 -7.50
CA GLU C 27 -13.94 0.53 -6.58
C GLU C 27 -12.87 0.19 -5.54
N PHE C 28 -11.63 0.18 -5.95
CA PHE C 28 -10.54 -0.16 -5.00
C PHE C 28 -10.54 0.82 -3.83
N LEU C 29 -10.25 2.06 -4.11
CA LEU C 29 -10.22 3.08 -3.04
C LEU C 29 -11.56 3.10 -2.31
N ASP C 30 -12.63 3.03 -3.04
CA ASP C 30 -13.96 3.04 -2.37
C ASP C 30 -14.07 1.83 -1.43
N ASP C 31 -13.75 0.67 -1.92
CA ASP C 31 -13.83 -0.54 -1.05
C ASP C 31 -12.77 -0.46 0.05
N LEU C 32 -11.58 -0.06 -0.31
CA LEU C 32 -10.49 0.01 0.70
C LEU C 32 -10.92 0.87 1.88
N PHE C 33 -11.35 2.08 1.65
CA PHE C 33 -11.78 2.92 2.79
C PHE C 33 -12.99 2.24 3.45
N SER C 34 -13.81 1.60 2.66
CA SER C 34 -15.02 0.93 3.21
C SER C 34 -14.66 -0.28 4.06
N PHE C 35 -14.05 -1.28 3.47
CA PHE C 35 -13.70 -2.51 4.24
C PHE C 35 -12.71 -2.17 5.36
N MET C 36 -11.86 -1.21 5.17
CA MET C 36 -10.89 -0.84 6.23
C MET C 36 -11.64 -0.42 7.50
N GLN C 37 -12.76 0.21 7.35
CA GLN C 37 -13.55 0.65 8.54
C GLN C 37 -13.97 -0.56 9.38
N LYS C 38 -14.37 -1.63 8.74
CA LYS C 38 -14.81 -2.84 9.50
C LYS C 38 -13.69 -3.33 10.42
N ARG C 39 -12.51 -3.45 9.89
CA ARG C 39 -11.37 -3.98 10.70
C ARG C 39 -11.06 -3.02 11.84
N GLY C 40 -11.44 -1.78 11.73
CA GLY C 40 -11.13 -0.82 12.82
C GLY C 40 -9.83 -0.11 12.45
N THR C 41 -9.35 -0.34 11.25
CA THR C 41 -8.09 0.33 10.81
C THR C 41 -8.41 1.23 9.61
N PRO C 42 -8.84 2.43 9.86
CA PRO C 42 -9.19 3.41 8.80
C PRO C 42 -8.02 4.33 8.45
N ILE C 43 -7.91 4.74 7.23
CA ILE C 43 -6.77 5.62 6.85
C ILE C 43 -7.09 7.06 7.27
N ASN C 44 -6.62 7.47 8.42
CA ASN C 44 -6.88 8.86 8.89
C ASN C 44 -6.30 9.81 7.85
N ARG C 45 -5.28 9.38 7.17
CA ARG C 45 -4.63 10.23 6.13
C ARG C 45 -3.83 9.30 5.22
N LEU C 46 -3.87 9.51 3.94
CA LEU C 46 -3.11 8.62 3.03
C LEU C 46 -1.62 8.91 3.20
N PRO C 47 -0.78 7.92 3.09
CA PRO C 47 0.69 8.14 3.18
C PRO C 47 1.14 8.95 1.96
N ILE C 48 1.91 9.99 2.16
CA ILE C 48 2.34 10.81 1.00
C ILE C 48 3.73 10.40 0.56
N MET C 49 3.96 10.42 -0.73
CA MET C 49 5.29 10.05 -1.27
C MET C 49 5.65 11.00 -2.40
N ALA C 50 6.76 11.69 -2.27
CA ALA C 50 7.14 12.66 -3.33
C ALA C 50 6.15 13.82 -3.31
N LYS C 51 5.77 14.24 -2.13
CA LYS C 51 4.79 15.36 -1.99
C LYS C 51 3.50 15.00 -2.73
N SER C 52 3.25 13.74 -2.90
CA SER C 52 2.00 13.31 -3.61
C SER C 52 1.36 12.14 -2.83
N VAL C 53 0.07 11.98 -2.94
CA VAL C 53 -0.59 10.87 -2.19
C VAL C 53 -0.18 9.54 -2.82
N LEU C 54 -0.07 8.52 -2.02
CA LEU C 54 0.35 7.18 -2.55
C LEU C 54 -0.84 6.48 -3.21
N ASP C 55 -0.67 6.12 -4.45
CA ASP C 55 -1.78 5.43 -5.19
C ASP C 55 -2.03 4.06 -4.54
N LEU C 56 -2.90 4.00 -3.55
CA LEU C 56 -3.15 2.70 -2.87
C LEU C 56 -3.55 1.66 -3.90
N TYR C 57 -4.06 2.08 -5.02
CA TYR C 57 -4.50 1.11 -6.04
C TYR C 57 -3.32 0.63 -6.90
N GLU C 58 -2.61 1.50 -7.54
CA GLU C 58 -1.47 1.04 -8.38
C GLU C 58 -0.48 0.29 -7.52
N LEU C 59 -0.24 0.73 -6.32
CA LEU C 59 0.69 -0.02 -5.43
C LEU C 59 0.16 -1.44 -5.31
N TYR C 60 -1.10 -1.55 -5.06
CA TYR C 60 -1.73 -2.88 -4.93
C TYR C 60 -1.48 -3.69 -6.21
N ASN C 61 -2.02 -3.24 -7.31
CA ASN C 61 -1.85 -3.98 -8.59
C ASN C 61 -0.40 -4.45 -8.77
N LEU C 62 0.57 -3.65 -8.43
CA LEU C 62 1.97 -4.13 -8.60
C LEU C 62 2.23 -5.18 -7.53
N VAL C 63 1.82 -4.93 -6.32
CA VAL C 63 2.03 -5.92 -5.24
C VAL C 63 1.32 -7.25 -5.57
N ILE C 64 0.11 -7.22 -6.05
CA ILE C 64 -0.57 -8.51 -6.39
C ILE C 64 0.16 -9.11 -7.59
N ALA C 65 0.60 -8.27 -8.49
CA ALA C 65 1.28 -8.77 -9.71
C ALA C 65 2.49 -9.63 -9.32
N ARG C 66 3.01 -9.49 -8.12
CA ARG C 66 4.17 -10.33 -7.71
C ARG C 66 3.67 -11.59 -6.99
N GLY C 67 2.38 -11.72 -6.89
CA GLY C 67 1.79 -12.93 -6.24
C GLY C 67 1.78 -12.82 -4.72
N GLY C 68 1.97 -11.66 -4.15
CA GLY C 68 1.94 -11.55 -2.66
C GLY C 68 3.04 -10.62 -2.15
N LEU C 69 2.68 -9.71 -1.26
CA LEU C 69 3.66 -8.74 -0.70
C LEU C 69 4.93 -9.46 -0.24
N VAL C 70 4.81 -10.63 0.34
CA VAL C 70 6.03 -11.35 0.82
C VAL C 70 7.02 -11.56 -0.33
N ASP C 71 6.54 -11.93 -1.48
CA ASP C 71 7.47 -12.16 -2.63
C ASP C 71 8.26 -10.88 -2.93
N VAL C 72 7.64 -9.75 -2.81
CA VAL C 72 8.35 -8.46 -3.09
C VAL C 72 9.45 -8.23 -2.06
N ILE C 73 9.21 -8.47 -0.82
CA ILE C 73 10.25 -8.23 0.20
C ILE C 73 11.41 -9.23 0.05
N ASN C 74 11.13 -10.50 0.13
CA ASN C 74 12.19 -11.53 -0.01
C ASN C 74 12.89 -11.38 -1.35
N LYS C 75 12.15 -11.14 -2.40
CA LYS C 75 12.78 -10.99 -3.73
C LYS C 75 13.09 -9.52 -4.01
N LYS C 76 12.64 -8.63 -3.16
CA LYS C 76 12.90 -7.18 -3.40
C LYS C 76 12.34 -6.74 -4.75
N LEU C 77 11.08 -6.95 -5.00
CA LEU C 77 10.52 -6.49 -6.29
C LEU C 77 10.00 -5.07 -6.10
N TRP C 78 10.35 -4.45 -4.99
CA TRP C 78 9.90 -3.05 -4.73
C TRP C 78 10.49 -2.15 -5.81
N GLN C 79 11.73 -2.36 -6.18
CA GLN C 79 12.32 -1.49 -7.23
C GLN C 79 11.35 -1.43 -8.41
N GLU C 80 10.70 -2.51 -8.72
CA GLU C 80 9.72 -2.48 -9.84
C GLU C 80 8.53 -1.64 -9.39
N ILE C 81 8.10 -1.80 -8.16
CA ILE C 81 6.96 -1.00 -7.65
C ILE C 81 7.39 0.46 -7.56
N ILE C 82 8.47 0.72 -6.89
CA ILE C 82 8.95 2.13 -6.75
C ILE C 82 9.01 2.78 -8.13
N LYS C 83 9.76 2.20 -9.04
CA LYS C 83 9.86 2.79 -10.40
C LYS C 83 8.51 2.65 -11.11
N GLY C 84 7.81 1.56 -10.90
CA GLY C 84 6.48 1.37 -11.57
C GLY C 84 5.58 2.57 -11.29
N LEU C 85 5.66 3.10 -10.10
CA LEU C 85 4.81 4.29 -9.77
C LEU C 85 5.54 5.54 -10.24
N HIS C 86 6.77 5.37 -10.65
CA HIS C 86 7.59 6.52 -11.15
C HIS C 86 7.94 7.48 -10.02
N LEU C 87 8.28 6.96 -8.87
CA LEU C 87 8.67 7.85 -7.74
C LEU C 87 10.07 8.42 -8.02
N PRO C 88 10.35 9.61 -7.57
CA PRO C 88 11.69 10.24 -7.79
C PRO C 88 12.79 9.58 -6.94
N SER C 89 14.03 9.93 -7.19
CA SER C 89 15.15 9.35 -6.41
C SER C 89 15.25 10.05 -5.06
N SER C 90 14.42 11.03 -4.84
CA SER C 90 14.50 11.81 -3.56
C SER C 90 14.15 10.91 -2.36
N ILE C 91 13.26 9.96 -2.52
CA ILE C 91 12.95 9.07 -1.36
C ILE C 91 13.83 7.83 -1.42
N THR C 92 14.89 7.81 -0.66
CA THR C 92 15.79 6.62 -0.66
C THR C 92 15.09 5.47 0.05
N SER C 93 14.26 5.77 1.00
CA SER C 93 13.55 4.69 1.75
C SER C 93 12.16 4.51 1.15
N ALA C 94 12.04 4.47 -0.15
CA ALA C 94 10.70 4.28 -0.75
C ALA C 94 10.20 2.87 -0.42
N ALA C 95 10.92 1.86 -0.82
CA ALA C 95 10.46 0.47 -0.53
C ALA C 95 10.03 0.38 0.94
N LEU C 96 10.84 0.81 1.87
CA LEU C 96 10.43 0.73 3.30
C LEU C 96 9.12 1.48 3.49
N THR C 97 9.01 2.65 2.92
CA THR C 97 7.73 3.42 3.06
C THR C 97 6.60 2.61 2.44
N LEU C 98 6.85 2.00 1.32
CA LEU C 98 5.80 1.20 0.65
C LEU C 98 5.48 -0.06 1.46
N ARG C 99 6.50 -0.73 1.97
CA ARG C 99 6.25 -1.97 2.76
C ARG C 99 5.59 -1.64 4.09
N THR C 100 6.13 -0.71 4.82
CA THR C 100 5.52 -0.38 6.14
C THR C 100 4.04 -0.06 5.95
N GLN C 101 3.74 0.87 5.08
CA GLN C 101 2.31 1.23 4.87
C GLN C 101 1.51 0.04 4.30
N TYR C 102 2.05 -0.72 3.38
CA TYR C 102 1.25 -1.86 2.85
C TYR C 102 0.87 -2.79 4.00
N MET C 103 1.80 -3.06 4.86
CA MET C 103 1.55 -3.97 6.00
C MET C 103 0.29 -3.56 6.79
N LYS C 104 0.24 -2.36 7.29
CA LYS C 104 -0.93 -1.96 8.13
C LYS C 104 -2.20 -1.75 7.29
N TYR C 105 -2.11 -0.96 6.25
CA TYR C 105 -3.34 -0.61 5.47
C TYR C 105 -3.72 -1.63 4.37
N LEU C 106 -2.81 -2.07 3.55
CA LEU C 106 -3.21 -2.99 2.43
C LEU C 106 -2.97 -4.48 2.76
N TYR C 107 -2.43 -4.82 3.90
CA TYR C 107 -2.24 -6.28 4.16
C TYR C 107 -3.59 -6.98 4.24
N PRO C 108 -4.61 -6.33 4.78
CA PRO C 108 -5.96 -6.94 4.87
C PRO C 108 -6.58 -7.14 3.48
N TYR C 109 -6.60 -6.11 2.68
CA TYR C 109 -7.18 -6.24 1.31
C TYR C 109 -6.43 -7.33 0.55
N GLU C 110 -5.12 -7.28 0.53
CA GLU C 110 -4.31 -8.30 -0.20
C GLU C 110 -4.47 -9.68 0.45
N CYS C 111 -4.42 -9.76 1.75
CA CYS C 111 -4.54 -11.09 2.42
C CYS C 111 -6.00 -11.50 2.51
N GLU C 112 -6.87 -10.61 2.89
CA GLU C 112 -8.31 -10.96 3.04
C GLU C 112 -8.96 -11.26 1.68
N LYS C 113 -8.81 -10.38 0.74
CA LYS C 113 -9.46 -10.59 -0.60
C LYS C 113 -8.72 -11.64 -1.43
N LYS C 114 -7.43 -11.79 -1.26
CA LYS C 114 -6.68 -12.78 -2.10
C LYS C 114 -5.94 -13.82 -1.25
N ASN C 115 -5.53 -13.47 -0.06
CA ASN C 115 -4.80 -14.46 0.80
C ASN C 115 -3.55 -14.96 0.07
N LEU C 116 -2.77 -14.07 -0.49
CA LEU C 116 -1.53 -14.51 -1.22
C LEU C 116 -0.51 -15.10 -0.24
N SER C 117 -0.49 -14.63 0.97
CA SER C 117 0.52 -15.16 1.93
C SER C 117 0.04 -15.02 3.38
N THR C 118 0.92 -15.21 4.33
CA THR C 118 0.52 -15.12 5.77
C THR C 118 1.46 -14.18 6.54
N PRO C 119 1.01 -13.60 7.64
CA PRO C 119 1.86 -12.70 8.47
C PRO C 119 3.21 -13.33 8.81
N ALA C 120 3.25 -14.58 9.17
CA ALA C 120 4.57 -15.22 9.50
C ALA C 120 5.46 -15.21 8.27
N GLU C 121 4.90 -15.42 7.12
CA GLU C 121 5.75 -15.37 5.91
C GLU C 121 6.22 -13.93 5.76
N LEU C 122 5.32 -12.99 5.92
CA LEU C 122 5.69 -11.56 5.81
C LEU C 122 6.62 -11.16 6.96
N GLN C 123 6.25 -11.41 8.19
CA GLN C 123 7.14 -11.06 9.33
C GLN C 123 8.49 -11.73 9.12
N ALA C 124 8.49 -12.99 8.75
CA ALA C 124 9.78 -13.71 8.54
C ALA C 124 10.61 -13.02 7.44
N ALA C 125 9.98 -12.64 6.36
CA ALA C 125 10.72 -11.97 5.25
C ALA C 125 11.18 -10.61 5.73
N ILE C 126 10.37 -9.99 6.52
CA ILE C 126 10.70 -8.67 7.06
C ILE C 126 11.93 -8.80 7.97
N ASP C 127 11.91 -9.75 8.86
CA ASP C 127 13.09 -9.94 9.76
C ASP C 127 14.29 -10.36 8.91
N GLY C 128 14.06 -11.17 7.90
CA GLY C 128 15.18 -11.64 7.04
C GLY C 128 15.84 -10.45 6.31
N ASN C 129 15.08 -9.45 5.97
CA ASN C 129 15.70 -8.29 5.24
C ASN C 129 16.10 -7.19 6.23
N ARG C 130 15.39 -7.05 7.32
CA ARG C 130 15.77 -6.00 8.32
C ARG C 130 17.14 -6.31 8.91
N ARG C 131 17.91 -5.30 9.18
CA ARG C 131 19.27 -5.52 9.77
C ARG C 131 19.15 -6.05 11.19
N GLU C 132 20.15 -6.77 11.65
CA GLU C 132 20.13 -7.31 13.03
C GLU C 132 21.18 -6.59 13.86
N GLY C 133 21.70 -7.23 14.86
CA GLY C 133 22.73 -6.58 15.71
C GLY C 133 23.82 -7.60 16.08
N GLY C 3 -3.84 16.05 11.95
CA GLY C 3 -5.23 16.45 12.31
C GLY C 3 -6.22 15.45 11.72
N TRP C 4 -7.25 15.11 12.47
CA TRP C 4 -8.25 14.14 11.96
C TRP C 4 -9.60 14.83 11.81
N SER C 5 -9.79 15.55 10.73
CA SER C 5 -11.08 16.27 10.51
C SER C 5 -11.81 15.65 9.32
N PHE C 6 -13.10 15.58 9.40
CA PHE C 6 -13.89 14.97 8.29
C PHE C 6 -13.57 15.66 6.96
N GLU C 7 -13.49 16.95 6.94
CA GLU C 7 -13.20 17.66 5.66
C GLU C 7 -11.78 17.29 5.16
N GLU C 8 -10.84 17.21 6.05
CA GLU C 8 -9.44 16.89 5.64
C GLU C 8 -9.37 15.54 4.92
N GLN C 9 -10.02 14.52 5.43
CA GLN C 9 -9.93 13.20 4.75
C GLN C 9 -10.57 13.27 3.36
N PHE C 10 -11.66 13.98 3.21
CA PHE C 10 -12.29 14.07 1.87
C PHE C 10 -11.28 14.59 0.87
N LYS C 11 -10.56 15.61 1.24
CA LYS C 11 -9.54 16.16 0.32
C LYS C 11 -8.50 15.07 0.03
N GLN C 12 -8.12 14.35 1.03
CA GLN C 12 -7.11 13.27 0.86
C GLN C 12 -7.63 12.13 -0.02
N VAL C 13 -8.77 11.60 0.30
CA VAL C 13 -9.33 10.47 -0.50
C VAL C 13 -9.80 10.97 -1.88
N ARG C 14 -10.32 12.16 -1.98
CA ARG C 14 -10.75 12.62 -3.33
C ARG C 14 -9.51 12.69 -4.21
N GLN C 15 -8.39 13.07 -3.65
CA GLN C 15 -7.14 13.10 -4.45
C GLN C 15 -6.88 11.71 -4.99
N LEU C 16 -7.24 10.70 -4.25
CA LEU C 16 -7.01 9.31 -4.73
C LEU C 16 -7.81 9.03 -6.01
N TYR C 17 -9.01 9.52 -6.12
CA TYR C 17 -9.79 9.26 -7.36
C TYR C 17 -9.36 10.23 -8.47
N GLU C 18 -9.05 11.44 -8.14
CA GLU C 18 -8.67 12.43 -9.19
C GLU C 18 -7.36 12.03 -9.88
N ILE C 19 -6.51 11.36 -9.18
CA ILE C 19 -5.20 10.95 -9.76
C ILE C 19 -5.37 10.53 -11.23
N ASN C 20 -6.42 9.85 -11.57
CA ASN C 20 -6.57 9.43 -13.00
C ASN C 20 -7.97 8.85 -13.25
N ASP C 21 -8.34 8.77 -14.50
CA ASP C 21 -9.69 8.25 -14.87
C ASP C 21 -9.65 6.73 -15.08
N ASP C 22 -9.41 5.99 -14.03
CA ASP C 22 -9.37 4.50 -14.15
C ASP C 22 -10.57 3.91 -13.39
N PRO C 23 -11.62 3.56 -14.09
CA PRO C 23 -12.85 2.99 -13.45
C PRO C 23 -12.55 1.85 -12.48
N LYS C 24 -11.74 0.91 -12.88
CA LYS C 24 -11.42 -0.22 -11.97
C LYS C 24 -10.77 0.33 -10.71
N ARG C 25 -9.95 1.34 -10.85
CA ARG C 25 -9.29 1.93 -9.66
C ARG C 25 -10.36 2.46 -8.69
N LYS C 26 -11.41 3.01 -9.22
CA LYS C 26 -12.48 3.56 -8.34
C LYS C 26 -13.03 2.44 -7.45
N GLU C 27 -13.38 1.33 -8.03
CA GLU C 27 -13.92 0.20 -7.23
C GLU C 27 -12.92 -0.13 -6.11
N PHE C 28 -11.66 -0.04 -6.39
CA PHE C 28 -10.63 -0.36 -5.37
C PHE C 28 -10.73 0.59 -4.18
N LEU C 29 -10.53 1.87 -4.41
CA LEU C 29 -10.59 2.86 -3.31
C LEU C 29 -11.91 2.72 -2.54
N ASP C 30 -12.99 2.68 -3.26
CA ASP C 30 -14.31 2.56 -2.57
C ASP C 30 -14.38 1.29 -1.73
N ASP C 31 -14.06 0.16 -2.30
CA ASP C 31 -14.11 -1.10 -1.52
C ASP C 31 -13.05 -1.07 -0.42
N LEU C 32 -11.87 -0.61 -0.72
CA LEU C 32 -10.80 -0.58 0.32
C LEU C 32 -11.26 0.23 1.53
N PHE C 33 -11.74 1.42 1.34
CA PHE C 33 -12.18 2.21 2.52
C PHE C 33 -13.31 1.43 3.20
N SER C 34 -14.11 0.75 2.44
CA SER C 34 -15.23 -0.03 3.04
C SER C 34 -14.66 -1.21 3.85
N PHE C 35 -13.84 -2.02 3.25
CA PHE C 35 -13.25 -3.17 3.99
C PHE C 35 -12.45 -2.67 5.18
N MET C 36 -11.73 -1.60 5.01
CA MET C 36 -10.90 -1.06 6.12
C MET C 36 -11.79 -0.73 7.34
N GLN C 37 -12.93 -0.14 7.13
CA GLN C 37 -13.81 0.19 8.28
C GLN C 37 -14.29 -1.10 8.95
N LYS C 38 -14.53 -2.12 8.18
CA LYS C 38 -15.00 -3.40 8.77
C LYS C 38 -13.97 -3.91 9.78
N ARG C 39 -12.75 -4.03 9.36
CA ARG C 39 -11.69 -4.57 10.27
C ARG C 39 -11.45 -3.64 11.45
N GLY C 40 -11.86 -2.42 11.39
CA GLY C 40 -11.62 -1.51 12.54
C GLY C 40 -10.35 -0.72 12.24
N THR C 41 -9.80 -0.91 11.07
CA THR C 41 -8.57 -0.15 10.71
C THR C 41 -8.89 0.78 9.55
N PRO C 42 -9.42 1.94 9.83
CA PRO C 42 -9.78 2.95 8.80
C PRO C 42 -8.59 3.85 8.47
N ILE C 43 -8.47 4.28 7.25
CA ILE C 43 -7.32 5.15 6.90
C ILE C 43 -7.62 6.58 7.33
N ASN C 44 -7.11 7.00 8.46
CA ASN C 44 -7.37 8.39 8.92
C ASN C 44 -6.73 9.37 7.93
N ARG C 45 -5.48 9.17 7.62
CA ARG C 45 -4.79 10.07 6.66
C ARG C 45 -3.99 9.22 5.67
N LEU C 46 -4.02 9.55 4.41
CA LEU C 46 -3.25 8.74 3.42
C LEU C 46 -1.76 9.01 3.61
N PRO C 47 -0.93 8.01 3.48
CA PRO C 47 0.54 8.19 3.59
C PRO C 47 1.06 8.94 2.36
N ILE C 48 1.44 10.18 2.51
CA ILE C 48 1.92 10.95 1.33
C ILE C 48 3.33 10.54 0.98
N MET C 49 3.61 10.50 -0.29
CA MET C 49 4.96 10.11 -0.76
C MET C 49 5.36 11.06 -1.89
N ALA C 50 6.47 11.70 -1.75
CA ALA C 50 6.89 12.67 -2.80
C ALA C 50 5.85 13.79 -2.84
N LYS C 51 5.41 14.20 -1.69
CA LYS C 51 4.39 15.29 -1.58
C LYS C 51 3.09 14.91 -2.27
N SER C 52 2.85 13.64 -2.44
CA SER C 52 1.58 13.20 -3.11
C SER C 52 0.97 12.02 -2.34
N VAL C 53 -0.32 11.86 -2.41
CA VAL C 53 -0.95 10.72 -1.68
C VAL C 53 -0.48 9.41 -2.30
N LEU C 54 -0.28 8.39 -1.51
CA LEU C 54 0.21 7.10 -2.05
C LEU C 54 -0.95 6.39 -2.77
N ASP C 55 -0.77 6.09 -4.03
CA ASP C 55 -1.84 5.40 -4.79
C ASP C 55 -2.12 4.04 -4.16
N LEU C 56 -3.12 3.95 -3.32
CA LEU C 56 -3.41 2.65 -2.66
C LEU C 56 -3.68 1.59 -3.72
N TYR C 57 -4.16 2.01 -4.85
CA TYR C 57 -4.48 1.03 -5.91
C TYR C 57 -3.22 0.61 -6.69
N GLU C 58 -2.56 1.52 -7.36
CA GLU C 58 -1.36 1.12 -8.14
C GLU C 58 -0.36 0.40 -7.23
N LEU C 59 -0.22 0.83 -6.00
CA LEU C 59 0.73 0.11 -5.11
C LEU C 59 0.21 -1.32 -4.94
N TYR C 60 -1.06 -1.44 -4.71
CA TYR C 60 -1.70 -2.77 -4.56
C TYR C 60 -1.53 -3.54 -5.87
N ASN C 61 -2.17 -3.08 -6.91
CA ASN C 61 -2.07 -3.77 -8.23
C ASN C 61 -0.61 -4.18 -8.47
N LEU C 62 0.32 -3.37 -8.08
CA LEU C 62 1.75 -3.75 -8.28
C LEU C 62 2.08 -4.88 -7.31
N VAL C 63 1.71 -4.73 -6.07
CA VAL C 63 2.00 -5.79 -5.07
C VAL C 63 1.39 -7.12 -5.54
N ILE C 64 0.20 -7.11 -6.06
CA ILE C 64 -0.38 -8.40 -6.53
C ILE C 64 0.37 -8.82 -7.80
N ALA C 65 0.79 -7.87 -8.59
CA ALA C 65 1.51 -8.21 -9.83
C ALA C 65 2.75 -9.06 -9.50
N ARG C 66 3.20 -9.03 -8.28
CA ARG C 66 4.38 -9.86 -7.91
C ARG C 66 3.88 -11.17 -7.28
N GLY C 67 2.59 -11.27 -7.13
CA GLY C 67 1.99 -12.51 -6.56
C GLY C 67 1.99 -12.50 -5.02
N GLY C 68 2.23 -11.38 -4.38
CA GLY C 68 2.19 -11.38 -2.89
C GLY C 68 3.24 -10.44 -2.29
N LEU C 69 2.84 -9.62 -1.36
CA LEU C 69 3.79 -8.66 -0.71
C LEU C 69 5.04 -9.40 -0.22
N VAL C 70 4.88 -10.57 0.34
CA VAL C 70 6.06 -11.33 0.83
C VAL C 70 7.00 -11.64 -0.33
N ASP C 71 6.47 -12.06 -1.46
CA ASP C 71 7.35 -12.37 -2.62
C ASP C 71 8.21 -11.13 -2.92
N VAL C 72 7.63 -9.97 -2.81
CA VAL C 72 8.38 -8.71 -3.08
C VAL C 72 9.50 -8.55 -2.06
N ILE C 73 9.24 -8.83 -0.81
CA ILE C 73 10.31 -8.69 0.21
C ILE C 73 11.45 -9.68 -0.03
N ASN C 74 11.15 -10.95 -0.04
CA ASN C 74 12.21 -11.97 -0.26
C ASN C 74 12.90 -11.75 -1.60
N LYS C 75 12.14 -11.40 -2.62
CA LYS C 75 12.76 -11.18 -3.95
C LYS C 75 13.10 -9.69 -4.15
N LYS C 76 12.60 -8.85 -3.30
CA LYS C 76 12.86 -7.38 -3.45
C LYS C 76 12.33 -6.89 -4.80
N LEU C 77 11.06 -6.98 -5.01
CA LEU C 77 10.49 -6.49 -6.30
C LEU C 77 9.98 -5.06 -6.10
N TRP C 78 10.36 -4.42 -5.01
CA TRP C 78 9.91 -3.02 -4.76
C TRP C 78 10.47 -2.11 -5.85
N GLN C 79 11.69 -2.32 -6.27
CA GLN C 79 12.23 -1.44 -7.35
C GLN C 79 11.21 -1.36 -8.47
N GLU C 80 10.56 -2.45 -8.76
CA GLU C 80 9.52 -2.43 -9.83
C GLU C 80 8.31 -1.64 -9.32
N ILE C 81 7.94 -1.85 -8.08
CA ILE C 81 6.78 -1.08 -7.51
C ILE C 81 7.19 0.39 -7.39
N ILE C 82 8.28 0.66 -6.73
CA ILE C 82 8.74 2.05 -6.54
C ILE C 82 8.85 2.76 -7.90
N LYS C 83 9.55 2.19 -8.83
CA LYS C 83 9.67 2.83 -10.17
C LYS C 83 8.31 2.84 -10.86
N GLY C 84 7.57 1.76 -10.75
CA GLY C 84 6.23 1.72 -11.41
C GLY C 84 5.41 2.92 -10.97
N LEU C 85 5.60 3.38 -9.76
CA LEU C 85 4.83 4.55 -9.27
C LEU C 85 5.61 5.82 -9.62
N HIS C 86 6.81 5.67 -10.11
CA HIS C 86 7.64 6.86 -10.49
C HIS C 86 7.97 7.69 -9.24
N LEU C 87 8.28 7.04 -8.15
CA LEU C 87 8.65 7.79 -6.92
C LEU C 87 10.05 8.39 -7.10
N PRO C 88 10.19 9.70 -7.03
CA PRO C 88 11.53 10.35 -7.18
C PRO C 88 12.60 9.70 -6.29
N SER C 89 13.80 9.58 -6.79
CA SER C 89 14.88 8.95 -5.99
C SER C 89 15.10 9.72 -4.69
N SER C 90 14.38 10.78 -4.48
CA SER C 90 14.59 11.60 -3.25
C SER C 90 14.17 10.78 -2.01
N ILE C 91 13.33 9.80 -2.17
CA ILE C 91 12.92 8.98 -0.98
C ILE C 91 13.77 7.70 -0.94
N THR C 92 14.70 7.61 -0.01
CA THR C 92 15.53 6.38 0.09
C THR C 92 14.71 5.31 0.79
N SER C 93 13.80 5.71 1.63
CA SER C 93 12.95 4.74 2.37
C SER C 93 11.72 4.43 1.53
N ALA C 94 11.82 4.49 0.24
CA ALA C 94 10.64 4.19 -0.60
C ALA C 94 10.18 2.77 -0.29
N ALA C 95 10.98 1.79 -0.61
CA ALA C 95 10.60 0.37 -0.33
C ALA C 95 10.19 0.25 1.15
N LEU C 96 11.01 0.67 2.07
CA LEU C 96 10.65 0.56 3.51
C LEU C 96 9.33 1.29 3.74
N THR C 97 9.19 2.48 3.22
CA THR C 97 7.93 3.22 3.41
C THR C 97 6.78 2.40 2.83
N LEU C 98 7.01 1.79 1.70
CA LEU C 98 5.95 0.98 1.06
C LEU C 98 5.72 -0.30 1.88
N ARG C 99 6.76 -0.98 2.25
CA ARG C 99 6.59 -2.26 3.01
C ARG C 99 5.92 -2.00 4.36
N THR C 100 6.44 -1.09 5.13
CA THR C 100 5.85 -0.82 6.47
C THR C 100 4.37 -0.45 6.34
N GLN C 101 4.07 0.54 5.55
CA GLN C 101 2.65 0.96 5.39
C GLN C 101 1.79 -0.16 4.79
N TYR C 102 2.29 -0.87 3.81
CA TYR C 102 1.47 -1.96 3.21
C TYR C 102 1.08 -2.95 4.30
N MET C 103 1.99 -3.26 5.18
CA MET C 103 1.69 -4.25 6.24
C MET C 103 0.41 -3.88 7.00
N LYS C 104 0.34 -2.70 7.54
CA LYS C 104 -0.88 -2.32 8.34
C LYS C 104 -2.11 -2.06 7.46
N TYR C 105 -2.00 -1.21 6.49
CA TYR C 105 -3.22 -0.83 5.69
C TYR C 105 -3.55 -1.79 4.52
N LEU C 106 -2.61 -2.19 3.70
CA LEU C 106 -2.99 -3.05 2.53
C LEU C 106 -2.78 -4.55 2.76
N TYR C 107 -2.16 -4.98 3.83
CA TYR C 107 -2.01 -6.45 3.99
C TYR C 107 -3.41 -7.10 4.04
N PRO C 108 -4.35 -6.46 4.69
CA PRO C 108 -5.75 -6.99 4.81
C PRO C 108 -6.42 -7.21 3.44
N TYR C 109 -6.54 -6.17 2.67
CA TYR C 109 -7.18 -6.26 1.33
C TYR C 109 -6.40 -7.28 0.46
N GLU C 110 -5.10 -7.24 0.54
CA GLU C 110 -4.26 -8.19 -0.28
C GLU C 110 -4.41 -9.62 0.25
N CYS C 111 -4.33 -9.79 1.53
CA CYS C 111 -4.44 -11.17 2.09
C CYS C 111 -5.90 -11.61 2.10
N GLU C 112 -6.79 -10.75 2.53
CA GLU C 112 -8.22 -11.15 2.59
C GLU C 112 -8.80 -11.37 1.19
N LYS C 113 -8.60 -10.44 0.29
CA LYS C 113 -9.18 -10.60 -1.08
C LYS C 113 -8.41 -11.65 -1.90
N LYS C 114 -7.13 -11.83 -1.64
CA LYS C 114 -6.35 -12.80 -2.46
C LYS C 114 -5.64 -13.84 -1.57
N ASN C 115 -5.30 -13.51 -0.36
CA ASN C 115 -4.63 -14.52 0.53
C ASN C 115 -3.35 -15.05 -0.13
N LEU C 116 -2.52 -14.17 -0.65
CA LEU C 116 -1.26 -14.62 -1.32
C LEU C 116 -0.28 -15.18 -0.28
N SER C 117 -0.33 -14.71 0.92
CA SER C 117 0.65 -15.22 1.94
C SER C 117 0.09 -15.07 3.36
N THR C 118 0.93 -15.20 4.36
CA THR C 118 0.47 -15.09 5.77
C THR C 118 1.39 -14.13 6.54
N PRO C 119 0.91 -13.52 7.60
CA PRO C 119 1.73 -12.59 8.41
C PRO C 119 3.07 -13.20 8.83
N ALA C 120 3.08 -14.46 9.20
CA ALA C 120 4.38 -15.08 9.63
C ALA C 120 5.34 -15.08 8.45
N GLU C 121 4.86 -15.31 7.26
CA GLU C 121 5.78 -15.28 6.11
C GLU C 121 6.26 -13.84 5.95
N LEU C 122 5.37 -12.90 6.09
CA LEU C 122 5.74 -11.46 5.97
C LEU C 122 6.62 -11.05 7.16
N GLN C 123 6.20 -11.31 8.36
CA GLN C 123 7.04 -10.96 9.54
C GLN C 123 8.39 -11.67 9.43
N ALA C 124 8.38 -12.93 9.09
CA ALA C 124 9.68 -13.67 8.97
C ALA C 124 10.57 -13.05 7.89
N ALA C 125 9.98 -12.69 6.78
CA ALA C 125 10.78 -12.09 5.67
C ALA C 125 11.26 -10.72 6.12
N ILE C 126 10.47 -10.07 6.91
CA ILE C 126 10.85 -8.75 7.42
C ILE C 126 12.09 -8.88 8.29
N ASP C 127 12.05 -9.78 9.24
CA ASP C 127 13.23 -9.97 10.13
C ASP C 127 14.41 -10.46 9.30
N GLY C 128 14.17 -11.32 8.35
CA GLY C 128 15.28 -11.84 7.50
C GLY C 128 15.97 -10.68 6.78
N ASN C 129 15.23 -9.67 6.41
CA ASN C 129 15.87 -8.53 5.69
C ASN C 129 16.28 -7.44 6.67
N ARG C 130 15.51 -7.23 7.72
CA ARG C 130 15.90 -6.19 8.71
C ARG C 130 17.15 -6.63 9.46
N ARG C 131 17.93 -5.69 9.93
CA ARG C 131 19.17 -6.05 10.67
C ARG C 131 18.82 -6.88 11.90
N GLU C 132 19.80 -7.43 12.54
CA GLU C 132 19.56 -8.26 13.75
C GLU C 132 20.51 -7.82 14.87
N GLY C 133 20.83 -8.71 15.76
CA GLY C 133 21.77 -8.36 16.87
C GLY C 133 20.98 -8.28 18.18
N GLY C 3 -3.90 15.26 13.90
CA GLY C 3 -5.17 15.97 13.54
C GLY C 3 -6.06 15.03 12.72
N TRP C 4 -7.20 14.65 13.25
CA TRP C 4 -8.12 13.74 12.51
C TRP C 4 -9.46 14.45 12.31
N SER C 5 -9.55 15.30 11.32
CA SER C 5 -10.83 16.03 11.08
C SER C 5 -11.50 15.49 9.81
N PHE C 6 -12.80 15.46 9.80
CA PHE C 6 -13.55 14.92 8.62
C PHE C 6 -13.18 15.68 7.34
N GLU C 7 -13.13 16.98 7.39
CA GLU C 7 -12.80 17.75 6.15
C GLU C 7 -11.39 17.41 5.68
N GLU C 8 -10.46 17.33 6.59
CA GLU C 8 -9.05 17.02 6.18
C GLU C 8 -9.01 15.69 5.43
N GLN C 9 -9.68 14.69 5.92
CA GLN C 9 -9.67 13.38 5.21
C GLN C 9 -10.39 13.53 3.86
N PHE C 10 -11.45 14.30 3.83
CA PHE C 10 -12.20 14.47 2.55
C PHE C 10 -11.21 14.83 1.43
N LYS C 11 -10.38 15.81 1.66
CA LYS C 11 -9.40 16.20 0.61
C LYS C 11 -8.44 15.03 0.32
N GLN C 12 -8.07 14.29 1.33
CA GLN C 12 -7.11 13.16 1.13
C GLN C 12 -7.72 12.05 0.25
N VAL C 13 -8.88 11.57 0.59
CA VAL C 13 -9.49 10.47 -0.23
C VAL C 13 -9.91 11.00 -1.60
N ARG C 14 -10.34 12.22 -1.71
CA ARG C 14 -10.72 12.73 -3.07
C ARG C 14 -9.47 12.81 -3.93
N GLN C 15 -8.37 13.18 -3.35
CA GLN C 15 -7.13 13.24 -4.15
C GLN C 15 -6.87 11.86 -4.72
N LEU C 16 -7.30 10.83 -4.03
CA LEU C 16 -7.08 9.45 -4.53
C LEU C 16 -7.87 9.17 -5.81
N TYR C 17 -9.11 9.59 -5.89
CA TYR C 17 -9.87 9.31 -7.13
C TYR C 17 -9.42 10.26 -8.24
N GLU C 18 -9.06 11.47 -7.90
CA GLU C 18 -8.65 12.45 -8.95
C GLU C 18 -7.41 11.95 -9.67
N ILE C 19 -6.57 11.23 -8.98
CA ILE C 19 -5.32 10.74 -9.61
C ILE C 19 -5.58 10.35 -11.07
N ASN C 20 -6.69 9.72 -11.35
CA ASN C 20 -6.97 9.31 -12.75
C ASN C 20 -8.39 8.77 -12.89
N ASP C 21 -8.88 8.73 -14.10
CA ASP C 21 -10.26 8.22 -14.34
C ASP C 21 -10.19 6.73 -14.64
N ASP C 22 -9.94 5.92 -13.64
CA ASP C 22 -9.86 4.45 -13.86
C ASP C 22 -11.07 3.78 -13.19
N PRO C 23 -11.70 2.82 -13.85
CA PRO C 23 -12.89 2.11 -13.28
C PRO C 23 -12.53 1.18 -12.13
N LYS C 24 -11.73 0.17 -12.38
CA LYS C 24 -11.36 -0.77 -11.28
C LYS C 24 -10.68 0.00 -10.16
N ARG C 25 -9.96 1.04 -10.48
CA ARG C 25 -9.29 1.82 -9.40
C ARG C 25 -10.35 2.42 -8.47
N LYS C 26 -11.42 2.93 -9.01
CA LYS C 26 -12.46 3.55 -8.14
C LYS C 26 -13.00 2.51 -7.15
N GLU C 27 -13.55 1.44 -7.64
CA GLU C 27 -14.11 0.41 -6.71
C GLU C 27 -13.03 0.01 -5.69
N PHE C 28 -11.78 0.08 -6.06
CA PHE C 28 -10.70 -0.30 -5.10
C PHE C 28 -10.68 0.67 -3.92
N LEU C 29 -10.45 1.93 -4.19
CA LEU C 29 -10.40 2.93 -3.09
C LEU C 29 -11.70 2.86 -2.28
N ASP C 30 -12.81 2.80 -2.96
CA ASP C 30 -14.11 2.73 -2.23
C ASP C 30 -14.19 1.41 -1.46
N ASP C 31 -13.92 0.31 -2.11
CA ASP C 31 -13.98 -0.99 -1.40
C ASP C 31 -12.91 -1.01 -0.32
N LEU C 32 -11.75 -0.50 -0.60
CA LEU C 32 -10.68 -0.51 0.42
C LEU C 32 -11.15 0.28 1.65
N PHE C 33 -11.65 1.47 1.47
CA PHE C 33 -12.13 2.21 2.65
C PHE C 33 -13.26 1.39 3.27
N SER C 34 -14.05 0.74 2.45
CA SER C 34 -15.16 -0.10 2.99
C SER C 34 -14.58 -1.31 3.74
N PHE C 35 -13.75 -2.07 3.09
CA PHE C 35 -13.14 -3.26 3.75
C PHE C 35 -12.38 -2.83 5.00
N MET C 36 -11.67 -1.74 4.91
CA MET C 36 -10.90 -1.25 6.06
C MET C 36 -11.84 -0.96 7.24
N GLN C 37 -12.99 -0.43 6.97
CA GLN C 37 -13.95 -0.13 8.08
C GLN C 37 -14.32 -1.43 8.79
N LYS C 38 -14.51 -2.49 8.05
CA LYS C 38 -14.88 -3.80 8.67
C LYS C 38 -13.76 -4.31 9.59
N ARG C 39 -12.55 -4.37 9.11
CA ARG C 39 -11.45 -4.92 9.94
C ARG C 39 -11.20 -4.07 11.18
N GLY C 40 -11.65 -2.85 11.20
CA GLY C 40 -11.40 -2.02 12.40
C GLY C 40 -10.15 -1.19 12.15
N THR C 41 -9.62 -1.29 10.96
CA THR C 41 -8.40 -0.49 10.62
C THR C 41 -8.77 0.50 9.54
N PRO C 42 -9.33 1.63 9.90
CA PRO C 42 -9.74 2.68 8.95
C PRO C 42 -8.56 3.59 8.59
N ILE C 43 -8.55 4.16 7.42
CA ILE C 43 -7.39 5.01 7.04
C ILE C 43 -7.62 6.46 7.47
N ASN C 44 -6.98 6.88 8.53
CA ASN C 44 -7.16 8.29 8.98
C ASN C 44 -6.60 9.20 7.89
N ARG C 45 -5.30 9.27 7.78
CA ARG C 45 -4.68 10.11 6.73
C ARG C 45 -3.92 9.19 5.78
N LEU C 46 -4.03 9.37 4.51
CA LEU C 46 -3.31 8.47 3.56
C LEU C 46 -1.81 8.75 3.67
N PRO C 47 -0.98 7.74 3.54
CA PRO C 47 0.48 7.94 3.59
C PRO C 47 0.90 8.75 2.35
N ILE C 48 1.73 9.74 2.53
CA ILE C 48 2.14 10.58 1.37
C ILE C 48 3.53 10.17 0.89
N MET C 49 3.73 10.26 -0.39
CA MET C 49 5.05 9.90 -0.97
C MET C 49 5.35 10.86 -2.11
N ALA C 50 6.41 11.61 -2.00
CA ALA C 50 6.75 12.59 -3.07
C ALA C 50 5.74 13.74 -2.99
N LYS C 51 5.40 14.13 -1.79
CA LYS C 51 4.42 15.24 -1.58
C LYS C 51 3.08 14.87 -2.23
N SER C 52 2.81 13.60 -2.39
CA SER C 52 1.52 13.17 -3.01
C SER C 52 0.98 11.96 -2.25
N VAL C 53 -0.30 11.69 -2.34
CA VAL C 53 -0.87 10.52 -1.61
C VAL C 53 -0.41 9.23 -2.28
N LEU C 54 -0.25 8.19 -1.50
CA LEU C 54 0.20 6.90 -2.08
C LEU C 54 -0.97 6.22 -2.80
N ASP C 55 -0.82 5.96 -4.07
CA ASP C 55 -1.92 5.31 -4.83
C ASP C 55 -2.14 3.90 -4.27
N LEU C 56 -3.05 3.76 -3.34
CA LEU C 56 -3.30 2.41 -2.76
C LEU C 56 -3.64 1.43 -3.87
N TYR C 57 -4.14 1.90 -4.97
CA TYR C 57 -4.51 0.98 -6.08
C TYR C 57 -3.28 0.59 -6.91
N GLU C 58 -2.59 1.53 -7.51
CA GLU C 58 -1.42 1.14 -8.35
C GLU C 58 -0.43 0.35 -7.49
N LEU C 59 -0.28 0.70 -6.25
CA LEU C 59 0.63 -0.08 -5.38
C LEU C 59 0.09 -1.51 -5.32
N TYR C 60 -1.18 -1.62 -5.07
CA TYR C 60 -1.82 -2.96 -5.01
C TYR C 60 -1.62 -3.68 -6.34
N ASN C 61 -2.27 -3.24 -7.37
CA ASN C 61 -2.12 -3.91 -8.70
C ASN C 61 -0.67 -4.31 -8.91
N LEU C 62 0.25 -3.47 -8.53
CA LEU C 62 1.68 -3.84 -8.70
C LEU C 62 2.00 -5.00 -7.76
N VAL C 63 1.64 -4.86 -6.52
CA VAL C 63 1.91 -5.93 -5.54
C VAL C 63 1.28 -7.25 -5.99
N ILE C 64 0.07 -7.22 -6.49
CA ILE C 64 -0.53 -8.50 -6.95
C ILE C 64 0.22 -8.92 -8.22
N ALA C 65 0.73 -7.96 -8.94
CA ALA C 65 1.47 -8.28 -10.20
C ALA C 65 2.62 -9.25 -9.88
N ARG C 66 3.17 -9.19 -8.70
CA ARG C 66 4.28 -10.14 -8.37
C ARG C 66 3.69 -11.39 -7.74
N GLY C 67 2.40 -11.39 -7.52
CA GLY C 67 1.72 -12.59 -6.94
C GLY C 67 1.81 -12.63 -5.41
N GLY C 68 2.06 -11.52 -4.75
CA GLY C 68 2.10 -11.56 -3.25
C GLY C 68 3.20 -10.66 -2.70
N LEU C 69 2.85 -9.82 -1.74
CA LEU C 69 3.85 -8.88 -1.14
C LEU C 69 5.12 -9.63 -0.72
N VAL C 70 4.98 -10.82 -0.18
CA VAL C 70 6.19 -11.58 0.27
C VAL C 70 7.15 -11.75 -0.91
N ASP C 71 6.65 -12.10 -2.07
CA ASP C 71 7.55 -12.28 -3.24
C ASP C 71 8.34 -10.98 -3.49
N VAL C 72 7.70 -9.87 -3.34
CA VAL C 72 8.39 -8.56 -3.54
C VAL C 72 9.53 -8.41 -2.54
N ILE C 73 9.31 -8.77 -1.30
CA ILE C 73 10.39 -8.64 -0.29
C ILE C 73 11.55 -9.60 -0.61
N ASN C 74 11.27 -10.87 -0.73
CA ASN C 74 12.35 -11.85 -1.02
C ASN C 74 13.08 -11.47 -2.32
N LYS C 75 12.33 -11.07 -3.33
CA LYS C 75 12.98 -10.70 -4.61
C LYS C 75 13.24 -9.18 -4.66
N LYS C 76 12.72 -8.45 -3.72
CA LYS C 76 12.88 -6.98 -3.74
C LYS C 76 12.33 -6.43 -5.06
N LEU C 77 11.08 -6.65 -5.33
CA LEU C 77 10.52 -6.12 -6.59
C LEU C 77 10.01 -4.70 -6.35
N TRP C 78 10.37 -4.11 -5.23
CA TRP C 78 9.92 -2.73 -4.96
C TRP C 78 10.50 -1.79 -6.01
N GLN C 79 11.74 -1.97 -6.38
CA GLN C 79 12.29 -1.05 -7.42
C GLN C 79 11.30 -0.97 -8.58
N GLU C 80 10.71 -2.07 -8.93
CA GLU C 80 9.72 -2.05 -10.04
C GLU C 80 8.46 -1.32 -9.58
N ILE C 81 7.98 -1.64 -8.40
CA ILE C 81 6.77 -0.94 -7.87
C ILE C 81 7.15 0.54 -7.67
N ILE C 82 8.23 0.77 -6.97
CA ILE C 82 8.70 2.16 -6.73
C ILE C 82 8.80 2.90 -8.07
N LYS C 83 9.52 2.35 -9.01
CA LYS C 83 9.63 3.01 -10.34
C LYS C 83 8.28 2.97 -11.05
N GLY C 84 7.57 1.88 -10.95
CA GLY C 84 6.24 1.77 -11.61
C GLY C 84 5.39 2.97 -11.19
N LEU C 85 5.57 3.44 -9.98
CA LEU C 85 4.78 4.61 -9.52
C LEU C 85 5.54 5.89 -9.87
N HIS C 86 6.76 5.75 -10.34
CA HIS C 86 7.58 6.94 -10.74
C HIS C 86 7.90 7.80 -9.51
N LEU C 87 8.23 7.20 -8.40
CA LEU C 87 8.58 8.00 -7.20
C LEU C 87 9.97 8.62 -7.39
N PRO C 88 10.19 9.84 -6.95
CA PRO C 88 11.51 10.50 -7.08
C PRO C 88 12.56 9.91 -6.14
N SER C 89 13.79 9.79 -6.57
CA SER C 89 14.86 9.22 -5.71
C SER C 89 14.95 10.02 -4.41
N SER C 90 14.12 11.02 -4.25
CA SER C 90 14.18 11.85 -3.02
C SER C 90 13.80 11.00 -1.80
N ILE C 91 12.94 10.03 -1.96
CA ILE C 91 12.57 9.19 -0.80
C ILE C 91 13.45 7.93 -0.78
N THR C 92 14.48 7.94 0.02
CA THR C 92 15.37 6.74 0.09
C THR C 92 14.61 5.61 0.78
N SER C 93 13.69 5.95 1.62
CA SER C 93 12.88 4.91 2.33
C SER C 93 11.63 4.60 1.52
N ALA C 94 11.71 4.68 0.22
CA ALA C 94 10.51 4.40 -0.62
C ALA C 94 10.09 2.96 -0.37
N ALA C 95 10.90 2.02 -0.76
CA ALA C 95 10.53 0.59 -0.55
C ALA C 95 10.09 0.39 0.90
N LEU C 96 10.88 0.80 1.85
CA LEU C 96 10.48 0.63 3.29
C LEU C 96 9.14 1.34 3.51
N THR C 97 8.98 2.52 3.00
CA THR C 97 7.70 3.24 3.20
C THR C 97 6.58 2.40 2.57
N LEU C 98 6.84 1.81 1.44
CA LEU C 98 5.81 0.99 0.76
C LEU C 98 5.57 -0.30 1.56
N ARG C 99 6.62 -0.98 1.96
CA ARG C 99 6.44 -2.26 2.72
C ARG C 99 5.81 -2.00 4.08
N THR C 100 6.35 -1.09 4.84
CA THR C 100 5.77 -0.84 6.18
C THR C 100 4.29 -0.49 6.02
N GLN C 101 3.98 0.43 5.16
CA GLN C 101 2.55 0.82 4.96
C GLN C 101 1.74 -0.34 4.39
N TYR C 102 2.24 -1.07 3.41
CA TYR C 102 1.45 -2.18 2.85
C TYR C 102 1.13 -3.18 3.97
N MET C 103 2.09 -3.43 4.82
CA MET C 103 1.88 -4.39 5.92
C MET C 103 0.62 -4.06 6.73
N LYS C 104 0.54 -2.89 7.31
CA LYS C 104 -0.66 -2.56 8.15
C LYS C 104 -1.92 -2.30 7.31
N TYR C 105 -1.84 -1.45 6.33
CA TYR C 105 -3.08 -1.08 5.57
C TYR C 105 -3.48 -2.07 4.48
N LEU C 106 -2.58 -2.53 3.64
CA LEU C 106 -3.01 -3.45 2.51
C LEU C 106 -2.66 -4.92 2.75
N TYR C 107 -2.17 -5.31 3.89
CA TYR C 107 -1.83 -6.75 4.07
C TYR C 107 -3.10 -7.62 4.02
N PRO C 108 -4.21 -7.21 4.61
CA PRO C 108 -5.45 -8.03 4.62
C PRO C 108 -6.22 -7.97 3.30
N TYR C 109 -6.32 -6.82 2.70
CA TYR C 109 -7.05 -6.72 1.40
C TYR C 109 -6.38 -7.66 0.40
N GLU C 110 -5.08 -7.66 0.37
CA GLU C 110 -4.33 -8.56 -0.56
C GLU C 110 -4.51 -10.02 -0.15
N CYS C 111 -4.20 -10.33 1.08
CA CYS C 111 -4.33 -11.75 1.55
C CYS C 111 -5.80 -12.15 1.67
N GLU C 112 -6.64 -11.30 2.20
CA GLU C 112 -8.06 -11.67 2.37
C GLU C 112 -8.75 -11.81 1.02
N LYS C 113 -8.61 -10.84 0.16
CA LYS C 113 -9.27 -10.92 -1.18
C LYS C 113 -8.53 -11.89 -2.10
N LYS C 114 -7.25 -12.08 -1.92
CA LYS C 114 -6.49 -12.99 -2.84
C LYS C 114 -5.75 -14.10 -2.07
N ASN C 115 -5.38 -13.88 -0.84
CA ASN C 115 -4.66 -14.96 -0.08
C ASN C 115 -3.37 -15.35 -0.81
N LEU C 116 -2.60 -14.39 -1.26
CA LEU C 116 -1.33 -14.71 -1.97
C LEU C 116 -0.32 -15.34 -1.03
N SER C 117 -0.34 -14.96 0.22
CA SER C 117 0.67 -15.51 1.16
C SER C 117 0.15 -15.51 2.60
N THR C 118 1.02 -15.75 3.55
CA THR C 118 0.59 -15.79 4.99
C THR C 118 1.42 -14.79 5.83
N PRO C 119 0.96 -14.41 7.01
CA PRO C 119 1.71 -13.45 7.87
C PRO C 119 3.10 -13.97 8.24
N ALA C 120 3.21 -15.24 8.55
CA ALA C 120 4.55 -15.80 8.93
C ALA C 120 5.50 -15.70 7.75
N GLU C 121 5.03 -15.90 6.55
CA GLU C 121 5.94 -15.77 5.39
C GLU C 121 6.32 -14.31 5.27
N LEU C 122 5.36 -13.42 5.37
CA LEU C 122 5.65 -11.97 5.28
C LEU C 122 6.48 -11.52 6.50
N GLN C 123 6.03 -11.84 7.68
CA GLN C 123 6.81 -11.48 8.90
C GLN C 123 8.21 -12.09 8.82
N ALA C 124 8.30 -13.34 8.46
CA ALA C 124 9.64 -14.01 8.38
C ALA C 124 10.51 -13.28 7.35
N ALA C 125 9.94 -12.86 6.26
CA ALA C 125 10.75 -12.15 5.21
C ALA C 125 11.16 -10.79 5.76
N ILE C 126 10.33 -10.22 6.56
CA ILE C 126 10.65 -8.91 7.18
C ILE C 126 11.85 -9.10 8.10
N ASP C 127 11.79 -10.08 8.95
CA ASP C 127 12.94 -10.33 9.88
C ASP C 127 14.18 -10.70 9.06
N GLY C 128 14.00 -11.47 8.03
CA GLY C 128 15.15 -11.88 7.18
C GLY C 128 15.83 -10.65 6.58
N ASN C 129 15.07 -9.63 6.28
CA ASN C 129 15.70 -8.41 5.68
C ASN C 129 15.99 -7.37 6.76
N ARG C 130 15.17 -7.26 7.77
CA ARG C 130 15.45 -6.27 8.85
C ARG C 130 16.67 -6.73 9.65
N ARG C 131 17.33 -5.81 10.31
CA ARG C 131 18.54 -6.17 11.11
C ARG C 131 18.17 -7.20 12.19
N GLU C 132 19.10 -8.04 12.56
CA GLU C 132 18.84 -9.06 13.60
C GLU C 132 19.54 -8.66 14.89
N GLY C 133 18.81 -8.58 15.95
CA GLY C 133 19.41 -8.19 17.26
C GLY C 133 18.72 -8.98 18.38
N GLY C 3 -9.51 13.76 16.76
CA GLY C 3 -10.70 13.50 15.91
C GLY C 3 -10.48 14.11 14.52
N TRP C 4 -10.17 13.31 13.55
CA TRP C 4 -9.95 13.83 12.18
C TRP C 4 -11.27 14.37 11.62
N SER C 5 -11.20 15.33 10.72
CA SER C 5 -12.45 15.89 10.14
C SER C 5 -12.68 15.33 8.74
N PHE C 6 -13.91 15.06 8.40
CA PHE C 6 -14.22 14.46 7.07
C PHE C 6 -13.68 15.34 5.93
N GLU C 7 -13.68 16.64 6.09
CA GLU C 7 -13.16 17.50 4.98
C GLU C 7 -11.69 17.19 4.72
N GLU C 8 -10.91 17.07 5.77
CA GLU C 8 -9.46 16.77 5.57
C GLU C 8 -9.31 15.48 4.79
N GLN C 9 -10.08 14.48 5.11
CA GLN C 9 -9.98 13.19 4.38
C GLN C 9 -10.58 13.34 2.97
N PHE C 10 -11.66 14.07 2.86
CA PHE C 10 -12.29 14.23 1.52
C PHE C 10 -11.26 14.78 0.52
N LYS C 11 -10.58 15.83 0.87
CA LYS C 11 -9.56 16.40 -0.05
C LYS C 11 -8.46 15.36 -0.30
N GLN C 12 -8.01 14.73 0.75
CA GLN C 12 -6.93 13.73 0.60
C GLN C 12 -7.41 12.55 -0.26
N VAL C 13 -8.56 12.02 0.01
CA VAL C 13 -9.03 10.88 -0.82
C VAL C 13 -9.45 11.42 -2.18
N ARG C 14 -10.03 12.59 -2.23
CA ARG C 14 -10.41 13.14 -3.56
C ARG C 14 -9.16 13.19 -4.42
N GLN C 15 -8.05 13.57 -3.84
CA GLN C 15 -6.79 13.61 -4.61
C GLN C 15 -6.51 12.21 -5.16
N LEU C 16 -6.93 11.20 -4.44
CA LEU C 16 -6.68 9.79 -4.90
C LEU C 16 -7.56 9.44 -6.12
N TYR C 17 -8.80 9.87 -6.16
CA TYR C 17 -9.65 9.50 -7.32
C TYR C 17 -9.29 10.34 -8.54
N GLU C 18 -8.88 11.57 -8.33
CA GLU C 18 -8.55 12.43 -9.50
C GLU C 18 -7.32 11.90 -10.23
N ILE C 19 -6.48 11.19 -9.53
CA ILE C 19 -5.25 10.65 -10.15
C ILE C 19 -5.55 10.17 -11.58
N ASN C 20 -6.67 9.55 -11.81
CA ASN C 20 -6.97 9.07 -13.19
C ASN C 20 -8.42 8.56 -13.28
N ASP C 21 -8.91 8.46 -14.48
CA ASP C 21 -10.32 7.98 -14.67
C ASP C 21 -10.31 6.47 -14.83
N ASP C 22 -9.94 5.76 -13.80
CA ASP C 22 -9.91 4.28 -13.87
C ASP C 22 -11.00 3.70 -12.95
N PRO C 23 -12.11 3.26 -13.51
CA PRO C 23 -13.22 2.69 -12.69
C PRO C 23 -12.73 1.68 -11.65
N LYS C 24 -11.83 0.82 -12.04
CA LYS C 24 -11.31 -0.18 -11.06
C LYS C 24 -10.61 0.58 -9.93
N ARG C 25 -9.92 1.63 -10.26
CA ARG C 25 -9.20 2.42 -9.23
C ARG C 25 -10.22 2.96 -8.21
N LYS C 26 -11.32 3.48 -8.69
CA LYS C 26 -12.35 4.03 -7.76
C LYS C 26 -12.89 2.91 -6.87
N GLU C 27 -13.34 1.84 -7.46
CA GLU C 27 -13.88 0.72 -6.65
C GLU C 27 -12.85 0.31 -5.59
N PHE C 28 -11.59 0.31 -5.95
CA PHE C 28 -10.53 -0.06 -4.99
C PHE C 28 -10.54 0.91 -3.81
N LEU C 29 -10.27 2.15 -4.06
CA LEU C 29 -10.26 3.17 -2.98
C LEU C 29 -11.59 3.15 -2.24
N ASP C 30 -12.66 3.11 -2.98
CA ASP C 30 -14.00 3.09 -2.32
C ASP C 30 -14.12 1.83 -1.47
N ASP C 31 -13.75 0.71 -2.00
CA ASP C 31 -13.84 -0.56 -1.23
C ASP C 31 -12.84 -0.52 -0.06
N LEU C 32 -11.65 -0.04 -0.30
CA LEU C 32 -10.64 0.00 0.79
C LEU C 32 -11.12 0.87 1.94
N PHE C 33 -11.58 2.07 1.68
CA PHE C 33 -12.04 2.90 2.81
C PHE C 33 -13.19 2.16 3.49
N SER C 34 -14.00 1.48 2.72
CA SER C 34 -15.13 0.71 3.31
C SER C 34 -14.57 -0.49 4.07
N PHE C 35 -13.77 -1.29 3.41
CA PHE C 35 -13.19 -2.50 4.04
C PHE C 35 -12.38 -2.15 5.28
N MET C 36 -11.59 -1.11 5.23
CA MET C 36 -10.76 -0.74 6.40
C MET C 36 -11.63 -0.53 7.64
N GLN C 37 -12.79 0.04 7.50
CA GLN C 37 -13.64 0.26 8.71
C GLN C 37 -13.85 -1.10 9.40
N LYS C 38 -14.05 -2.14 8.63
CA LYS C 38 -14.23 -3.48 9.23
C LYS C 38 -12.92 -3.89 9.92
N ARG C 39 -11.81 -3.58 9.30
CA ARG C 39 -10.50 -3.95 9.89
C ARG C 39 -10.32 -3.21 11.22
N GLY C 40 -10.88 -2.04 11.34
CA GLY C 40 -10.72 -1.27 12.59
C GLY C 40 -9.59 -0.27 12.40
N THR C 41 -9.00 -0.28 11.23
CA THR C 41 -7.90 0.69 10.95
C THR C 41 -8.31 1.54 9.75
N PRO C 42 -9.06 2.57 9.99
CA PRO C 42 -9.52 3.49 8.92
C PRO C 42 -8.45 4.52 8.57
N ILE C 43 -8.29 4.85 7.32
CA ILE C 43 -7.23 5.82 6.95
C ILE C 43 -7.69 7.24 7.26
N ASN C 44 -7.23 7.79 8.35
CA ASN C 44 -7.63 9.19 8.68
C ASN C 44 -6.71 10.13 7.92
N ARG C 45 -5.76 9.58 7.21
CA ARG C 45 -4.81 10.39 6.41
C ARG C 45 -3.98 9.47 5.53
N LEU C 46 -3.99 9.71 4.27
CA LEU C 46 -3.21 8.84 3.34
C LEU C 46 -1.72 9.16 3.49
N PRO C 47 -0.86 8.19 3.33
CA PRO C 47 0.60 8.43 3.40
C PRO C 47 1.05 9.15 2.13
N ILE C 48 1.84 10.19 2.25
CA ILE C 48 2.26 10.93 1.03
C ILE C 48 3.67 10.52 0.62
N MET C 49 3.89 10.44 -0.65
CA MET C 49 5.23 10.06 -1.18
C MET C 49 5.58 11.01 -2.33
N ALA C 50 6.67 11.70 -2.22
CA ALA C 50 7.04 12.66 -3.29
C ALA C 50 6.01 13.79 -3.31
N LYS C 51 5.62 14.23 -2.15
CA LYS C 51 4.59 15.32 -2.04
C LYS C 51 3.32 14.91 -2.77
N SER C 52 3.12 13.63 -2.93
CA SER C 52 1.89 13.15 -3.63
C SER C 52 1.27 12.02 -2.82
N VAL C 53 -0.03 11.88 -2.86
CA VAL C 53 -0.67 10.79 -2.08
C VAL C 53 -0.27 9.44 -2.67
N LEU C 54 -0.12 8.45 -1.85
CA LEU C 54 0.31 7.13 -2.37
C LEU C 54 -0.89 6.42 -3.03
N ASP C 55 -0.74 6.08 -4.28
CA ASP C 55 -1.87 5.41 -5.00
C ASP C 55 -2.12 4.03 -4.38
N LEU C 56 -3.00 3.94 -3.40
CA LEU C 56 -3.25 2.63 -2.78
C LEU C 56 -3.65 1.61 -3.84
N TYR C 57 -4.17 2.07 -4.94
CA TYR C 57 -4.58 1.13 -6.01
C TYR C 57 -3.39 0.62 -6.82
N GLU C 58 -2.65 1.50 -7.44
CA GLU C 58 -1.49 1.03 -8.27
C GLU C 58 -0.49 0.28 -7.41
N LEU C 59 -0.26 0.71 -6.20
CA LEU C 59 0.70 -0.05 -5.35
C LEU C 59 0.18 -1.48 -5.22
N TYR C 60 -1.09 -1.59 -4.98
CA TYR C 60 -1.70 -2.94 -4.85
C TYR C 60 -1.44 -3.74 -6.13
N ASN C 61 -2.04 -3.34 -7.22
CA ASN C 61 -1.88 -4.08 -8.52
C ASN C 61 -0.44 -4.55 -8.70
N LEU C 62 0.53 -3.73 -8.40
CA LEU C 62 1.92 -4.20 -8.57
C LEU C 62 2.18 -5.28 -7.51
N VAL C 63 1.76 -5.02 -6.31
CA VAL C 63 1.97 -6.03 -5.23
C VAL C 63 1.31 -7.36 -5.60
N ILE C 64 0.11 -7.35 -6.12
CA ILE C 64 -0.54 -8.64 -6.48
C ILE C 64 0.21 -9.22 -7.68
N ALA C 65 0.68 -8.36 -8.54
CA ALA C 65 1.40 -8.82 -9.75
C ALA C 65 2.56 -9.73 -9.34
N ARG C 66 3.07 -9.58 -8.15
CA ARG C 66 4.19 -10.46 -7.72
C ARG C 66 3.63 -11.70 -7.01
N GLY C 67 2.34 -11.71 -6.82
CA GLY C 67 1.69 -12.88 -6.17
C GLY C 67 1.75 -12.80 -4.64
N GLY C 68 1.98 -11.64 -4.06
CA GLY C 68 2.01 -11.57 -2.56
C GLY C 68 3.07 -10.59 -2.06
N LEU C 69 2.67 -9.68 -1.20
CA LEU C 69 3.63 -8.68 -0.65
C LEU C 69 4.89 -9.39 -0.15
N VAL C 70 4.74 -10.53 0.47
CA VAL C 70 5.94 -11.26 0.98
C VAL C 70 6.92 -11.56 -0.16
N ASP C 71 6.41 -11.98 -1.29
CA ASP C 71 7.31 -12.29 -2.44
C ASP C 71 8.15 -11.05 -2.76
N VAL C 72 7.53 -9.90 -2.72
CA VAL C 72 8.27 -8.63 -3.00
C VAL C 72 9.39 -8.46 -1.99
N ILE C 73 9.12 -8.70 -0.74
CA ILE C 73 10.19 -8.54 0.29
C ILE C 73 11.31 -9.58 0.08
N ASN C 74 10.98 -10.84 0.06
CA ASN C 74 12.01 -11.89 -0.12
C ASN C 74 12.78 -11.66 -1.41
N LYS C 75 12.09 -11.33 -2.48
CA LYS C 75 12.80 -11.10 -3.76
C LYS C 75 13.12 -9.61 -3.92
N LYS C 76 12.60 -8.78 -3.06
CA LYS C 76 12.85 -7.33 -3.19
C LYS C 76 12.36 -6.85 -4.55
N LEU C 77 11.11 -7.00 -4.82
CA LEU C 77 10.58 -6.52 -6.14
C LEU C 77 10.12 -5.08 -5.98
N TRP C 78 10.49 -4.44 -4.90
CA TRP C 78 10.07 -3.02 -4.68
C TRP C 78 10.68 -2.17 -5.79
N GLN C 79 11.92 -2.41 -6.17
CA GLN C 79 12.50 -1.57 -7.26
C GLN C 79 11.51 -1.54 -8.43
N GLU C 80 10.89 -2.66 -8.70
CA GLU C 80 9.90 -2.70 -9.80
C GLU C 80 8.67 -1.89 -9.38
N ILE C 81 8.23 -2.04 -8.16
CA ILE C 81 7.05 -1.26 -7.67
C ILE C 81 7.46 0.22 -7.58
N ILE C 82 8.53 0.50 -6.90
CA ILE C 82 8.99 1.91 -6.77
C ILE C 82 9.08 2.53 -8.17
N LYS C 83 9.75 1.89 -9.07
CA LYS C 83 9.87 2.44 -10.46
C LYS C 83 8.50 2.41 -11.14
N GLY C 84 7.76 1.35 -10.95
CA GLY C 84 6.42 1.25 -11.59
C GLY C 84 5.60 2.48 -11.23
N LEU C 85 5.84 3.02 -10.06
CA LEU C 85 5.08 4.23 -9.64
C LEU C 85 5.85 5.47 -10.09
N HIS C 86 7.05 5.29 -10.59
CA HIS C 86 7.86 6.45 -11.06
C HIS C 86 8.13 7.39 -9.89
N LEU C 87 8.41 6.85 -8.74
CA LEU C 87 8.72 7.72 -7.56
C LEU C 87 10.13 8.31 -7.76
N PRO C 88 10.34 9.56 -7.39
CA PRO C 88 11.67 10.20 -7.54
C PRO C 88 12.72 9.59 -6.60
N SER C 89 13.92 9.39 -7.08
CA SER C 89 14.98 8.79 -6.23
C SER C 89 15.17 9.63 -4.95
N SER C 90 14.42 10.69 -4.82
CA SER C 90 14.59 11.55 -3.61
C SER C 90 14.20 10.78 -2.36
N ILE C 91 13.27 9.86 -2.46
CA ILE C 91 12.87 9.07 -1.26
C ILE C 91 13.70 7.78 -1.21
N THR C 92 14.72 7.74 -0.39
CA THR C 92 15.55 6.50 -0.29
C THR C 92 14.74 5.44 0.45
N SER C 93 13.84 5.86 1.31
CA SER C 93 13.01 4.89 2.07
C SER C 93 11.74 4.60 1.27
N ALA C 94 11.83 4.67 -0.03
CA ALA C 94 10.64 4.40 -0.87
C ALA C 94 10.16 2.97 -0.58
N ALA C 95 10.97 1.99 -0.93
CA ALA C 95 10.57 0.59 -0.67
C ALA C 95 10.12 0.43 0.78
N LEU C 96 10.91 0.86 1.74
CA LEU C 96 10.51 0.73 3.16
C LEU C 96 9.20 1.47 3.38
N THR C 97 9.06 2.65 2.85
CA THR C 97 7.79 3.41 3.04
C THR C 97 6.65 2.59 2.44
N LEU C 98 6.91 1.95 1.33
CA LEU C 98 5.86 1.13 0.68
C LEU C 98 5.59 -0.13 1.51
N ARG C 99 6.63 -0.79 1.94
CA ARG C 99 6.43 -2.04 2.74
C ARG C 99 5.79 -1.74 4.09
N THR C 100 6.34 -0.81 4.82
CA THR C 100 5.77 -0.48 6.16
C THR C 100 4.29 -0.13 6.03
N GLN C 101 3.96 0.81 5.19
CA GLN C 101 2.54 1.21 5.04
C GLN C 101 1.68 0.05 4.51
N TYR C 102 2.18 -0.71 3.57
CA TYR C 102 1.35 -1.83 3.05
C TYR C 102 0.96 -2.75 4.20
N MET C 103 1.88 -3.02 5.10
CA MET C 103 1.58 -3.93 6.23
C MET C 103 0.35 -3.47 7.03
N LYS C 104 0.37 -2.26 7.53
CA LYS C 104 -0.75 -1.80 8.39
C LYS C 104 -2.06 -1.58 7.61
N TYR C 105 -2.01 -0.80 6.56
CA TYR C 105 -3.26 -0.46 5.83
C TYR C 105 -3.68 -1.51 4.78
N LEU C 106 -2.78 -2.02 3.98
CA LEU C 106 -3.20 -3.00 2.91
C LEU C 106 -2.90 -4.47 3.24
N TYR C 107 -2.43 -4.80 4.41
CA TYR C 107 -2.15 -6.24 4.67
C TYR C 107 -3.42 -7.10 4.57
N PRO C 108 -4.54 -6.68 5.12
CA PRO C 108 -5.79 -7.49 5.07
C PRO C 108 -6.48 -7.46 3.70
N TYR C 109 -6.55 -6.32 3.09
CA TYR C 109 -7.19 -6.24 1.74
C TYR C 109 -6.47 -7.20 0.81
N GLU C 110 -5.16 -7.28 0.94
CA GLU C 110 -4.36 -8.20 0.08
C GLU C 110 -4.57 -9.65 0.52
N CYS C 111 -4.34 -9.94 1.77
CA CYS C 111 -4.50 -11.34 2.26
C CYS C 111 -5.97 -11.74 2.35
N GLU C 112 -6.81 -10.86 2.83
CA GLU C 112 -8.25 -11.23 2.98
C GLU C 112 -8.88 -11.44 1.60
N LYS C 113 -8.63 -10.57 0.67
CA LYS C 113 -9.24 -10.73 -0.68
C LYS C 113 -8.55 -11.84 -1.48
N LYS C 114 -7.27 -12.05 -1.29
CA LYS C 114 -6.56 -13.10 -2.10
C LYS C 114 -5.83 -14.10 -1.18
N ASN C 115 -5.47 -13.73 0.01
CA ASN C 115 -4.77 -14.69 0.93
C ASN C 115 -3.48 -15.20 0.26
N LEU C 116 -2.72 -14.33 -0.34
CA LEU C 116 -1.45 -14.77 -1.01
C LEU C 116 -0.44 -15.26 0.01
N SER C 117 -0.47 -14.74 1.20
CA SER C 117 0.54 -15.18 2.22
C SER C 117 0.00 -15.03 3.64
N THR C 118 0.86 -15.18 4.62
CA THR C 118 0.43 -15.10 6.04
C THR C 118 1.34 -14.10 6.80
N PRO C 119 0.96 -13.68 8.00
CA PRO C 119 1.80 -12.72 8.77
C PRO C 119 3.17 -13.31 9.13
N ALA C 120 3.22 -14.57 9.49
CA ALA C 120 4.54 -15.18 9.83
C ALA C 120 5.44 -15.18 8.61
N GLU C 121 4.89 -15.40 7.46
CA GLU C 121 5.75 -15.36 6.25
C GLU C 121 6.21 -13.91 6.08
N LEU C 122 5.31 -12.97 6.21
CA LEU C 122 5.69 -11.54 6.08
C LEU C 122 6.63 -11.14 7.24
N GLN C 123 6.25 -11.42 8.45
CA GLN C 123 7.12 -11.08 9.62
C GLN C 123 8.49 -11.75 9.43
N ALA C 124 8.50 -13.02 9.10
CA ALA C 124 9.81 -13.72 8.92
C ALA C 124 10.62 -13.06 7.79
N ALA C 125 9.97 -12.68 6.73
CA ALA C 125 10.70 -12.03 5.61
C ALA C 125 11.17 -10.66 6.07
N ILE C 126 10.38 -10.04 6.89
CA ILE C 126 10.74 -8.72 7.40
C ILE C 126 12.00 -8.84 8.25
N ASP C 127 12.03 -9.75 9.17
CA ASP C 127 13.26 -9.91 10.00
C ASP C 127 14.40 -10.36 9.09
N GLY C 128 14.10 -11.14 8.09
CA GLY C 128 15.16 -11.62 7.16
C GLY C 128 15.76 -10.44 6.39
N ASN C 129 14.99 -9.41 6.14
CA ASN C 129 15.55 -8.25 5.37
C ASN C 129 16.16 -7.22 6.32
N ARG C 130 15.58 -7.01 7.47
CA ARG C 130 16.17 -5.99 8.41
C ARG C 130 17.57 -6.43 8.80
N ARG C 131 18.45 -5.48 9.00
CA ARG C 131 19.85 -5.83 9.38
C ARG C 131 19.87 -6.44 10.78
N GLU C 132 20.70 -7.43 10.99
CA GLU C 132 20.78 -8.08 12.33
C GLU C 132 21.29 -7.07 13.35
N GLY C 133 21.98 -6.08 12.88
CA GLY C 133 22.53 -5.05 13.80
C GLY C 133 23.33 -4.02 12.99
N GLY C 3 -12.53 10.81 16.36
CA GLY C 3 -11.04 10.91 16.38
C GLY C 3 -10.57 11.82 15.24
N TRP C 4 -11.35 11.93 14.20
CA TRP C 4 -10.97 12.82 13.05
C TRP C 4 -12.24 13.35 12.39
N SER C 5 -12.11 14.33 11.54
CA SER C 5 -13.33 14.90 10.88
C SER C 5 -13.43 14.37 9.44
N PHE C 6 -14.60 13.97 9.05
CA PHE C 6 -14.80 13.41 7.68
C PHE C 6 -14.28 14.41 6.64
N GLU C 7 -14.42 15.68 6.89
CA GLU C 7 -13.91 16.68 5.90
C GLU C 7 -12.40 16.53 5.77
N GLU C 8 -11.71 16.41 6.86
CA GLU C 8 -10.24 16.27 6.80
C GLU C 8 -9.88 15.07 5.93
N GLN C 9 -10.54 13.96 6.13
CA GLN C 9 -10.26 12.77 5.29
C GLN C 9 -10.77 13.02 3.88
N PHE C 10 -11.88 13.69 3.76
CA PHE C 10 -12.45 13.96 2.40
C PHE C 10 -11.36 14.49 1.48
N LYS C 11 -10.60 15.45 1.94
CA LYS C 11 -9.51 16.01 1.09
C LYS C 11 -8.52 14.89 0.78
N GLN C 12 -8.21 14.09 1.76
CA GLN C 12 -7.22 12.98 1.56
C GLN C 12 -7.77 11.92 0.61
N VAL C 13 -8.94 11.41 0.86
CA VAL C 13 -9.50 10.36 -0.03
C VAL C 13 -9.92 10.99 -1.37
N ARG C 14 -10.45 12.16 -1.37
CA ARG C 14 -10.83 12.78 -2.68
C ARG C 14 -9.57 12.89 -3.54
N GLN C 15 -8.47 13.25 -2.94
CA GLN C 15 -7.21 13.34 -3.71
C GLN C 15 -6.92 11.99 -4.35
N LEU C 16 -7.34 10.93 -3.71
CA LEU C 16 -7.08 9.58 -4.28
C LEU C 16 -7.90 9.34 -5.56
N TYR C 17 -9.14 9.79 -5.63
CA TYR C 17 -9.92 9.54 -6.88
C TYR C 17 -9.48 10.51 -7.97
N GLU C 18 -9.20 11.74 -7.61
CA GLU C 18 -8.83 12.75 -8.65
C GLU C 18 -7.54 12.36 -9.36
N ILE C 19 -6.68 11.65 -8.69
CA ILE C 19 -5.39 11.26 -9.31
C ILE C 19 -5.56 10.97 -10.81
N ASN C 20 -6.62 10.33 -11.19
CA ASN C 20 -6.81 10.03 -12.64
C ASN C 20 -8.20 9.44 -12.89
N ASP C 21 -8.60 9.37 -14.13
CA ASP C 21 -9.95 8.81 -14.46
C ASP C 21 -9.87 7.31 -14.69
N ASP C 22 -9.56 6.56 -13.67
CA ASP C 22 -9.50 5.08 -13.84
C ASP C 22 -10.78 4.47 -13.23
N PRO C 23 -11.40 3.52 -13.89
CA PRO C 23 -12.65 2.89 -13.39
C PRO C 23 -12.40 1.90 -12.26
N LYS C 24 -11.67 0.85 -12.52
CA LYS C 24 -11.40 -0.15 -11.46
C LYS C 24 -10.78 0.54 -10.24
N ARG C 25 -9.95 1.51 -10.47
CA ARG C 25 -9.31 2.23 -9.33
C ARG C 25 -10.39 2.80 -8.41
N LYS C 26 -11.46 3.30 -8.97
CA LYS C 26 -12.54 3.89 -8.12
C LYS C 26 -13.08 2.83 -7.16
N GLU C 27 -13.59 1.75 -7.70
CA GLU C 27 -14.14 0.68 -6.80
C GLU C 27 -13.10 0.27 -5.77
N PHE C 28 -11.84 0.30 -6.12
CA PHE C 28 -10.77 -0.10 -5.16
C PHE C 28 -10.77 0.81 -3.93
N LEU C 29 -10.51 2.08 -4.13
CA LEU C 29 -10.48 3.02 -2.99
C LEU C 29 -11.79 2.97 -2.22
N ASP C 30 -12.89 2.99 -2.92
CA ASP C 30 -14.20 2.95 -2.23
C ASP C 30 -14.33 1.64 -1.46
N ASP C 31 -13.99 0.54 -2.07
CA ASP C 31 -14.09 -0.77 -1.36
C ASP C 31 -13.08 -0.82 -0.23
N LEU C 32 -11.87 -0.40 -0.48
CA LEU C 32 -10.83 -0.45 0.59
C LEU C 32 -11.30 0.32 1.82
N PHE C 33 -11.80 1.50 1.66
CA PHE C 33 -12.25 2.25 2.87
C PHE C 33 -13.37 1.45 3.53
N SER C 34 -14.18 0.79 2.76
CA SER C 34 -15.30 -0.01 3.35
C SER C 34 -14.73 -1.23 4.09
N PHE C 35 -13.96 -2.04 3.43
CA PHE C 35 -13.39 -3.26 4.07
C PHE C 35 -12.52 -2.89 5.27
N MET C 36 -11.79 -1.82 5.18
CA MET C 36 -10.91 -1.42 6.32
C MET C 36 -11.73 -1.20 7.59
N GLN C 37 -12.90 -0.64 7.48
CA GLN C 37 -13.73 -0.38 8.70
C GLN C 37 -14.09 -1.70 9.40
N LYS C 38 -14.41 -2.72 8.66
CA LYS C 38 -14.75 -4.02 9.31
C LYS C 38 -13.53 -4.52 10.06
N ARG C 39 -12.40 -4.28 9.47
CA ARG C 39 -11.11 -4.73 10.07
C ARG C 39 -10.85 -3.99 11.38
N GLY C 40 -11.36 -2.80 11.51
CA GLY C 40 -11.10 -2.04 12.75
C GLY C 40 -9.91 -1.13 12.50
N THR C 41 -9.34 -1.21 11.31
CA THR C 41 -8.18 -0.35 10.98
C THR C 41 -8.59 0.57 9.82
N PRO C 42 -9.23 1.66 10.11
CA PRO C 42 -9.66 2.64 9.09
C PRO C 42 -8.54 3.63 8.80
N ILE C 43 -8.39 4.05 7.57
CA ILE C 43 -7.29 5.00 7.27
C ILE C 43 -7.71 6.41 7.68
N ASN C 44 -7.26 6.85 8.83
CA ASN C 44 -7.62 8.22 9.27
C ASN C 44 -6.94 9.22 8.34
N ARG C 45 -5.73 8.92 7.94
CA ARG C 45 -5.00 9.82 7.01
C ARG C 45 -4.17 8.97 6.07
N LEU C 46 -4.25 9.21 4.79
CA LEU C 46 -3.46 8.41 3.83
C LEU C 46 -1.98 8.78 3.94
N PRO C 47 -1.10 7.84 3.72
CA PRO C 47 0.36 8.11 3.76
C PRO C 47 0.75 8.96 2.54
N ILE C 48 1.60 9.93 2.69
CA ILE C 48 1.98 10.78 1.53
C ILE C 48 3.37 10.41 1.04
N MET C 49 3.55 10.46 -0.24
CA MET C 49 4.87 10.12 -0.83
C MET C 49 5.19 11.16 -1.90
N ALA C 50 6.36 11.74 -1.80
CA ALA C 50 6.73 12.80 -2.77
C ALA C 50 5.70 13.93 -2.67
N LYS C 51 5.33 14.25 -1.46
CA LYS C 51 4.32 15.33 -1.23
C LYS C 51 2.99 14.99 -1.91
N SER C 52 2.73 13.73 -2.11
CA SER C 52 1.44 13.33 -2.77
C SER C 52 0.85 12.11 -2.06
N VAL C 53 -0.43 11.93 -2.14
CA VAL C 53 -1.05 10.74 -1.47
C VAL C 53 -0.58 9.47 -2.17
N LEU C 54 -0.38 8.41 -1.44
CA LEU C 54 0.09 7.14 -2.05
C LEU C 54 -1.08 6.43 -2.73
N ASP C 55 -0.94 6.15 -4.00
CA ASP C 55 -2.05 5.47 -4.74
C ASP C 55 -2.24 4.06 -4.19
N LEU C 56 -3.09 3.89 -3.21
CA LEU C 56 -3.30 2.54 -2.63
C LEU C 56 -3.63 1.55 -3.75
N TYR C 57 -4.13 2.05 -4.85
CA TYR C 57 -4.51 1.15 -5.96
C TYR C 57 -3.27 0.72 -6.77
N GLU C 58 -2.54 1.64 -7.34
CA GLU C 58 -1.36 1.24 -8.14
C GLU C 58 -0.39 0.43 -7.29
N LEU C 59 -0.25 0.78 -6.05
CA LEU C 59 0.67 -0.01 -5.18
C LEU C 59 0.13 -1.43 -5.08
N TYR C 60 -1.15 -1.55 -4.91
CA TYR C 60 -1.78 -2.89 -4.82
C TYR C 60 -1.54 -3.66 -6.13
N ASN C 61 -2.15 -3.25 -7.20
CA ASN C 61 -1.97 -3.97 -8.50
C ASN C 61 -0.50 -4.32 -8.69
N LEU C 62 0.39 -3.46 -8.28
CA LEU C 62 1.83 -3.79 -8.43
C LEU C 62 2.14 -4.95 -7.50
N VAL C 63 1.78 -4.81 -6.26
CA VAL C 63 2.04 -5.89 -5.28
C VAL C 63 1.37 -7.18 -5.75
N ILE C 64 0.16 -7.11 -6.21
CA ILE C 64 -0.50 -8.36 -6.71
C ILE C 64 0.21 -8.80 -7.99
N ALA C 65 0.59 -7.84 -8.79
CA ALA C 65 1.28 -8.16 -10.06
C ALA C 65 2.57 -8.93 -9.77
N ARG C 66 3.06 -8.89 -8.56
CA ARG C 66 4.31 -9.62 -8.23
C ARG C 66 3.95 -10.97 -7.57
N GLY C 67 2.69 -11.26 -7.50
CA GLY C 67 2.25 -12.56 -6.91
C GLY C 67 2.19 -12.51 -5.37
N GLY C 68 2.26 -11.34 -4.76
CA GLY C 68 2.17 -11.29 -3.27
C GLY C 68 3.26 -10.41 -2.66
N LEU C 69 2.90 -9.62 -1.68
CA LEU C 69 3.87 -8.70 -1.01
C LEU C 69 5.14 -9.44 -0.58
N VAL C 70 5.02 -10.62 -0.02
CA VAL C 70 6.25 -11.34 0.44
C VAL C 70 7.18 -11.59 -0.76
N ASP C 71 6.64 -11.98 -1.89
CA ASP C 71 7.52 -12.23 -3.07
C ASP C 71 8.35 -10.97 -3.37
N VAL C 72 7.75 -9.82 -3.19
CA VAL C 72 8.48 -8.54 -3.45
C VAL C 72 9.63 -8.39 -2.47
N ILE C 73 9.42 -8.68 -1.22
CA ILE C 73 10.53 -8.53 -0.23
C ILE C 73 11.67 -9.52 -0.52
N ASN C 74 11.37 -10.79 -0.52
CA ASN C 74 12.43 -11.81 -0.78
C ASN C 74 13.10 -11.55 -2.11
N LYS C 75 12.34 -11.21 -3.12
CA LYS C 75 12.95 -10.95 -4.45
C LYS C 75 13.25 -9.46 -4.62
N LYS C 76 12.77 -8.64 -3.73
CA LYS C 76 12.99 -7.16 -3.84
C LYS C 76 12.42 -6.65 -5.15
N LEU C 77 11.14 -6.79 -5.36
CA LEU C 77 10.55 -6.27 -6.62
C LEU C 77 10.08 -4.83 -6.36
N TRP C 78 10.50 -4.24 -5.26
CA TRP C 78 10.08 -2.84 -4.96
C TRP C 78 10.62 -1.91 -6.03
N GLN C 79 11.84 -2.09 -6.46
CA GLN C 79 12.35 -1.19 -7.52
C GLN C 79 11.32 -1.15 -8.64
N GLU C 80 10.69 -2.25 -8.93
CA GLU C 80 9.65 -2.26 -9.99
C GLU C 80 8.43 -1.49 -9.48
N ILE C 81 8.04 -1.72 -8.25
CA ILE C 81 6.87 -0.99 -7.68
C ILE C 81 7.25 0.48 -7.52
N ILE C 82 8.34 0.73 -6.84
CA ILE C 82 8.80 2.13 -6.63
C ILE C 82 8.90 2.83 -7.99
N LYS C 83 9.63 2.27 -8.92
CA LYS C 83 9.73 2.90 -10.26
C LYS C 83 8.37 2.83 -10.98
N GLY C 84 7.69 1.72 -10.85
CA GLY C 84 6.36 1.57 -11.51
C GLY C 84 5.47 2.74 -11.12
N LEU C 85 5.63 3.24 -9.93
CA LEU C 85 4.80 4.39 -9.49
C LEU C 85 5.53 5.68 -9.87
N HIS C 86 6.73 5.56 -10.34
CA HIS C 86 7.52 6.76 -10.75
C HIS C 86 7.82 7.64 -9.54
N LEU C 87 8.16 7.04 -8.43
CA LEU C 87 8.49 7.84 -7.22
C LEU C 87 9.85 8.51 -7.43
N PRO C 88 10.07 9.66 -6.86
CA PRO C 88 11.37 10.39 -6.99
C PRO C 88 12.49 9.68 -6.23
N SER C 89 13.72 10.04 -6.50
CA SER C 89 14.86 9.41 -5.78
C SER C 89 15.06 10.12 -4.44
N SER C 90 14.24 11.10 -4.17
CA SER C 90 14.37 11.87 -2.90
C SER C 90 14.09 10.97 -1.70
N ILE C 91 13.20 10.02 -1.83
CA ILE C 91 12.92 9.12 -0.67
C ILE C 91 13.83 7.89 -0.76
N THR C 92 14.89 7.87 0.00
CA THR C 92 15.81 6.70 -0.03
C THR C 92 15.14 5.51 0.66
N SER C 93 14.20 5.78 1.53
CA SER C 93 13.49 4.68 2.23
C SER C 93 12.12 4.45 1.58
N ALA C 94 12.07 4.51 0.27
CA ALA C 94 10.77 4.30 -0.43
C ALA C 94 10.29 2.87 -0.16
N ALA C 95 11.04 1.89 -0.61
CA ALA C 95 10.63 0.48 -0.38
C ALA C 95 10.20 0.29 1.08
N LEU C 96 11.01 0.72 2.02
CA LEU C 96 10.62 0.54 3.45
C LEU C 96 9.30 1.26 3.71
N THR C 97 9.14 2.44 3.17
CA THR C 97 7.87 3.18 3.38
C THR C 97 6.73 2.38 2.75
N LEU C 98 6.97 1.82 1.60
CA LEU C 98 5.93 1.02 0.92
C LEU C 98 5.68 -0.28 1.68
N ARG C 99 6.73 -0.98 2.04
CA ARG C 99 6.57 -2.26 2.77
C ARG C 99 5.93 -2.03 4.14
N THR C 100 6.45 -1.13 4.89
CA THR C 100 5.89 -0.88 6.24
C THR C 100 4.39 -0.55 6.13
N GLN C 101 4.06 0.43 5.34
CA GLN C 101 2.63 0.82 5.18
C GLN C 101 1.81 -0.31 4.56
N TYR C 102 2.31 -0.99 3.57
CA TYR C 102 1.52 -2.07 2.95
C TYR C 102 1.16 -3.10 4.02
N MET C 103 2.08 -3.40 4.89
CA MET C 103 1.83 -4.42 5.94
C MET C 103 0.55 -4.09 6.73
N LYS C 104 0.48 -2.92 7.33
CA LYS C 104 -0.71 -2.60 8.17
C LYS C 104 -1.98 -2.31 7.35
N TYR C 105 -1.89 -1.40 6.41
CA TYR C 105 -3.12 -0.98 5.66
C TYR C 105 -3.51 -1.91 4.48
N LEU C 106 -2.60 -2.28 3.61
CA LEU C 106 -3.02 -3.12 2.43
C LEU C 106 -2.79 -4.61 2.64
N TYR C 107 -2.23 -5.04 3.74
CA TYR C 107 -2.03 -6.52 3.89
C TYR C 107 -3.41 -7.21 3.96
N PRO C 108 -4.40 -6.60 4.55
CA PRO C 108 -5.77 -7.21 4.66
C PRO C 108 -6.43 -7.40 3.28
N TYR C 109 -6.54 -6.36 2.51
CA TYR C 109 -7.17 -6.45 1.15
C TYR C 109 -6.42 -7.49 0.31
N GLU C 110 -5.10 -7.44 0.32
CA GLU C 110 -4.31 -8.43 -0.47
C GLU C 110 -4.49 -9.83 0.12
N CYS C 111 -4.26 -10.00 1.40
CA CYS C 111 -4.40 -11.35 2.00
C CYS C 111 -5.86 -11.79 1.99
N GLU C 112 -6.77 -10.92 2.36
CA GLU C 112 -8.20 -11.31 2.40
C GLU C 112 -8.75 -11.58 1.00
N LYS C 113 -8.51 -10.69 0.08
CA LYS C 113 -9.07 -10.88 -1.29
C LYS C 113 -8.33 -11.97 -2.08
N LYS C 114 -7.05 -12.14 -1.87
CA LYS C 114 -6.29 -13.15 -2.66
C LYS C 114 -5.56 -14.16 -1.75
N ASN C 115 -5.20 -13.78 -0.56
CA ASN C 115 -4.51 -14.74 0.36
C ASN C 115 -3.24 -15.31 -0.31
N LEU C 116 -2.46 -14.47 -0.94
CA LEU C 116 -1.21 -14.97 -1.61
C LEU C 116 -0.19 -15.47 -0.59
N SER C 117 -0.21 -14.94 0.59
CA SER C 117 0.81 -15.40 1.59
C SER C 117 0.30 -15.24 3.03
N THR C 118 1.20 -15.36 3.98
CA THR C 118 0.79 -15.25 5.42
C THR C 118 1.73 -14.28 6.16
N PRO C 119 1.30 -13.72 7.28
CA PRO C 119 2.16 -12.79 8.06
C PRO C 119 3.52 -13.40 8.43
N ALA C 120 3.55 -14.67 8.80
CA ALA C 120 4.86 -15.29 9.17
C ALA C 120 5.79 -15.30 7.96
N GLU C 121 5.28 -15.54 6.80
CA GLU C 121 6.17 -15.52 5.62
C GLU C 121 6.66 -14.08 5.47
N LEU C 122 5.78 -13.14 5.67
CA LEU C 122 6.13 -11.71 5.57
C LEU C 122 7.04 -11.31 6.74
N GLN C 123 6.67 -11.63 7.95
CA GLN C 123 7.52 -11.29 9.11
C GLN C 123 8.90 -11.94 8.95
N ALA C 124 8.92 -13.20 8.59
CA ALA C 124 10.23 -13.90 8.42
C ALA C 124 11.07 -13.22 7.33
N ALA C 125 10.46 -12.86 6.24
CA ALA C 125 11.23 -12.20 5.14
C ALA C 125 11.66 -10.83 5.62
N ILE C 126 10.86 -10.22 6.42
CA ILE C 126 11.22 -8.90 6.98
C ILE C 126 12.45 -9.09 7.86
N ASP C 127 12.40 -10.04 8.74
CA ASP C 127 13.59 -10.29 9.62
C ASP C 127 14.78 -10.67 8.74
N GLY C 128 14.54 -11.42 7.70
CA GLY C 128 15.64 -11.84 6.80
C GLY C 128 16.30 -10.60 6.18
N ASN C 129 15.54 -9.56 5.97
CA ASN C 129 16.14 -8.33 5.35
C ASN C 129 16.56 -7.34 6.45
N ARG C 130 15.93 -7.35 7.58
CA ARG C 130 16.34 -6.42 8.66
C ARG C 130 17.77 -6.73 9.10
N ARG C 131 18.54 -5.71 9.39
CA ARG C 131 19.94 -5.94 9.82
C ARG C 131 19.96 -6.63 11.19
N GLU C 132 20.97 -7.41 11.45
CA GLU C 132 21.06 -8.11 12.75
C GLU C 132 21.89 -7.27 13.71
N GLY C 133 21.27 -6.77 14.75
CA GLY C 133 22.00 -5.94 15.73
C GLY C 133 21.17 -5.81 17.01
N GLY C 3 -9.72 13.44 16.83
CA GLY C 3 -9.99 12.47 15.73
C GLY C 3 -9.84 13.19 14.38
N TRP C 4 -9.64 12.45 13.32
CA TRP C 4 -9.49 13.08 11.98
C TRP C 4 -10.80 13.75 11.59
N SER C 5 -10.73 14.77 10.77
CA SER C 5 -11.97 15.48 10.34
C SER C 5 -12.34 15.08 8.91
N PHE C 6 -13.61 15.00 8.64
CA PHE C 6 -14.06 14.57 7.28
C PHE C 6 -13.45 15.47 6.20
N GLU C 7 -13.39 16.75 6.43
CA GLU C 7 -12.82 17.65 5.39
C GLU C 7 -11.34 17.28 5.15
N GLU C 8 -10.60 17.08 6.19
CA GLU C 8 -9.16 16.71 6.02
C GLU C 8 -9.05 15.40 5.25
N GLN C 9 -9.90 14.45 5.57
CA GLN C 9 -9.86 13.14 4.85
C GLN C 9 -10.45 13.31 3.45
N PHE C 10 -11.52 14.04 3.32
CA PHE C 10 -12.14 14.23 1.98
C PHE C 10 -11.08 14.66 0.97
N LYS C 11 -10.28 15.62 1.32
CA LYS C 11 -9.21 16.07 0.37
C LYS C 11 -8.26 14.91 0.09
N GLN C 12 -7.90 14.16 1.10
CA GLN C 12 -6.96 13.02 0.89
C GLN C 12 -7.61 11.92 0.03
N VAL C 13 -8.78 11.48 0.39
CA VAL C 13 -9.45 10.40 -0.39
C VAL C 13 -9.93 10.95 -1.74
N ARG C 14 -10.45 12.14 -1.78
CA ARG C 14 -10.91 12.69 -3.09
C ARG C 14 -9.71 12.71 -4.04
N GLN C 15 -8.56 13.05 -3.54
CA GLN C 15 -7.36 13.06 -4.41
C GLN C 15 -7.13 11.65 -4.94
N LEU C 16 -7.49 10.65 -4.19
CA LEU C 16 -7.31 9.27 -4.67
C LEU C 16 -8.17 8.99 -5.90
N TYR C 17 -9.38 9.48 -5.94
CA TYR C 17 -10.22 9.21 -7.14
C TYR C 17 -9.83 10.14 -8.28
N GLU C 18 -9.45 11.35 -7.97
CA GLU C 18 -9.09 12.32 -9.05
C GLU C 18 -7.84 11.85 -9.80
N ILE C 19 -6.99 11.13 -9.13
CA ILE C 19 -5.74 10.67 -9.78
C ILE C 19 -6.00 10.26 -11.25
N ASN C 20 -7.10 9.63 -11.53
CA ASN C 20 -7.35 9.22 -12.95
C ASN C 20 -8.76 8.64 -13.10
N ASP C 21 -9.21 8.54 -14.33
CA ASP C 21 -10.57 8.00 -14.60
C ASP C 21 -10.51 6.49 -14.82
N ASP C 22 -10.17 5.74 -13.81
CA ASP C 22 -10.09 4.26 -13.96
C ASP C 22 -11.23 3.62 -13.14
N PRO C 23 -12.29 3.19 -13.79
CA PRO C 23 -13.44 2.57 -13.08
C PRO C 23 -13.02 1.53 -12.05
N LYS C 24 -12.16 0.61 -12.43
CA LYS C 24 -11.69 -0.42 -11.46
C LYS C 24 -10.99 0.28 -10.30
N ARG C 25 -10.26 1.32 -10.58
CA ARG C 25 -9.55 2.05 -9.49
C ARG C 25 -10.56 2.58 -8.48
N LYS C 26 -11.65 3.13 -8.95
CA LYS C 26 -12.67 3.67 -7.99
C LYS C 26 -13.21 2.53 -7.12
N GLU C 27 -13.66 1.47 -7.73
CA GLU C 27 -14.20 0.33 -6.94
C GLU C 27 -13.17 -0.09 -5.88
N PHE C 28 -11.92 0.00 -6.21
CA PHE C 28 -10.86 -0.39 -5.26
C PHE C 28 -10.91 0.48 -4.01
N LEU C 29 -10.69 1.76 -4.18
CA LEU C 29 -10.71 2.70 -3.03
C LEU C 29 -12.05 2.60 -2.31
N ASP C 30 -13.11 2.55 -3.06
CA ASP C 30 -14.45 2.45 -2.41
C ASP C 30 -14.51 1.19 -1.55
N ASP C 31 -14.14 0.07 -2.11
CA ASP C 31 -14.16 -1.20 -1.34
C ASP C 31 -13.11 -1.17 -0.23
N LEU C 32 -11.93 -0.71 -0.53
CA LEU C 32 -10.86 -0.70 0.51
C LEU C 32 -11.32 0.13 1.72
N PHE C 33 -11.80 1.32 1.52
CA PHE C 33 -12.23 2.10 2.71
C PHE C 33 -13.36 1.33 3.40
N SER C 34 -14.18 0.65 2.65
CA SER C 34 -15.29 -0.13 3.26
C SER C 34 -14.75 -1.29 4.09
N PHE C 35 -13.94 -2.12 3.49
CA PHE C 35 -13.37 -3.29 4.22
C PHE C 35 -12.54 -2.84 5.42
N MET C 36 -11.80 -1.77 5.26
CA MET C 36 -10.95 -1.26 6.37
C MET C 36 -11.78 -0.92 7.61
N GLN C 37 -12.94 -0.33 7.44
CA GLN C 37 -13.77 0.03 8.63
C GLN C 37 -14.19 -1.23 9.40
N LYS C 38 -14.53 -2.29 8.71
CA LYS C 38 -14.97 -3.53 9.42
C LYS C 38 -13.81 -4.09 10.23
N ARG C 39 -12.66 -4.11 9.63
CA ARG C 39 -11.47 -4.70 10.31
C ARG C 39 -11.11 -3.90 11.56
N GLY C 40 -11.48 -2.65 11.62
CA GLY C 40 -11.13 -1.85 12.82
C GLY C 40 -9.90 -1.01 12.48
N THR C 41 -9.41 -1.14 11.27
CA THR C 41 -8.23 -0.33 10.87
C THR C 41 -8.67 0.61 9.74
N PRO C 42 -9.23 1.74 10.08
CA PRO C 42 -9.70 2.74 9.09
C PRO C 42 -8.56 3.67 8.68
N ILE C 43 -8.51 4.05 7.44
CA ILE C 43 -7.41 4.93 7.01
C ILE C 43 -7.71 6.37 7.44
N ASN C 44 -7.22 6.77 8.57
CA ASN C 44 -7.46 8.15 9.04
C ASN C 44 -6.77 9.13 8.09
N ARG C 45 -5.65 8.72 7.55
CA ARG C 45 -4.90 9.61 6.62
C ARG C 45 -4.13 8.75 5.63
N LEU C 46 -4.17 9.06 4.36
CA LEU C 46 -3.42 8.24 3.36
C LEU C 46 -1.93 8.51 3.53
N PRO C 47 -1.09 7.53 3.30
CA PRO C 47 0.38 7.72 3.38
C PRO C 47 0.87 8.51 2.17
N ILE C 48 1.17 9.76 2.35
CA ILE C 48 1.62 10.57 1.18
C ILE C 48 3.02 10.17 0.77
N MET C 49 3.27 10.16 -0.51
CA MET C 49 4.61 9.78 -1.03
C MET C 49 4.98 10.71 -2.16
N ALA C 50 6.14 11.29 -2.08
CA ALA C 50 6.56 12.26 -3.12
C ALA C 50 5.58 13.43 -3.09
N LYS C 51 5.22 13.83 -1.91
CA LYS C 51 4.26 14.97 -1.72
C LYS C 51 2.93 14.66 -2.41
N SER C 52 2.63 13.41 -2.62
CA SER C 52 1.35 13.04 -3.28
C SER C 52 0.72 11.84 -2.56
N VAL C 53 -0.57 11.68 -2.65
CA VAL C 53 -1.21 10.53 -1.95
C VAL C 53 -0.73 9.23 -2.60
N LEU C 54 -0.53 8.21 -1.82
CA LEU C 54 -0.04 6.93 -2.40
C LEU C 54 -1.21 6.21 -3.07
N ASP C 55 -1.06 5.88 -4.33
CA ASP C 55 -2.15 5.20 -5.08
C ASP C 55 -2.40 3.82 -4.49
N LEU C 56 -3.30 3.71 -3.55
CA LEU C 56 -3.57 2.38 -2.95
C LEU C 56 -3.89 1.39 -4.06
N TYR C 57 -4.37 1.88 -5.17
CA TYR C 57 -4.73 0.96 -6.28
C TYR C 57 -3.48 0.52 -7.06
N GLU C 58 -2.73 1.44 -7.62
CA GLU C 58 -1.54 1.03 -8.41
C GLU C 58 -0.55 0.28 -7.53
N LEU C 59 -0.37 0.71 -6.31
CA LEU C 59 0.59 -0.02 -5.43
C LEU C 59 0.10 -1.46 -5.27
N TYR C 60 -1.18 -1.62 -5.13
CA TYR C 60 -1.77 -2.97 -4.99
C TYR C 60 -1.47 -3.78 -6.26
N ASN C 61 -2.05 -3.40 -7.36
CA ASN C 61 -1.83 -4.16 -8.63
C ASN C 61 -0.36 -4.54 -8.79
N LEU C 62 0.56 -3.68 -8.45
CA LEU C 62 1.97 -4.09 -8.61
C LEU C 62 2.26 -5.15 -7.55
N VAL C 63 1.86 -4.91 -6.34
CA VAL C 63 2.11 -5.92 -5.26
C VAL C 63 1.48 -7.27 -5.63
N ILE C 64 0.28 -7.29 -6.13
CA ILE C 64 -0.33 -8.61 -6.50
C ILE C 64 0.39 -9.13 -7.74
N ALA C 65 0.80 -8.23 -8.59
CA ALA C 65 1.51 -8.64 -9.84
C ALA C 65 2.74 -9.46 -9.52
N ARG C 66 3.26 -9.37 -8.31
CA ARG C 66 4.47 -10.16 -7.96
C ARG C 66 4.01 -11.47 -7.30
N GLY C 67 2.73 -11.67 -7.20
CA GLY C 67 2.19 -12.92 -6.61
C GLY C 67 2.18 -12.88 -5.07
N GLY C 68 2.34 -11.73 -4.46
CA GLY C 68 2.30 -11.70 -2.96
C GLY C 68 3.37 -10.77 -2.39
N LEU C 69 2.99 -9.91 -1.47
CA LEU C 69 3.95 -8.95 -0.87
C LEU C 69 5.22 -9.67 -0.40
N VAL C 70 5.09 -10.83 0.18
CA VAL C 70 6.31 -11.55 0.68
C VAL C 70 7.25 -11.81 -0.49
N ASP C 71 6.74 -12.21 -1.63
CA ASP C 71 7.64 -12.47 -2.79
C ASP C 71 8.45 -11.20 -3.07
N VAL C 72 7.83 -10.05 -2.97
CA VAL C 72 8.54 -8.76 -3.22
C VAL C 72 9.64 -8.54 -2.19
N ILE C 73 9.37 -8.79 -0.94
CA ILE C 73 10.41 -8.56 0.08
C ILE C 73 11.56 -9.57 -0.10
N ASN C 74 11.25 -10.84 -0.15
CA ASN C 74 12.32 -11.85 -0.32
C ASN C 74 13.12 -11.58 -1.60
N LYS C 75 12.45 -11.26 -2.67
CA LYS C 75 13.17 -10.98 -3.94
C LYS C 75 13.41 -9.47 -4.10
N LYS C 76 12.84 -8.67 -3.25
CA LYS C 76 13.01 -7.20 -3.37
C LYS C 76 12.50 -6.73 -4.73
N LEU C 77 11.26 -6.94 -5.02
CA LEU C 77 10.72 -6.47 -6.32
C LEU C 77 10.17 -5.05 -6.14
N TRP C 78 10.57 -4.40 -5.06
CA TRP C 78 10.10 -3.01 -4.81
C TRP C 78 10.63 -2.09 -5.91
N GLN C 79 11.87 -2.22 -6.31
CA GLN C 79 12.37 -1.32 -7.38
C GLN C 79 11.35 -1.33 -8.52
N GLU C 80 10.78 -2.47 -8.81
CA GLU C 80 9.75 -2.52 -9.89
C GLU C 80 8.53 -1.72 -9.43
N ILE C 81 8.17 -1.84 -8.19
CA ILE C 81 7.01 -1.07 -7.67
C ILE C 81 7.42 0.39 -7.54
N ILE C 82 8.51 0.65 -6.87
CA ILE C 82 8.98 2.04 -6.70
C ILE C 82 9.05 2.70 -8.07
N LYS C 83 9.75 2.08 -8.99
CA LYS C 83 9.86 2.66 -10.35
C LYS C 83 8.52 2.52 -11.10
N GLY C 84 7.86 1.41 -10.95
CA GLY C 84 6.56 1.21 -11.66
C GLY C 84 5.63 2.38 -11.35
N LEU C 85 5.70 2.91 -10.16
CA LEU C 85 4.83 4.06 -9.81
C LEU C 85 5.56 5.35 -10.16
N HIS C 86 6.80 5.25 -10.54
CA HIS C 86 7.59 6.45 -10.91
C HIS C 86 7.81 7.33 -9.67
N LEU C 87 8.04 6.72 -8.55
CA LEU C 87 8.29 7.51 -7.31
C LEU C 87 9.69 8.15 -7.40
N PRO C 88 9.79 9.46 -7.35
CA PRO C 88 11.12 10.14 -7.42
C PRO C 88 12.16 9.52 -6.48
N SER C 89 13.38 9.38 -6.95
CA SER C 89 14.45 8.79 -6.09
C SER C 89 14.66 9.64 -4.84
N SER C 90 13.90 10.69 -4.69
CA SER C 90 14.09 11.58 -3.51
C SER C 90 13.79 10.80 -2.23
N ILE C 91 12.88 9.87 -2.28
CA ILE C 91 12.60 9.08 -1.05
C ILE C 91 13.56 7.88 -1.00
N THR C 92 14.59 7.97 -0.21
CA THR C 92 15.56 6.84 -0.13
C THR C 92 14.88 5.65 0.54
N SER C 93 13.94 5.91 1.40
CA SER C 93 13.22 4.80 2.09
C SER C 93 11.94 4.49 1.32
N ALA C 94 12.00 4.49 0.01
CA ALA C 94 10.78 4.19 -0.78
C ALA C 94 10.33 2.76 -0.49
N ALA C 95 11.14 1.80 -0.84
CA ALA C 95 10.76 0.38 -0.59
C ALA C 95 10.29 0.22 0.86
N LEU C 96 11.05 0.67 1.81
CA LEU C 96 10.62 0.51 3.25
C LEU C 96 9.28 1.22 3.45
N THR C 97 9.14 2.42 2.98
CA THR C 97 7.85 3.13 3.16
C THR C 97 6.75 2.32 2.49
N LEU C 98 7.04 1.77 1.35
CA LEU C 98 6.03 0.98 0.63
C LEU C 98 5.78 -0.35 1.36
N ARG C 99 6.81 -1.03 1.78
CA ARG C 99 6.61 -2.33 2.48
C ARG C 99 5.94 -2.12 3.84
N THR C 100 6.46 -1.24 4.63
CA THR C 100 5.87 -1.01 5.98
C THR C 100 4.39 -0.65 5.85
N GLN C 101 4.08 0.35 5.08
CA GLN C 101 2.65 0.75 4.93
C GLN C 101 1.83 -0.39 4.31
N TYR C 102 2.36 -1.08 3.34
CA TYR C 102 1.55 -2.17 2.72
C TYR C 102 1.14 -3.17 3.80
N MET C 103 2.04 -3.46 4.71
CA MET C 103 1.72 -4.45 5.77
C MET C 103 0.46 -4.09 6.55
N LYS C 104 0.41 -2.92 7.12
CA LYS C 104 -0.77 -2.58 7.97
C LYS C 104 -2.04 -2.31 7.14
N TYR C 105 -1.96 -1.44 6.16
CA TYR C 105 -3.19 -1.08 5.38
C TYR C 105 -3.53 -2.06 4.25
N LEU C 106 -2.59 -2.53 3.47
CA LEU C 106 -2.96 -3.42 2.32
C LEU C 106 -2.76 -4.91 2.59
N TYR C 107 -2.18 -5.31 3.69
CA TYR C 107 -2.02 -6.78 3.88
C TYR C 107 -3.41 -7.45 3.96
N PRO C 108 -4.38 -6.79 4.56
CA PRO C 108 -5.76 -7.35 4.67
C PRO C 108 -6.45 -7.48 3.31
N TYR C 109 -6.54 -6.40 2.59
CA TYR C 109 -7.19 -6.42 1.25
C TYR C 109 -6.42 -7.40 0.36
N GLU C 110 -5.13 -7.45 0.53
CA GLU C 110 -4.28 -8.38 -0.29
C GLU C 110 -4.51 -9.82 0.13
N CYS C 111 -4.31 -10.12 1.39
CA CYS C 111 -4.49 -11.52 1.86
C CYS C 111 -5.98 -11.90 1.83
N GLU C 112 -6.83 -11.00 2.23
CA GLU C 112 -8.28 -11.32 2.26
C GLU C 112 -8.82 -11.51 0.84
N LYS C 113 -8.56 -10.60 -0.04
CA LYS C 113 -9.08 -10.72 -1.44
C LYS C 113 -8.32 -11.79 -2.24
N LYS C 114 -7.06 -12.00 -1.94
CA LYS C 114 -6.27 -12.99 -2.75
C LYS C 114 -5.61 -14.06 -1.85
N ASN C 115 -5.31 -13.76 -0.62
CA ASN C 115 -4.67 -14.80 0.26
C ASN C 115 -3.37 -15.30 -0.38
N LEU C 116 -2.55 -14.41 -0.87
CA LEU C 116 -1.27 -14.83 -1.52
C LEU C 116 -0.30 -15.43 -0.51
N SER C 117 -0.31 -14.95 0.70
CA SER C 117 0.66 -15.50 1.69
C SER C 117 0.15 -15.35 3.13
N THR C 118 1.03 -15.54 4.08
CA THR C 118 0.63 -15.44 5.52
C THR C 118 1.52 -14.41 6.23
N PRO C 119 1.02 -13.79 7.28
CA PRO C 119 1.80 -12.78 8.04
C PRO C 119 3.15 -13.34 8.53
N ALA C 120 3.19 -14.57 8.96
CA ALA C 120 4.49 -15.15 9.45
C ALA C 120 5.49 -15.19 8.30
N GLU C 121 5.04 -15.48 7.12
CA GLU C 121 5.98 -15.48 5.98
C GLU C 121 6.45 -14.04 5.79
N LEU C 122 5.53 -13.12 5.89
CA LEU C 122 5.87 -11.68 5.75
C LEU C 122 6.73 -11.24 6.94
N GLN C 123 6.29 -11.49 8.14
CA GLN C 123 7.13 -11.11 9.32
C GLN C 123 8.50 -11.76 9.16
N ALA C 124 8.53 -13.02 8.81
CA ALA C 124 9.84 -13.71 8.63
C ALA C 124 10.61 -13.03 7.50
N ALA C 125 9.92 -12.62 6.46
CA ALA C 125 10.59 -11.94 5.32
C ALA C 125 11.09 -10.60 5.80
N ILE C 126 10.34 -9.98 6.64
CA ILE C 126 10.74 -8.68 7.19
C ILE C 126 12.02 -8.89 8.01
N ASP C 127 12.02 -9.85 8.87
CA ASP C 127 13.24 -10.12 9.67
C ASP C 127 14.36 -10.50 8.70
N GLY C 128 14.04 -11.24 7.67
CA GLY C 128 15.07 -11.66 6.68
C GLY C 128 15.70 -10.44 6.00
N ASN C 129 14.95 -9.39 5.80
CA ASN C 129 15.54 -8.19 5.11
C ASN C 129 16.12 -7.21 6.15
N ARG C 130 15.54 -7.12 7.32
CA ARG C 130 16.08 -6.20 8.33
C ARG C 130 17.49 -6.65 8.74
N ARG C 131 18.36 -5.72 9.01
CA ARG C 131 19.75 -6.10 9.40
C ARG C 131 19.73 -6.77 10.77
N GLU C 132 20.65 -7.68 10.99
CA GLU C 132 20.69 -8.39 12.31
C GLU C 132 21.13 -7.41 13.39
N GLY C 133 21.56 -6.26 12.99
CA GLY C 133 22.01 -5.24 13.97
C GLY C 133 23.43 -5.57 14.44
#